data_6WVT
#
_entry.id   6WVT
#
_cell.length_a   1.00
_cell.length_b   1.00
_cell.length_c   1.00
_cell.angle_alpha   90.00
_cell.angle_beta   90.00
_cell.angle_gamma   90.00
#
_symmetry.space_group_name_H-M   'P 1'
#
loop_
_entity.id
_entity.type
_entity.pdbx_description
1 polymer 'Actin, alpha skeletal muscle'
2 polymer 'Catenin alpha-1'
3 non-polymer 'MAGNESIUM ION'
4 non-polymer "ADENOSINE-5'-DIPHOSPHATE"
#
loop_
_entity_poly.entity_id
_entity_poly.type
_entity_poly.pdbx_seq_one_letter_code
_entity_poly.pdbx_strand_id
1 'polypeptide(L)'
;MCDEDETTALVCDNGSGLVKAGFAGDDAPRAVFPSIVGRPRHQGVMVGMGQKDSYVGDEAQSKRGILTLKYPIE(HIC)G
IITNWDDMEKIWHHTFYNELRVAPEEHPTLLTEAPLNPKANREKMTQIMFETFNVPAMYVAIQAVLSLYASGRTTGIVLD
SGDGVTHNVPIYEGYALPHAIMRLDLAGRDLTDYLMKILTERGYSFVTTAEREIVRDIKEKLCYVALDFENEMATAASSS
SLEKSYELPDGQVITIGNERFRCPETLFQPSFIGMESAGIHETTYNSIMKCDIDIRKDLYANNVMSGGTTMYPGIADRMQ
KEITALAPSTMKIKIIAPPERKYSVWIGGSILASLSTFQQMWITKQEYDEAGPSIVHRKCF
;
B,D,E,F,H,I
2 'polypeptide(L)'
;AIMAQLPQEQKAKIAEQVASFQEEKSKLDAEVSKWDDSGNDIIVLAKQMCMIMMEMTDFTRGKGPLKNTSDVISAAKKIA
EAGSRMDKLGRTIADHCPDSACKQDLLAYLQRIALYCHQLNICSKVKAEVQNLGGELVVSGVDSAMSLIQAAKNLMNAVV
QTVKASYVASTKYQKSQGMASLNLPAVSWKMKAPEKKPLVKREKQDETQTKIKRASQKKHVNPVQALSEFKAMDSI
;
K,L,N,O,Q,X
#
loop_
_chem_comp.id
_chem_comp.type
_chem_comp.name
_chem_comp.formula
ADP non-polymer ADENOSINE-5'-DIPHOSPHATE 'C10 H15 N5 O10 P2'
MG non-polymer 'MAGNESIUM ION' 'Mg 2'
#
# COMPACT_ATOMS: atom_id res chain seq x y z
N GLU A 6 57.57 36.85 57.51
CA GLU A 6 57.87 36.29 56.19
C GLU A 6 56.61 35.61 55.64
N THR A 7 55.76 35.14 56.54
CA THR A 7 54.46 34.63 56.13
C THR A 7 53.54 35.78 55.72
N THR A 8 52.57 35.45 54.88
CA THR A 8 51.58 36.41 54.45
C THR A 8 50.22 36.01 55.00
N ALA A 9 49.27 36.94 54.92
CA ALA A 9 47.92 36.71 55.40
C ALA A 9 46.99 36.56 54.20
N LEU A 10 46.00 35.70 54.36
CA LEU A 10 45.00 35.48 53.33
C LEU A 10 43.81 36.38 53.58
N VAL A 11 43.28 37.00 52.54
CA VAL A 11 42.03 37.75 52.68
C VAL A 11 41.03 37.19 51.70
N CYS A 12 39.78 37.09 52.13
CA CYS A 12 38.72 36.44 51.38
C CYS A 12 37.42 37.20 51.65
N ASP A 13 37.07 38.11 50.75
CA ASP A 13 35.78 38.77 50.81
C ASP A 13 34.75 37.82 50.24
N ASN A 14 33.95 37.23 51.12
CA ASN A 14 32.90 36.28 50.75
C ASN A 14 31.63 37.08 50.53
N GLY A 15 31.53 37.68 49.36
CA GLY A 15 30.38 38.49 49.04
C GLY A 15 29.16 37.64 48.72
N SER A 16 28.08 38.33 48.41
CA SER A 16 26.84 37.66 48.07
C SER A 16 26.78 37.25 46.61
N GLY A 17 27.61 37.83 45.75
CA GLY A 17 27.55 37.50 44.34
C GLY A 17 28.89 37.21 43.73
N LEU A 18 29.97 37.54 44.43
CA LEU A 18 31.32 37.40 43.88
C LEU A 18 32.28 37.18 45.03
N VAL A 19 32.79 35.97 45.17
CA VAL A 19 33.85 35.70 46.13
C VAL A 19 35.16 36.21 45.55
N LYS A 20 35.83 37.09 46.29
CA LYS A 20 37.14 37.59 45.91
C LYS A 20 38.14 37.19 46.98
N ALA A 21 39.36 36.84 46.56
CA ALA A 21 40.33 36.33 47.52
C ALA A 21 41.74 36.55 46.98
N GLY A 22 42.65 36.74 47.92
CA GLY A 22 44.04 36.91 47.57
C GLY A 22 44.91 36.99 48.80
N PHE A 23 46.12 37.48 48.61
CA PHE A 23 47.08 37.61 49.69
C PHE A 23 47.14 39.04 50.18
N ALA A 24 47.47 39.21 51.46
CA ALA A 24 47.62 40.53 52.03
C ALA A 24 48.86 41.21 51.46
N GLY A 25 48.86 42.54 51.52
CA GLY A 25 49.93 43.32 50.97
C GLY A 25 49.89 43.51 49.48
N ASP A 26 49.00 42.79 48.79
CA ASP A 26 48.90 42.89 47.35
C ASP A 26 47.97 44.04 46.97
N ASP A 27 47.85 44.25 45.68
CA ASP A 27 47.09 45.37 45.13
C ASP A 27 45.90 44.94 44.30
N ALA A 28 45.65 43.64 44.15
CA ALA A 28 44.55 43.14 43.34
C ALA A 28 44.25 41.73 43.80
N PRO A 29 42.99 41.32 43.78
CA PRO A 29 42.67 39.94 44.14
C PRO A 29 43.12 38.96 43.08
N ARG A 30 43.67 37.84 43.51
CA ARG A 30 44.11 36.84 42.56
C ARG A 30 42.95 36.00 42.05
N ALA A 31 42.03 35.65 42.94
CA ALA A 31 40.87 34.85 42.55
C ALA A 31 39.60 35.68 42.70
N VAL A 32 38.84 35.79 41.63
CA VAL A 32 37.49 36.33 41.74
C VAL A 32 36.56 35.46 40.92
N PHE A 33 35.48 34.99 41.54
CA PHE A 33 34.58 34.08 40.86
C PHE A 33 33.21 34.19 41.51
N PRO A 34 32.13 33.97 40.76
CA PRO A 34 30.80 34.06 41.36
C PRO A 34 30.54 32.92 42.33
N SER A 35 29.94 33.27 43.46
CA SER A 35 29.71 32.31 44.55
C SER A 35 28.42 31.54 44.29
N ILE A 36 28.47 30.66 43.30
CA ILE A 36 27.33 29.87 42.89
C ILE A 36 27.64 28.41 43.13
N VAL A 37 26.66 27.66 43.62
CA VAL A 37 26.75 26.21 43.70
C VAL A 37 25.67 25.62 42.82
N GLY A 38 26.07 24.78 41.88
CA GLY A 38 25.16 24.21 40.91
C GLY A 38 25.04 22.71 41.08
N ARG A 39 23.80 22.25 41.17
CA ARG A 39 23.49 20.84 41.12
C ARG A 39 22.96 20.49 39.74
N PRO A 40 23.37 19.40 39.12
CA PRO A 40 22.74 19.00 37.87
C PRO A 40 21.34 18.48 38.12
N ARG A 41 20.47 18.69 37.12
CA ARG A 41 19.06 18.41 37.29
C ARG A 41 18.47 17.49 36.23
N HIS A 42 19.29 16.94 35.34
CA HIS A 42 18.83 16.05 34.30
C HIS A 42 19.34 14.64 34.52
N GLN A 43 19.13 13.78 33.53
CA GLN A 43 19.34 12.35 33.71
C GLN A 43 20.81 11.96 33.65
N GLY A 44 21.54 12.46 32.66
CA GLY A 44 22.91 12.02 32.50
C GLY A 44 23.05 10.65 31.88
N VAL A 45 22.69 10.54 30.59
CA VAL A 45 22.66 9.25 29.92
C VAL A 45 24.05 8.69 29.64
N MET A 46 25.07 9.53 29.50
CA MET A 46 26.42 9.02 29.32
C MET A 46 26.91 8.38 30.61
N VAL A 47 27.70 7.32 30.47
CA VAL A 47 28.04 6.50 31.63
C VAL A 47 29.10 7.18 32.46
N GLY A 48 30.02 7.89 31.83
CA GLY A 48 30.84 8.88 32.51
C GLY A 48 30.10 10.19 32.59
N MET A 49 30.74 11.16 33.25
CA MET A 49 30.24 12.52 33.46
C MET A 49 28.86 12.53 34.14
N GLY A 50 28.68 11.63 35.09
CA GLY A 50 27.46 11.58 35.87
C GLY A 50 27.74 11.52 37.36
N GLN A 51 29.03 11.40 37.70
CA GLN A 51 29.44 11.32 39.10
C GLN A 51 29.75 12.67 39.72
N LYS A 52 29.98 13.70 38.91
CA LYS A 52 30.28 15.02 39.44
C LYS A 52 29.00 15.63 39.98
N ASP A 53 28.88 15.66 41.30
CA ASP A 53 27.60 15.93 41.95
C ASP A 53 27.34 17.42 42.15
N SER A 54 28.38 18.24 42.25
CA SER A 54 28.18 19.67 42.46
C SER A 54 29.28 20.46 41.78
N TYR A 55 28.95 21.64 41.29
CA TYR A 55 29.90 22.49 40.60
C TYR A 55 29.92 23.84 41.29
N VAL A 56 31.10 24.44 41.40
CA VAL A 56 31.26 25.72 42.10
C VAL A 56 32.09 26.66 41.26
N GLY A 57 31.76 27.95 41.32
CA GLY A 57 32.57 28.95 40.66
C GLY A 57 32.39 29.04 39.16
N ASP A 58 33.51 29.23 38.44
CA ASP A 58 33.43 29.48 37.00
C ASP A 58 33.10 28.23 36.20
N GLU A 59 33.39 27.04 36.72
CA GLU A 59 32.99 25.84 36.01
C GLU A 59 31.49 25.58 36.12
N ALA A 60 30.82 26.19 37.09
CA ALA A 60 29.36 26.20 37.11
C ALA A 60 28.81 27.33 36.26
N GLN A 61 29.54 28.44 36.17
CA GLN A 61 29.13 29.54 35.31
C GLN A 61 29.26 29.18 33.83
N SER A 62 30.18 28.28 33.50
CA SER A 62 30.32 27.86 32.13
C SER A 62 29.26 26.84 31.72
N LYS A 63 28.77 26.04 32.66
CA LYS A 63 27.85 24.95 32.35
C LYS A 63 26.45 25.20 32.87
N ARG A 64 26.01 26.46 32.97
CA ARG A 64 24.82 26.80 33.73
C ARG A 64 23.52 26.33 33.11
N GLY A 65 23.53 25.81 31.88
CA GLY A 65 22.30 25.37 31.27
C GLY A 65 21.74 24.10 31.86
N ILE A 66 22.56 23.28 32.48
CA ILE A 66 22.15 21.99 32.99
C ILE A 66 22.18 21.94 34.51
N LEU A 67 22.31 23.09 35.16
CA LEU A 67 22.44 23.11 36.60
C LEU A 67 21.37 24.01 37.21
N THR A 68 20.75 23.54 38.27
CA THR A 68 20.09 24.45 39.19
C THR A 68 21.17 25.20 39.96
N LEU A 69 21.07 26.52 39.98
CA LEU A 69 22.08 27.36 40.58
C LEU A 69 21.56 27.97 41.86
N LYS A 70 22.37 27.94 42.90
CA LYS A 70 21.97 28.48 44.18
C LYS A 70 23.07 29.34 44.75
N TYR A 71 22.73 30.50 45.16
CA TYR A 71 23.67 31.28 45.95
C TYR A 71 23.49 30.91 47.41
N PRO A 72 24.55 30.52 48.12
CA PRO A 72 24.41 30.21 49.54
C PRO A 72 24.25 31.44 50.40
N ILE A 73 24.55 32.62 49.89
CA ILE A 73 24.45 33.85 50.65
C ILE A 73 23.34 34.69 50.03
N GLU A 74 22.31 34.97 50.82
CA GLU A 74 21.26 35.84 50.36
C GLU A 74 21.01 36.91 51.41
N HIC A 75 21.12 38.17 50.98
CA HIC A 75 21.02 39.35 51.81
C HIC A 75 22.01 39.32 52.97
O HIC A 75 21.69 39.55 54.13
CB HIC A 75 19.65 39.61 52.46
CG HIC A 75 18.53 39.41 51.54
ND1 HIC A 75 18.54 39.72 50.19
CD2 HIC A 75 17.28 38.86 51.90
CE1 HIC A 75 17.32 39.39 49.72
NE2 HIC A 75 16.52 38.85 50.75
CZ HIC A 75 15.18 38.39 50.62
N GLY A 76 23.25 39.01 52.64
CA GLY A 76 24.31 39.05 53.63
C GLY A 76 24.44 37.84 54.52
N ILE A 77 23.33 37.29 54.99
CA ILE A 77 23.38 36.12 55.84
C ILE A 77 23.65 34.89 54.99
N ILE A 78 24.03 33.79 55.65
CA ILE A 78 24.36 32.55 54.97
C ILE A 78 23.29 31.54 55.31
N THR A 79 22.60 31.04 54.29
CA THR A 79 21.48 30.15 54.48
C THR A 79 21.81 28.69 54.20
N ASN A 80 23.03 28.39 53.74
CA ASN A 80 23.37 27.02 53.40
C ASN A 80 24.86 26.84 53.70
N TRP A 81 25.15 26.24 54.86
CA TRP A 81 26.55 26.11 55.28
C TRP A 81 27.26 25.02 54.50
N ASP A 82 26.54 23.98 54.09
CA ASP A 82 27.16 22.89 53.34
C ASP A 82 27.58 23.31 51.95
N ASP A 83 27.02 24.38 51.41
CA ASP A 83 27.49 24.96 50.17
C ASP A 83 28.55 26.01 50.40
N MET A 84 28.50 26.71 51.54
CA MET A 84 29.50 27.73 51.80
C MET A 84 30.85 27.12 52.10
N GLU A 85 30.88 25.96 52.76
CA GLU A 85 32.17 25.29 52.96
C GLU A 85 32.69 24.73 51.65
N LYS A 86 31.80 24.36 50.72
CA LYS A 86 32.22 23.98 49.38
C LYS A 86 32.86 25.15 48.64
N ILE A 87 32.28 26.34 48.80
CA ILE A 87 32.82 27.52 48.12
C ILE A 87 34.17 27.93 48.72
N TRP A 88 34.29 27.84 50.04
CA TRP A 88 35.58 28.16 50.66
C TRP A 88 36.64 27.11 50.33
N HIS A 89 36.24 25.84 50.26
CA HIS A 89 37.17 24.79 49.87
C HIS A 89 37.62 24.95 48.44
N HIS A 90 36.74 25.43 47.57
CA HIS A 90 37.16 25.76 46.21
C HIS A 90 38.04 27.00 46.19
N THR A 91 37.84 27.90 47.15
CA THR A 91 38.58 29.15 47.15
C THR A 91 40.03 28.93 47.55
N PHE A 92 40.26 28.20 48.64
CA PHE A 92 41.61 28.05 49.14
C PHE A 92 42.42 27.07 48.28
N TYR A 93 41.91 25.85 48.10
CA TYR A 93 42.69 24.83 47.42
C TYR A 93 42.62 24.98 45.91
N ASN A 94 41.42 25.06 45.35
CA ASN A 94 41.27 24.90 43.91
C ASN A 94 41.66 26.12 43.10
N GLU A 95 41.67 27.31 43.69
CA GLU A 95 41.98 28.50 42.90
C GLU A 95 43.11 29.33 43.48
N LEU A 96 43.23 29.43 44.79
CA LEU A 96 44.37 30.10 45.38
C LEU A 96 45.57 29.18 45.53
N ARG A 97 45.34 27.87 45.66
CA ARG A 97 46.38 26.84 45.71
C ARG A 97 47.34 27.05 46.89
N VAL A 98 46.76 27.38 48.04
CA VAL A 98 47.52 27.49 49.27
C VAL A 98 46.88 26.62 50.33
N ALA A 99 47.67 26.25 51.32
CA ALA A 99 47.03 25.56 52.42
C ALA A 99 46.54 26.58 53.45
N PRO A 100 45.38 26.36 54.07
CA PRO A 100 44.91 27.31 55.07
C PRO A 100 45.69 27.27 56.37
N GLU A 101 46.37 26.16 56.67
CA GLU A 101 47.11 26.02 57.92
C GLU A 101 48.38 26.86 57.95
N GLU A 102 48.84 27.36 56.82
CA GLU A 102 50.06 28.16 56.78
C GLU A 102 49.80 29.66 56.74
N HIS A 103 48.57 30.08 56.45
CA HIS A 103 48.29 31.50 56.36
C HIS A 103 47.11 31.89 57.24
N PRO A 104 47.20 32.99 57.95
CA PRO A 104 46.04 33.51 58.67
C PRO A 104 45.06 34.15 57.69
N THR A 105 43.78 34.11 58.05
CA THR A 105 42.74 34.53 57.13
C THR A 105 41.88 35.67 57.69
N LEU A 106 41.37 36.47 56.75
CA LEU A 106 40.56 37.64 57.06
C LEU A 106 39.31 37.58 56.22
N LEU A 107 38.16 37.51 56.87
CA LEU A 107 36.87 37.43 56.21
C LEU A 107 36.09 38.72 56.39
N THR A 108 35.01 38.84 55.64
CA THR A 108 34.28 40.07 55.51
C THR A 108 32.82 39.84 55.87
N GLU A 109 32.24 40.77 56.61
CA GLU A 109 30.89 40.62 57.12
C GLU A 109 30.16 41.95 57.01
N ALA A 110 28.94 41.91 56.48
CA ALA A 110 28.13 43.10 56.47
C ALA A 110 27.67 43.43 57.89
N PRO A 111 27.56 44.72 58.23
CA PRO A 111 27.15 45.09 59.59
C PRO A 111 25.69 44.78 59.83
N LEU A 112 25.36 44.69 61.13
CA LEU A 112 24.02 44.35 61.62
C LEU A 112 23.55 42.99 61.10
N ASN A 113 24.47 42.06 60.98
CA ASN A 113 24.17 40.68 60.62
C ASN A 113 23.82 39.89 61.88
N PRO A 114 23.17 38.73 61.73
CA PRO A 114 22.97 37.85 62.89
C PRO A 114 24.28 37.35 63.45
N LYS A 115 24.32 37.22 64.78
CA LYS A 115 25.52 36.72 65.44
C LYS A 115 25.79 35.26 65.15
N ALA A 116 24.75 34.47 64.87
CA ALA A 116 24.96 33.06 64.57
C ALA A 116 25.69 32.88 63.25
N ASN A 117 25.53 33.82 62.32
CA ASN A 117 26.26 33.79 61.07
C ASN A 117 27.77 33.90 61.28
N ARG A 118 28.19 34.92 62.05
CA ARG A 118 29.61 35.08 62.36
C ARG A 118 30.14 33.94 63.23
N GLU A 119 29.31 33.43 64.15
CA GLU A 119 29.73 32.33 65.01
C GLU A 119 30.00 31.06 64.23
N LYS A 120 29.06 30.66 63.37
CA LYS A 120 29.28 29.47 62.55
C LYS A 120 30.37 29.72 61.51
N MET A 121 30.56 30.97 61.10
CA MET A 121 31.64 31.28 60.16
C MET A 121 33.00 31.05 60.79
N THR A 122 33.22 31.53 62.01
CA THR A 122 34.53 31.30 62.62
C THR A 122 34.68 29.86 63.11
N GLN A 123 33.57 29.18 63.43
CA GLN A 123 33.66 27.77 63.79
C GLN A 123 34.05 26.92 62.59
N ILE A 124 33.49 27.23 61.42
CA ILE A 124 33.87 26.53 60.19
C ILE A 124 35.31 26.88 59.82
N MET A 125 35.72 28.13 60.04
CA MET A 125 37.08 28.51 59.69
C MET A 125 38.12 27.88 60.62
N PHE A 126 37.75 27.58 61.86
CA PHE A 126 38.71 26.94 62.76
C PHE A 126 38.67 25.42 62.68
N GLU A 127 37.50 24.82 62.94
CA GLU A 127 37.43 23.38 63.11
C GLU A 127 37.27 22.62 61.80
N THR A 128 37.46 23.26 60.66
CA THR A 128 37.48 22.53 59.40
C THR A 128 38.72 22.79 58.58
N PHE A 129 39.17 24.04 58.50
CA PHE A 129 40.33 24.36 57.70
C PHE A 129 41.59 24.55 58.52
N ASN A 130 41.46 24.69 59.85
CA ASN A 130 42.57 24.77 60.81
C ASN A 130 43.53 25.91 60.49
N VAL A 131 42.96 27.11 60.40
CA VAL A 131 43.76 28.30 60.13
C VAL A 131 44.53 28.65 61.40
N PRO A 132 45.68 29.32 61.32
CA PRO A 132 46.37 29.73 62.55
C PRO A 132 45.60 30.80 63.29
N ALA A 133 45.07 31.76 62.54
CA ALA A 133 44.32 32.86 63.13
C ALA A 133 43.38 33.41 62.08
N MET A 134 42.26 33.96 62.54
CA MET A 134 41.29 34.54 61.64
C MET A 134 40.75 35.83 62.22
N TYR A 135 40.22 36.67 61.35
CA TYR A 135 39.58 37.91 61.77
C TYR A 135 38.45 38.22 60.81
N VAL A 136 37.30 38.61 61.32
CA VAL A 136 36.19 39.07 60.49
C VAL A 136 36.06 40.57 60.67
N ALA A 137 35.95 41.28 59.57
CA ALA A 137 35.87 42.73 59.61
C ALA A 137 34.59 43.20 58.93
N ILE A 138 34.16 44.40 59.33
CA ILE A 138 32.96 45.00 58.77
C ILE A 138 33.22 45.38 57.32
N GLN A 139 32.24 45.10 56.45
CA GLN A 139 32.39 45.30 55.02
C GLN A 139 32.57 46.76 54.62
N ALA A 140 32.14 47.70 55.47
CA ALA A 140 32.20 49.10 55.10
C ALA A 140 33.43 49.81 55.67
N VAL A 141 34.00 49.32 56.76
CA VAL A 141 35.13 50.02 57.36
C VAL A 141 36.40 49.80 56.54
N LEU A 142 36.44 48.73 55.74
CA LEU A 142 37.59 48.48 54.88
C LEU A 142 37.57 49.36 53.64
N SER A 143 36.40 49.84 53.24
CA SER A 143 36.32 50.74 52.08
C SER A 143 37.00 52.07 52.35
N LEU A 144 37.02 52.52 53.61
CA LEU A 144 37.76 53.74 53.91
C LEU A 144 39.25 53.53 53.91
N TYR A 145 39.71 52.33 54.28
CA TYR A 145 41.11 51.98 54.09
C TYR A 145 41.48 52.03 52.62
N ALA A 146 40.62 51.47 51.78
CA ALA A 146 40.91 51.44 50.34
C ALA A 146 40.85 52.83 49.72
N SER A 147 40.00 53.71 50.25
CA SER A 147 39.93 55.07 49.73
C SER A 147 41.02 55.97 50.28
N GLY A 148 41.82 55.51 51.23
CA GLY A 148 42.89 56.31 51.78
C GLY A 148 42.46 57.27 52.87
N ARG A 149 41.19 57.25 53.26
CA ARG A 149 40.67 58.22 54.20
C ARG A 149 40.38 57.57 55.55
N THR A 150 40.05 58.41 56.53
CA THR A 150 39.59 57.94 57.83
C THR A 150 38.28 58.59 58.27
N THR A 151 37.87 59.67 57.63
CA THR A 151 36.56 60.25 57.87
C THR A 151 35.68 59.94 56.68
N GLY A 152 34.39 60.11 56.87
CA GLY A 152 33.43 59.93 55.78
C GLY A 152 32.43 58.83 56.08
N ILE A 153 31.38 58.82 55.27
CA ILE A 153 30.38 57.76 55.37
C ILE A 153 30.56 56.86 54.16
N VAL A 154 30.26 55.58 54.37
CA VAL A 154 30.46 54.56 53.36
C VAL A 154 29.11 54.07 52.90
N LEU A 155 28.86 54.17 51.60
CA LEU A 155 27.67 53.62 50.96
C LEU A 155 28.11 52.35 50.25
N ASP A 156 28.12 51.24 50.96
CA ASP A 156 28.55 49.98 50.37
C ASP A 156 27.28 49.26 49.91
N SER A 157 27.07 49.23 48.62
CA SER A 157 25.91 48.55 48.03
C SER A 157 26.44 47.35 47.28
N GLY A 158 26.46 46.21 47.93
CA GLY A 158 26.95 45.01 47.27
C GLY A 158 25.86 44.32 46.46
N ASP A 159 25.93 43.00 46.40
CA ASP A 159 24.90 42.21 45.77
C ASP A 159 23.81 41.82 46.76
N GLY A 160 24.17 41.61 48.02
CA GLY A 160 23.19 41.26 49.02
C GLY A 160 22.53 42.43 49.69
N VAL A 161 23.31 43.29 50.34
CA VAL A 161 22.79 44.38 51.15
C VAL A 161 23.41 45.69 50.73
N THR A 162 22.82 46.78 51.21
CA THR A 162 23.32 48.13 50.99
C THR A 162 23.37 48.82 52.35
N HIS A 163 24.57 49.09 52.83
CA HIS A 163 24.73 49.63 54.16
C HIS A 163 25.50 50.95 54.12
N ASN A 164 25.04 51.90 54.93
CA ASN A 164 25.68 53.18 55.09
C ASN A 164 26.26 53.24 56.50
N VAL A 165 27.57 53.43 56.60
CA VAL A 165 28.25 53.47 57.88
C VAL A 165 29.02 54.80 57.98
N PRO A 166 28.68 55.67 58.91
CA PRO A 166 29.44 56.91 59.07
C PRO A 166 30.58 56.71 60.04
N ILE A 167 31.77 57.11 59.61
CA ILE A 167 32.99 56.89 60.39
C ILE A 167 33.75 58.20 60.41
N TYR A 168 33.86 58.82 61.59
CA TYR A 168 34.76 59.94 61.78
C TYR A 168 36.11 59.35 62.16
N GLU A 169 37.14 60.18 62.39
CA GLU A 169 38.54 59.78 62.17
C GLU A 169 38.98 58.71 63.16
N GLY A 170 38.69 57.47 62.78
CA GLY A 170 38.93 56.29 63.57
C GLY A 170 37.66 55.73 64.14
N TYR A 171 36.77 56.59 64.60
CA TYR A 171 35.62 56.19 65.39
C TYR A 171 34.39 56.09 64.52
N ALA A 172 33.77 54.92 64.49
CA ALA A 172 32.50 54.74 63.84
C ALA A 172 31.38 55.20 64.75
N LEU A 173 30.18 55.30 64.20
CA LEU A 173 28.99 55.67 64.97
C LEU A 173 28.00 54.53 64.78
N PRO A 174 27.96 53.57 65.70
CA PRO A 174 27.15 52.37 65.48
C PRO A 174 25.67 52.59 65.58
N HIS A 175 25.22 53.70 66.14
CA HIS A 175 23.80 54.01 66.19
C HIS A 175 23.27 54.61 64.91
N ALA A 176 24.13 54.84 63.92
CA ALA A 176 23.73 55.40 62.63
C ALA A 176 24.03 54.48 61.47
N ILE A 177 24.41 53.22 61.74
CA ILE A 177 24.63 52.24 60.69
C ILE A 177 23.27 51.88 60.11
N MET A 178 23.01 52.29 58.88
CA MET A 178 21.72 52.09 58.25
C MET A 178 21.86 51.00 57.19
N ARG A 179 21.26 49.85 57.43
CA ARG A 179 21.35 48.71 56.54
C ARG A 179 20.01 48.50 55.85
N LEU A 180 20.02 48.58 54.53
CA LEU A 180 18.85 48.42 53.70
C LEU A 180 19.04 47.19 52.83
N ASP A 181 17.98 46.38 52.70
CA ASP A 181 18.08 45.08 52.04
C ASP A 181 17.83 45.16 50.54
N LEU A 182 18.08 46.30 49.92
CA LEU A 182 17.89 46.49 48.49
C LEU A 182 19.25 46.61 47.83
N ALA A 183 19.57 45.66 46.95
CA ALA A 183 20.89 45.64 46.35
C ALA A 183 20.78 45.07 44.95
N GLY A 184 21.89 44.59 44.41
CA GLY A 184 21.96 44.23 43.00
C GLY A 184 21.12 43.03 42.62
N ARG A 185 20.87 42.12 43.56
CA ARG A 185 20.03 40.97 43.24
C ARG A 185 18.57 41.37 43.09
N ASP A 186 18.13 42.34 43.89
CA ASP A 186 16.77 42.84 43.73
C ASP A 186 16.62 43.66 42.46
N LEU A 187 17.68 44.35 42.04
CA LEU A 187 17.63 45.03 40.75
C LEU A 187 17.61 44.03 39.60
N THR A 188 18.29 42.90 39.79
CA THR A 188 18.25 41.84 38.79
C THR A 188 16.86 41.22 38.68
N ASP A 189 16.20 41.00 39.82
CA ASP A 189 14.85 40.46 39.79
C ASP A 189 13.85 41.47 39.23
N TYR A 190 14.06 42.76 39.51
CA TYR A 190 13.19 43.76 38.93
C TYR A 190 13.44 43.92 37.44
N LEU A 191 14.65 43.66 36.98
CA LEU A 191 14.90 43.67 35.55
C LEU A 191 14.30 42.45 34.87
N MET A 192 14.25 41.32 35.56
CA MET A 192 13.49 40.18 35.06
C MET A 192 12.01 40.51 34.96
N LYS A 193 11.49 41.22 35.96
CA LYS A 193 10.07 41.54 35.96
C LYS A 193 9.72 42.60 34.92
N ILE A 194 10.62 43.54 34.65
CA ILE A 194 10.32 44.65 33.75
C ILE A 194 10.66 44.34 32.30
N LEU A 195 11.42 43.28 32.03
CA LEU A 195 11.67 42.88 30.66
C LEU A 195 10.57 41.99 30.10
N THR A 196 9.56 41.66 30.90
CA THR A 196 8.45 40.89 30.38
C THR A 196 7.56 41.73 29.48
N GLU A 197 7.54 43.05 29.69
CA GLU A 197 6.73 43.94 28.88
C GLU A 197 7.31 44.15 27.49
N ARG A 198 8.57 43.83 27.29
CA ARG A 198 9.15 43.82 25.95
C ARG A 198 8.81 42.55 25.20
N GLY A 199 8.42 41.50 25.90
CA GLY A 199 8.12 40.22 25.30
C GLY A 199 9.07 39.11 25.69
N TYR A 200 10.21 39.44 26.29
CA TYR A 200 11.21 38.44 26.62
C TYR A 200 10.93 37.85 27.99
N SER A 201 10.92 36.52 28.06
CA SER A 201 10.62 35.81 29.30
C SER A 201 11.89 35.12 29.79
N PHE A 202 12.39 35.54 30.94
CA PHE A 202 13.53 34.92 31.59
C PHE A 202 13.02 34.36 32.91
N VAL A 203 12.87 33.05 33.01
CA VAL A 203 12.14 32.43 34.10
C VAL A 203 13.03 31.58 34.99
N THR A 204 14.03 30.90 34.43
CA THR A 204 14.80 29.96 35.24
C THR A 204 15.97 30.69 35.90
N THR A 205 16.69 29.97 36.76
CA THR A 205 17.80 30.58 37.49
C THR A 205 19.05 30.68 36.63
N ALA A 206 19.06 30.02 35.47
CA ALA A 206 20.17 30.17 34.55
C ALA A 206 20.03 31.40 33.68
N GLU A 207 18.83 31.99 33.60
CA GLU A 207 18.62 33.24 32.88
C GLU A 207 18.85 34.45 33.77
N ARG A 208 18.94 34.26 35.08
CA ARG A 208 19.34 35.35 35.97
C ARG A 208 20.75 35.80 35.67
N GLU A 209 21.62 34.90 35.24
CA GLU A 209 22.97 35.26 34.84
C GLU A 209 22.96 36.09 33.57
N ILE A 210 22.07 35.77 32.64
CA ILE A 210 21.99 36.50 31.38
C ILE A 210 21.44 37.90 31.62
N VAL A 211 20.41 38.02 32.45
CA VAL A 211 19.88 39.34 32.72
C VAL A 211 20.79 40.12 33.66
N ARG A 212 21.66 39.44 34.40
CA ARG A 212 22.70 40.14 35.14
C ARG A 212 23.71 40.73 34.18
N ASP A 213 24.06 39.99 33.13
CA ASP A 213 24.96 40.53 32.10
C ASP A 213 24.32 41.70 31.35
N ILE A 214 23.00 41.63 31.16
CA ILE A 214 22.26 42.75 30.58
C ILE A 214 22.38 43.98 31.47
N LYS A 215 22.21 43.79 32.77
CA LYS A 215 22.43 44.86 33.74
C LYS A 215 23.86 45.37 33.74
N GLU A 216 24.84 44.48 33.53
CA GLU A 216 26.25 44.86 33.44
C GLU A 216 26.49 45.84 32.31
N LYS A 217 26.15 45.46 31.09
CA LYS A 217 26.62 46.19 29.92
C LYS A 217 25.66 47.25 29.40
N LEU A 218 24.45 47.35 29.92
CA LEU A 218 23.49 48.30 29.36
C LEU A 218 22.94 49.32 30.34
N CYS A 219 22.64 48.91 31.57
CA CYS A 219 21.84 49.75 32.46
C CYS A 219 22.67 50.90 33.02
N TYR A 220 22.21 52.12 32.75
CA TYR A 220 22.74 53.33 33.34
C TYR A 220 21.63 53.97 34.16
N VAL A 221 21.99 55.01 34.91
CA VAL A 221 21.03 55.70 35.76
C VAL A 221 20.94 57.15 35.31
N ALA A 222 19.71 57.63 35.13
CA ALA A 222 19.50 58.98 34.62
C ALA A 222 19.72 60.00 35.71
N LEU A 223 20.17 61.19 35.29
CA LEU A 223 20.34 62.30 36.23
C LEU A 223 18.99 62.81 36.70
N ASP A 224 18.07 63.01 35.78
CA ASP A 224 16.70 63.36 36.10
C ASP A 224 15.83 62.27 35.49
N PHE A 225 14.88 61.75 36.27
CA PHE A 225 14.14 60.57 35.87
C PHE A 225 12.91 60.89 35.03
N GLU A 226 12.22 61.99 35.31
CA GLU A 226 10.96 62.27 34.66
C GLU A 226 11.14 62.67 33.20
N ASN A 227 12.06 63.60 32.91
CA ASN A 227 12.25 63.98 31.53
C ASN A 227 12.95 62.89 30.72
N GLU A 228 13.79 62.08 31.37
CA GLU A 228 14.39 60.96 30.66
C GLU A 228 13.35 59.89 30.34
N MET A 229 12.38 59.69 31.24
CA MET A 229 11.23 58.85 30.92
C MET A 229 10.41 59.44 29.79
N ALA A 230 10.29 60.78 29.75
CA ALA A 230 9.51 61.43 28.70
C ALA A 230 10.17 61.30 27.33
N THR A 231 11.49 61.44 27.26
CA THR A 231 12.17 61.29 25.97
C THR A 231 12.25 59.85 25.50
N ALA A 232 12.00 58.87 26.36
CA ALA A 232 11.89 57.50 25.92
C ALA A 232 10.57 57.21 25.22
N ALA A 233 9.57 58.08 25.38
CA ALA A 233 8.33 57.93 24.63
C ALA A 233 8.55 58.24 23.16
N SER A 234 9.31 59.30 22.86
CA SER A 234 9.80 59.57 21.51
C SER A 234 11.04 58.69 21.31
N SER A 235 10.79 57.41 21.05
CA SER A 235 11.83 56.39 21.09
C SER A 235 12.76 56.49 19.89
N SER A 236 13.83 57.25 20.03
CA SER A 236 14.72 57.48 18.91
C SER A 236 16.17 57.13 19.21
N SER A 237 16.65 57.38 20.43
CA SER A 237 18.07 57.25 20.71
C SER A 237 18.38 56.50 21.99
N LEU A 238 17.39 56.04 22.73
CA LEU A 238 17.63 55.36 24.00
C LEU A 238 17.56 53.85 23.90
N GLU A 239 17.11 53.31 22.77
CA GLU A 239 17.10 51.87 22.59
C GLU A 239 18.53 51.36 22.41
N LYS A 240 18.76 50.13 22.86
CA LYS A 240 20.06 49.51 22.66
C LYS A 240 19.84 48.02 22.47
N SER A 241 20.62 47.42 21.57
CA SER A 241 20.52 46.01 21.24
C SER A 241 21.61 45.23 21.95
N TYR A 242 21.21 44.12 22.55
CA TYR A 242 22.13 43.22 23.24
C TYR A 242 21.92 41.82 22.67
N GLU A 243 23.03 41.13 22.41
CA GLU A 243 22.95 39.80 21.84
C GLU A 243 22.95 38.75 22.94
N LEU A 244 22.08 37.77 22.81
CA LEU A 244 21.93 36.71 23.79
C LEU A 244 22.99 35.64 23.52
N PRO A 245 23.18 34.70 24.45
CA PRO A 245 24.02 33.54 24.13
C PRO A 245 23.46 32.64 23.04
N ASP A 246 22.15 32.67 22.78
CA ASP A 246 21.61 31.85 21.71
C ASP A 246 21.81 32.46 20.34
N GLY A 247 21.82 33.78 20.25
CA GLY A 247 21.92 34.49 19.00
C GLY A 247 20.83 35.52 18.78
N GLN A 248 19.74 35.45 19.52
CA GLN A 248 18.67 36.43 19.37
C GLN A 248 19.08 37.77 19.95
N VAL A 249 18.84 38.83 19.24
CA VAL A 249 19.12 40.16 19.76
C VAL A 249 17.88 40.67 20.47
N ILE A 250 18.09 41.53 21.46
CA ILE A 250 16.98 42.15 22.17
C ILE A 250 17.20 43.66 22.16
N THR A 251 16.10 44.40 22.08
CA THR A 251 16.13 45.85 22.11
C THR A 251 15.56 46.31 23.45
N ILE A 252 16.23 47.28 24.06
CA ILE A 252 15.86 47.75 25.39
C ILE A 252 15.70 49.26 25.34
N GLY A 253 14.56 49.76 25.82
CA GLY A 253 14.28 51.17 25.83
C GLY A 253 14.36 51.79 27.21
N ASN A 254 13.22 52.06 27.83
CA ASN A 254 13.23 52.68 29.15
C ASN A 254 13.63 51.71 30.25
N GLU A 255 13.58 50.40 29.99
CA GLU A 255 14.08 49.40 30.93
C GLU A 255 15.56 49.53 31.18
N ARG A 256 16.27 50.25 30.31
CA ARG A 256 17.68 50.53 30.51
C ARG A 256 17.90 51.43 31.72
N PHE A 257 16.96 52.30 32.06
CA PHE A 257 17.16 53.16 33.22
C PHE A 257 16.10 53.05 34.29
N ARG A 258 15.06 52.24 34.08
CA ARG A 258 14.15 51.97 35.20
C ARG A 258 14.72 50.97 36.17
N CYS A 259 15.77 50.25 35.80
CA CYS A 259 16.34 49.26 36.71
C CYS A 259 17.21 49.88 37.80
N PRO A 260 18.13 50.83 37.54
CA PRO A 260 18.83 51.44 38.68
C PRO A 260 18.02 52.46 39.44
N GLU A 261 16.89 52.92 38.89
CA GLU A 261 16.03 53.88 39.58
C GLU A 261 15.37 53.28 40.81
N THR A 262 15.35 51.95 40.93
CA THR A 262 14.92 51.30 42.15
C THR A 262 15.84 51.64 43.33
N LEU A 263 17.11 51.96 43.05
CA LEU A 263 18.02 52.38 44.11
C LEU A 263 17.61 53.72 44.71
N PHE A 264 16.91 54.56 43.97
CA PHE A 264 16.51 55.86 44.46
C PHE A 264 15.01 55.96 44.68
N GLN A 265 14.24 54.96 44.29
CA GLN A 265 12.81 54.88 44.58
C GLN A 265 12.49 53.42 44.85
N PRO A 266 12.63 52.96 46.09
CA PRO A 266 12.36 51.55 46.38
C PRO A 266 10.89 51.20 46.44
N SER A 267 9.99 52.13 46.16
CA SER A 267 8.57 51.81 46.05
C SER A 267 8.23 51.14 44.72
N PHE A 268 9.18 51.03 43.80
CA PHE A 268 8.92 50.32 42.55
C PHE A 268 8.80 48.83 42.79
N ILE A 269 9.64 48.28 43.67
CA ILE A 269 9.54 46.87 44.04
C ILE A 269 8.77 46.70 45.35
N GLY A 270 8.05 47.72 45.79
CA GLY A 270 7.18 47.59 46.93
C GLY A 270 7.85 47.72 48.28
N MET A 271 9.13 48.05 48.32
CA MET A 271 9.84 48.15 49.58
C MET A 271 9.48 49.46 50.27
N GLU A 272 8.92 49.37 51.47
CA GLU A 272 8.73 50.56 52.27
C GLU A 272 10.06 50.97 52.87
N SER A 273 10.76 51.86 52.18
CA SER A 273 12.03 52.37 52.64
C SER A 273 12.28 53.69 51.94
N ALA A 274 13.49 54.20 52.10
CA ALA A 274 13.95 55.35 51.35
C ALA A 274 15.06 54.92 50.41
N GLY A 275 15.23 55.66 49.33
CA GLY A 275 16.28 55.38 48.39
C GLY A 275 17.64 55.68 48.97
N ILE A 276 18.69 55.26 48.25
CA ILE A 276 20.04 55.39 48.78
C ILE A 276 20.51 56.83 48.81
N HIS A 277 19.79 57.76 48.19
CA HIS A 277 20.07 59.16 48.39
C HIS A 277 19.44 59.69 49.67
N GLU A 278 18.30 59.12 50.07
CA GLU A 278 17.57 59.64 51.20
C GLU A 278 17.96 58.97 52.51
N THR A 279 18.37 57.69 52.47
CA THR A 279 18.87 57.10 53.70
C THR A 279 20.26 57.61 54.03
N THR A 280 21.00 58.14 53.04
CA THR A 280 22.31 58.73 53.35
C THR A 280 22.15 60.03 54.12
N TYR A 281 21.29 60.93 53.65
CA TYR A 281 20.99 62.14 54.40
C TYR A 281 20.26 61.83 55.69
N ASN A 282 19.48 60.75 55.71
CA ASN A 282 18.84 60.32 56.94
C ASN A 282 19.84 59.78 57.94
N SER A 283 20.93 59.18 57.46
CA SER A 283 21.92 58.61 58.37
C SER A 283 22.94 59.63 58.83
N ILE A 284 23.25 60.63 58.01
CA ILE A 284 24.11 61.72 58.45
C ILE A 284 23.40 62.54 59.52
N MET A 285 22.09 62.72 59.37
CA MET A 285 21.33 63.46 60.38
C MET A 285 21.15 62.70 61.69
N LYS A 286 21.40 61.39 61.70
CA LYS A 286 21.46 60.68 62.97
C LYS A 286 22.75 60.95 63.72
N CYS A 287 23.78 61.49 63.07
CA CYS A 287 25.04 61.78 63.71
C CYS A 287 24.97 63.10 64.45
N ASP A 288 26.11 63.54 64.97
CA ASP A 288 26.18 64.77 65.73
C ASP A 288 26.46 65.95 64.81
N ILE A 289 26.11 67.14 65.27
CA ILE A 289 26.10 68.32 64.41
C ILE A 289 27.51 68.83 64.13
N ASP A 290 28.51 68.39 64.88
CA ASP A 290 29.85 68.90 64.65
C ASP A 290 30.56 68.18 63.51
N ILE A 291 30.41 66.85 63.43
CA ILE A 291 31.07 66.07 62.40
C ILE A 291 30.28 66.01 61.11
N ARG A 292 29.18 66.74 61.02
CA ARG A 292 28.29 66.62 59.88
C ARG A 292 28.89 67.25 58.64
N LYS A 293 29.71 68.29 58.82
CA LYS A 293 30.41 68.94 57.71
C LYS A 293 31.40 68.01 57.04
N ASP A 294 32.16 67.26 57.83
CA ASP A 294 33.15 66.37 57.25
C ASP A 294 32.49 65.15 56.63
N LEU A 295 31.34 64.74 57.16
CA LEU A 295 30.66 63.59 56.61
C LEU A 295 29.94 63.94 55.32
N TYR A 296 29.50 65.19 55.17
CA TYR A 296 28.88 65.62 53.92
C TYR A 296 29.88 65.66 52.78
N ALA A 297 31.12 66.01 53.08
CA ALA A 297 32.12 66.25 52.06
C ALA A 297 32.98 65.04 51.74
N ASN A 298 32.72 63.90 52.38
CA ASN A 298 33.52 62.69 52.17
C ASN A 298 32.53 61.54 52.03
N ASN A 299 32.09 61.26 50.82
CA ASN A 299 31.09 60.23 50.57
C ASN A 299 31.67 59.18 49.65
N VAL A 300 32.33 58.18 50.23
CA VAL A 300 32.88 57.11 49.41
C VAL A 300 31.75 56.19 48.99
N MET A 301 32.01 55.39 47.95
CA MET A 301 31.02 54.48 47.41
C MET A 301 31.76 53.22 46.99
N SER A 302 31.70 52.20 47.82
CA SER A 302 32.25 50.91 47.45
C SER A 302 31.14 50.06 46.84
N GLY A 303 31.41 48.78 46.62
CA GLY A 303 30.39 47.88 46.12
C GLY A 303 30.16 48.00 44.64
N GLY A 304 29.80 46.89 44.01
CA GLY A 304 29.63 46.89 42.56
C GLY A 304 28.39 47.60 42.08
N THR A 305 27.37 47.74 42.92
CA THR A 305 26.13 48.37 42.49
C THR A 305 26.27 49.88 42.42
N THR A 306 27.36 50.44 42.91
CA THR A 306 27.70 51.83 42.64
C THR A 306 28.65 51.96 41.45
N MET A 307 28.59 51.03 40.51
CA MET A 307 29.38 51.15 39.28
C MET A 307 28.49 51.37 38.06
N TYR A 308 27.27 51.85 38.26
CA TYR A 308 26.45 52.25 37.13
C TYR A 308 27.01 53.53 36.52
N PRO A 309 26.88 53.71 35.21
CA PRO A 309 27.35 54.95 34.60
C PRO A 309 26.47 56.13 34.98
N GLY A 310 26.99 56.96 35.87
CA GLY A 310 26.30 58.16 36.29
C GLY A 310 25.64 58.12 37.64
N ILE A 311 26.05 57.22 38.54
CA ILE A 311 25.43 57.18 39.85
C ILE A 311 26.02 58.24 40.77
N ALA A 312 27.25 58.68 40.51
CA ALA A 312 27.85 59.72 41.33
C ALA A 312 27.18 61.06 41.11
N ASP A 313 26.83 61.35 39.85
CA ASP A 313 26.17 62.61 39.54
C ASP A 313 24.78 62.69 40.13
N ARG A 314 24.02 61.60 40.04
CA ARG A 314 22.68 61.61 40.63
C ARG A 314 22.74 61.58 42.14
N MET A 315 23.75 60.92 42.71
CA MET A 315 23.89 60.91 44.17
C MET A 315 24.19 62.30 44.70
N GLN A 316 25.07 63.03 44.00
CA GLN A 316 25.38 64.40 44.40
C GLN A 316 24.18 65.32 44.20
N LYS A 317 23.48 65.20 43.07
CA LYS A 317 22.34 66.05 42.78
C LYS A 317 21.18 65.76 43.72
N GLU A 318 21.05 64.52 44.16
CA GLU A 318 19.93 64.14 45.01
C GLU A 318 20.21 64.38 46.49
N ILE A 319 21.49 64.40 46.90
CA ILE A 319 21.79 64.84 48.26
C ILE A 319 21.68 66.36 48.35
N THR A 320 22.21 67.08 47.35
CA THR A 320 22.29 68.53 47.46
C THR A 320 20.94 69.22 47.40
N ALA A 321 19.85 68.51 47.07
CA ALA A 321 18.52 69.04 47.26
C ALA A 321 18.00 68.81 48.67
N LEU A 322 18.65 67.94 49.44
CA LEU A 322 18.24 67.65 50.81
C LEU A 322 19.13 68.33 51.84
N ALA A 323 20.43 68.40 51.57
CA ALA A 323 21.37 69.04 52.47
C ALA A 323 21.20 70.56 52.44
N PRO A 324 21.66 71.26 53.47
CA PRO A 324 21.73 72.72 53.39
C PRO A 324 22.71 73.16 52.31
N SER A 325 22.32 74.21 51.59
CA SER A 325 22.98 74.61 50.36
C SER A 325 24.18 75.51 50.58
N THR A 326 24.78 75.53 51.76
CA THR A 326 25.88 76.44 52.03
C THR A 326 27.23 75.75 52.13
N MET A 327 27.30 74.43 51.93
CA MET A 327 28.58 73.76 51.86
C MET A 327 28.44 72.54 50.96
N LYS A 328 29.52 72.19 50.27
CA LYS A 328 29.42 71.34 49.10
C LYS A 328 29.35 69.86 49.48
N ILE A 329 28.77 69.08 48.58
CA ILE A 329 28.73 67.62 48.67
C ILE A 329 29.67 67.07 47.61
N LYS A 330 30.53 66.13 48.00
CA LYS A 330 31.50 65.53 47.09
C LYS A 330 31.37 64.02 47.18
N ILE A 331 30.62 63.42 46.26
CA ILE A 331 30.51 61.97 46.21
C ILE A 331 31.77 61.43 45.57
N ILE A 332 32.74 61.05 46.40
CA ILE A 332 34.00 60.55 45.87
C ILE A 332 33.81 59.11 45.41
N ALA A 333 33.95 58.88 44.11
CA ALA A 333 33.72 57.57 43.52
C ALA A 333 35.02 57.08 42.90
N PRO A 334 35.75 56.19 43.59
CA PRO A 334 37.01 55.72 43.04
C PRO A 334 36.75 54.76 41.88
N PRO A 335 37.65 54.70 40.90
CA PRO A 335 37.39 53.89 39.70
C PRO A 335 37.54 52.40 39.89
N GLU A 336 38.19 51.92 40.96
CA GLU A 336 38.39 50.50 41.19
C GLU A 336 37.43 49.97 42.25
N ARG A 337 36.33 50.70 42.48
CA ARG A 337 35.53 50.54 43.70
C ARG A 337 34.86 49.18 43.84
N LYS A 338 34.69 48.43 42.74
CA LYS A 338 34.10 47.09 42.82
C LYS A 338 34.95 46.17 43.68
N TYR A 339 36.26 46.29 43.59
CA TYR A 339 37.15 45.51 44.43
C TYR A 339 37.55 46.24 45.70
N SER A 340 36.86 47.35 46.04
CA SER A 340 37.35 48.24 47.08
C SER A 340 37.34 47.57 48.45
N VAL A 341 36.32 46.77 48.73
CA VAL A 341 36.24 46.01 49.98
C VAL A 341 37.39 45.04 50.09
N TRP A 342 37.87 44.53 48.96
CA TRP A 342 39.05 43.68 49.00
C TRP A 342 40.30 44.48 49.31
N ILE A 343 40.41 45.71 48.75
CA ILE A 343 41.68 46.44 48.78
C ILE A 343 42.02 46.84 50.20
N GLY A 344 41.04 47.37 50.93
CA GLY A 344 41.25 47.63 52.35
C GLY A 344 41.52 46.37 53.14
N GLY A 345 40.95 45.24 52.71
CA GLY A 345 41.29 43.98 53.34
C GLY A 345 42.73 43.60 53.09
N SER A 346 43.28 44.01 51.95
CA SER A 346 44.70 43.82 51.73
C SER A 346 45.54 44.80 52.54
N ILE A 347 44.95 45.90 52.99
CA ILE A 347 45.69 46.85 53.81
C ILE A 347 45.73 46.36 55.26
N LEU A 348 44.55 46.18 55.85
CA LEU A 348 44.42 45.93 57.28
C LEU A 348 45.08 44.62 57.69
N ALA A 349 45.05 43.62 56.83
CA ALA A 349 45.71 42.36 57.16
C ALA A 349 47.22 42.48 57.09
N SER A 350 47.73 43.36 56.24
CA SER A 350 49.17 43.50 56.08
C SER A 350 49.75 44.63 56.93
N LEU A 351 48.94 45.26 57.75
CA LEU A 351 49.39 46.36 58.57
C LEU A 351 50.17 45.85 59.77
N SER A 352 51.24 46.55 60.12
CA SER A 352 52.18 46.06 61.11
C SER A 352 51.61 46.10 62.53
N THR A 353 50.77 47.07 62.83
CA THR A 353 50.19 47.19 64.17
C THR A 353 48.93 46.34 64.35
N PHE A 354 48.64 45.43 63.43
CA PHE A 354 47.44 44.62 63.50
C PHE A 354 47.66 43.25 64.13
N GLN A 355 48.89 42.72 64.04
CA GLN A 355 49.16 41.30 64.28
C GLN A 355 48.92 40.83 65.71
N GLN A 356 48.67 41.73 66.65
CA GLN A 356 48.16 41.34 67.95
C GLN A 356 46.67 41.62 68.10
N MET A 357 45.91 41.51 67.02
CA MET A 357 44.46 41.68 67.08
C MET A 357 43.77 40.67 66.17
N TRP A 358 44.43 39.53 65.94
CA TRP A 358 43.78 38.39 65.29
C TRP A 358 42.99 37.61 66.33
N ILE A 359 42.49 36.44 65.96
CA ILE A 359 41.92 35.49 66.89
C ILE A 359 42.69 34.20 66.73
N THR A 360 43.65 33.97 67.61
CA THR A 360 44.48 32.77 67.51
C THR A 360 43.68 31.53 67.92
N LYS A 361 44.18 30.37 67.49
CA LYS A 361 43.49 29.12 67.78
C LYS A 361 43.56 28.78 69.27
N GLN A 362 44.65 29.16 69.93
CA GLN A 362 44.76 28.97 71.37
C GLN A 362 43.84 29.90 72.14
N GLU A 363 43.39 31.00 71.52
CA GLU A 363 42.41 31.88 72.16
C GLU A 363 40.98 31.43 71.91
N TYR A 364 40.77 30.54 70.94
CA TYR A 364 39.44 30.11 70.56
C TYR A 364 38.98 28.87 71.32
N ASP A 365 39.89 27.92 71.53
CA ASP A 365 39.52 26.62 72.09
C ASP A 365 39.17 26.70 73.57
N GLU A 366 39.67 27.70 74.29
CA GLU A 366 39.33 27.85 75.70
C GLU A 366 38.07 28.67 75.91
N ALA A 367 37.73 29.54 74.96
CA ALA A 367 36.58 30.43 75.10
C ALA A 367 35.43 30.06 74.17
N GLY A 368 35.60 29.07 73.30
CA GLY A 368 34.56 28.68 72.38
C GLY A 368 34.41 29.67 71.24
N PRO A 369 33.33 29.53 70.46
CA PRO A 369 33.10 30.45 69.34
C PRO A 369 32.54 31.80 69.74
N SER A 370 32.29 32.04 71.02
CA SER A 370 31.79 33.32 71.50
C SER A 370 32.88 34.37 71.63
N ILE A 371 34.13 34.01 71.34
CA ILE A 371 35.24 34.96 71.40
C ILE A 371 35.19 35.98 70.27
N VAL A 372 34.42 35.71 69.22
CA VAL A 372 34.44 36.59 68.05
C VAL A 372 33.62 37.86 68.26
N HIS A 373 32.76 37.89 69.28
CA HIS A 373 31.97 39.09 69.52
C HIS A 373 32.75 40.13 70.31
N ARG A 374 33.58 39.71 71.26
CA ARG A 374 34.34 40.64 72.08
C ARG A 374 35.72 40.91 71.49
N LYS A 375 35.90 40.65 70.20
CA LYS A 375 37.13 40.95 69.50
C LYS A 375 36.95 41.85 68.29
N CYS A 376 35.82 41.74 67.58
CA CYS A 376 35.65 42.38 66.28
C CYS A 376 34.73 43.59 66.35
N PHE A 377 33.65 43.51 67.13
CA PHE A 377 32.70 44.60 67.24
C PHE A 377 31.99 44.53 68.57
N GLU B 6 -29.90 51.83 30.20
CA GLU B 6 -30.77 50.85 29.53
C GLU B 6 -29.92 49.96 28.64
N THR B 7 -28.79 50.49 28.16
CA THR B 7 -27.83 49.67 27.43
C THR B 7 -27.09 48.74 28.39
N THR B 8 -26.59 47.64 27.85
CA THR B 8 -25.81 46.68 28.61
C THR B 8 -24.38 46.70 28.10
N ALA B 9 -23.49 46.09 28.89
CA ALA B 9 -22.09 46.00 28.53
C ALA B 9 -21.76 44.57 28.12
N LEU B 10 -20.86 44.44 27.16
CA LEU B 10 -20.41 43.14 26.69
C LEU B 10 -19.17 42.76 27.45
N VAL B 11 -19.08 41.49 27.87
CA VAL B 11 -17.84 40.99 28.46
C VAL B 11 -17.40 39.79 27.65
N CYS B 12 -16.09 39.68 27.44
CA CYS B 12 -15.49 38.67 26.58
C CYS B 12 -14.16 38.27 27.18
N ASP B 13 -14.16 37.17 27.93
CA ASP B 13 -12.92 36.58 28.41
C ASP B 13 -12.30 35.81 27.26
N ASN B 14 -11.25 36.38 26.68
CA ASN B 14 -10.53 35.76 25.57
C ASN B 14 -9.41 34.91 26.16
N GLY B 15 -9.78 33.72 26.61
CA GLY B 15 -8.81 32.84 27.21
C GLY B 15 -7.91 32.19 26.18
N SER B 16 -7.02 31.35 26.68
CA SER B 16 -6.10 30.65 25.81
C SER B 16 -6.68 29.38 25.23
N GLY B 17 -7.75 28.86 25.81
CA GLY B 17 -8.32 27.63 25.31
C GLY B 17 -9.83 27.66 25.14
N LEU B 18 -10.48 28.68 25.69
CA LEU B 18 -11.93 28.76 25.66
C LEU B 18 -12.33 30.23 25.71
N VAL B 19 -12.82 30.75 24.60
CA VAL B 19 -13.38 32.10 24.59
C VAL B 19 -14.77 32.01 25.20
N LYS B 20 -15.01 32.81 26.24
CA LYS B 20 -16.32 32.93 26.87
C LYS B 20 -16.79 34.37 26.72
N ALA B 21 -18.09 34.55 26.50
CA ALA B 21 -18.60 35.88 26.23
C ALA B 21 -20.08 35.95 26.56
N GLY B 22 -20.49 37.14 26.99
CA GLY B 22 -21.89 37.36 27.30
C GLY B 22 -22.14 38.81 27.64
N PHE B 23 -23.28 39.05 28.26
CA PHE B 23 -23.69 40.38 28.65
C PHE B 23 -23.44 40.62 30.13
N ALA B 24 -23.17 41.88 30.47
CA ALA B 24 -22.98 42.23 31.86
C ALA B 24 -24.28 42.13 32.63
N GLY B 25 -24.16 41.96 33.94
CA GLY B 25 -25.30 41.77 34.79
C GLY B 25 -25.88 40.39 34.79
N ASP B 26 -25.43 39.53 33.89
CA ASP B 26 -25.93 38.18 33.81
C ASP B 26 -25.18 37.28 34.77
N ASP B 27 -25.60 36.02 34.82
CA ASP B 27 -25.07 35.04 35.75
C ASP B 27 -24.37 33.88 35.07
N ALA B 28 -24.31 33.86 33.74
CA ALA B 28 -23.70 32.76 33.01
C ALA B 28 -23.33 33.27 31.63
N PRO B 29 -22.23 32.81 31.05
CA PRO B 29 -21.88 33.23 29.70
C PRO B 29 -22.81 32.60 28.67
N ARG B 30 -23.21 33.40 27.69
CA ARG B 30 -24.09 32.90 26.66
C ARG B 30 -23.30 32.10 25.62
N ALA B 31 -22.13 32.57 25.25
CA ALA B 31 -21.30 31.88 24.27
C ALA B 31 -20.04 31.37 24.94
N VAL B 32 -19.79 30.07 24.81
CA VAL B 32 -18.48 29.53 25.19
C VAL B 32 -18.05 28.56 24.10
N PHE B 33 -16.84 28.75 23.57
CA PHE B 33 -16.39 27.91 22.48
C PHE B 33 -14.87 27.92 22.48
N PRO B 34 -14.22 26.85 22.03
CA PRO B 34 -12.77 26.82 22.01
C PRO B 34 -12.20 27.77 20.97
N SER B 35 -11.16 28.49 21.36
CA SER B 35 -10.56 29.53 20.51
C SER B 35 -9.56 28.89 19.56
N ILE B 36 -10.09 28.16 18.59
CA ILE B 36 -9.28 27.45 17.61
C ILE B 36 -9.58 28.04 16.24
N VAL B 37 -8.53 28.19 15.43
CA VAL B 37 -8.68 28.54 14.03
C VAL B 37 -8.12 27.39 13.20
N GLY B 38 -8.94 26.85 12.31
CA GLY B 38 -8.57 25.70 11.52
C GLY B 38 -8.50 26.05 10.04
N ARG B 39 -7.38 25.69 9.43
CA ARG B 39 -7.22 25.76 7.99
C ARG B 39 -7.34 24.36 7.43
N PRO B 40 -8.06 24.14 6.33
CA PRO B 40 -8.05 22.82 5.71
C PRO B 40 -6.71 22.55 5.05
N ARG B 41 -6.33 21.28 5.02
CA ARG B 41 -5.01 20.90 4.57
C ARG B 41 -5.00 19.86 3.46
N HIS B 42 -6.15 19.49 2.93
CA HIS B 42 -6.25 18.49 1.88
C HIS B 42 -6.71 19.13 0.58
N GLN B 43 -7.00 18.29 -0.41
CA GLN B 43 -7.22 18.78 -1.77
C GLN B 43 -8.60 19.38 -1.96
N GLY B 44 -9.64 18.71 -1.49
CA GLY B 44 -10.98 19.20 -1.76
C GLY B 44 -11.47 18.92 -3.16
N VAL B 45 -11.70 17.63 -3.46
CA VAL B 45 -12.06 17.23 -4.82
C VAL B 45 -13.46 17.64 -5.22
N MET B 46 -14.37 17.80 -4.28
CA MET B 46 -15.71 18.27 -4.62
C MET B 46 -15.65 19.73 -5.03
N VAL B 47 -16.50 20.09 -5.99
CA VAL B 47 -16.38 21.41 -6.62
C VAL B 47 -16.93 22.49 -5.71
N GLY B 48 -17.98 22.18 -4.96
CA GLY B 48 -18.35 22.96 -3.80
C GLY B 48 -17.56 22.51 -2.60
N MET B 49 -17.80 23.22 -1.49
CA MET B 49 -17.15 22.97 -0.18
C MET B 49 -15.62 23.02 -0.29
N GLY B 50 -15.11 23.96 -1.08
CA GLY B 50 -13.69 24.16 -1.19
C GLY B 50 -13.32 25.62 -1.04
N GLN B 51 -14.34 26.48 -0.95
CA GLN B 51 -14.13 27.91 -0.81
C GLN B 51 -14.04 28.37 0.62
N LYS B 52 -14.53 27.57 1.57
CA LYS B 52 -14.48 27.96 2.98
C LYS B 52 -13.05 27.82 3.47
N ASP B 53 -12.38 28.96 3.64
CA ASP B 53 -10.93 28.98 3.81
C ASP B 53 -10.50 28.80 5.26
N SER B 54 -11.33 29.18 6.22
CA SER B 54 -10.96 29.07 7.62
C SER B 54 -12.19 28.78 8.47
N TYR B 55 -12.01 28.01 9.54
CA TYR B 55 -13.12 27.64 10.41
C TYR B 55 -12.74 28.05 11.83
N VAL B 56 -13.72 28.54 12.60
CA VAL B 56 -13.46 29.02 13.95
C VAL B 56 -14.50 28.46 14.90
N GLY B 57 -14.08 28.17 16.12
CA GLY B 57 -15.03 27.74 17.14
C GLY B 57 -15.50 26.31 17.03
N ASP B 58 -16.80 26.09 17.27
CA ASP B 58 -17.32 24.73 17.35
C ASP B 58 -17.45 24.08 15.98
N GLU B 59 -17.58 24.85 14.91
CA GLU B 59 -17.60 24.24 13.60
C GLU B 59 -16.22 23.77 13.15
N ALA B 60 -15.16 24.28 13.78
CA ALA B 60 -13.84 23.68 13.59
C ALA B 60 -13.62 22.52 14.53
N GLN B 61 -14.23 22.55 15.71
CA GLN B 61 -14.14 21.44 16.63
C GLN B 61 -14.92 20.22 16.13
N SER B 62 -15.95 20.45 15.32
CA SER B 62 -16.70 19.33 14.77
C SER B 62 -15.98 18.70 13.59
N LYS B 63 -15.19 19.47 12.84
CA LYS B 63 -14.58 19.00 11.61
C LYS B 63 -13.07 18.85 11.72
N ARG B 64 -12.55 18.55 12.91
CA ARG B 64 -11.13 18.70 13.19
C ARG B 64 -10.25 17.69 12.47
N GLY B 65 -10.82 16.67 11.83
CA GLY B 65 -9.99 15.68 11.16
C GLY B 65 -9.32 16.19 9.90
N ILE B 66 -9.87 17.22 9.28
CA ILE B 66 -9.38 17.72 8.00
C ILE B 66 -8.76 19.10 8.14
N LEU B 67 -8.52 19.56 9.37
CA LEU B 67 -8.02 20.90 9.58
C LEU B 67 -6.73 20.86 10.39
N THR B 68 -5.75 21.64 9.97
CA THR B 68 -4.70 22.05 10.88
C THR B 68 -5.30 23.06 11.84
N LEU B 69 -5.11 22.81 13.14
CA LEU B 69 -5.71 23.64 14.18
C LEU B 69 -4.65 24.47 14.86
N LYS B 70 -4.94 25.75 15.05
CA LYS B 70 -3.99 26.64 15.68
C LYS B 70 -4.70 27.48 16.73
N TYR B 71 -4.12 27.51 17.88
CA TYR B 71 -4.58 28.48 18.86
C TYR B 71 -3.83 29.78 18.65
N PRO B 72 -4.52 30.91 18.49
CA PRO B 72 -3.81 32.18 18.33
C PRO B 72 -3.21 32.68 19.62
N ILE B 73 -3.62 32.17 20.76
CA ILE B 73 -3.12 32.60 22.06
C ILE B 73 -2.31 31.47 22.66
N GLU B 74 -1.03 31.70 22.88
CA GLU B 74 -0.21 30.72 23.56
C GLU B 74 0.54 31.38 24.69
N HIC B 75 0.35 30.85 25.89
CA HIC B 75 0.87 31.36 27.14
C HIC B 75 0.48 32.81 27.38
O HIC B 75 1.27 33.69 27.69
CB HIC B 75 2.41 31.35 27.29
CG HIC B 75 3.01 30.10 26.83
ND1 HIC B 75 2.44 28.83 26.99
CD2 HIC B 75 4.26 29.99 26.18
CE1 HIC B 75 3.32 27.96 26.44
NE2 HIC B 75 4.45 28.63 25.93
CZ HIC B 75 5.57 28.06 25.28
N GLY B 76 -0.81 33.06 27.20
CA GLY B 76 -1.35 34.38 27.50
C GLY B 76 -1.18 35.44 26.43
N ILE B 77 -0.01 35.49 25.79
CA ILE B 77 0.21 36.46 24.74
C ILE B 77 -0.48 36.01 23.47
N ILE B 78 -0.62 36.93 22.52
CA ILE B 78 -1.30 36.67 21.26
C ILE B 78 -0.25 36.69 20.16
N THR B 79 -0.11 35.57 19.46
CA THR B 79 0.93 35.42 18.45
C THR B 79 0.40 35.54 17.03
N ASN B 80 -0.90 35.68 16.85
CA ASN B 80 -1.46 35.74 15.50
C ASN B 80 -2.69 36.65 15.55
N TRP B 81 -2.51 37.90 15.14
CA TRP B 81 -3.59 38.86 15.24
C TRP B 81 -4.65 38.64 14.18
N ASP B 82 -4.25 38.15 13.01
CA ASP B 82 -5.20 37.90 11.93
C ASP B 82 -6.15 36.76 12.24
N ASP B 83 -5.78 35.87 13.15
CA ASP B 83 -6.70 34.86 13.64
C ASP B 83 -7.49 35.33 14.85
N MET B 84 -6.90 36.21 15.66
CA MET B 84 -7.62 36.69 16.82
C MET B 84 -8.76 37.62 16.45
N GLU B 85 -8.58 38.41 15.38
CA GLU B 85 -9.71 39.21 14.92
C GLU B 85 -10.78 38.34 14.28
N LYS B 86 -10.39 37.20 13.70
CA LYS B 86 -11.38 36.24 13.21
C LYS B 86 -12.18 35.65 14.37
N ILE B 87 -11.51 35.35 15.48
CA ILE B 87 -12.20 34.78 16.62
C ILE B 87 -13.12 35.80 17.28
N TRP B 88 -12.69 37.05 17.37
CA TRP B 88 -13.57 38.08 17.93
C TRP B 88 -14.74 38.39 16.99
N HIS B 89 -14.50 38.37 15.68
CA HIS B 89 -15.57 38.58 14.72
C HIS B 89 -16.57 37.44 14.77
N HIS B 90 -16.12 36.22 15.03
CA HIS B 90 -17.04 35.13 15.26
C HIS B 90 -17.75 35.26 16.60
N THR B 91 -17.11 35.90 17.57
CA THR B 91 -17.69 36.00 18.89
C THR B 91 -18.85 36.98 18.91
N PHE B 92 -18.64 38.17 18.34
CA PHE B 92 -19.67 39.21 18.44
C PHE B 92 -20.82 38.92 17.49
N TYR B 93 -20.53 38.75 16.20
CA TYR B 93 -21.59 38.62 15.22
C TYR B 93 -22.17 37.21 15.18
N ASN B 94 -21.31 36.20 15.03
CA ASN B 94 -21.80 34.87 14.67
C ASN B 94 -22.40 34.11 15.84
N GLU B 95 -22.08 34.45 17.09
CA GLU B 95 -22.61 33.68 18.20
C GLU B 95 -23.33 34.53 19.24
N LEU B 96 -22.86 35.74 19.50
CA LEU B 96 -23.61 36.63 20.38
C LEU B 96 -24.69 37.40 19.67
N ARG B 97 -24.52 37.62 18.35
CA ARG B 97 -25.50 38.27 17.48
C ARG B 97 -25.86 39.68 17.95
N VAL B 98 -24.83 40.43 18.34
CA VAL B 98 -24.98 41.82 18.69
C VAL B 98 -24.02 42.65 17.87
N ALA B 99 -24.34 43.92 17.73
CA ALA B 99 -23.34 44.76 17.10
C ALA B 99 -22.39 45.32 18.15
N PRO B 100 -21.10 45.44 17.85
CA PRO B 100 -20.17 46.00 18.84
C PRO B 100 -20.35 47.49 19.05
N GLU B 101 -20.91 48.21 18.08
CA GLU B 101 -21.04 49.65 18.20
C GLU B 101 -22.13 50.08 19.18
N GLU B 102 -22.98 49.16 19.62
CA GLU B 102 -24.04 49.50 20.56
C GLU B 102 -23.72 49.11 21.99
N HIS B 103 -22.70 48.29 22.20
CA HIS B 103 -22.39 47.86 23.56
C HIS B 103 -20.93 48.11 23.89
N PRO B 104 -20.62 48.61 25.08
CA PRO B 104 -19.23 48.68 25.51
C PRO B 104 -18.72 47.31 25.90
N THR B 105 -17.41 47.12 25.74
CA THR B 105 -16.83 45.80 25.90
C THR B 105 -15.75 45.76 26.96
N LEU B 106 -15.61 44.58 27.58
CA LEU B 106 -14.67 44.35 28.66
C LEU B 106 -13.90 43.08 28.34
N LEU B 107 -12.59 43.20 28.20
CA LEU B 107 -11.73 42.09 27.87
C LEU B 107 -10.84 41.74 29.06
N THR B 108 -10.19 40.60 28.94
CA THR B 108 -9.48 39.98 30.04
C THR B 108 -8.03 39.74 29.66
N GLU B 109 -7.12 40.02 30.58
CA GLU B 109 -5.70 39.96 30.32
C GLU B 109 -5.00 39.34 31.51
N ALA B 110 -4.12 38.38 31.25
CA ALA B 110 -3.30 37.84 32.32
C ALA B 110 -2.26 38.88 32.75
N PRO B 111 -1.94 38.93 34.04
CA PRO B 111 -0.96 39.92 34.51
C PRO B 111 0.44 39.59 34.04
N LEU B 112 1.29 40.63 34.05
CA LEU B 112 2.68 40.59 33.59
C LEU B 112 2.79 40.14 32.14
N ASN B 113 1.84 40.56 31.33
CA ASN B 113 1.86 40.35 29.89
C ASN B 113 2.64 41.45 29.21
N PRO B 114 3.09 41.24 27.97
CA PRO B 114 3.70 42.34 27.21
C PRO B 114 2.72 43.47 26.96
N LYS B 115 3.24 44.70 26.98
CA LYS B 115 2.40 45.87 26.74
C LYS B 115 1.92 45.95 25.30
N ALA B 116 2.68 45.40 24.35
CA ALA B 116 2.27 45.44 22.95
C ALA B 116 1.04 44.59 22.71
N ASN B 117 0.86 43.54 23.53
CA ASN B 117 -0.34 42.71 23.44
C ASN B 117 -1.59 43.50 23.78
N ARG B 118 -1.59 44.21 24.91
CA ARG B 118 -2.71 45.04 25.30
C ARG B 118 -2.91 46.22 24.36
N GLU B 119 -1.81 46.78 23.85
CA GLU B 119 -1.89 47.91 22.93
C GLU B 119 -2.56 47.52 21.61
N LYS B 120 -2.10 46.43 21.00
CA LYS B 120 -2.74 45.98 19.77
C LYS B 120 -4.14 45.45 20.03
N MET B 121 -4.41 44.96 21.24
CA MET B 121 -5.76 44.50 21.58
C MET B 121 -6.74 45.66 21.61
N THR B 122 -6.38 46.77 22.26
CA THR B 122 -7.32 47.89 22.27
C THR B 122 -7.34 48.62 20.93
N GLN B 123 -6.26 48.57 20.15
CA GLN B 123 -6.30 49.15 18.82
C GLN B 123 -7.22 48.38 17.89
N ILE B 124 -7.19 47.04 17.98
CA ILE B 124 -8.10 46.22 17.21
C ILE B 124 -9.53 46.41 17.69
N MET B 125 -9.71 46.57 19.00
CA MET B 125 -11.06 46.76 19.53
C MET B 125 -11.65 48.11 19.15
N PHE B 126 -10.82 49.12 18.94
CA PHE B 126 -11.35 50.43 18.55
C PHE B 126 -11.45 50.59 17.04
N GLU B 127 -10.34 50.44 16.33
CA GLU B 127 -10.30 50.79 14.92
C GLU B 127 -10.77 49.68 14.00
N THR B 128 -11.38 48.62 14.51
CA THR B 128 -11.98 47.61 13.65
C THR B 128 -13.43 47.35 13.98
N PHE B 129 -13.78 47.25 15.26
CA PHE B 129 -15.15 46.96 15.64
C PHE B 129 -15.93 48.19 16.09
N ASN B 130 -15.22 49.30 16.36
CA ASN B 130 -15.82 50.60 16.69
C ASN B 130 -16.73 50.53 17.91
N VAL B 131 -16.18 50.02 19.02
CA VAL B 131 -16.93 49.92 20.26
C VAL B 131 -17.06 51.31 20.85
N PRO B 132 -18.09 51.60 21.65
CA PRO B 132 -18.16 52.92 22.28
C PRO B 132 -17.07 53.10 23.33
N ALA B 133 -16.83 52.05 24.11
CA ALA B 133 -15.83 52.10 25.15
C ALA B 133 -15.38 50.68 25.46
N MET B 134 -14.14 50.54 25.90
CA MET B 134 -13.60 49.24 26.24
C MET B 134 -12.78 49.34 27.52
N TYR B 135 -12.61 48.20 28.16
CA TYR B 135 -11.77 48.12 29.34
C TYR B 135 -11.14 46.75 29.39
N VAL B 136 -9.84 46.67 29.69
CA VAL B 136 -9.17 45.40 29.89
C VAL B 136 -8.87 45.27 31.37
N ALA B 137 -9.18 44.11 31.93
CA ALA B 137 -8.99 43.88 33.35
C ALA B 137 -8.09 42.68 33.57
N ILE B 138 -7.45 42.66 34.73
CA ILE B 138 -6.55 41.57 35.10
C ILE B 138 -7.37 40.32 35.34
N GLN B 139 -6.88 39.18 34.82
CA GLN B 139 -7.61 37.92 34.88
C GLN B 139 -7.83 37.40 36.29
N ALA B 140 -7.02 37.83 37.26
CA ALA B 140 -7.14 37.31 38.60
C ALA B 140 -7.95 38.20 39.53
N VAL B 141 -8.04 39.51 39.25
CA VAL B 141 -8.75 40.39 40.16
C VAL B 141 -10.26 40.20 40.02
N LEU B 142 -10.71 39.66 38.88
CA LEU B 142 -12.13 39.40 38.68
C LEU B 142 -12.58 38.15 39.40
N SER B 143 -11.65 37.23 39.68
CA SER B 143 -12.01 36.02 40.41
C SER B 143 -12.42 36.32 41.84
N LEU B 144 -11.88 37.39 42.44
CA LEU B 144 -12.32 37.76 43.78
C LEU B 144 -13.69 38.41 43.76
N TYR B 145 -14.03 39.11 42.68
CA TYR B 145 -15.40 39.58 42.51
C TYR B 145 -16.35 38.40 42.43
N ALA B 146 -15.97 37.38 41.67
CA ALA B 146 -16.84 36.22 41.52
C ALA B 146 -16.95 35.41 42.81
N SER B 147 -15.90 35.40 43.62
CA SER B 147 -15.95 34.68 44.88
C SER B 147 -16.64 35.47 45.97
N GLY B 148 -17.00 36.72 45.73
CA GLY B 148 -17.66 37.52 46.73
C GLY B 148 -16.76 38.18 47.74
N ARG B 149 -15.46 38.01 47.61
CA ARG B 149 -14.51 38.48 48.60
C ARG B 149 -13.72 39.69 48.08
N THR B 150 -12.95 40.30 48.98
CA THR B 150 -12.01 41.35 48.60
C THR B 150 -10.60 41.11 49.12
N THR B 151 -10.42 40.19 50.05
CA THR B 151 -9.10 39.78 50.48
C THR B 151 -8.82 38.40 49.92
N GLY B 152 -7.56 38.00 49.94
CA GLY B 152 -7.18 36.68 49.51
C GLY B 152 -6.22 36.71 48.33
N ILE B 153 -5.62 35.56 48.08
CA ILE B 153 -4.76 35.40 46.91
C ILE B 153 -5.49 34.54 45.91
N VAL B 154 -5.23 34.80 44.65
CA VAL B 154 -5.92 34.15 43.54
C VAL B 154 -4.92 33.27 42.83
N LEU B 155 -5.23 31.99 42.73
CA LEU B 155 -4.47 31.01 41.97
C LEU B 155 -5.26 30.75 40.70
N ASP B 156 -5.05 31.57 39.68
CA ASP B 156 -5.78 31.42 38.43
C ASP B 156 -4.87 30.61 37.51
N SER B 157 -5.23 29.36 37.30
CA SER B 157 -4.49 28.47 36.41
C SER B 157 -5.38 28.21 35.21
N GLY B 158 -5.20 28.98 34.15
CA GLY B 158 -6.00 28.78 32.97
C GLY B 158 -5.41 27.73 32.05
N ASP B 159 -5.59 27.92 30.76
CA ASP B 159 -4.98 27.05 29.77
C ASP B 159 -3.62 27.56 29.35
N GLY B 160 -3.42 28.87 29.34
CA GLY B 160 -2.13 29.42 28.98
C GLY B 160 -1.17 29.57 30.13
N VAL B 161 -1.54 30.33 31.15
CA VAL B 161 -0.64 30.68 32.24
C VAL B 161 -1.30 30.34 33.57
N THR B 162 -0.47 30.35 34.62
CA THR B 162 -0.91 30.14 35.99
C THR B 162 -0.35 31.27 36.82
N HIS B 163 -1.20 32.15 37.31
CA HIS B 163 -0.75 33.32 38.03
C HIS B 163 -1.36 33.39 39.42
N ASN B 164 -0.55 33.77 40.39
CA ASN B 164 -0.96 33.99 41.76
C ASN B 164 -0.88 35.47 42.05
N VAL B 165 -2.00 36.06 42.42
CA VAL B 165 -2.08 37.48 42.71
C VAL B 165 -2.63 37.67 44.12
N PRO B 166 -1.87 38.23 45.05
CA PRO B 166 -2.40 38.47 46.39
C PRO B 166 -3.03 39.85 46.45
N ILE B 167 -4.27 39.89 46.95
CA ILE B 167 -5.04 41.12 47.00
C ILE B 167 -5.64 41.25 48.39
N TYR B 168 -5.19 42.24 49.14
CA TYR B 168 -5.84 42.60 50.39
C TYR B 168 -6.94 43.60 50.04
N GLU B 169 -7.71 44.09 51.02
CA GLU B 169 -9.10 44.52 50.78
C GLU B 169 -9.14 45.76 49.91
N GLY B 170 -9.14 45.50 48.61
CA GLY B 170 -9.10 46.50 47.56
C GLY B 170 -7.75 46.59 46.90
N TYR B 171 -6.69 46.50 47.70
CA TYR B 171 -5.35 46.81 47.22
C TYR B 171 -4.61 45.52 46.87
N ALA B 172 -4.15 45.45 45.64
CA ALA B 172 -3.29 44.36 45.21
C ALA B 172 -1.86 44.66 45.63
N LEU B 173 -1.01 43.65 45.51
CA LEU B 173 0.42 43.79 45.79
C LEU B 173 1.15 43.41 44.52
N PRO B 174 1.51 44.38 43.68
CA PRO B 174 2.06 44.04 42.35
C PRO B 174 3.46 43.49 42.39
N HIS B 175 4.18 43.63 43.50
CA HIS B 175 5.51 43.05 43.61
C HIS B 175 5.48 41.58 43.99
N ALA B 176 4.29 41.00 44.21
CA ALA B 176 4.16 39.59 44.56
C ALA B 176 3.33 38.82 43.55
N ILE B 177 3.01 39.42 42.41
CA ILE B 177 2.30 38.72 41.34
C ILE B 177 3.26 37.70 40.74
N MET B 178 2.99 36.43 40.96
CA MET B 178 3.88 35.36 40.52
C MET B 178 3.23 34.64 39.35
N ARG B 179 3.79 34.82 38.16
CA ARG B 179 3.24 34.23 36.95
C ARG B 179 4.15 33.10 36.47
N LEU B 180 3.59 31.90 36.40
CA LEU B 180 4.28 30.70 36.00
C LEU B 180 3.66 30.19 34.71
N ASP B 181 4.49 29.78 33.75
CA ASP B 181 4.04 29.44 32.41
C ASP B 181 3.64 27.98 32.28
N LEU B 182 3.22 27.34 33.37
CA LEU B 182 2.80 25.94 33.36
C LEU B 182 1.30 25.89 33.58
N ALA B 183 0.57 25.38 32.60
CA ALA B 183 -0.88 25.38 32.68
C ALA B 183 -1.41 24.17 31.93
N GLY B 184 -2.68 24.22 31.55
CA GLY B 184 -3.36 23.04 31.03
C GLY B 184 -2.85 22.55 29.70
N ARG B 185 -2.30 23.44 28.88
CA ARG B 185 -1.75 22.99 27.60
C ARG B 185 -0.47 22.20 27.79
N ASP B 186 0.34 22.57 28.78
CA ASP B 186 1.53 21.80 29.07
C ASP B 186 1.20 20.46 29.70
N LEU B 187 0.10 20.40 30.48
CA LEU B 187 -0.35 19.11 30.99
C LEU B 187 -0.89 18.24 29.87
N THR B 188 -1.50 18.86 28.87
CA THR B 188 -1.97 18.13 27.70
C THR B 188 -0.80 17.56 26.90
N ASP B 189 0.26 18.35 26.73
CA ASP B 189 1.43 17.86 26.01
C ASP B 189 2.17 16.78 26.81
N TYR B 190 2.19 16.92 28.14
CA TYR B 190 2.80 15.87 28.94
C TYR B 190 1.96 14.61 28.96
N LEU B 191 0.64 14.74 28.81
CA LEU B 191 -0.19 13.55 28.69
C LEU B 191 -0.02 12.89 27.33
N MET B 192 0.23 13.68 26.29
CA MET B 192 0.63 13.10 25.00
C MET B 192 1.95 12.36 25.12
N LYS B 193 2.89 12.91 25.87
CA LYS B 193 4.20 12.28 26.00
C LYS B 193 4.14 11.03 26.86
N ILE B 194 3.28 11.01 27.88
CA ILE B 194 3.26 9.91 28.82
C ILE B 194 2.31 8.79 28.41
N LEU B 195 1.44 9.03 27.43
CA LEU B 195 0.60 7.96 26.91
C LEU B 195 1.29 7.16 25.82
N THR B 196 2.52 7.52 25.45
CA THR B 196 3.26 6.72 24.49
C THR B 196 3.72 5.42 25.09
N GLU B 197 3.93 5.38 26.40
CA GLU B 197 4.38 4.18 27.08
C GLU B 197 3.29 3.14 27.21
N ARG B 198 2.03 3.52 27.04
CA ARG B 198 0.95 2.56 26.96
C ARG B 198 0.85 1.94 25.57
N GLY B 199 1.41 2.58 24.56
CA GLY B 199 1.34 2.13 23.19
C GLY B 199 0.57 3.05 22.27
N TYR B 200 -0.19 4.00 22.81
CA TYR B 200 -1.02 4.87 22.00
C TYR B 200 -0.22 6.07 21.55
N SER B 201 -0.28 6.37 20.25
CA SER B 201 0.46 7.46 19.65
C SER B 201 -0.52 8.52 19.19
N PHE B 202 -0.45 9.70 19.81
CA PHE B 202 -1.25 10.86 19.42
C PHE B 202 -0.27 11.92 18.97
N VAL B 203 -0.19 12.15 17.66
CA VAL B 203 0.89 12.93 17.08
C VAL B 203 0.40 14.24 16.47
N THR B 204 -0.78 14.26 15.87
CA THR B 204 -1.21 15.45 15.15
C THR B 204 -1.93 16.41 16.09
N THR B 205 -2.26 17.58 15.57
CA THR B 205 -2.91 18.59 16.40
C THR B 205 -4.40 18.31 16.58
N ALA B 206 -4.95 17.39 15.79
CA ALA B 206 -6.34 16.99 15.98
C ALA B 206 -6.49 15.95 17.07
N GLU B 207 -5.40 15.29 17.48
CA GLU B 207 -5.43 14.37 18.59
C GLU B 207 -5.17 15.06 19.93
N ARG B 208 -4.71 16.30 19.91
CA ARG B 208 -4.61 17.08 21.13
C ARG B 208 -5.98 17.33 21.73
N GLU B 209 -7.01 17.44 20.89
CA GLU B 209 -8.37 17.58 21.39
C GLU B 209 -8.84 16.29 22.06
N ILE B 210 -8.45 15.14 21.52
CA ILE B 210 -8.86 13.86 22.08
C ILE B 210 -8.17 13.63 23.42
N VAL B 211 -6.88 13.94 23.49
CA VAL B 211 -6.18 13.74 24.75
C VAL B 211 -6.56 14.83 25.75
N ARG B 212 -7.07 15.96 25.28
CA ARG B 212 -7.65 16.94 26.19
C ARG B 212 -8.93 16.41 26.80
N ASP B 213 -9.75 15.71 25.99
CA ASP B 213 -10.96 15.08 26.53
C ASP B 213 -10.61 13.95 27.51
N ILE B 214 -9.51 13.25 27.24
CA ILE B 214 -9.00 12.25 28.18
C ILE B 214 -8.65 12.90 29.51
N LYS B 215 -7.96 14.03 29.44
CA LYS B 215 -7.67 14.81 30.65
C LYS B 215 -8.93 15.31 31.34
N GLU B 216 -9.96 15.67 30.56
CA GLU B 216 -11.25 16.10 31.11
C GLU B 216 -11.87 15.03 31.98
N LYS B 217 -12.10 13.85 31.41
CA LYS B 217 -12.97 12.87 32.06
C LYS B 217 -12.26 11.85 32.92
N LEU B 218 -10.93 11.80 32.92
CA LEU B 218 -10.23 10.75 33.66
C LEU B 218 -9.26 11.24 34.70
N CYS B 219 -8.48 12.29 34.40
CA CYS B 219 -7.33 12.63 35.23
C CYS B 219 -7.76 13.28 36.54
N TYR B 220 -7.38 12.66 37.65
CA TYR B 220 -7.52 13.21 38.97
C TYR B 220 -6.13 13.39 39.56
N VAL B 221 -6.04 14.04 40.71
CA VAL B 221 -4.77 14.31 41.36
C VAL B 221 -4.77 13.62 42.73
N ALA B 222 -3.71 12.89 43.02
CA ALA B 222 -3.63 12.13 44.25
C ALA B 222 -3.30 13.03 45.42
N LEU B 223 -3.79 12.64 46.60
CA LEU B 223 -3.48 13.38 47.81
C LEU B 223 -2.02 13.17 48.20
N ASP B 224 -1.57 11.93 48.18
CA ASP B 224 -0.16 11.59 48.37
C ASP B 224 0.29 10.87 47.10
N PHE B 225 1.43 11.27 46.56
CA PHE B 225 1.84 10.80 45.25
C PHE B 225 2.62 9.49 45.30
N GLU B 226 3.44 9.28 46.33
CA GLU B 226 4.33 8.14 46.37
C GLU B 226 3.57 6.84 46.61
N ASN B 227 2.70 6.80 47.61
CA ASN B 227 1.96 5.58 47.85
C ASN B 227 0.90 5.32 46.78
N GLU B 228 0.36 6.37 46.16
CA GLU B 228 -0.56 6.16 45.05
C GLU B 228 0.17 5.62 43.83
N MET B 229 1.41 6.06 43.61
CA MET B 229 2.25 5.44 42.59
C MET B 229 2.56 3.99 42.93
N ALA B 230 2.74 3.69 44.22
CA ALA B 230 3.05 2.33 44.65
C ALA B 230 1.87 1.39 44.44
N THR B 231 0.65 1.83 44.75
CA THR B 231 -0.52 0.98 44.55
C THR B 231 -0.89 0.82 43.08
N ALA B 232 -0.37 1.66 42.19
CA ALA B 232 -0.57 1.43 40.77
C ALA B 232 0.32 0.32 40.22
N ALA B 233 1.35 -0.09 40.97
CA ALA B 233 2.14 -1.25 40.57
C ALA B 233 1.34 -2.53 40.74
N SER B 234 0.61 -2.66 41.85
CA SER B 234 -0.39 -3.71 42.01
C SER B 234 -1.66 -3.24 41.30
N SER B 235 -1.63 -3.37 39.97
CA SER B 235 -2.63 -2.74 39.11
C SER B 235 -3.98 -3.46 39.19
N SER B 236 -4.82 -3.02 40.09
CA SER B 236 -6.09 -3.70 40.31
C SER B 236 -7.30 -2.78 40.20
N SER B 237 -7.19 -1.53 40.65
CA SER B 237 -8.36 -0.67 40.74
C SER B 237 -8.16 0.73 40.18
N LEU B 238 -6.97 1.06 39.69
CA LEU B 238 -6.71 2.40 39.20
C LEU B 238 -6.80 2.53 37.70
N GLU B 239 -6.92 1.41 36.98
CA GLU B 239 -7.08 1.48 35.53
C GLU B 239 -8.48 1.99 35.21
N LYS B 240 -8.58 2.69 34.08
CA LYS B 240 -9.89 3.13 33.61
C LYS B 240 -9.88 3.12 32.10
N SER B 241 -11.01 2.73 31.51
CA SER B 241 -11.15 2.62 30.07
C SER B 241 -11.89 3.82 29.52
N TYR B 242 -11.35 4.38 28.45
CA TYR B 242 -11.96 5.51 27.76
C TYR B 242 -12.12 5.16 26.29
N GLU B 243 -13.28 5.48 25.73
CA GLU B 243 -13.55 5.15 24.33
C GLU B 243 -13.15 6.32 23.43
N LEU B 244 -12.49 6.00 22.34
CA LEU B 244 -12.03 6.99 21.39
C LEU B 244 -13.16 7.35 20.45
N PRO B 245 -13.01 8.42 19.65
CA PRO B 245 -13.99 8.66 18.58
C PRO B 245 -14.00 7.60 17.50
N ASP B 246 -12.93 6.82 17.34
CA ASP B 246 -12.96 5.78 16.32
C ASP B 246 -13.68 4.52 16.79
N GLY B 247 -13.63 4.23 18.08
CA GLY B 247 -14.20 3.04 18.65
C GLY B 247 -13.23 2.22 19.49
N GLN B 248 -11.94 2.46 19.37
CA GLN B 248 -10.97 1.72 20.17
C GLN B 248 -11.00 2.21 21.61
N VAL B 249 -11.00 1.30 22.54
CA VAL B 249 -10.94 1.66 23.95
C VAL B 249 -9.48 1.71 24.37
N ILE B 250 -9.18 2.55 25.35
CA ILE B 250 -7.84 2.64 25.91
C ILE B 250 -7.94 2.48 27.41
N THR B 251 -6.92 1.83 27.98
CA THR B 251 -6.82 1.63 29.42
C THR B 251 -5.72 2.53 29.96
N ILE B 252 -5.99 3.19 31.07
CA ILE B 252 -5.07 4.16 31.64
C ILE B 252 -4.84 3.81 33.11
N GLY B 253 -3.57 3.69 33.49
CA GLY B 253 -3.21 3.35 34.85
C GLY B 253 -2.65 4.53 35.63
N ASN B 254 -1.34 4.58 35.81
CA ASN B 254 -0.73 5.66 36.58
C ASN B 254 -0.71 6.97 35.81
N GLU B 255 -0.86 6.93 34.48
CA GLU B 255 -0.99 8.14 33.67
C GLU B 255 -2.22 8.95 34.03
N ARG B 256 -3.18 8.34 34.72
CA ARG B 256 -4.34 9.05 35.22
C ARG B 256 -3.97 10.09 36.28
N PHE B 257 -2.90 9.86 37.05
CA PHE B 257 -2.54 10.85 38.06
C PHE B 257 -1.12 11.39 37.93
N ARG B 258 -0.33 10.92 36.97
CA ARG B 258 0.94 11.58 36.71
C ARG B 258 0.76 12.86 35.92
N CYS B 259 -0.40 13.06 35.30
CA CYS B 259 -0.60 14.28 34.51
C CYS B 259 -0.87 15.52 35.37
N PRO B 260 -1.74 15.51 36.39
CA PRO B 260 -1.86 16.71 37.22
C PRO B 260 -0.72 16.89 38.20
N GLU B 261 0.10 15.87 38.44
CA GLU B 261 1.23 15.99 39.35
C GLU B 261 2.31 16.93 38.82
N THR B 262 2.28 17.24 37.52
CA THR B 262 3.14 18.26 36.96
C THR B 262 2.84 19.64 37.56
N LEU B 263 1.60 19.85 38.01
CA LEU B 263 1.25 21.10 38.67
C LEU B 263 1.97 21.27 40.00
N PHE B 264 2.34 20.17 40.65
CA PHE B 264 3.02 20.23 41.94
C PHE B 264 4.47 19.81 41.86
N GLN B 265 4.92 19.30 40.72
CA GLN B 265 6.33 19.00 40.49
C GLN B 265 6.63 19.34 39.05
N PRO B 266 7.00 20.58 38.76
CA PRO B 266 7.26 20.97 37.36
C PRO B 266 8.59 20.47 36.82
N SER B 267 9.35 19.71 37.59
CA SER B 267 10.56 19.07 37.08
C SER B 267 10.27 17.86 36.22
N PHE B 268 9.00 17.43 36.13
CA PHE B 268 8.66 16.32 35.25
C PHE B 268 8.75 16.74 33.79
N ILE B 269 8.34 17.95 33.46
CA ILE B 269 8.49 18.47 32.12
C ILE B 269 9.72 19.37 31.99
N GLY B 270 10.63 19.30 32.95
CA GLY B 270 11.90 19.99 32.84
C GLY B 270 11.87 21.45 33.22
N MET B 271 10.75 21.96 33.72
CA MET B 271 10.65 23.37 34.06
C MET B 271 11.36 23.62 35.38
N GLU B 272 12.37 24.48 35.35
CA GLU B 272 12.97 24.93 36.60
C GLU B 272 12.05 25.95 37.24
N SER B 273 11.18 25.47 38.13
CA SER B 273 10.27 26.34 38.86
C SER B 273 9.85 25.59 40.11
N ALA B 274 8.86 26.14 40.79
CA ALA B 274 8.21 25.47 41.90
C ALA B 274 6.77 25.15 41.50
N GLY B 275 6.22 24.13 42.13
CA GLY B 275 4.84 23.75 41.89
C GLY B 275 3.89 24.79 42.43
N ILE B 276 2.62 24.63 42.07
CA ILE B 276 1.63 25.64 42.44
C ILE B 276 1.30 25.64 43.93
N HIS B 277 1.77 24.64 44.66
CA HIS B 277 1.70 24.71 46.11
C HIS B 277 2.85 25.50 46.69
N GLU B 278 4.01 25.49 46.03
CA GLU B 278 5.19 26.13 46.59
C GLU B 278 5.33 27.56 46.12
N THR B 279 4.86 27.90 44.92
CA THR B 279 4.88 29.31 44.55
C THR B 279 3.79 30.09 45.26
N THR B 280 2.76 29.43 45.78
CA THR B 280 1.75 30.13 46.57
C THR B 280 2.32 30.56 47.91
N TYR B 281 2.95 29.63 48.62
CA TYR B 281 3.62 29.99 49.87
C TYR B 281 4.82 30.89 49.61
N ASN B 282 5.44 30.77 48.45
CA ASN B 282 6.52 31.68 48.09
C ASN B 282 6.00 33.08 47.80
N SER B 283 4.77 33.20 47.31
CA SER B 283 4.21 34.50 46.97
C SER B 283 3.57 35.17 48.17
N ILE B 284 3.01 34.39 49.09
CA ILE B 284 2.50 34.97 50.34
C ILE B 284 3.65 35.50 51.17
N MET B 285 4.79 34.82 51.17
CA MET B 285 5.94 35.29 51.91
C MET B 285 6.61 36.51 51.28
N LYS B 286 6.29 36.84 50.04
CA LYS B 286 6.73 38.11 49.49
C LYS B 286 5.91 39.29 50.01
N CYS B 287 4.74 39.02 50.61
CA CYS B 287 3.89 40.07 51.14
C CYS B 287 4.37 40.48 52.52
N ASP B 288 3.58 41.34 53.16
CA ASP B 288 3.94 41.86 54.47
C ASP B 288 3.37 40.95 55.55
N ILE B 289 3.97 41.05 56.74
CA ILE B 289 3.70 40.08 57.80
C ILE B 289 2.35 40.31 58.45
N ASP B 290 1.73 41.47 58.25
CA ASP B 290 0.45 41.73 58.89
C ASP B 290 -0.72 41.11 58.14
N ILE B 291 -0.71 41.19 56.81
CA ILE B 291 -1.81 40.66 56.01
C ILE B 291 -1.65 39.19 55.70
N ARG B 292 -0.63 38.54 56.25
CA ARG B 292 -0.31 37.17 55.88
C ARG B 292 -1.35 36.20 56.45
N LYS B 293 -1.93 36.53 57.60
CA LYS B 293 -2.98 35.71 58.20
C LYS B 293 -4.23 35.67 57.34
N ASP B 294 -4.63 36.81 56.79
CA ASP B 294 -5.84 36.83 55.98
C ASP B 294 -5.59 36.21 54.62
N LEU B 295 -4.36 36.28 54.12
CA LEU B 295 -4.06 35.69 52.83
C LEU B 295 -3.94 34.17 52.93
N TYR B 296 -3.50 33.66 54.10
CA TYR B 296 -3.45 32.22 54.28
C TYR B 296 -4.83 31.60 54.32
N ALA B 297 -5.81 32.32 54.87
CA ALA B 297 -7.13 31.77 55.12
C ALA B 297 -8.12 32.04 54.00
N ASN B 298 -7.69 32.69 52.92
CA ASN B 298 -8.59 33.02 51.81
C ASN B 298 -7.84 32.68 50.53
N ASN B 299 -7.98 31.44 50.06
CA ASN B 299 -7.24 30.99 48.89
C ASN B 299 -8.24 30.57 47.82
N VAL B 300 -8.66 31.52 46.99
CA VAL B 300 -9.57 31.18 45.91
C VAL B 300 -8.80 30.49 44.79
N MET B 301 -9.54 29.79 43.94
CA MET B 301 -8.94 29.04 42.85
C MET B 301 -9.87 29.18 41.65
N SER B 302 -9.54 30.07 40.73
CA SER B 302 -10.30 30.16 39.49
C SER B 302 -9.61 29.29 38.45
N GLY B 303 -10.04 29.42 37.20
CA GLY B 303 -9.39 28.70 36.12
C GLY B 303 -9.81 27.25 36.04
N GLY B 304 -9.82 26.71 34.81
CA GLY B 304 -10.28 25.35 34.63
C GLY B 304 -9.32 24.29 35.10
N THR B 305 -8.03 24.61 35.20
CA THR B 305 -7.05 23.61 35.60
C THR B 305 -7.10 23.36 37.11
N THR B 306 -7.84 24.17 37.86
CA THR B 306 -8.16 23.84 39.24
C THR B 306 -9.51 23.14 39.36
N MET B 307 -9.92 22.41 38.32
CA MET B 307 -11.14 21.61 38.40
C MET B 307 -10.84 20.12 38.35
N TYR B 308 -9.63 19.72 38.69
CA TYR B 308 -9.34 18.31 38.85
C TYR B 308 -10.00 17.78 40.10
N PRO B 309 -10.42 16.53 40.11
CA PRO B 309 -11.02 15.97 41.33
C PRO B 309 -9.98 15.77 42.41
N GLY B 310 -10.01 16.63 43.41
CA GLY B 310 -9.13 16.53 44.54
C GLY B 310 -7.96 17.49 44.59
N ILE B 311 -8.02 18.60 43.84
CA ILE B 311 -6.90 19.54 43.87
C ILE B 311 -6.97 20.44 45.10
N ALA B 312 -8.16 20.63 45.68
CA ALA B 312 -8.28 21.45 46.87
C ALA B 312 -7.67 20.75 48.08
N ASP B 313 -7.87 19.44 48.18
CA ASP B 313 -7.32 18.67 49.30
C ASP B 313 -5.80 18.63 49.24
N ARG B 314 -5.23 18.42 48.06
CA ARG B 314 -3.77 18.39 47.96
C ARG B 314 -3.18 19.78 48.11
N MET B 315 -3.90 20.81 47.67
CA MET B 315 -3.41 22.18 47.85
C MET B 315 -3.36 22.55 49.32
N GLN B 316 -4.40 22.17 50.07
CA GLN B 316 -4.42 22.43 51.51
C GLN B 316 -3.35 21.62 52.23
N LYS B 317 -3.21 20.34 51.88
CA LYS B 317 -2.24 19.47 52.55
C LYS B 317 -0.81 19.89 52.21
N GLU B 318 -0.59 20.44 51.02
CA GLU B 318 0.76 20.80 50.60
C GLU B 318 1.13 22.20 51.04
N ILE B 319 0.17 23.09 51.29
CA ILE B 319 0.50 24.36 51.92
C ILE B 319 0.74 24.16 53.41
N THR B 320 -0.11 23.36 54.07
CA THR B 320 -0.03 23.26 55.52
C THR B 320 1.22 22.53 56.02
N ALA B 321 2.01 21.92 55.14
CA ALA B 321 3.33 21.46 55.50
C ALA B 321 4.38 22.54 55.37
N LEU B 322 4.06 23.64 54.68
CA LEU B 322 4.98 24.76 54.51
C LEU B 322 4.66 25.93 55.41
N ALA B 323 3.38 26.20 55.63
CA ALA B 323 2.97 27.30 56.48
C ALA B 323 3.21 26.96 57.95
N PRO B 324 3.29 27.96 58.83
CA PRO B 324 3.29 27.67 60.26
C PRO B 324 1.99 27.04 60.70
N SER B 325 2.10 26.06 61.60
CA SER B 325 1.01 25.16 61.94
C SER B 325 0.08 25.70 63.01
N THR B 326 0.04 27.00 63.25
CA THR B 326 -0.77 27.54 64.32
C THR B 326 -2.00 28.30 63.82
N MET B 327 -2.23 28.36 62.52
CA MET B 327 -3.47 28.94 62.00
C MET B 327 -3.81 28.26 60.69
N LYS B 328 -5.11 28.15 60.41
CA LYS B 328 -5.56 27.19 59.41
C LYS B 328 -5.44 27.74 58.01
N ILE B 329 -5.37 26.82 57.05
CA ILE B 329 -5.40 27.13 55.62
C ILE B 329 -6.73 26.65 55.08
N LYS B 330 -7.41 27.50 54.31
CA LYS B 330 -8.71 27.17 53.74
C LYS B 330 -8.67 27.44 52.25
N ILE B 331 -8.43 26.40 51.46
CA ILE B 331 -8.45 26.54 50.01
C ILE B 331 -9.89 26.59 49.57
N ILE B 332 -10.45 27.78 49.42
CA ILE B 332 -11.85 27.90 49.03
C ILE B 332 -11.97 27.65 47.54
N ALA B 333 -12.67 26.58 47.18
CA ALA B 333 -12.80 26.15 45.80
C ALA B 333 -14.27 26.22 45.41
N PRO B 334 -14.70 27.27 44.72
CA PRO B 334 -16.11 27.37 44.35
C PRO B 334 -16.43 26.39 43.24
N PRO B 335 -17.66 25.88 43.18
CA PRO B 335 -17.99 24.83 42.21
C PRO B 335 -18.16 25.30 40.79
N GLU B 336 -18.33 26.59 40.53
CA GLU B 336 -18.51 27.11 39.19
C GLU B 336 -17.24 27.76 38.65
N ARG B 337 -16.09 27.41 39.25
CA ARG B 337 -14.86 28.20 39.13
C ARG B 337 -14.30 28.26 37.72
N LYS B 338 -14.66 27.34 36.84
CA LYS B 338 -14.19 27.38 35.45
C LYS B 338 -14.66 28.65 34.75
N TYR B 339 -15.88 29.08 35.03
CA TYR B 339 -16.38 30.33 34.49
C TYR B 339 -16.15 31.50 35.41
N SER B 340 -15.31 31.36 36.43
CA SER B 340 -15.23 32.35 37.51
C SER B 340 -14.70 33.68 37.00
N VAL B 341 -13.71 33.65 36.11
CA VAL B 341 -13.17 34.86 35.50
C VAL B 341 -14.23 35.59 34.71
N TRP B 342 -15.18 34.85 34.14
CA TRP B 342 -16.29 35.51 33.47
C TRP B 342 -17.23 36.16 34.47
N ILE B 343 -17.48 35.51 35.60
CA ILE B 343 -18.55 35.94 36.50
C ILE B 343 -18.24 37.29 37.11
N GLY B 344 -17.00 37.47 37.58
CA GLY B 344 -16.57 38.77 38.03
C GLY B 344 -16.56 39.80 36.92
N GLY B 345 -16.31 39.37 35.69
CA GLY B 345 -16.46 40.27 34.56
C GLY B 345 -17.89 40.70 34.35
N SER B 346 -18.84 39.84 34.70
CA SER B 346 -20.23 40.24 34.67
C SER B 346 -20.57 41.15 35.84
N ILE B 347 -19.77 41.14 36.91
CA ILE B 347 -20.02 42.03 38.03
C ILE B 347 -19.48 43.42 37.73
N LEU B 348 -18.17 43.49 37.45
CA LEU B 348 -17.47 44.77 37.37
C LEU B 348 -17.98 45.62 36.22
N ALA B 349 -18.39 45.00 35.12
CA ALA B 349 -18.93 45.78 34.01
C ALA B 349 -20.33 46.29 34.32
N SER B 350 -21.08 45.60 35.16
CA SER B 350 -22.44 46.03 35.47
C SER B 350 -22.52 46.85 36.75
N LEU B 351 -21.38 47.15 37.36
CA LEU B 351 -21.37 47.89 38.61
C LEU B 351 -21.60 49.37 38.33
N SER B 352 -22.38 50.01 39.21
CA SER B 352 -22.84 51.38 38.97
C SER B 352 -21.73 52.40 39.10
N THR B 353 -20.76 52.16 39.97
CA THR B 353 -19.67 53.11 40.17
C THR B 353 -18.51 52.90 39.19
N PHE B 354 -18.71 52.11 38.14
CA PHE B 354 -17.64 51.81 37.20
C PHE B 354 -17.70 52.68 35.95
N GLN B 355 -18.87 53.19 35.58
CA GLN B 355 -19.11 53.75 34.25
C GLN B 355 -18.32 55.00 33.92
N GLN B 356 -17.63 55.61 34.89
CA GLN B 356 -16.64 56.63 34.58
C GLN B 356 -15.22 56.11 34.68
N MET B 357 -15.00 54.84 34.35
CA MET B 357 -13.66 54.28 34.32
C MET B 357 -13.49 53.35 33.13
N TRP B 358 -14.26 53.58 32.07
CA TRP B 358 -14.05 52.93 30.79
C TRP B 358 -12.95 53.67 30.04
N ILE B 359 -12.73 53.31 28.78
CA ILE B 359 -11.87 54.06 27.88
C ILE B 359 -12.74 54.45 26.69
N THR B 360 -13.26 55.68 26.69
CA THR B 360 -14.12 56.11 25.62
C THR B 360 -13.32 56.35 24.33
N LYS B 361 -14.04 56.36 23.21
CA LYS B 361 -13.39 56.54 21.91
C LYS B 361 -12.84 57.95 21.77
N GLN B 362 -13.52 58.94 22.36
CA GLN B 362 -13.01 60.30 22.35
C GLN B 362 -11.79 60.48 23.24
N GLU B 363 -11.57 59.56 24.19
CA GLU B 363 -10.36 59.58 25.00
C GLU B 363 -9.20 58.85 24.34
N TYR B 364 -9.48 58.04 23.32
CA TYR B 364 -8.47 57.22 22.67
C TYR B 364 -7.83 57.92 21.48
N ASP B 365 -8.63 58.63 20.68
CA ASP B 365 -8.14 59.19 19.43
C ASP B 365 -7.20 60.37 19.63
N GLU B 366 -7.27 61.04 20.77
CA GLU B 366 -6.36 62.15 21.04
C GLU B 366 -5.08 61.69 21.70
N ALA B 367 -5.11 60.57 22.41
CA ALA B 367 -3.94 60.07 23.14
C ALA B 367 -3.33 58.83 22.52
N GLY B 368 -3.92 58.28 21.46
CA GLY B 368 -3.40 57.09 20.84
C GLY B 368 -3.67 55.85 21.66
N PRO B 369 -3.03 54.73 21.29
CA PRO B 369 -3.25 53.48 22.02
C PRO B 369 -2.48 53.39 23.33
N SER B 370 -1.68 54.40 23.68
CA SER B 370 -0.94 54.41 24.92
C SER B 370 -1.79 54.82 26.12
N ILE B 371 -3.07 55.13 25.91
CA ILE B 371 -3.98 55.48 26.99
C ILE B 371 -4.34 54.28 27.86
N VAL B 372 -4.12 53.06 27.37
CA VAL B 372 -4.56 51.87 28.10
C VAL B 372 -3.64 51.53 29.26
N HIS B 373 -2.43 52.09 29.29
CA HIS B 373 -1.53 51.78 30.40
C HIS B 373 -1.82 52.64 31.61
N ARG B 374 -2.20 53.91 31.42
CA ARG B 374 -2.48 54.80 32.54
C ARG B 374 -3.95 54.79 32.92
N LYS B 375 -4.67 53.75 32.55
CA LYS B 375 -6.06 53.58 32.92
C LYS B 375 -6.34 52.26 33.63
N CYS B 376 -5.64 51.19 33.30
CA CYS B 376 -5.98 49.85 33.75
C CYS B 376 -5.04 49.33 34.83
N PHE B 377 -3.75 49.61 34.70
CA PHE B 377 -2.77 49.14 35.66
C PHE B 377 -1.55 50.06 35.64
N GLU C 6 -27.80 27.04 -22.63
CA GLU C 6 -28.73 26.32 -23.50
C GLU C 6 -28.02 25.09 -24.06
N THR C 7 -26.70 25.17 -24.20
CA THR C 7 -25.91 24.01 -24.58
C THR C 7 -25.83 23.03 -23.41
N THR C 8 -25.61 21.76 -23.74
CA THR C 8 -25.42 20.73 -22.75
C THR C 8 -24.00 20.22 -22.80
N ALA C 9 -23.61 19.47 -21.77
CA ALA C 9 -22.27 18.90 -21.68
C ALA C 9 -22.36 17.41 -21.93
N LEU C 10 -21.33 16.87 -22.58
CA LEU C 10 -21.24 15.45 -22.84
C LEU C 10 -20.45 14.79 -21.73
N VAL C 11 -20.91 13.63 -21.27
CA VAL C 11 -20.12 12.86 -20.32
C VAL C 11 -19.92 11.47 -20.91
N CYS C 12 -18.72 10.94 -20.71
CA CYS C 12 -18.28 9.69 -21.33
C CYS C 12 -17.38 8.98 -20.33
N ASP C 13 -17.96 8.04 -19.58
CA ASP C 13 -17.17 7.17 -18.73
C ASP C 13 -16.56 6.09 -19.62
N ASN C 14 -15.26 6.21 -19.88
CA ASN C 14 -14.52 5.26 -20.70
C ASN C 14 -13.96 4.19 -19.77
N GLY C 15 -14.81 3.25 -19.42
CA GLY C 15 -14.41 2.19 -18.52
C GLY C 15 -13.54 1.16 -19.21
N SER C 16 -13.15 0.16 -18.43
CA SER C 16 -12.31 -0.90 -18.97
C SER C 16 -13.12 -1.99 -19.65
N GLY C 17 -14.41 -2.07 -19.40
CA GLY C 17 -15.21 -3.11 -20.01
C GLY C 17 -16.51 -2.63 -20.62
N LEU C 18 -16.90 -1.40 -20.32
CA LEU C 18 -18.18 -0.87 -20.79
C LEU C 18 -18.05 0.63 -20.91
N VAL C 19 -18.02 1.14 -22.14
CA VAL C 19 -18.07 2.58 -22.36
C VAL C 19 -19.51 3.02 -22.19
N LYS C 20 -19.73 3.99 -21.30
CA LYS C 20 -21.04 4.58 -21.09
C LYS C 20 -20.95 6.06 -21.42
N ALA C 21 -22.00 6.60 -22.03
CA ALA C 21 -21.94 7.99 -22.49
C ALA C 21 -23.33 8.56 -22.60
N GLY C 22 -23.42 9.86 -22.37
CA GLY C 22 -24.68 10.55 -22.50
C GLY C 22 -24.51 12.03 -22.30
N PHE C 23 -25.63 12.70 -22.06
CA PHE C 23 -25.65 14.14 -21.86
C PHE C 23 -25.73 14.48 -20.38
N ALA C 24 -25.18 15.62 -20.01
CA ALA C 24 -25.25 16.08 -18.64
C ALA C 24 -26.67 16.50 -18.31
N GLY C 25 -26.97 16.48 -17.00
CA GLY C 25 -28.29 16.77 -16.52
C GLY C 25 -29.28 15.64 -16.65
N ASP C 26 -28.92 14.57 -17.35
CA ASP C 26 -29.82 13.45 -17.53
C ASP C 26 -29.70 12.49 -16.35
N ASP C 27 -30.51 11.45 -16.39
CA ASP C 27 -30.61 10.49 -15.31
C ASP C 27 -30.20 9.08 -15.71
N ALA C 28 -29.80 8.87 -16.95
CA ALA C 28 -29.42 7.55 -17.43
C ALA C 28 -28.54 7.73 -18.65
N PRO C 29 -27.55 6.87 -18.85
CA PRO C 29 -26.73 6.98 -20.06
C PRO C 29 -27.50 6.55 -21.29
N ARG C 30 -27.32 7.30 -22.38
CA ARG C 30 -28.00 6.96 -23.62
C ARG C 30 -27.29 5.82 -24.34
N ALA C 31 -25.96 5.86 -24.36
CA ALA C 31 -25.20 4.82 -25.02
C ALA C 31 -24.40 4.02 -23.99
N VAL C 32 -24.59 2.71 -23.98
CA VAL C 32 -23.70 1.85 -23.22
C VAL C 32 -23.34 0.64 -24.09
N PHE C 33 -22.04 0.39 -24.24
CA PHE C 33 -21.62 -0.69 -25.12
C PHE C 33 -20.25 -1.16 -24.67
N PRO C 34 -19.92 -2.43 -24.87
CA PRO C 34 -18.61 -2.91 -24.45
C PRO C 34 -17.49 -2.34 -25.31
N SER C 35 -16.41 -1.94 -24.65
CA SER C 35 -15.30 -1.27 -25.31
C SER C 35 -14.35 -2.31 -25.90
N ILE C 36 -14.82 -2.94 -26.97
CA ILE C 36 -14.07 -4.00 -27.63
C ILE C 36 -13.75 -3.54 -29.04
N VAL C 37 -12.54 -3.83 -29.51
CA VAL C 37 -12.18 -3.64 -30.90
C VAL C 37 -11.84 -5.00 -31.49
N GLY C 38 -12.53 -5.37 -32.56
CA GLY C 38 -12.37 -6.68 -33.17
C GLY C 38 -11.79 -6.57 -34.56
N ARG C 39 -10.73 -7.34 -34.79
CA ARG C 39 -10.18 -7.52 -36.12
C ARG C 39 -10.62 -8.87 -36.64
N PRO C 40 -11.04 -8.99 -37.90
CA PRO C 40 -11.30 -10.32 -38.45
C PRO C 40 -10.00 -11.08 -38.67
N ARG C 41 -10.10 -12.39 -38.54
CA ARG C 41 -8.91 -13.23 -38.55
C ARG C 41 -8.96 -14.36 -39.58
N HIS C 42 -9.97 -14.42 -40.41
CA HIS C 42 -10.11 -15.47 -41.41
C HIS C 42 -9.97 -14.89 -42.82
N GLN C 43 -10.25 -15.72 -43.81
CA GLN C 43 -9.91 -15.38 -45.19
C GLN C 43 -10.90 -14.39 -45.81
N GLY C 44 -12.19 -14.64 -45.66
CA GLY C 44 -13.16 -13.79 -46.32
C GLY C 44 -13.31 -14.10 -47.79
N VAL C 45 -13.87 -15.27 -48.10
CA VAL C 45 -13.96 -15.72 -49.48
C VAL C 45 -14.99 -14.95 -50.30
N MET C 46 -16.02 -14.39 -49.68
CA MET C 46 -16.97 -13.58 -50.43
C MET C 46 -16.31 -12.27 -50.86
N VAL C 47 -16.70 -11.79 -52.03
CA VAL C 47 -15.97 -10.68 -52.64
C VAL C 47 -16.34 -9.37 -51.97
N GLY C 48 -17.60 -9.23 -51.57
CA GLY C 48 -17.99 -8.23 -50.60
C GLY C 48 -17.75 -8.73 -49.19
N MET C 49 -18.02 -7.85 -48.23
CA MET C 49 -17.87 -8.10 -46.79
C MET C 49 -16.45 -8.56 -46.43
N GLY C 50 -15.46 -7.94 -47.06
CA GLY C 50 -14.06 -8.21 -46.75
C GLY C 50 -13.29 -6.93 -46.56
N GLN C 51 -13.94 -5.79 -46.80
CA GLN C 51 -13.31 -4.49 -46.66
C GLN C 51 -13.46 -3.89 -45.28
N LYS C 52 -14.42 -4.37 -44.49
CA LYS C 52 -14.62 -3.84 -43.15
C LYS C 52 -13.52 -4.35 -42.25
N ASP C 53 -12.57 -3.46 -41.92
CA ASP C 53 -11.31 -3.88 -41.33
C ASP C 53 -11.37 -3.99 -39.81
N SER C 54 -12.26 -3.23 -39.16
CA SER C 54 -12.34 -3.27 -37.71
C SER C 54 -13.78 -3.05 -37.26
N TYR C 55 -14.16 -3.69 -36.17
CA TYR C 55 -15.51 -3.58 -35.64
C TYR C 55 -15.42 -3.12 -34.19
N VAL C 56 -16.33 -2.25 -33.78
CA VAL C 56 -16.31 -1.70 -32.43
C VAL C 56 -17.70 -1.77 -31.81
N GLY C 57 -17.75 -2.02 -30.51
CA GLY C 57 -19.01 -1.99 -29.80
C GLY C 57 -19.90 -3.20 -29.99
N ASP C 58 -21.21 -2.97 -30.15
CA ASP C 58 -22.15 -4.08 -30.18
C ASP C 58 -22.12 -4.84 -31.50
N GLU C 59 -21.69 -4.21 -32.59
CA GLU C 59 -21.56 -4.95 -33.83
C GLU C 59 -20.35 -5.87 -33.82
N ALA C 60 -19.40 -5.65 -32.93
CA ALA C 60 -18.35 -6.64 -32.68
C ALA C 60 -18.81 -7.70 -31.69
N GLN C 61 -19.67 -7.31 -30.74
CA GLN C 61 -20.22 -8.26 -29.79
C GLN C 61 -21.19 -9.23 -30.46
N SER C 62 -21.83 -8.80 -31.56
CA SER C 62 -22.72 -9.69 -32.27
C SER C 62 -21.98 -10.67 -33.16
N LYS C 63 -20.81 -10.28 -33.66
CA LYS C 63 -20.08 -11.08 -34.63
C LYS C 63 -18.80 -11.68 -34.07
N ARG C 64 -18.75 -11.96 -32.76
CA ARG C 64 -17.49 -12.24 -32.09
C ARG C 64 -16.85 -13.56 -32.47
N GLY C 65 -17.53 -14.43 -33.22
CA GLY C 65 -16.94 -15.70 -33.58
C GLY C 65 -15.83 -15.61 -34.60
N ILE C 66 -15.81 -14.54 -35.39
CA ILE C 66 -14.85 -14.39 -36.47
C ILE C 66 -13.86 -13.27 -36.21
N LEU C 67 -13.82 -12.75 -34.98
CA LEU C 67 -12.96 -11.62 -34.68
C LEU C 67 -12.05 -11.96 -33.52
N THR C 68 -10.78 -11.58 -33.66
CA THR C 68 -9.94 -11.42 -32.49
C THR C 68 -10.41 -10.14 -31.78
N LEU C 69 -10.66 -10.26 -30.48
CA LEU C 69 -11.21 -9.16 -29.71
C LEU C 69 -10.15 -8.62 -28.77
N LYS C 70 -10.04 -7.30 -28.72
CA LYS C 70 -9.05 -6.67 -27.87
C LYS C 70 -9.69 -5.54 -27.10
N TYR C 71 -9.46 -5.52 -25.83
CA TYR C 71 -9.81 -4.34 -25.06
C TYR C 71 -8.63 -3.38 -25.10
N PRO C 72 -8.84 -2.12 -25.49
CA PRO C 72 -7.72 -1.17 -25.48
C PRO C 72 -7.36 -0.71 -24.08
N ILE C 73 -8.21 -0.92 -23.09
CA ILE C 73 -7.96 -0.50 -21.73
C ILE C 73 -7.78 -1.73 -20.87
N GLU C 74 -6.61 -1.89 -20.28
CA GLU C 74 -6.38 -2.98 -19.37
C GLU C 74 -5.78 -2.44 -18.09
N HIC C 75 -6.47 -2.72 -16.97
CA HIC C 75 -6.15 -2.24 -15.64
C HIC C 75 -6.09 -0.72 -15.59
O HIC C 75 -5.16 -0.10 -15.09
CB HIC C 75 -4.82 -2.71 -15.04
CG HIC C 75 -4.57 -4.14 -15.26
ND1 HIC C 75 -5.56 -5.14 -15.23
CD2 HIC C 75 -3.31 -4.71 -15.50
CE1 HIC C 75 -4.90 -6.29 -15.46
NE2 HIC C 75 -3.52 -6.08 -15.64
CZ HIC C 75 -2.54 -7.07 -15.90
N GLY C 76 -7.12 -0.10 -16.15
CA GLY C 76 -7.24 1.34 -16.08
C GLY C 76 -6.44 2.14 -17.09
N ILE C 77 -5.19 1.75 -17.34
CA ILE C 77 -4.37 2.45 -18.31
C ILE C 77 -4.81 2.07 -19.71
N ILE C 78 -4.37 2.86 -20.69
CA ILE C 78 -4.72 2.65 -22.09
C ILE C 78 -3.48 2.20 -22.83
N THR C 79 -3.54 1.01 -23.41
CA THR C 79 -2.38 0.42 -24.06
C THR C 79 -2.43 0.50 -25.57
N ASN C 80 -3.52 1.01 -26.14
CA ASN C 80 -3.64 1.06 -27.60
C ASN C 80 -4.45 2.31 -27.95
N TRP C 81 -3.75 3.37 -28.33
CA TRP C 81 -4.43 4.64 -28.59
C TRP C 81 -5.18 4.61 -29.91
N ASP C 82 -4.67 3.87 -30.89
CA ASP C 82 -5.31 3.80 -32.19
C ASP C 82 -6.64 3.06 -32.14
N ASP C 83 -6.85 2.23 -31.12
CA ASP C 83 -8.16 1.63 -30.90
C ASP C 83 -9.03 2.47 -30.00
N MET C 84 -8.42 3.24 -29.09
CA MET C 84 -9.22 4.07 -28.20
C MET C 84 -9.83 5.25 -28.95
N GLU C 85 -9.13 5.79 -29.93
CA GLU C 85 -9.74 6.84 -30.74
C GLU C 85 -10.83 6.27 -31.64
N LYS C 86 -10.71 5.00 -32.03
CA LYS C 86 -11.79 4.34 -32.75
C LYS C 86 -13.03 4.19 -31.87
N ILE C 87 -12.83 3.85 -30.60
CA ILE C 87 -13.95 3.67 -29.69
C ILE C 87 -14.62 5.01 -29.39
N TRP C 88 -13.82 6.07 -29.21
CA TRP C 88 -14.41 7.38 -28.98
C TRP C 88 -15.11 7.91 -30.23
N HIS C 89 -14.55 7.65 -31.41
CA HIS C 89 -15.19 8.05 -32.65
C HIS C 89 -16.50 7.31 -32.86
N HIS C 90 -16.56 6.05 -32.43
CA HIS C 90 -17.83 5.33 -32.46
C HIS C 90 -18.79 5.87 -31.40
N THR C 91 -18.25 6.38 -30.30
CA THR C 91 -19.10 6.84 -29.21
C THR C 91 -19.81 8.13 -29.57
N PHE C 92 -19.08 9.11 -30.10
CA PHE C 92 -19.68 10.41 -30.36
C PHE C 92 -20.55 10.39 -31.59
N TYR C 93 -20.00 9.96 -32.72
CA TYR C 93 -20.74 10.04 -33.98
C TYR C 93 -21.71 8.89 -34.14
N ASN C 94 -21.24 7.65 -33.99
CA ASN C 94 -22.04 6.51 -34.42
C ASN C 94 -23.16 6.14 -33.47
N GLU C 95 -23.09 6.51 -32.19
CA GLU C 95 -24.13 6.11 -31.26
C GLU C 95 -24.77 7.27 -30.51
N LEU C 96 -24.01 8.30 -30.17
CA LEU C 96 -24.62 9.48 -29.58
C LEU C 96 -25.15 10.45 -30.62
N ARG C 97 -24.56 10.44 -31.82
CA ARG C 97 -24.99 11.23 -32.98
C ARG C 97 -24.96 12.73 -32.68
N VAL C 98 -23.88 13.16 -32.03
CA VAL C 98 -23.65 14.58 -31.79
C VAL C 98 -22.27 14.95 -32.31
N ALA C 99 -22.10 16.22 -32.58
CA ALA C 99 -20.74 16.62 -32.93
C ALA C 99 -19.99 16.98 -31.65
N PRO C 100 -18.69 16.65 -31.56
CA PRO C 100 -17.94 17.01 -30.36
C PRO C 100 -17.64 18.50 -30.27
N GLU C 101 -17.64 19.23 -31.38
CA GLU C 101 -17.31 20.64 -31.35
C GLU C 101 -18.41 21.51 -30.75
N GLU C 102 -19.61 20.98 -30.56
CA GLU C 102 -20.71 21.74 -30.00
C GLU C 102 -20.93 21.47 -28.51
N HIS C 103 -20.35 20.41 -27.98
CA HIS C 103 -20.58 20.09 -26.58
C HIS C 103 -19.27 19.91 -25.84
N PRO C 104 -19.14 20.44 -24.63
CA PRO C 104 -17.98 20.13 -23.81
C PRO C 104 -18.09 18.73 -23.24
N THR C 105 -16.93 18.11 -23.00
CA THR C 105 -16.90 16.71 -22.62
C THR C 105 -16.21 16.48 -21.27
N LEU C 106 -16.66 15.42 -20.62
CA LEU C 106 -16.19 15.04 -19.29
C LEU C 106 -15.84 13.56 -19.32
N LEU C 107 -14.58 13.25 -19.07
CA LEU C 107 -14.08 11.90 -19.09
C LEU C 107 -13.73 11.44 -17.67
N THR C 108 -13.48 10.15 -17.56
CA THR C 108 -13.36 9.50 -16.27
C THR C 108 -12.03 8.77 -16.19
N GLU C 109 -11.36 8.87 -15.05
CA GLU C 109 -10.03 8.33 -14.88
C GLU C 109 -9.93 7.69 -13.50
N ALA C 110 -9.39 6.48 -13.46
CA ALA C 110 -9.12 5.85 -12.18
C ALA C 110 -7.95 6.56 -11.49
N PRO C 111 -7.98 6.68 -10.17
CA PRO C 111 -6.90 7.36 -9.47
C PRO C 111 -5.62 6.55 -9.48
N LEU C 112 -4.51 7.27 -9.25
CA LEU C 112 -3.15 6.73 -9.26
C LEU C 112 -2.81 6.08 -10.61
N ASN C 113 -3.30 6.67 -11.68
CA ASN C 113 -2.96 6.26 -13.04
C ASN C 113 -1.69 6.98 -13.49
N PRO C 114 -1.04 6.47 -14.54
CA PRO C 114 0.09 7.21 -15.12
C PRO C 114 -0.35 8.55 -15.69
N LYS C 115 0.53 9.54 -15.55
CA LYS C 115 0.24 10.87 -16.08
C LYS C 115 0.22 10.91 -17.60
N ALA C 116 0.98 10.03 -18.26
CA ALA C 116 0.99 10.00 -19.72
C ALA C 116 -0.34 9.56 -20.27
N ASN C 117 -1.08 8.74 -19.53
CA ASN C 117 -2.41 8.32 -19.93
C ASN C 117 -3.36 9.51 -20.02
N ARG C 118 -3.42 10.32 -18.95
CA ARG C 118 -4.27 11.51 -18.95
C ARG C 118 -3.79 12.55 -19.95
N GLU C 119 -2.47 12.66 -20.13
CA GLU C 119 -1.91 13.63 -21.07
C GLU C 119 -2.29 13.29 -22.51
N LYS C 120 -2.09 12.05 -22.92
CA LYS C 120 -2.48 11.66 -24.26
C LYS C 120 -4.00 11.64 -24.41
N MET C 121 -4.73 11.42 -23.32
CA MET C 121 -6.19 11.45 -23.39
C MET C 121 -6.69 12.86 -23.70
N THR C 122 -6.16 13.87 -23.01
CA THR C 122 -6.64 15.23 -23.32
C THR C 122 -6.05 15.74 -24.62
N GLN C 123 -4.88 15.25 -25.05
CA GLN C 123 -4.35 15.63 -26.35
C GLN C 123 -5.20 15.07 -27.48
N ILE C 124 -5.64 13.81 -27.34
CA ILE C 124 -6.55 13.22 -28.32
C ILE C 124 -7.90 13.92 -28.29
N MET C 125 -8.36 14.30 -27.10
CA MET C 125 -9.66 14.96 -27.01
C MET C 125 -9.63 16.36 -27.60
N PHE C 126 -8.47 17.04 -27.58
CA PHE C 126 -8.41 18.38 -28.16
C PHE C 126 -8.04 18.37 -29.63
N GLU C 127 -6.89 17.79 -29.97
CA GLU C 127 -6.36 17.91 -31.32
C GLU C 127 -6.91 16.89 -32.30
N THR C 128 -7.95 16.15 -31.95
CA THR C 128 -8.61 15.28 -32.92
C THR C 128 -10.09 15.53 -33.03
N PHE C 129 -10.78 15.72 -31.91
CA PHE C 129 -12.21 15.92 -31.94
C PHE C 129 -12.62 17.38 -31.79
N ASN C 130 -11.69 18.24 -31.36
CA ASN C 130 -11.87 19.70 -31.26
C ASN C 130 -13.05 20.07 -30.37
N VAL C 131 -13.02 19.57 -29.14
CA VAL C 131 -14.08 19.87 -28.18
C VAL C 131 -13.87 21.30 -27.71
N PRO C 132 -14.92 22.00 -27.25
CA PRO C 132 -14.71 23.35 -26.72
C PRO C 132 -13.95 23.32 -25.40
N ALA C 133 -14.30 22.37 -24.55
CA ALA C 133 -13.67 22.24 -23.25
C ALA C 133 -13.82 20.80 -22.78
N MET C 134 -12.87 20.34 -21.98
CA MET C 134 -12.92 18.99 -21.46
C MET C 134 -12.48 18.99 -20.00
N TYR C 135 -12.89 17.95 -19.29
CA TYR C 135 -12.47 17.77 -17.91
C TYR C 135 -12.38 16.29 -17.63
N VAL C 136 -11.32 15.86 -16.95
CA VAL C 136 -11.20 14.48 -16.52
C VAL C 136 -11.37 14.45 -15.01
N ALA C 137 -12.19 13.54 -14.53
CA ALA C 137 -12.48 13.45 -13.11
C ALA C 137 -12.14 12.07 -12.59
N ILE C 138 -11.88 12.00 -11.29
CA ILE C 138 -11.54 10.75 -10.63
C ILE C 138 -12.77 9.86 -10.60
N GLN C 139 -12.57 8.56 -10.90
CA GLN C 139 -13.67 7.61 -11.03
C GLN C 139 -14.43 7.38 -9.73
N ALA C 140 -13.80 7.66 -8.58
CA ALA C 140 -14.46 7.39 -7.30
C ALA C 140 -15.13 8.61 -6.70
N VAL C 141 -14.69 9.82 -7.04
CA VAL C 141 -15.29 10.99 -6.42
C VAL C 141 -16.67 11.27 -7.00
N LEU C 142 -16.95 10.76 -8.20
CA LEU C 142 -18.27 10.93 -8.80
C LEU C 142 -19.29 9.99 -8.20
N SER C 143 -18.85 8.87 -7.63
CA SER C 143 -19.78 7.94 -7.00
C SER C 143 -20.42 8.54 -5.76
N LEU C 144 -19.74 9.45 -5.07
CA LEU C 144 -20.36 10.12 -3.94
C LEU C 144 -21.38 11.15 -4.39
N TYR C 145 -21.16 11.78 -5.54
CA TYR C 145 -22.19 12.62 -6.14
C TYR C 145 -23.42 11.80 -6.45
N ALA C 146 -23.23 10.63 -7.03
CA ALA C 146 -24.36 9.78 -7.39
C ALA C 146 -25.07 9.23 -6.17
N SER C 147 -24.36 8.99 -5.08
CA SER C 147 -24.99 8.51 -3.87
C SER C 147 -25.64 9.61 -3.05
N GLY C 148 -25.46 10.87 -3.43
CA GLY C 148 -26.07 11.97 -2.71
C GLY C 148 -25.30 12.43 -1.50
N ARG C 149 -24.14 11.85 -1.23
CA ARG C 149 -23.40 12.13 -0.02
C ARG C 149 -22.14 12.94 -0.32
N THR C 150 -21.48 13.39 0.75
CA THR C 150 -20.18 14.04 0.63
C THR C 150 -19.13 13.44 1.55
N THR C 151 -19.53 12.64 2.53
CA THR C 151 -18.59 11.90 3.34
C THR C 151 -18.66 10.43 2.93
N GLY C 152 -17.66 9.68 3.35
CA GLY C 152 -17.65 8.25 3.09
C GLY C 152 -16.46 7.82 2.26
N ILE C 153 -16.24 6.52 2.24
CA ILE C 153 -15.20 5.96 1.40
C ILE C 153 -15.88 5.23 0.25
N VAL C 154 -15.21 5.23 -0.89
CA VAL C 154 -15.75 4.69 -2.13
C VAL C 154 -14.96 3.45 -2.48
N LEU C 155 -15.65 2.33 -2.61
CA LEU C 155 -15.09 1.07 -3.09
C LEU C 155 -15.55 0.91 -4.52
N ASP C 156 -14.81 1.49 -5.45
CA ASP C 156 -15.17 1.40 -6.86
C ASP C 156 -14.39 0.24 -7.45
N SER C 157 -15.08 -0.87 -7.71
CA SER C 157 -14.47 -2.04 -8.30
C SER C 157 -15.03 -2.18 -9.70
N GLY C 158 -14.33 -1.64 -10.69
CA GLY C 158 -14.79 -1.74 -12.05
C GLY C 158 -14.38 -3.03 -12.70
N ASP C 159 -14.12 -2.97 -14.00
CA ASP C 159 -13.60 -4.11 -14.74
C ASP C 159 -12.08 -4.12 -14.74
N GLY C 160 -11.45 -2.94 -14.74
CA GLY C 160 -10.02 -2.88 -14.72
C GLY C 160 -9.41 -2.88 -13.33
N VAL C 161 -9.76 -1.92 -12.50
CA VAL C 161 -9.12 -1.74 -11.21
C VAL C 161 -10.19 -1.67 -10.12
N THR C 162 -9.73 -1.78 -8.88
CA THR C 162 -10.57 -1.66 -7.70
C THR C 162 -9.90 -0.66 -6.76
N HIS C 163 -10.50 0.50 -6.59
CA HIS C 163 -9.88 1.56 -5.81
C HIS C 163 -10.80 2.00 -4.68
N ASN C 164 -10.19 2.22 -3.52
CA ASN C 164 -10.86 2.74 -2.34
C ASN C 164 -10.35 4.15 -2.09
N VAL C 165 -11.27 5.11 -2.09
CA VAL C 165 -10.94 6.51 -1.89
C VAL C 165 -11.76 7.04 -0.72
N PRO C 166 -11.13 7.46 0.38
CA PRO C 166 -11.89 8.04 1.49
C PRO C 166 -12.02 9.53 1.32
N ILE C 167 -13.24 10.02 1.42
CA ILE C 167 -13.53 11.43 1.19
C ILE C 167 -14.41 11.92 2.34
N TYR C 168 -13.87 12.82 3.14
CA TYR C 168 -14.68 13.51 4.13
C TYR C 168 -15.24 14.75 3.42
N GLU C 169 -16.02 15.59 4.12
CA GLU C 169 -17.06 16.40 3.47
C GLU C 169 -16.45 17.46 2.57
N GLY C 170 -16.19 17.05 1.34
CA GLY C 170 -15.53 17.83 0.32
C GLY C 170 -14.11 17.41 0.10
N TYR C 171 -13.39 17.10 1.17
CA TYR C 171 -11.96 16.90 1.11
C TYR C 171 -11.63 15.42 1.04
N ALA C 172 -10.91 15.04 0.00
CA ALA C 172 -10.38 13.69 -0.11
C ALA C 172 -9.11 13.58 0.70
N LEU C 173 -8.65 12.34 0.88
CA LEU C 173 -7.39 12.07 1.57
C LEU C 173 -6.51 11.31 0.60
N PRO C 174 -5.63 12.00 -0.14
CA PRO C 174 -4.90 11.33 -1.23
C PRO C 174 -3.83 10.38 -0.76
N HIS C 175 -3.43 10.43 0.51
CA HIS C 175 -2.46 9.49 1.04
C HIS C 175 -3.09 8.16 1.44
N ALA C 176 -4.41 8.02 1.31
CA ALA C 176 -5.10 6.79 1.65
C ALA C 176 -5.84 6.19 0.47
N ILE C 177 -5.61 6.70 -0.73
CA ILE C 177 -6.21 6.13 -1.93
C ILE C 177 -5.53 4.79 -2.19
N MET C 178 -6.26 3.69 -2.01
CA MET C 178 -5.69 2.37 -2.12
C MET C 178 -6.21 1.74 -3.41
N ARG C 179 -5.33 1.55 -4.38
CA ARG C 179 -5.69 1.02 -5.68
C ARG C 179 -5.14 -0.39 -5.82
N LEU C 180 -6.02 -1.36 -6.01
CA LEU C 180 -5.68 -2.76 -6.16
C LEU C 180 -6.08 -3.21 -7.56
N ASP C 181 -5.20 -3.98 -8.20
CA ASP C 181 -5.37 -4.34 -9.61
C ASP C 181 -6.20 -5.61 -9.80
N LEU C 182 -7.07 -5.93 -8.87
CA LEU C 182 -7.93 -7.11 -8.94
C LEU C 182 -9.36 -6.67 -9.17
N ALA C 183 -9.92 -7.05 -10.31
CA ALA C 183 -11.25 -6.58 -10.68
C ALA C 183 -11.93 -7.65 -11.50
N GLY C 184 -12.96 -7.25 -12.25
CA GLY C 184 -13.83 -8.22 -12.90
C GLY C 184 -13.18 -9.02 -14.00
N ARG C 185 -12.16 -8.47 -14.65
CA ARG C 185 -11.48 -9.22 -15.69
C ARG C 185 -10.64 -10.35 -15.10
N ASP C 186 -10.05 -10.12 -13.93
CA ASP C 186 -9.32 -11.19 -13.28
C ASP C 186 -10.25 -12.26 -12.72
N LEU C 187 -11.45 -11.86 -12.30
CA LEU C 187 -12.44 -12.86 -11.90
C LEU C 187 -12.91 -13.66 -13.11
N THR C 188 -13.00 -13.02 -14.26
CA THR C 188 -13.35 -13.72 -15.49
C THR C 188 -12.27 -14.73 -15.89
N ASP C 189 -11.00 -14.34 -15.77
CA ASP C 189 -9.92 -15.26 -16.08
C ASP C 189 -9.83 -16.39 -15.06
N TYR C 190 -10.12 -16.10 -13.79
CA TYR C 190 -10.14 -17.17 -12.80
C TYR C 190 -11.33 -18.09 -12.99
N LEU C 191 -12.43 -17.58 -13.54
CA LEU C 191 -13.55 -18.45 -13.86
C LEU C 191 -13.25 -19.30 -15.08
N MET C 192 -12.48 -18.78 -16.02
CA MET C 192 -11.98 -19.61 -17.11
C MET C 192 -11.07 -20.72 -16.59
N LYS C 193 -10.23 -20.39 -15.61
CA LYS C 193 -9.30 -21.37 -15.08
C LYS C 193 -10.01 -22.41 -14.21
N ILE C 194 -11.07 -22.03 -13.51
CA ILE C 194 -11.72 -22.94 -12.57
C ILE C 194 -12.82 -23.74 -13.21
N LEU C 195 -13.28 -23.38 -14.41
CA LEU C 195 -14.25 -24.19 -15.13
C LEU C 195 -13.60 -25.30 -15.93
N THR C 196 -12.27 -25.40 -15.92
CA THR C 196 -11.62 -26.50 -16.59
C THR C 196 -11.81 -27.80 -15.83
N GLU C 197 -11.99 -27.72 -14.52
CA GLU C 197 -12.17 -28.91 -13.69
C GLU C 197 -13.55 -29.53 -13.87
N ARG C 198 -14.50 -28.80 -14.41
CA ARG C 198 -15.78 -29.37 -14.79
C ARG C 198 -15.71 -30.11 -16.12
N GLY C 199 -14.70 -29.82 -16.93
CA GLY C 199 -14.55 -30.40 -18.24
C GLY C 199 -14.68 -29.41 -19.39
N TYR C 200 -15.19 -28.22 -19.12
CA TYR C 200 -15.43 -27.24 -20.17
C TYR C 200 -14.18 -26.42 -20.41
N SER C 201 -13.78 -26.30 -21.68
CA SER C 201 -12.59 -25.57 -22.06
C SER C 201 -12.99 -24.33 -22.83
N PHE C 202 -12.71 -23.16 -22.27
CA PHE C 202 -12.93 -21.88 -22.92
C PHE C 202 -11.55 -21.25 -23.10
N VAL C 203 -11.05 -21.23 -24.33
CA VAL C 203 -9.66 -20.91 -24.58
C VAL C 203 -9.49 -19.61 -25.36
N THR C 204 -10.40 -19.30 -26.30
CA THR C 204 -10.18 -18.15 -27.14
C THR C 204 -10.76 -16.90 -26.49
N THR C 205 -10.52 -15.75 -27.12
CA THR C 205 -10.99 -14.49 -26.56
C THR C 205 -12.47 -14.26 -26.84
N ALA C 206 -13.07 -15.06 -27.72
CA ALA C 206 -14.51 -14.98 -27.94
C ALA C 206 -15.29 -15.76 -26.90
N GLU C 207 -14.63 -16.67 -26.17
CA GLU C 207 -15.27 -17.38 -25.08
C GLU C 207 -15.18 -16.64 -23.75
N ARG C 208 -14.33 -15.61 -23.69
CA ARG C 208 -14.31 -14.75 -22.51
C ARG C 208 -15.62 -14.01 -22.35
N GLU C 209 -16.29 -13.69 -23.46
CA GLU C 209 -17.61 -13.07 -23.41
C GLU C 209 -18.63 -14.04 -22.85
N ILE C 210 -18.53 -15.32 -23.22
CA ILE C 210 -19.48 -16.32 -22.75
C ILE C 210 -19.30 -16.58 -21.27
N VAL C 211 -18.05 -16.68 -20.82
CA VAL C 211 -17.84 -16.92 -19.41
C VAL C 211 -18.08 -15.64 -18.61
N ARG C 212 -18.02 -14.48 -19.25
CA ARG C 212 -18.46 -13.25 -18.58
C ARG C 212 -19.97 -13.28 -18.37
N ASP C 213 -20.71 -13.77 -19.35
CA ASP C 213 -22.16 -13.92 -19.19
C ASP C 213 -22.49 -14.97 -18.12
N ILE C 214 -21.66 -16.00 -18.01
CA ILE C 214 -21.80 -16.99 -16.92
C ILE C 214 -21.63 -16.31 -15.58
N LYS C 215 -20.61 -15.47 -15.47
CA LYS C 215 -20.39 -14.66 -14.27
C LYS C 215 -21.55 -13.70 -14.01
N GLU C 216 -22.15 -13.15 -15.06
CA GLU C 216 -23.31 -12.27 -14.94
C GLU C 216 -24.47 -12.97 -14.26
N LYS C 217 -24.93 -14.08 -14.83
CA LYS C 217 -26.22 -14.63 -14.44
C LYS C 217 -26.15 -15.71 -13.36
N LEU C 218 -24.97 -16.18 -12.96
CA LEU C 218 -24.90 -17.28 -12.01
C LEU C 218 -24.13 -16.98 -10.75
N CYS C 219 -23.00 -16.28 -10.83
CA CYS C 219 -22.06 -16.21 -9.72
C CYS C 219 -22.58 -15.29 -8.63
N TYR C 220 -22.75 -15.85 -7.43
CA TYR C 220 -23.05 -15.11 -6.22
C TYR C 220 -21.88 -15.30 -5.26
N VAL C 221 -21.91 -14.56 -4.16
CA VAL C 221 -20.85 -14.62 -3.16
C VAL C 221 -21.45 -15.09 -1.84
N ALA C 222 -20.81 -16.07 -1.22
CA ALA C 222 -21.34 -16.65 0.01
C ALA C 222 -21.05 -15.74 1.19
N LEU C 223 -21.94 -15.80 2.18
CA LEU C 223 -21.74 -15.04 3.41
C LEU C 223 -20.60 -15.64 4.22
N ASP C 224 -20.60 -16.96 4.37
CA ASP C 224 -19.50 -17.69 4.99
C ASP C 224 -19.00 -18.67 3.94
N PHE C 225 -17.68 -18.73 3.75
CA PHE C 225 -17.12 -19.48 2.65
C PHE C 225 -16.87 -20.94 2.97
N GLU C 226 -16.48 -21.25 4.21
CA GLU C 226 -16.08 -22.61 4.54
C GLU C 226 -17.27 -23.56 4.60
N ASN C 227 -18.34 -23.18 5.29
CA ASN C 227 -19.49 -24.08 5.33
C ASN C 227 -20.23 -24.14 4.01
N GLU C 228 -20.20 -23.06 3.22
CA GLU C 228 -20.81 -23.12 1.91
C GLU C 228 -20.00 -24.01 0.97
N MET C 229 -18.67 -24.01 1.11
CA MET C 229 -17.84 -24.99 0.42
C MET C 229 -18.15 -26.41 0.89
N ALA C 230 -18.43 -26.58 2.18
CA ALA C 230 -18.73 -27.90 2.73
C ALA C 230 -20.07 -28.44 2.21
N THR C 231 -21.09 -27.60 2.12
CA THR C 231 -22.38 -28.06 1.61
C THR C 231 -22.38 -28.29 0.11
N ALA C 232 -21.38 -27.79 -0.61
CA ALA C 232 -21.25 -28.13 -2.03
C ALA C 232 -20.68 -29.52 -2.23
N ALA C 233 -20.09 -30.12 -1.20
CA ALA C 233 -19.66 -31.52 -1.31
C ALA C 233 -20.87 -32.45 -1.34
N SER C 234 -21.86 -32.19 -0.50
CA SER C 234 -23.17 -32.85 -0.61
C SER C 234 -23.96 -32.11 -1.68
N SER C 235 -23.62 -32.41 -2.94
CA SER C 235 -24.08 -31.62 -4.08
C SER C 235 -25.55 -31.86 -4.37
N SER C 236 -26.41 -31.07 -3.77
CA SER C 236 -27.84 -31.28 -3.93
C SER C 236 -28.59 -30.05 -4.43
N SER C 237 -28.19 -28.85 -4.01
CA SER C 237 -28.99 -27.67 -4.30
C SER C 237 -28.19 -26.49 -4.82
N LEU C 238 -26.86 -26.61 -4.95
CA LEU C 238 -26.04 -25.50 -5.38
C LEU C 238 -25.67 -25.55 -6.86
N GLU C 239 -25.96 -26.65 -7.54
CA GLU C 239 -25.69 -26.73 -8.97
C GLU C 239 -26.69 -25.86 -9.71
N LYS C 240 -26.25 -25.32 -10.84
CA LYS C 240 -27.15 -24.55 -11.69
C LYS C 240 -26.74 -24.77 -13.14
N SER C 241 -27.73 -24.87 -14.01
CA SER C 241 -27.51 -25.11 -15.43
C SER C 241 -27.62 -23.82 -16.21
N TYR C 242 -26.66 -23.60 -17.10
CA TYR C 242 -26.64 -22.44 -17.97
C TYR C 242 -26.50 -22.93 -19.41
N GLU C 243 -27.28 -22.34 -20.31
CA GLU C 243 -27.27 -22.74 -21.70
C GLU C 243 -26.28 -21.89 -22.48
N LEU C 244 -25.49 -22.55 -23.31
CA LEU C 244 -24.48 -21.88 -24.11
C LEU C 244 -25.12 -21.31 -25.37
N PRO C 245 -24.41 -20.46 -26.13
CA PRO C 245 -24.93 -20.06 -27.44
C PRO C 245 -25.01 -21.20 -28.44
N ASP C 246 -24.25 -22.29 -28.26
CA ASP C 246 -24.36 -23.41 -29.19
C ASP C 246 -25.57 -24.29 -28.91
N GLY C 247 -25.96 -24.40 -27.66
CA GLY C 247 -27.03 -25.28 -27.25
C GLY C 247 -26.66 -26.24 -26.12
N GLN C 248 -25.38 -26.43 -25.86
CA GLN C 248 -24.98 -27.33 -24.79
C GLN C 248 -25.23 -26.67 -23.44
N VAL C 249 -25.79 -27.40 -22.51
CA VAL C 249 -25.99 -26.89 -21.17
C VAL C 249 -24.77 -27.25 -20.33
N ILE C 250 -24.49 -26.43 -19.34
CA ILE C 250 -23.40 -26.68 -18.41
C ILE C 250 -23.94 -26.61 -17.00
N THR C 251 -23.40 -27.45 -16.12
CA THR C 251 -23.77 -27.48 -14.72
C THR C 251 -22.62 -26.92 -13.91
N ILE C 252 -22.93 -26.05 -12.95
CA ILE C 252 -21.93 -25.36 -12.16
C ILE C 252 -22.23 -25.57 -10.69
N GLY C 253 -21.23 -26.02 -9.94
CA GLY C 253 -21.39 -26.28 -8.52
C GLY C 253 -20.69 -25.24 -7.66
N ASN C 254 -19.55 -25.58 -7.09
CA ASN C 254 -18.85 -24.65 -6.21
C ASN C 254 -18.16 -23.53 -6.99
N GLU C 255 -17.97 -23.69 -8.29
CA GLU C 255 -17.45 -22.62 -9.15
C GLU C 255 -18.38 -21.43 -9.20
N ARG C 256 -19.63 -21.61 -8.81
CA ARG C 256 -20.57 -20.51 -8.71
C ARG C 256 -20.17 -19.52 -7.63
N PHE C 257 -19.50 -19.96 -6.57
CA PHE C 257 -19.11 -19.01 -5.54
C PHE C 257 -17.63 -18.96 -5.25
N ARG C 258 -16.81 -19.78 -5.90
CA ARG C 258 -15.37 -19.58 -5.80
C ARG C 258 -14.87 -18.44 -6.66
N CYS C 259 -15.69 -17.96 -7.61
CA CYS C 259 -15.24 -16.86 -8.45
C CYS C 259 -15.31 -15.50 -7.77
N PRO C 260 -16.37 -15.10 -7.05
CA PRO C 260 -16.29 -13.83 -6.33
C PRO C 260 -15.47 -13.87 -5.06
N GLU C 261 -15.14 -15.07 -4.55
CA GLU C 261 -14.33 -15.19 -3.35
C GLU C 261 -12.90 -14.72 -3.57
N THR C 262 -12.47 -14.59 -4.82
CA THR C 262 -11.19 -13.96 -5.13
C THR C 262 -11.16 -12.50 -4.71
N LEU C 263 -12.33 -11.84 -4.66
CA LEU C 263 -12.39 -10.47 -4.17
C LEU C 263 -12.04 -10.37 -2.70
N PHE C 264 -12.26 -11.43 -1.93
CA PHE C 264 -11.97 -11.40 -0.50
C PHE C 264 -10.79 -12.27 -0.12
N GLN C 265 -10.24 -13.04 -1.06
CA GLN C 265 -9.02 -13.80 -0.84
C GLN C 265 -8.24 -13.77 -2.15
N PRO C 266 -7.41 -12.75 -2.36
CA PRO C 266 -6.67 -12.66 -3.62
C PRO C 266 -5.49 -13.61 -3.72
N SER C 267 -5.27 -14.47 -2.73
CA SER C 267 -4.26 -15.51 -2.85
C SER C 267 -4.70 -16.67 -3.71
N PHE C 268 -5.96 -16.70 -4.15
CA PHE C 268 -6.41 -17.74 -5.05
C PHE C 268 -5.80 -17.58 -6.44
N ILE C 269 -5.66 -16.35 -6.91
CA ILE C 269 -4.99 -16.09 -8.17
C ILE C 269 -3.55 -15.65 -7.96
N GLY C 270 -3.00 -15.87 -6.76
CA GLY C 270 -1.60 -15.63 -6.51
C GLY C 270 -1.24 -14.19 -6.21
N MET C 271 -2.20 -13.30 -6.09
CA MET C 271 -1.91 -11.90 -5.84
C MET C 271 -1.54 -11.71 -4.38
N GLU C 272 -0.33 -11.22 -4.14
CA GLU C 272 0.03 -10.81 -2.79
C GLU C 272 -0.63 -9.48 -2.48
N SER C 273 -1.81 -9.54 -1.88
CA SER C 273 -2.55 -8.36 -1.49
C SER C 273 -3.51 -8.75 -0.39
N ALA C 274 -4.41 -7.84 -0.05
CA ALA C 274 -5.52 -8.12 0.83
C ALA C 274 -6.81 -8.02 0.03
N GLY C 275 -7.83 -8.72 0.51
CA GLY C 275 -9.12 -8.68 -0.13
C GLY C 275 -9.79 -7.33 0.07
N ILE C 276 -10.89 -7.13 -0.64
CA ILE C 276 -11.54 -5.82 -0.63
C ILE C 276 -12.22 -5.53 0.69
N HIS C 277 -12.34 -6.52 1.58
CA HIS C 277 -12.78 -6.24 2.93
C HIS C 277 -11.63 -5.77 3.80
N GLU C 278 -10.42 -6.23 3.52
CA GLU C 278 -9.28 -5.94 4.38
C GLU C 278 -8.53 -4.69 3.93
N THR C 279 -8.53 -4.38 2.63
CA THR C 279 -7.93 -3.11 2.23
C THR C 279 -8.84 -1.94 2.55
N THR C 280 -10.14 -2.18 2.76
CA THR C 280 -11.01 -1.09 3.19
C THR C 280 -10.73 -0.69 4.63
N TYR C 281 -10.65 -1.67 5.53
CA TYR C 281 -10.27 -1.37 6.90
C TYR C 281 -8.83 -0.93 6.98
N ASN C 282 -7.98 -1.39 6.07
CA ASN C 282 -6.60 -0.93 6.01
C ASN C 282 -6.53 0.51 5.54
N SER C 283 -7.46 0.94 4.69
CA SER C 283 -7.44 2.30 4.16
C SER C 283 -8.11 3.29 5.08
N ILE C 284 -9.12 2.86 5.84
CA ILE C 284 -9.72 3.73 6.84
C ILE C 284 -8.73 3.98 7.97
N MET C 285 -7.93 2.97 8.32
CA MET C 285 -6.93 3.15 9.36
C MET C 285 -5.76 4.01 8.92
N LYS C 286 -5.59 4.26 7.62
CA LYS C 286 -4.62 5.24 7.18
C LYS C 286 -5.11 6.67 7.39
N CYS C 287 -6.40 6.87 7.62
CA CYS C 287 -6.96 8.19 7.84
C CYS C 287 -6.77 8.62 9.28
N ASP C 288 -7.35 9.76 9.62
CA ASP C 288 -7.21 10.30 10.97
C ASP C 288 -8.32 9.77 11.86
N ILE C 289 -8.07 9.83 13.18
CA ILE C 289 -8.93 9.14 14.14
C ILE C 289 -10.25 9.87 14.34
N ASP C 290 -10.35 11.13 13.92
CA ASP C 290 -11.60 11.86 14.15
C ASP C 290 -12.65 11.54 13.11
N ILE C 291 -12.26 11.44 11.83
CA ILE C 291 -13.20 11.18 10.75
C ILE C 291 -13.48 9.70 10.57
N ARG C 292 -12.94 8.85 11.42
CA ARG C 292 -13.01 7.41 11.21
C ARG C 292 -14.41 6.90 11.47
N LYS C 293 -15.15 7.55 12.39
CA LYS C 293 -16.53 7.19 12.68
C LYS C 293 -17.44 7.41 11.48
N ASP C 294 -17.28 8.55 10.80
CA ASP C 294 -18.13 8.83 9.66
C ASP C 294 -17.75 8.00 8.46
N LEU C 295 -16.49 7.61 8.35
CA LEU C 295 -16.07 6.79 7.24
C LEU C 295 -16.49 5.34 7.43
N TYR C 296 -16.59 4.87 8.67
CA TYR C 296 -17.08 3.52 8.92
C TYR C 296 -18.55 3.38 8.57
N ALA C 297 -19.33 4.44 8.77
CA ALA C 297 -20.78 4.37 8.63
C ALA C 297 -21.28 4.78 7.26
N ASN C 298 -20.38 5.11 6.34
CA ASN C 298 -20.78 5.55 5.00
C ASN C 298 -19.88 4.83 4.01
N ASN C 299 -20.29 3.65 3.57
CA ASN C 299 -19.46 2.84 2.69
C ASN C 299 -20.21 2.62 1.39
N VAL C 300 -20.05 3.53 0.44
CA VAL C 300 -20.70 3.36 -0.85
C VAL C 300 -19.94 2.32 -1.66
N MET C 301 -20.60 1.78 -2.67
CA MET C 301 -20.03 0.74 -3.52
C MET C 301 -20.49 0.99 -4.94
N SER C 302 -19.64 1.62 -5.74
CA SER C 302 -19.96 1.77 -7.15
C SER C 302 -19.35 0.60 -7.91
N GLY C 303 -19.36 0.68 -9.24
CA GLY C 303 -18.73 -0.34 -10.04
C GLY C 303 -19.57 -1.58 -10.21
N GLY C 304 -19.44 -2.24 -11.35
CA GLY C 304 -20.26 -3.40 -11.63
C GLY C 304 -19.88 -4.64 -10.84
N THR C 305 -18.64 -4.73 -10.38
CA THR C 305 -18.21 -5.92 -9.66
C THR C 305 -18.72 -5.94 -8.23
N THR C 306 -19.33 -4.86 -7.76
CA THR C 306 -20.11 -4.89 -6.53
C THR C 306 -21.58 -5.10 -6.80
N MET C 307 -21.94 -5.79 -7.89
CA MET C 307 -23.32 -6.15 -8.15
C MET C 307 -23.54 -7.66 -8.05
N TYR C 308 -22.67 -8.37 -7.35
CA TYR C 308 -22.93 -9.76 -7.07
C TYR C 308 -24.05 -9.87 -6.05
N PRO C 309 -24.85 -10.93 -6.12
CA PRO C 309 -25.91 -11.10 -5.12
C PRO C 309 -25.34 -11.48 -3.77
N GLY C 310 -25.33 -10.52 -2.85
CA GLY C 310 -24.88 -10.75 -1.50
C GLY C 310 -23.51 -10.21 -1.16
N ILE C 311 -22.99 -9.24 -1.91
CA ILE C 311 -21.68 -8.70 -1.58
C ILE C 311 -21.77 -7.67 -0.46
N ALA C 312 -22.93 -7.04 -0.29
CA ALA C 312 -23.08 -6.07 0.79
C ALA C 312 -23.09 -6.76 2.15
N ASP C 313 -23.73 -7.92 2.23
CA ASP C 313 -23.80 -8.66 3.48
C ASP C 313 -22.44 -9.18 3.90
N ARG C 314 -21.67 -9.71 2.94
CA ARG C 314 -20.34 -10.22 3.28
C ARG C 314 -19.39 -9.08 3.56
N MET C 315 -19.56 -7.93 2.89
CA MET C 315 -18.71 -6.78 3.14
C MET C 315 -18.94 -6.25 4.55
N GLN C 316 -20.20 -6.19 4.97
CA GLN C 316 -20.52 -5.74 6.33
C GLN C 316 -20.03 -6.75 7.38
N LYS C 317 -20.23 -8.05 7.12
CA LYS C 317 -19.83 -9.07 8.08
C LYS C 317 -18.31 -9.17 8.17
N GLU C 318 -17.61 -8.89 7.08
CA GLU C 318 -16.17 -9.02 7.07
C GLU C 318 -15.47 -7.76 7.55
N ILE C 319 -16.10 -6.60 7.46
CA ILE C 319 -15.55 -5.42 8.12
C ILE C 319 -15.80 -5.48 9.62
N THR C 320 -17.01 -5.88 10.03
CA THR C 320 -17.37 -5.81 11.45
C THR C 320 -16.62 -6.81 12.31
N ALA C 321 -15.87 -7.75 11.73
CA ALA C 321 -14.94 -8.56 12.48
C ALA C 321 -13.59 -7.89 12.64
N LEU C 322 -13.32 -6.84 11.86
CA LEU C 322 -12.06 -6.11 11.91
C LEU C 322 -12.20 -4.78 12.64
N ALA C 323 -13.32 -4.10 12.46
CA ALA C 323 -13.56 -2.82 13.11
C ALA C 323 -13.85 -3.03 14.60
N PRO C 324 -13.67 -1.98 15.42
CA PRO C 324 -14.15 -2.07 16.80
C PRO C 324 -15.67 -2.20 16.84
N SER C 325 -16.13 -3.04 17.77
CA SER C 325 -17.52 -3.50 17.80
C SER C 325 -18.46 -2.55 18.53
N THR C 326 -18.12 -1.29 18.69
CA THR C 326 -18.96 -0.37 19.46
C THR C 326 -19.67 0.66 18.59
N MET C 327 -19.51 0.61 17.27
CA MET C 327 -20.30 1.47 16.40
C MET C 327 -20.47 0.76 15.06
N LYS C 328 -21.61 1.03 14.42
CA LYS C 328 -22.07 0.14 13.37
C LYS C 328 -21.40 0.43 12.03
N ILE C 329 -21.38 -0.58 11.18
CA ILE C 329 -20.93 -0.48 9.80
C ILE C 329 -22.15 -0.58 8.89
N LYS C 330 -22.26 0.33 7.94
CA LYS C 330 -23.39 0.35 7.02
C LYS C 330 -22.85 0.40 5.59
N ILE C 331 -22.78 -0.76 4.95
CA ILE C 331 -22.35 -0.82 3.55
C ILE C 331 -23.53 -0.38 2.70
N ILE C 332 -23.58 0.90 2.36
CA ILE C 332 -24.70 1.40 1.56
C ILE C 332 -24.49 1.00 0.11
N ALA C 333 -25.38 0.16 -0.40
CA ALA C 333 -25.27 -0.38 -1.75
C ALA C 333 -26.47 0.09 -2.56
N PRO C 334 -26.33 1.12 -3.39
CA PRO C 334 -27.45 1.60 -4.16
C PRO C 334 -27.78 0.64 -5.28
N PRO C 335 -29.05 0.54 -5.68
CA PRO C 335 -29.44 -0.48 -6.66
C PRO C 335 -29.04 -0.17 -8.10
N GLU C 336 -28.69 1.07 -8.43
CA GLU C 336 -28.31 1.43 -9.79
C GLU C 336 -26.80 1.57 -9.95
N ARG C 337 -26.05 0.97 -9.02
CA ARG C 337 -24.65 1.31 -8.79
C ARG C 337 -23.74 1.01 -9.97
N LYS C 338 -24.14 0.13 -10.89
CA LYS C 338 -23.32 -0.16 -12.07
C LYS C 338 -23.13 1.08 -12.92
N TYR C 339 -24.15 1.91 -13.04
CA TYR C 339 -24.04 3.17 -13.76
C TYR C 339 -23.68 4.33 -12.85
N SER C 340 -23.25 4.06 -11.61
CA SER C 340 -23.13 5.12 -10.60
C SER C 340 -22.07 6.14 -10.97
N VAL C 341 -20.95 5.67 -11.52
CA VAL C 341 -19.88 6.55 -11.98
C VAL C 341 -20.38 7.47 -13.08
N TRP C 342 -21.34 7.00 -13.88
CA TRP C 342 -21.94 7.87 -14.88
C TRP C 342 -22.82 8.92 -14.23
N ILE C 343 -23.58 8.54 -13.20
CA ILE C 343 -24.65 9.38 -12.68
C ILE C 343 -24.07 10.65 -12.04
N GLY C 344 -23.02 10.49 -11.24
CA GLY C 344 -22.31 11.64 -10.72
C GLY C 344 -21.66 12.46 -11.81
N GLY C 345 -21.25 11.81 -12.90
CA GLY C 345 -20.77 12.55 -14.05
C GLY C 345 -21.84 13.37 -14.70
N SER C 346 -23.10 12.91 -14.62
CA SER C 346 -24.21 13.73 -15.07
C SER C 346 -24.52 14.84 -14.10
N ILE C 347 -24.09 14.71 -12.85
CA ILE C 347 -24.31 15.78 -11.88
C ILE C 347 -23.28 16.88 -12.05
N LEU C 348 -22.00 16.50 -11.92
CA LEU C 348 -20.91 17.47 -11.83
C LEU C 348 -20.77 18.28 -13.12
N ALA C 349 -21.07 17.68 -14.27
CA ALA C 349 -20.99 18.42 -15.51
C ALA C 349 -22.15 19.40 -15.66
N SER C 350 -23.30 19.10 -15.05
CA SER C 350 -24.45 19.96 -15.18
C SER C 350 -24.60 20.92 -14.01
N LEU C 351 -23.64 20.94 -13.10
CA LEU C 351 -23.71 21.80 -11.93
C LEU C 351 -23.35 23.23 -12.31
N SER C 352 -24.06 24.18 -11.73
CA SER C 352 -23.95 25.58 -12.15
C SER C 352 -22.63 26.21 -11.73
N THR C 353 -22.08 25.80 -10.59
CA THR C 353 -20.83 26.37 -10.11
C THR C 353 -19.60 25.69 -10.70
N PHE C 354 -19.76 24.86 -11.72
CA PHE C 354 -18.65 24.13 -12.30
C PHE C 354 -18.06 24.80 -13.53
N GLN C 355 -18.84 25.60 -14.26
CA GLN C 355 -18.51 26.01 -15.62
C GLN C 355 -17.29 26.91 -15.74
N GLN C 356 -16.72 27.38 -14.63
CA GLN C 356 -15.41 28.00 -14.67
C GLN C 356 -14.32 27.08 -14.12
N MET C 357 -14.47 25.77 -14.34
CA MET C 357 -13.44 24.82 -13.93
C MET C 357 -13.28 23.73 -15.00
N TRP C 358 -13.61 24.05 -16.24
CA TRP C 358 -13.29 23.20 -17.37
C TRP C 358 -11.84 23.45 -17.79
N ILE C 359 -11.44 22.88 -18.91
CA ILE C 359 -10.17 23.20 -19.54
C ILE C 359 -10.50 23.68 -20.95
N THR C 360 -10.54 24.99 -21.14
CA THR C 360 -10.88 25.53 -22.46
C THR C 360 -9.74 25.33 -23.43
N LYS C 361 -10.07 25.41 -24.72
CA LYS C 361 -9.08 25.21 -25.77
C LYS C 361 -8.07 26.35 -25.80
N GLN C 362 -8.51 27.57 -25.46
CA GLN C 362 -7.59 28.69 -25.37
C GLN C 362 -6.67 28.59 -24.17
N GLU C 363 -7.03 27.77 -23.17
CA GLU C 363 -6.15 27.53 -22.03
C GLU C 363 -5.18 26.39 -22.30
N TYR C 364 -5.44 25.59 -23.33
CA TYR C 364 -4.62 24.41 -23.61
C TYR C 364 -3.49 24.72 -24.57
N ASP C 365 -3.76 25.53 -25.60
CA ASP C 365 -2.80 25.74 -26.67
C ASP C 365 -1.59 26.57 -26.24
N GLU C 366 -1.74 27.38 -25.19
CA GLU C 366 -0.62 28.17 -24.71
C GLU C 366 0.21 27.43 -23.67
N ALA C 367 -0.39 26.47 -22.97
CA ALA C 367 0.29 25.74 -21.92
C ALA C 367 0.59 24.30 -22.27
N GLY C 368 0.16 23.82 -23.43
CA GLY C 368 0.40 22.46 -23.84
C GLY C 368 -0.49 21.49 -23.10
N PRO C 369 -0.19 20.19 -23.22
CA PRO C 369 -1.01 19.18 -22.53
C PRO C 369 -0.69 19.03 -21.05
N SER C 370 0.27 19.77 -20.52
CA SER C 370 0.61 19.71 -19.11
C SER C 370 -0.35 20.52 -18.23
N ILE C 371 -1.34 21.18 -18.84
CA ILE C 371 -2.33 21.94 -18.08
C ILE C 371 -3.29 21.03 -17.32
N VAL C 372 -3.38 19.76 -17.67
CA VAL C 372 -4.37 18.87 -17.08
C VAL C 372 -3.97 18.42 -15.68
N HIS C 373 -2.70 18.57 -15.31
CA HIS C 373 -2.29 18.15 -13.98
C HIS C 373 -2.60 19.21 -12.93
N ARG C 374 -2.45 20.50 -13.27
CA ARG C 374 -2.70 21.57 -12.32
C ARG C 374 -4.13 22.08 -12.39
N LYS C 375 -5.03 21.27 -12.94
CA LYS C 375 -6.45 21.59 -12.98
C LYS C 375 -7.34 20.54 -12.34
N CYS C 376 -6.97 19.26 -12.42
CA CYS C 376 -7.86 18.18 -12.03
C CYS C 376 -7.48 17.53 -10.70
N PHE C 377 -6.19 17.38 -10.45
CA PHE C 377 -5.72 16.74 -9.23
C PHE C 377 -4.31 17.23 -8.91
N GLU D 6 -20.02 -3.89 -71.49
CA GLU D 6 -20.88 -4.39 -72.57
C GLU D 6 -20.52 -5.85 -72.85
N THR D 7 -19.26 -6.21 -72.59
CA THR D 7 -18.85 -7.61 -72.67
C THR D 7 -19.43 -8.39 -71.50
N THR D 8 -19.57 -9.69 -71.71
CA THR D 8 -20.04 -10.59 -70.67
C THR D 8 -18.92 -11.54 -70.28
N ALA D 9 -19.10 -12.22 -69.16
CA ALA D 9 -18.12 -13.17 -68.66
C ALA D 9 -18.65 -14.58 -68.86
N LEU D 10 -17.73 -15.50 -69.16
CA LEU D 10 -18.07 -16.89 -69.33
C LEU D 10 -17.88 -17.62 -68.01
N VAL D 11 -18.83 -18.49 -67.67
CA VAL D 11 -18.64 -19.35 -66.50
C VAL D 11 -18.78 -20.79 -66.96
N CYS D 12 -17.93 -21.65 -66.39
CA CYS D 12 -17.81 -23.04 -66.80
C CYS D 12 -17.51 -23.87 -65.56
N ASP D 13 -18.55 -24.46 -64.99
CA ASP D 13 -18.38 -25.42 -63.91
C ASP D 13 -17.96 -26.75 -64.54
N ASN D 14 -16.68 -27.07 -64.40
CA ASN D 14 -16.12 -28.31 -64.92
C ASN D 14 -16.24 -29.37 -63.85
N GLY D 15 -17.42 -29.94 -63.72
CA GLY D 15 -17.66 -30.94 -62.71
C GLY D 15 -17.05 -32.28 -63.08
N SER D 16 -17.25 -33.24 -62.19
CA SER D 16 -16.73 -34.57 -62.41
C SER D 16 -17.64 -35.42 -63.27
N GLY D 17 -18.90 -35.05 -63.41
CA GLY D 17 -19.82 -35.85 -64.18
C GLY D 17 -20.66 -35.07 -65.17
N LEU D 18 -20.66 -33.74 -65.05
CA LEU D 18 -21.51 -32.91 -65.89
C LEU D 18 -20.83 -31.55 -66.02
N VAL D 19 -20.31 -31.25 -67.20
CA VAL D 19 -19.80 -29.92 -67.48
C VAL D 19 -20.99 -29.02 -67.76
N LYS D 20 -21.09 -27.92 -67.01
CA LYS D 20 -22.11 -26.91 -67.22
C LYS D 20 -21.43 -25.60 -67.57
N ALA D 21 -22.03 -24.83 -68.47
CA ALA D 21 -21.38 -23.62 -68.94
C ALA D 21 -22.40 -22.65 -69.49
N GLY D 22 -22.09 -21.37 -69.34
CA GLY D 22 -22.96 -20.34 -69.86
C GLY D 22 -22.34 -18.97 -69.67
N PHE D 23 -23.18 -17.96 -69.79
CA PHE D 23 -22.75 -16.57 -69.66
C PHE D 23 -23.11 -16.04 -68.28
N ALA D 24 -22.30 -15.10 -67.82
CA ALA D 24 -22.58 -14.46 -66.54
C ALA D 24 -23.81 -13.57 -66.65
N GLY D 25 -24.44 -13.32 -65.50
CA GLY D 25 -25.66 -12.55 -65.45
C GLY D 25 -26.90 -13.31 -65.82
N ASP D 26 -26.76 -14.52 -66.35
CA ASP D 26 -27.90 -15.31 -66.75
C ASP D 26 -28.43 -16.08 -65.55
N ASP D 27 -29.52 -16.81 -65.79
CA ASP D 27 -30.23 -17.53 -64.77
C ASP D 27 -30.24 -19.04 -64.96
N ALA D 28 -29.62 -19.54 -66.03
CA ALA D 28 -29.60 -20.96 -66.32
C ALA D 28 -28.42 -21.23 -67.23
N PRO D 29 -27.77 -22.38 -67.10
CA PRO D 29 -26.68 -22.71 -68.01
C PRO D 29 -27.19 -23.03 -69.41
N ARG D 30 -26.48 -22.53 -70.41
CA ARG D 30 -26.88 -22.80 -71.78
C ARG D 30 -26.43 -24.19 -72.22
N ALA D 31 -25.23 -24.58 -71.85
CA ALA D 31 -24.73 -25.90 -72.21
C ALA D 31 -24.56 -26.76 -70.97
N VAL D 32 -25.18 -27.93 -70.97
CA VAL D 32 -24.88 -28.92 -69.95
C VAL D 32 -24.75 -30.27 -70.63
N PHE D 33 -23.63 -30.95 -70.38
CA PHE D 33 -23.38 -32.22 -71.06
C PHE D 33 -22.44 -33.03 -70.20
N PRO D 34 -22.51 -34.36 -70.25
CA PRO D 34 -21.61 -35.18 -69.44
C PRO D 34 -20.19 -35.10 -69.95
N SER D 35 -19.25 -34.99 -69.01
CA SER D 35 -17.84 -34.81 -69.34
C SER D 35 -17.19 -36.16 -69.58
N ILE D 36 -17.55 -36.76 -70.71
CA ILE D 36 -17.05 -38.07 -71.09
C ILE D 36 -16.24 -37.93 -72.36
N VAL D 37 -15.12 -38.65 -72.43
CA VAL D 37 -14.36 -38.77 -73.66
C VAL D 37 -14.37 -40.24 -74.07
N GLY D 38 -14.83 -40.52 -75.28
CA GLY D 38 -14.98 -41.87 -75.77
C GLY D 38 -14.04 -42.14 -76.93
N ARG D 39 -13.29 -43.23 -76.81
CA ARG D 39 -12.50 -43.76 -77.91
C ARG D 39 -13.23 -44.96 -78.50
N PRO D 40 -13.30 -45.10 -79.81
CA PRO D 40 -13.87 -46.33 -80.36
C PRO D 40 -12.90 -47.49 -80.17
N ARG D 41 -13.46 -48.68 -80.02
CA ARG D 41 -12.68 -49.85 -79.65
C ARG D 41 -12.84 -51.03 -80.60
N HIS D 42 -13.56 -50.87 -81.70
CA HIS D 42 -13.77 -51.94 -82.66
C HIS D 42 -13.06 -51.64 -83.97
N GLN D 43 -13.33 -52.46 -84.98
CA GLN D 43 -12.54 -52.43 -86.20
C GLN D 43 -12.93 -51.28 -87.13
N GLY D 44 -14.22 -51.07 -87.35
CA GLY D 44 -14.62 -50.06 -88.31
C GLY D 44 -14.47 -50.49 -89.75
N VAL D 45 -15.29 -51.45 -90.17
CA VAL D 45 -15.17 -52.03 -91.50
C VAL D 45 -15.60 -51.09 -92.62
N MET D 46 -16.49 -50.15 -92.34
CA MET D 46 -16.87 -49.19 -93.36
C MET D 46 -15.72 -48.23 -93.62
N VAL D 47 -15.58 -47.82 -94.88
CA VAL D 47 -14.38 -47.09 -95.28
C VAL D 47 -14.45 -45.65 -94.81
N GLY D 48 -15.63 -45.06 -94.79
CA GLY D 48 -15.90 -43.86 -94.02
C GLY D 48 -16.24 -44.23 -92.60
N MET D 49 -16.43 -43.18 -91.78
CA MET D 49 -16.76 -43.28 -90.35
C MET D 49 -15.74 -44.11 -89.57
N GLY D 50 -14.46 -43.93 -89.91
CA GLY D 50 -13.39 -44.59 -89.19
C GLY D 50 -12.30 -43.61 -88.83
N GLN D 51 -12.43 -42.37 -89.29
CA GLN D 51 -11.45 -41.33 -89.01
C GLN D 51 -11.75 -40.54 -87.75
N LYS D 52 -12.99 -40.57 -87.27
CA LYS D 52 -13.35 -39.83 -86.07
C LYS D 52 -12.77 -40.54 -84.86
N ASP D 53 -11.70 -39.97 -84.30
CA ASP D 53 -10.87 -40.69 -83.35
C ASP D 53 -11.37 -40.56 -81.91
N SER D 54 -12.07 -39.49 -81.58
CA SER D 54 -12.56 -39.30 -80.22
C SER D 54 -13.88 -38.57 -80.23
N TYR D 55 -14.75 -38.90 -79.28
CA TYR D 55 -16.07 -38.29 -79.18
C TYR D 55 -16.21 -37.70 -77.78
N VAL D 56 -16.85 -36.53 -77.68
CA VAL D 56 -16.99 -35.84 -76.41
C VAL D 56 -18.43 -35.39 -76.23
N GLY D 57 -18.92 -35.42 -75.00
CA GLY D 57 -20.24 -34.90 -74.70
C GLY D 57 -21.40 -35.77 -75.11
N ASP D 58 -22.45 -35.16 -75.65
CA ASP D 58 -23.68 -35.90 -75.93
C ASP D 58 -23.56 -36.80 -77.15
N GLU D 59 -22.65 -36.49 -78.07
CA GLU D 59 -22.47 -37.40 -79.20
C GLU D 59 -21.71 -38.65 -78.80
N ALA D 60 -21.00 -38.62 -77.67
CA ALA D 60 -20.47 -39.87 -77.09
C ALA D 60 -21.51 -40.56 -76.23
N GLN D 61 -22.40 -39.80 -75.61
CA GLN D 61 -23.48 -40.40 -74.83
C GLN D 61 -24.51 -41.08 -75.73
N SER D 62 -24.64 -40.62 -76.97
CA SER D 62 -25.57 -41.25 -77.89
C SER D 62 -24.99 -42.54 -78.48
N LYS D 63 -23.67 -42.62 -78.63
CA LYS D 63 -23.03 -43.73 -79.31
C LYS D 63 -22.24 -44.63 -78.37
N ARG D 64 -22.65 -44.73 -77.10
CA ARG D 64 -21.79 -45.30 -76.08
C ARG D 64 -21.56 -46.80 -76.20
N GLY D 65 -22.29 -47.49 -77.09
CA GLY D 65 -22.09 -48.92 -77.21
C GLY D 65 -20.78 -49.32 -77.85
N ILE D 66 -20.18 -48.44 -78.64
CA ILE D 66 -18.99 -48.76 -79.39
C ILE D 66 -17.78 -47.99 -78.89
N LEU D 67 -17.89 -47.35 -77.73
CA LEU D 67 -16.81 -46.52 -77.22
C LEU D 67 -16.41 -46.97 -75.84
N THR D 68 -15.11 -47.04 -75.60
CA THR D 68 -14.61 -47.00 -74.24
C THR D 68 -14.77 -45.57 -73.74
N LEU D 69 -15.39 -45.42 -72.58
CA LEU D 69 -15.71 -44.11 -72.04
C LEU D 69 -14.83 -43.81 -70.85
N LYS D 70 -14.29 -42.60 -70.81
CA LYS D 70 -13.40 -42.22 -69.73
C LYS D 70 -13.79 -40.84 -69.23
N TYR D 71 -13.92 -40.73 -67.95
CA TYR D 71 -14.03 -39.41 -67.36
C TYR D 71 -12.63 -38.89 -67.07
N PRO D 72 -12.28 -37.70 -67.56
CA PRO D 72 -10.95 -37.16 -67.24
C PRO D 72 -10.83 -36.66 -65.82
N ILE D 73 -11.94 -36.46 -65.13
CA ILE D 73 -11.93 -35.96 -63.76
C ILE D 73 -12.43 -37.06 -62.85
N GLU D 74 -11.58 -37.50 -61.94
CA GLU D 74 -12.00 -38.47 -60.95
C GLU D 74 -11.62 -37.98 -59.57
N HIC D 75 -12.63 -37.87 -58.71
CA HIC D 75 -12.54 -37.35 -57.36
C HIC D 75 -11.97 -35.94 -57.35
O HIC D 75 -11.06 -35.58 -56.60
CB HIC D 75 -11.66 -38.13 -56.38
CG HIC D 75 -11.88 -39.59 -56.45
ND1 HIC D 75 -13.11 -40.20 -56.69
CD2 HIC D 75 -10.88 -40.56 -56.30
CE1 HIC D 75 -12.86 -41.52 -56.67
NE2 HIC D 75 -11.51 -41.79 -56.43
CZ HIC D 75 -10.89 -43.07 -56.36
N GLY D 76 -12.52 -35.09 -58.20
CA GLY D 76 -12.15 -33.70 -58.23
C GLY D 76 -10.89 -33.34 -58.97
N ILE D 77 -9.84 -34.15 -58.83
CA ILE D 77 -8.60 -33.89 -59.54
C ILE D 77 -8.75 -34.29 -61.00
N ILE D 78 -7.83 -33.82 -61.82
CA ILE D 78 -7.84 -34.08 -63.26
C ILE D 78 -6.68 -35.01 -63.58
N THR D 79 -6.98 -36.18 -64.10
CA THR D 79 -5.97 -37.20 -64.36
C THR D 79 -5.59 -37.30 -65.83
N ASN D 80 -6.23 -36.55 -66.71
CA ASN D 80 -5.93 -36.66 -68.14
C ASN D 80 -6.14 -35.28 -68.75
N TRP D 81 -5.04 -34.55 -68.94
CA TRP D 81 -5.15 -33.19 -69.44
C TRP D 81 -5.48 -33.15 -70.92
N ASP D 82 -5.01 -34.13 -71.68
CA ASP D 82 -5.26 -34.18 -73.11
C ASP D 82 -6.73 -34.44 -73.43
N ASP D 83 -7.48 -35.01 -72.49
CA ASP D 83 -8.92 -35.12 -72.65
C ASP D 83 -9.66 -33.93 -72.08
N MET D 84 -9.10 -33.29 -71.05
CA MET D 84 -9.77 -32.14 -70.48
C MET D 84 -9.70 -30.93 -71.40
N GLU D 85 -8.62 -30.78 -72.16
CA GLU D 85 -8.59 -29.71 -73.15
C GLU D 85 -9.52 -30.02 -74.31
N LYS D 86 -9.75 -31.30 -74.61
CA LYS D 86 -10.76 -31.67 -75.60
C LYS D 86 -12.16 -31.30 -75.12
N ILE D 87 -12.43 -31.51 -73.83
CA ILE D 87 -13.75 -31.20 -73.30
C ILE D 87 -13.97 -29.69 -73.24
N TRP D 88 -12.94 -28.93 -72.88
CA TRP D 88 -13.08 -27.47 -72.88
C TRP D 88 -13.19 -26.92 -74.30
N HIS D 89 -12.45 -27.50 -75.25
CA HIS D 89 -12.56 -27.09 -76.63
C HIS D 89 -13.93 -27.40 -77.20
N HIS D 90 -14.54 -28.50 -76.77
CA HIS D 90 -15.93 -28.76 -77.15
C HIS D 90 -16.88 -27.82 -76.43
N THR D 91 -16.51 -27.36 -75.24
CA THR D 91 -17.42 -26.51 -74.48
C THR D 91 -17.52 -25.12 -75.08
N PHE D 92 -16.38 -24.51 -75.39
CA PHE D 92 -16.39 -23.12 -75.86
C PHE D 92 -16.87 -23.04 -77.30
N TYR D 93 -16.21 -23.77 -78.20
CA TYR D 93 -16.51 -23.63 -79.62
C TYR D 93 -17.75 -24.42 -80.02
N ASN D 94 -17.79 -25.70 -79.70
CA ASN D 94 -18.78 -26.57 -80.31
C ASN D 94 -20.17 -26.43 -79.71
N GLU D 95 -20.32 -25.94 -78.49
CA GLU D 95 -21.64 -25.86 -77.90
C GLU D 95 -22.02 -24.47 -77.42
N LEU D 96 -21.08 -23.69 -76.90
CA LEU D 96 -21.37 -22.31 -76.55
C LEU D 96 -21.23 -21.37 -77.74
N ARG D 97 -20.39 -21.74 -78.71
CA ARG D 97 -20.18 -21.01 -79.97
C ARG D 97 -19.72 -19.57 -79.73
N VAL D 98 -18.77 -19.42 -78.81
CA VAL D 98 -18.14 -18.14 -78.55
C VAL D 98 -16.63 -18.31 -78.66
N ALA D 99 -15.96 -17.20 -78.92
CA ALA D 99 -14.52 -17.32 -78.85
C ALA D 99 -14.05 -17.04 -77.42
N PRO D 100 -13.04 -17.75 -76.94
CA PRO D 100 -12.55 -17.49 -75.58
C PRO D 100 -11.80 -16.18 -75.46
N GLU D 101 -11.25 -15.65 -76.54
CA GLU D 101 -10.46 -14.42 -76.47
C GLU D 101 -11.32 -13.18 -76.25
N GLU D 102 -12.64 -13.27 -76.41
CA GLU D 102 -13.50 -12.13 -76.22
C GLU D 102 -14.19 -12.11 -74.87
N HIS D 103 -14.18 -13.22 -74.14
CA HIS D 103 -14.87 -13.26 -72.87
C HIS D 103 -13.96 -13.75 -71.76
N PRO D 104 -13.98 -13.12 -70.59
CA PRO D 104 -13.26 -13.68 -69.46
C PRO D 104 -14.00 -14.89 -68.89
N THR D 105 -13.24 -15.79 -68.29
CA THR D 105 -13.79 -17.08 -67.87
C THR D 105 -13.62 -17.33 -66.38
N LEU D 106 -14.56 -18.10 -65.84
CA LEU D 106 -14.62 -18.42 -64.43
C LEU D 106 -14.80 -19.92 -64.30
N LEU D 107 -13.84 -20.58 -63.68
CA LEU D 107 -13.86 -22.02 -63.49
C LEU D 107 -14.07 -22.37 -62.03
N THR D 108 -14.34 -23.64 -61.80
CA THR D 108 -14.79 -24.13 -60.51
C THR D 108 -13.87 -25.23 -60.02
N GLU D 109 -13.55 -25.18 -58.73
CA GLU D 109 -12.58 -26.09 -58.15
C GLU D 109 -13.08 -26.54 -56.79
N ALA D 110 -13.02 -27.85 -56.54
CA ALA D 110 -13.34 -28.34 -55.22
C ALA D 110 -12.23 -27.97 -54.25
N PRO D 111 -12.57 -27.67 -52.99
CA PRO D 111 -11.54 -27.28 -52.02
C PRO D 111 -10.67 -28.45 -51.63
N LEU D 112 -9.48 -28.10 -51.11
CA LEU D 112 -8.44 -29.05 -50.70
C LEU D 112 -8.00 -29.94 -51.86
N ASN D 113 -7.95 -29.37 -53.04
CA ASN D 113 -7.42 -30.04 -54.22
C ASN D 113 -5.92 -29.84 -54.31
N PRO D 114 -5.22 -30.67 -55.08
CA PRO D 114 -3.80 -30.41 -55.33
C PRO D 114 -3.58 -29.09 -56.06
N LYS D 115 -2.48 -28.42 -55.70
CA LYS D 115 -2.15 -27.16 -56.34
C LYS D 115 -1.74 -27.32 -57.80
N ALA D 116 -1.18 -28.48 -58.16
CA ALA D 116 -0.79 -28.70 -59.55
C ALA D 116 -1.99 -28.76 -60.47
N ASN D 117 -3.14 -29.19 -59.94
CA ASN D 117 -4.38 -29.21 -60.71
C ASN D 117 -4.80 -27.81 -61.12
N ARG D 118 -4.86 -26.90 -60.14
CA ARG D 118 -5.21 -25.51 -60.43
C ARG D 118 -4.15 -24.82 -61.29
N GLU D 119 -2.88 -25.15 -61.06
CA GLU D 119 -1.78 -24.55 -61.83
C GLU D 119 -1.86 -24.94 -63.31
N LYS D 120 -2.00 -26.23 -63.59
CA LYS D 120 -2.13 -26.64 -64.98
C LYS D 120 -3.46 -26.20 -65.58
N MET D 121 -4.48 -26.03 -64.74
CA MET D 121 -5.76 -25.53 -65.24
C MET D 121 -5.65 -24.10 -65.74
N THR D 122 -5.00 -23.23 -64.96
CA THR D 122 -4.88 -21.86 -65.44
C THR D 122 -3.83 -21.72 -66.54
N GLN D 123 -2.84 -22.62 -66.57
CA GLN D 123 -1.88 -22.59 -67.66
C GLN D 123 -2.54 -23.02 -68.98
N ILE D 124 -3.40 -24.02 -68.93
CA ILE D 124 -4.15 -24.42 -70.11
C ILE D 124 -5.15 -23.34 -70.51
N MET D 125 -5.75 -22.67 -69.53
CA MET D 125 -6.70 -21.62 -69.85
C MET D 125 -6.03 -20.39 -70.45
N PHE D 126 -4.77 -20.12 -70.12
CA PHE D 126 -4.09 -18.97 -70.70
C PHE D 126 -3.36 -19.29 -71.99
N GLU D 127 -2.45 -20.26 -71.96
CA GLU D 127 -1.56 -20.49 -73.09
C GLU D 127 -2.16 -21.40 -74.15
N THR D 128 -3.44 -21.71 -74.10
CA THR D 128 -4.06 -22.45 -75.19
C THR D 128 -5.30 -21.76 -75.74
N PHE D 129 -6.15 -21.21 -74.88
CA PHE D 129 -7.35 -20.55 -75.35
C PHE D 129 -7.25 -19.05 -75.38
N ASN D 130 -6.25 -18.47 -74.72
CA ASN D 130 -5.92 -17.03 -74.74
C ASN D 130 -7.10 -16.20 -74.24
N VAL D 131 -7.57 -16.51 -73.04
CA VAL D 131 -8.67 -15.76 -72.44
C VAL D 131 -8.12 -14.42 -71.99
N PRO D 132 -8.94 -13.37 -71.90
CA PRO D 132 -8.44 -12.09 -71.36
C PRO D 132 -8.11 -12.20 -69.89
N ALA D 133 -8.99 -12.87 -69.14
CA ALA D 133 -8.81 -13.02 -67.71
C ALA D 133 -9.57 -14.24 -67.25
N MET D 134 -9.09 -14.88 -66.20
CA MET D 134 -9.73 -16.06 -65.66
C MET D 134 -9.73 -16.00 -64.14
N TYR D 135 -10.65 -16.74 -63.55
CA TYR D 135 -10.70 -16.86 -62.10
C TYR D 135 -11.22 -18.25 -61.75
N VAL D 136 -10.58 -18.90 -60.79
CA VAL D 136 -11.07 -20.17 -60.28
C VAL D 136 -11.64 -19.94 -58.88
N ALA D 137 -12.82 -20.46 -58.64
CA ALA D 137 -13.49 -20.27 -57.37
C ALA D 137 -13.80 -21.60 -56.73
N ILE D 138 -13.93 -21.58 -55.40
CA ILE D 138 -14.24 -22.77 -54.63
C ILE D 138 -15.66 -23.21 -54.93
N GLN D 139 -15.85 -24.53 -55.12
CA GLN D 139 -17.13 -25.08 -55.54
C GLN D 139 -18.23 -24.88 -54.51
N ALA D 140 -17.89 -24.66 -53.24
CA ALA D 140 -18.91 -24.54 -52.21
C ALA D 140 -19.26 -23.11 -51.88
N VAL D 141 -18.36 -22.15 -52.11
CA VAL D 141 -18.65 -20.78 -51.73
C VAL D 141 -19.65 -20.16 -52.71
N LEU D 142 -19.76 -20.70 -53.93
CA LEU D 142 -20.72 -20.20 -54.90
C LEU D 142 -22.13 -20.68 -54.60
N SER D 143 -22.26 -21.79 -53.88
CA SER D 143 -23.59 -22.28 -53.52
C SER D 143 -24.30 -21.34 -52.55
N LEU D 144 -23.55 -20.62 -51.72
CA LEU D 144 -24.19 -19.64 -50.86
C LEU D 144 -24.62 -18.40 -51.61
N TYR D 145 -23.89 -18.05 -52.67
CA TYR D 145 -24.37 -17.00 -53.57
C TYR D 145 -25.69 -17.42 -54.21
N ALA D 146 -25.76 -18.66 -54.67
CA ALA D 146 -26.97 -19.14 -55.33
C ALA D 146 -28.13 -19.25 -54.35
N SER D 147 -27.85 -19.57 -53.09
CA SER D 147 -28.92 -19.66 -52.11
C SER D 147 -29.34 -18.31 -51.55
N GLY D 148 -28.65 -17.23 -51.90
CA GLY D 148 -29.01 -15.92 -51.44
C GLY D 148 -28.48 -15.56 -50.07
N ARG D 149 -27.71 -16.44 -49.45
CA ARG D 149 -27.27 -16.25 -48.08
C ARG D 149 -25.78 -15.93 -48.03
N THR D 150 -25.31 -15.58 -46.83
CA THR D 150 -23.89 -15.41 -46.57
C THR D 150 -23.40 -16.19 -45.36
N THR D 151 -24.30 -16.67 -44.52
CA THR D 151 -23.92 -17.56 -43.44
C THR D 151 -24.39 -18.96 -43.79
N GLY D 152 -23.86 -19.94 -43.08
CA GLY D 152 -24.27 -21.31 -43.26
C GLY D 152 -23.12 -22.21 -43.70
N ILE D 153 -23.37 -23.51 -43.60
CA ILE D 153 -22.40 -24.48 -44.08
C ILE D 153 -22.96 -25.10 -45.34
N VAL D 154 -22.05 -25.46 -46.24
CA VAL D 154 -22.40 -25.97 -47.56
C VAL D 154 -22.01 -27.43 -47.62
N LEU D 155 -22.99 -28.28 -47.92
CA LEU D 155 -22.79 -29.70 -48.15
C LEU D 155 -22.88 -29.89 -49.65
N ASP D 156 -21.76 -29.72 -50.34
CA ASP D 156 -21.74 -29.87 -51.79
C ASP D 156 -21.28 -31.29 -52.08
N SER D 157 -22.22 -32.13 -52.49
CA SER D 157 -21.90 -33.52 -52.84
C SER D 157 -22.09 -33.65 -54.33
N GLY D 158 -21.01 -33.51 -55.08
CA GLY D 158 -21.10 -33.63 -56.51
C GLY D 158 -20.99 -35.07 -56.98
N ASP D 159 -20.40 -35.26 -58.14
CA ASP D 159 -20.12 -36.60 -58.64
C ASP D 159 -18.76 -37.08 -58.20
N GLY D 160 -17.79 -36.18 -58.06
CA GLY D 160 -16.47 -36.58 -57.60
C GLY D 160 -16.31 -36.60 -56.11
N VAL D 161 -16.52 -35.47 -55.45
CA VAL D 161 -16.22 -35.33 -54.02
C VAL D 161 -17.45 -34.78 -53.30
N THR D 162 -17.41 -34.86 -51.98
CA THR D 162 -18.43 -34.32 -51.11
C THR D 162 -17.74 -33.47 -50.06
N HIS D 163 -17.92 -32.17 -50.11
CA HIS D 163 -17.22 -31.27 -49.23
C HIS D 163 -18.19 -30.41 -48.43
N ASN D 164 -17.87 -30.24 -47.15
CA ASN D 164 -18.61 -29.39 -46.25
C ASN D 164 -17.74 -28.20 -45.91
N VAL D 165 -18.23 -27.00 -46.22
CA VAL D 165 -17.51 -25.76 -45.97
C VAL D 165 -18.36 -24.84 -45.11
N PRO D 166 -17.95 -24.52 -43.89
CA PRO D 166 -18.73 -23.57 -43.08
C PRO D 166 -18.28 -22.16 -43.34
N ILE D 167 -19.25 -21.28 -43.61
CA ILE D 167 -18.97 -19.91 -43.97
C ILE D 167 -19.88 -19.02 -43.16
N TYR D 168 -19.31 -18.24 -42.26
CA TYR D 168 -20.06 -17.19 -41.57
C TYR D 168 -19.95 -15.94 -42.46
N GLU D 169 -20.55 -14.82 -42.06
CA GLU D 169 -21.03 -13.82 -43.02
C GLU D 169 -19.87 -13.13 -43.73
N GLY D 170 -19.45 -13.77 -44.82
CA GLY D 170 -18.32 -13.38 -45.61
C GLY D 170 -17.12 -14.27 -45.39
N TYR D 171 -16.87 -14.64 -44.15
CA TYR D 171 -15.63 -15.30 -43.76
C TYR D 171 -15.83 -16.79 -43.69
N ALA D 172 -15.03 -17.53 -44.46
CA ALA D 172 -15.00 -18.97 -44.35
C ALA D 172 -14.11 -19.38 -43.19
N LEU D 173 -14.16 -20.65 -42.85
CA LEU D 173 -13.32 -21.22 -41.80
C LEU D 173 -12.52 -22.35 -42.45
N PRO D 174 -11.30 -22.09 -42.91
CA PRO D 174 -10.58 -23.08 -43.71
C PRO D 174 -10.07 -24.26 -42.90
N HIS D 175 -10.04 -24.16 -41.58
CA HIS D 175 -9.63 -25.30 -40.76
C HIS D 175 -10.76 -26.28 -40.52
N ALA D 176 -11.96 -26.01 -41.02
CA ALA D 176 -13.10 -26.90 -40.85
C ALA D 176 -13.66 -27.38 -42.18
N ILE D 177 -12.95 -27.14 -43.28
CA ILE D 177 -13.36 -27.64 -44.58
C ILE D 177 -13.15 -29.16 -44.58
N MET D 178 -14.23 -29.92 -44.59
CA MET D 178 -14.15 -31.36 -44.48
C MET D 178 -14.50 -31.96 -45.84
N ARG D 179 -13.50 -32.55 -46.50
CA ARG D 179 -13.67 -33.10 -47.84
C ARG D 179 -13.61 -34.62 -47.75
N LEU D 180 -14.69 -35.27 -48.17
CA LEU D 180 -14.84 -36.71 -48.15
C LEU D 180 -14.96 -37.19 -49.59
N ASP D 181 -14.27 -38.29 -49.92
CA ASP D 181 -14.18 -38.77 -51.29
C ASP D 181 -15.30 -39.71 -51.67
N LEU D 182 -16.46 -39.60 -51.04
CA LEU D 182 -17.61 -40.45 -51.32
C LEU D 182 -18.69 -39.60 -51.99
N ALA D 183 -19.01 -39.94 -53.23
CA ALA D 183 -19.95 -39.12 -53.98
C ALA D 183 -20.71 -40.02 -54.94
N GLY D 184 -21.30 -39.42 -55.97
CA GLY D 184 -22.24 -40.13 -56.81
C GLY D 184 -21.64 -41.23 -57.65
N ARG D 185 -20.36 -41.13 -57.98
CA ARG D 185 -19.72 -42.20 -58.74
C ARG D 185 -19.52 -43.44 -57.89
N ASP D 186 -19.22 -43.26 -56.60
CA ASP D 186 -19.10 -44.41 -55.73
C ASP D 186 -20.45 -45.03 -55.44
N LEU D 187 -21.52 -44.23 -55.42
CA LEU D 187 -22.86 -44.79 -55.29
C LEU D 187 -23.25 -45.56 -56.55
N THR D 188 -22.77 -45.08 -57.70
CA THR D 188 -23.02 -45.79 -58.95
C THR D 188 -22.28 -47.13 -58.98
N ASP D 189 -21.05 -47.16 -58.50
CA ASP D 189 -20.31 -48.41 -58.43
C ASP D 189 -20.89 -49.36 -57.40
N TYR D 190 -21.39 -48.83 -56.29
CA TYR D 190 -22.04 -49.69 -55.32
C TYR D 190 -23.38 -50.19 -55.82
N LEU D 191 -24.05 -49.44 -56.68
CA LEU D 191 -25.27 -49.94 -57.29
C LEU D 191 -24.97 -51.00 -58.33
N MET D 192 -23.84 -50.88 -59.03
CA MET D 192 -23.39 -51.98 -59.89
C MET D 192 -23.09 -53.22 -59.08
N LYS D 193 -22.49 -53.06 -57.90
CA LYS D 193 -22.13 -54.21 -57.08
C LYS D 193 -23.35 -54.83 -56.44
N ILE D 194 -24.37 -54.04 -56.08
CA ILE D 194 -25.51 -54.57 -55.36
C ILE D 194 -26.62 -55.05 -56.27
N LEU D 195 -26.58 -54.72 -57.56
CA LEU D 195 -27.54 -55.27 -58.51
C LEU D 195 -27.13 -56.63 -59.04
N THR D 196 -25.97 -57.14 -58.64
CA THR D 196 -25.58 -58.48 -59.04
C THR D 196 -26.40 -59.54 -58.33
N GLU D 197 -26.89 -59.22 -57.13
CA GLU D 197 -27.68 -60.17 -56.35
C GLU D 197 -29.09 -60.34 -56.91
N ARG D 198 -29.55 -59.42 -57.73
CA ARG D 198 -30.79 -59.60 -58.46
C ARG D 198 -30.63 -60.48 -59.68
N GLY D 199 -29.41 -60.65 -60.16
CA GLY D 199 -29.12 -61.42 -61.36
C GLY D 199 -28.60 -60.60 -62.52
N TYR D 200 -28.71 -59.28 -62.45
CA TYR D 200 -28.31 -58.43 -63.57
C TYR D 200 -26.83 -58.10 -63.45
N SER D 201 -26.10 -58.28 -64.55
CA SER D 201 -24.67 -58.03 -64.59
C SER D 201 -24.40 -56.84 -65.48
N PHE D 202 -23.89 -55.76 -64.90
CA PHE D 202 -23.47 -54.57 -65.63
C PHE D 202 -21.97 -54.45 -65.42
N VAL D 203 -21.18 -54.75 -66.43
CA VAL D 203 -19.75 -54.93 -66.27
C VAL D 203 -18.94 -53.87 -67.02
N THR D 204 -19.39 -53.42 -68.18
CA THR D 204 -18.58 -52.52 -68.97
C THR D 204 -18.84 -51.08 -68.57
N THR D 205 -18.06 -50.15 -69.14
CA THR D 205 -18.20 -48.75 -68.79
C THR D 205 -19.38 -48.10 -69.50
N ALA D 206 -19.96 -48.77 -70.49
CA ALA D 206 -21.16 -48.27 -71.13
C ALA D 206 -22.41 -48.62 -70.34
N GLU D 207 -22.33 -49.57 -69.42
CA GLU D 207 -23.45 -49.89 -68.54
C GLU D 207 -23.45 -49.06 -67.28
N ARG D 208 -22.36 -48.35 -66.99
CA ARG D 208 -22.36 -47.39 -65.90
C ARG D 208 -23.33 -46.25 -66.17
N GLU D 209 -23.51 -45.90 -67.43
CA GLU D 209 -24.50 -44.88 -67.79
C GLU D 209 -25.92 -45.39 -67.54
N ILE D 210 -26.16 -46.66 -67.81
CA ILE D 210 -27.49 -47.23 -67.62
C ILE D 210 -27.81 -47.34 -66.14
N VAL D 211 -26.85 -47.77 -65.34
CA VAL D 211 -27.11 -47.88 -63.91
C VAL D 211 -27.11 -46.50 -63.26
N ARG D 212 -26.48 -45.50 -63.90
CA ARG D 212 -26.63 -44.14 -63.44
C ARG D 212 -28.04 -43.64 -63.68
N ASP D 213 -28.63 -44.01 -64.83
CA ASP D 213 -30.02 -43.66 -65.09
C ASP D 213 -30.97 -44.38 -64.13
N ILE D 214 -30.61 -45.61 -63.75
CA ILE D 214 -31.36 -46.34 -62.73
C ILE D 214 -31.33 -45.58 -61.40
N LYS D 215 -30.15 -45.10 -61.03
CA LYS D 215 -30.01 -44.26 -59.85
C LYS D 215 -30.78 -42.95 -59.98
N GLU D 216 -30.85 -42.38 -61.18
CA GLU D 216 -31.62 -41.16 -61.43
C GLU D 216 -33.10 -41.36 -61.10
N LYS D 217 -33.74 -42.32 -61.75
CA LYS D 217 -35.19 -42.38 -61.73
C LYS D 217 -35.79 -43.27 -60.65
N LEU D 218 -35.00 -44.03 -59.90
CA LEU D 218 -35.56 -44.96 -58.94
C LEU D 218 -35.10 -44.75 -57.52
N CYS D 219 -33.83 -44.47 -57.29
CA CYS D 219 -33.26 -44.55 -55.95
C CYS D 219 -33.70 -43.38 -55.09
N TYR D 220 -34.36 -43.70 -53.99
CA TYR D 220 -34.70 -42.74 -52.94
C TYR D 220 -33.98 -43.17 -51.67
N VAL D 221 -34.03 -42.32 -50.65
CA VAL D 221 -33.37 -42.59 -49.39
C VAL D 221 -34.42 -42.64 -48.29
N ALA D 222 -34.36 -43.69 -47.47
CA ALA D 222 -35.37 -43.89 -46.44
C ALA D 222 -35.10 -42.99 -45.26
N LEU D 223 -36.20 -42.62 -44.57
CA LEU D 223 -36.08 -41.80 -43.37
C LEU D 223 -35.47 -42.63 -42.23
N ASP D 224 -35.97 -43.84 -42.04
CA ASP D 224 -35.40 -44.79 -41.11
C ASP D 224 -35.01 -46.02 -41.92
N PHE D 225 -33.80 -46.52 -41.70
CA PHE D 225 -33.24 -47.55 -42.57
C PHE D 225 -33.62 -48.95 -42.13
N GLU D 226 -33.70 -49.21 -40.83
CA GLU D 226 -33.90 -50.57 -40.33
C GLU D 226 -35.32 -51.07 -40.60
N ASN D 227 -36.33 -50.28 -40.28
CA ASN D 227 -37.69 -50.74 -40.54
C ASN D 227 -38.02 -50.73 -42.03
N GLU D 228 -37.41 -49.84 -42.80
CA GLU D 228 -37.62 -49.88 -44.25
C GLU D 228 -36.96 -51.11 -44.87
N MET D 229 -35.80 -51.50 -44.33
CA MET D 229 -35.22 -52.79 -44.71
C MET D 229 -36.10 -53.95 -44.31
N ALA D 230 -36.77 -53.85 -43.15
CA ALA D 230 -37.63 -54.92 -42.68
C ALA D 230 -38.88 -55.07 -43.54
N THR D 231 -39.49 -53.96 -43.96
CA THR D 231 -40.67 -54.05 -44.82
C THR D 231 -40.35 -54.47 -46.25
N ALA D 232 -39.08 -54.41 -46.66
CA ALA D 232 -38.70 -54.96 -47.94
C ALA D 232 -38.62 -56.48 -47.93
N ALA D 233 -38.57 -57.10 -46.74
CA ALA D 233 -38.64 -58.55 -46.67
C ALA D 233 -40.04 -59.06 -47.03
N SER D 234 -41.07 -58.38 -46.53
CA SER D 234 -42.44 -58.59 -47.00
C SER D 234 -42.61 -57.79 -48.28
N SER D 235 -42.08 -58.34 -49.38
CA SER D 235 -41.92 -57.62 -50.62
C SER D 235 -43.24 -57.41 -51.34
N SER D 236 -43.89 -56.30 -51.05
CA SER D 236 -45.21 -56.06 -51.61
C SER D 236 -45.33 -54.74 -52.35
N SER D 237 -44.67 -53.69 -51.88
CA SER D 237 -44.89 -52.36 -52.43
C SER D 237 -43.63 -51.58 -52.73
N LEU D 238 -42.44 -52.14 -52.46
CA LEU D 238 -41.20 -51.42 -52.66
C LEU D 238 -40.50 -51.78 -53.96
N GLU D 239 -40.95 -52.82 -54.66
CA GLU D 239 -40.37 -53.16 -55.94
C GLU D 239 -40.75 -52.13 -56.98
N LYS D 240 -39.87 -51.91 -57.95
CA LYS D 240 -40.19 -51.03 -59.05
C LYS D 240 -39.50 -51.55 -60.30
N SER D 241 -40.20 -51.44 -61.43
CA SER D 241 -39.70 -51.94 -62.70
C SER D 241 -39.14 -50.79 -63.53
N TYR D 242 -37.98 -51.01 -64.10
CA TYR D 242 -37.32 -50.04 -64.96
C TYR D 242 -36.98 -50.74 -66.28
N GLU D 243 -37.24 -50.06 -67.38
CA GLU D 243 -36.99 -50.63 -68.70
C GLU D 243 -35.59 -50.25 -69.18
N LEU D 244 -34.89 -51.22 -69.71
CA LEU D 244 -33.54 -51.04 -70.20
C LEU D 244 -33.58 -50.47 -71.61
N PRO D 245 -32.45 -50.00 -72.14
CA PRO D 245 -32.42 -49.64 -73.57
C PRO D 245 -32.62 -50.81 -74.51
N ASP D 246 -32.37 -52.05 -74.08
CA ASP D 246 -32.60 -53.19 -74.96
C ASP D 246 -34.06 -53.59 -75.03
N GLY D 247 -34.80 -53.40 -73.93
CA GLY D 247 -36.17 -53.83 -73.82
C GLY D 247 -36.47 -54.69 -72.63
N GLN D 248 -35.45 -55.25 -71.97
CA GLN D 248 -35.68 -56.07 -70.80
C GLN D 248 -36.04 -55.19 -69.61
N VAL D 249 -37.05 -55.58 -68.87
CA VAL D 249 -37.41 -54.86 -67.67
C VAL D 249 -36.67 -55.47 -66.50
N ILE D 250 -36.40 -54.65 -65.49
CA ILE D 250 -35.75 -55.12 -64.27
C ILE D 250 -36.60 -54.69 -63.09
N THR D 251 -36.63 -55.54 -62.07
CA THR D 251 -37.35 -55.26 -60.83
C THR D 251 -36.33 -54.99 -59.73
N ILE D 252 -36.57 -53.95 -58.95
CA ILE D 252 -35.64 -53.52 -57.93
C ILE D 252 -36.39 -53.41 -56.60
N GLY D 253 -35.85 -54.06 -55.56
CA GLY D 253 -36.45 -54.05 -54.24
C GLY D 253 -35.71 -53.19 -53.26
N ASN D 254 -34.94 -53.81 -52.36
CA ASN D 254 -34.22 -53.04 -51.36
C ASN D 254 -33.01 -52.30 -51.93
N GLU D 255 -32.54 -52.71 -53.11
CA GLU D 255 -31.48 -51.98 -53.81
C GLU D 255 -31.88 -50.56 -54.18
N ARG D 256 -33.18 -50.28 -54.17
CA ARG D 256 -33.68 -48.93 -54.39
C ARG D 256 -33.27 -47.99 -53.28
N PHE D 257 -33.10 -48.48 -52.05
CA PHE D 257 -32.69 -47.57 -50.97
C PHE D 257 -31.41 -47.96 -50.27
N ARG D 258 -30.79 -49.08 -50.62
CA ARG D 258 -29.46 -49.35 -50.11
C ARG D 258 -28.39 -48.54 -50.82
N CYS D 259 -28.70 -47.96 -51.97
CA CYS D 259 -27.69 -47.18 -52.69
C CYS D 259 -27.45 -45.80 -52.11
N PRO D 260 -28.47 -44.98 -51.74
CA PRO D 260 -28.14 -43.71 -51.08
C PRO D 260 -27.77 -43.86 -49.62
N GLU D 261 -28.01 -45.01 -49.00
CA GLU D 261 -27.65 -45.22 -47.61
C GLU D 261 -26.14 -45.27 -47.41
N THR D 262 -25.38 -45.45 -48.49
CA THR D 262 -23.93 -45.31 -48.42
C THR D 262 -23.51 -43.90 -48.05
N LEU D 263 -24.34 -42.91 -48.38
CA LEU D 263 -24.06 -41.53 -47.98
C LEU D 263 -24.11 -41.34 -46.48
N PHE D 264 -24.88 -42.17 -45.76
CA PHE D 264 -24.99 -42.05 -44.32
C PHE D 264 -24.32 -43.18 -43.57
N GLN D 265 -23.85 -44.21 -44.28
CA GLN D 265 -23.07 -45.29 -43.69
C GLN D 265 -22.01 -45.68 -44.70
N PRO D 266 -20.86 -45.02 -44.69
CA PRO D 266 -19.82 -45.34 -45.68
C PRO D 266 -19.05 -46.62 -45.39
N SER D 267 -19.42 -47.37 -44.36
CA SER D 267 -18.84 -48.67 -44.12
C SER D 267 -19.41 -49.74 -45.04
N PHE D 268 -20.43 -49.42 -45.83
CA PHE D 268 -20.96 -50.38 -46.79
C PHE D 268 -19.98 -50.62 -47.92
N ILE D 269 -19.30 -49.56 -48.39
CA ILE D 269 -18.27 -49.70 -49.40
C ILE D 269 -16.89 -49.72 -48.78
N GLY D 270 -16.79 -49.95 -47.47
CA GLY D 270 -15.52 -50.13 -46.82
C GLY D 270 -14.76 -48.87 -46.48
N MET D 271 -15.36 -47.71 -46.68
CA MET D 271 -14.68 -46.45 -46.41
C MET D 271 -14.66 -46.19 -44.91
N GLU D 272 -13.48 -46.10 -44.33
CA GLU D 272 -13.38 -45.64 -42.96
C GLU D 272 -13.60 -44.14 -42.91
N SER D 273 -14.84 -43.75 -42.68
CA SER D 273 -15.19 -42.35 -42.56
C SER D 273 -16.50 -42.25 -41.79
N ALA D 274 -17.07 -41.07 -41.77
CA ALA D 274 -18.40 -40.86 -41.25
C ALA D 274 -19.32 -40.45 -42.39
N GLY D 275 -20.61 -40.73 -42.22
CA GLY D 275 -21.59 -40.35 -43.22
C GLY D 275 -21.77 -38.85 -43.26
N ILE D 276 -22.50 -38.40 -44.28
CA ILE D 276 -22.64 -36.97 -44.51
C ILE D 276 -23.51 -36.29 -43.46
N HIS D 277 -24.20 -37.07 -42.63
CA HIS D 277 -24.86 -36.49 -41.47
C HIS D 277 -23.88 -36.31 -40.31
N GLU D 278 -22.88 -37.16 -40.20
CA GLU D 278 -21.98 -37.13 -39.06
C GLU D 278 -20.76 -36.26 -39.31
N THR D 279 -20.30 -36.15 -40.55
CA THR D 279 -19.22 -35.20 -40.81
C THR D 279 -19.72 -33.77 -40.80
N THR D 280 -21.02 -33.54 -40.99
CA THR D 280 -21.55 -32.19 -40.88
C THR D 280 -21.54 -31.71 -39.44
N TYR D 281 -22.06 -32.53 -38.52
CA TYR D 281 -21.97 -32.19 -37.10
C TYR D 281 -20.54 -32.22 -36.61
N ASN D 282 -19.70 -33.06 -37.22
CA ASN D 282 -18.29 -33.07 -36.88
C ASN D 282 -17.59 -31.81 -37.35
N SER D 283 -18.06 -31.22 -38.46
CA SER D 283 -17.42 -30.03 -39.00
C SER D 283 -17.94 -28.75 -38.36
N ILE D 284 -19.19 -28.73 -37.93
CA ILE D 284 -19.70 -27.59 -37.18
C ILE D 284 -19.02 -27.52 -35.82
N MET D 285 -18.75 -28.67 -35.21
CA MET D 285 -18.07 -28.69 -33.93
C MET D 285 -16.60 -28.32 -34.02
N LYS D 286 -16.01 -28.31 -35.23
CA LYS D 286 -14.68 -27.76 -35.39
C LYS D 286 -14.69 -26.24 -35.38
N CYS D 287 -15.85 -25.61 -35.56
CA CYS D 287 -15.94 -24.16 -35.56
C CYS D 287 -16.01 -23.62 -34.14
N ASP D 288 -16.23 -22.32 -34.02
CA ASP D 288 -16.28 -21.68 -32.73
C ASP D 288 -17.70 -21.70 -32.18
N ILE D 289 -17.80 -21.55 -30.86
CA ILE D 289 -19.07 -21.79 -30.18
C ILE D 289 -20.06 -20.66 -30.39
N ASP D 290 -19.61 -19.50 -30.87
CA ASP D 290 -20.53 -18.39 -31.05
C ASP D 290 -21.32 -18.48 -32.34
N ILE D 291 -20.66 -18.87 -33.44
CA ILE D 291 -21.31 -18.97 -34.73
C ILE D 291 -22.02 -20.29 -34.95
N ARG D 292 -22.05 -21.15 -33.94
CA ARG D 292 -22.56 -22.50 -34.11
C ARG D 292 -24.07 -22.50 -34.27
N LYS D 293 -24.75 -21.53 -33.63
CA LYS D 293 -26.19 -21.39 -33.76
C LYS D 293 -26.61 -21.03 -35.18
N ASP D 294 -25.90 -20.12 -35.81
CA ASP D 294 -26.26 -19.73 -37.17
C ASP D 294 -25.89 -20.80 -38.16
N LEU D 295 -24.85 -21.58 -37.88
CA LEU D 295 -24.45 -22.64 -38.80
C LEU D 295 -25.39 -23.84 -38.69
N TYR D 296 -25.97 -24.07 -37.51
CA TYR D 296 -26.95 -25.15 -37.37
C TYR D 296 -28.22 -24.86 -38.14
N ALA D 297 -28.62 -23.59 -38.22
CA ALA D 297 -29.91 -23.21 -38.77
C ALA D 297 -29.85 -22.85 -40.24
N ASN D 298 -28.68 -22.94 -40.88
CA ASN D 298 -28.53 -22.58 -42.28
C ASN D 298 -27.70 -23.68 -42.93
N ASN D 299 -28.36 -24.71 -43.43
CA ASN D 299 -27.66 -25.86 -44.00
C ASN D 299 -28.06 -26.00 -45.46
N VAL D 300 -27.35 -25.32 -46.35
CA VAL D 300 -27.64 -25.46 -47.76
C VAL D 300 -27.10 -26.78 -48.27
N MET D 301 -27.62 -27.22 -49.42
CA MET D 301 -27.23 -28.49 -50.01
C MET D 301 -27.18 -28.28 -51.52
N SER D 302 -25.99 -28.09 -52.06
CA SER D 302 -25.84 -28.03 -53.50
C SER D 302 -25.50 -29.42 -54.01
N GLY D 303 -25.12 -29.52 -55.28
CA GLY D 303 -24.69 -30.79 -55.82
C GLY D 303 -25.83 -31.71 -56.19
N GLY D 304 -25.64 -32.52 -57.22
CA GLY D 304 -26.71 -33.38 -57.67
C GLY D 304 -27.00 -34.56 -56.77
N THR D 305 -26.04 -34.98 -55.96
CA THR D 305 -26.25 -36.14 -55.11
C THR D 305 -27.11 -35.80 -53.90
N THR D 306 -27.40 -34.53 -53.67
CA THR D 306 -28.43 -34.14 -52.72
C THR D 306 -29.78 -33.90 -53.41
N MET D 307 -30.03 -34.59 -54.53
CA MET D 307 -31.34 -34.51 -55.18
C MET D 307 -32.08 -35.84 -55.09
N TYR D 308 -31.72 -36.70 -54.15
CA TYR D 308 -32.52 -37.89 -53.90
C TYR D 308 -33.85 -37.50 -53.26
N PRO D 309 -34.91 -38.23 -53.53
CA PRO D 309 -36.18 -37.93 -52.89
C PRO D 309 -36.16 -38.27 -51.41
N GLY D 310 -36.08 -37.26 -50.57
CA GLY D 310 -36.10 -37.43 -49.14
C GLY D 310 -34.78 -37.31 -48.42
N ILE D 311 -33.77 -36.67 -49.02
CA ILE D 311 -32.50 -36.56 -48.33
C ILE D 311 -32.53 -35.41 -47.34
N ALA D 312 -33.40 -34.42 -47.53
CA ALA D 312 -33.49 -33.31 -46.58
C ALA D 312 -34.09 -33.78 -45.26
N ASP D 313 -35.10 -34.64 -45.33
CA ASP D 313 -35.76 -35.15 -44.13
C ASP D 313 -34.81 -36.03 -43.32
N ARG D 314 -34.05 -36.90 -43.98
CA ARG D 314 -33.13 -37.75 -43.24
C ARG D 314 -31.94 -36.95 -42.73
N MET D 315 -31.53 -35.91 -43.47
CA MET D 315 -30.43 -35.06 -43.01
C MET D 315 -30.82 -34.30 -41.76
N GLN D 316 -32.06 -33.78 -41.73
CA GLN D 316 -32.54 -33.09 -40.54
C GLN D 316 -32.73 -34.04 -39.37
N LYS D 317 -33.29 -35.23 -39.62
CA LYS D 317 -33.55 -36.19 -38.56
C LYS D 317 -32.24 -36.76 -38.01
N GLU D 318 -31.23 -36.87 -38.85
CA GLU D 318 -29.96 -37.45 -38.43
C GLU D 318 -29.03 -36.43 -37.80
N ILE D 319 -29.17 -35.15 -38.12
CA ILE D 319 -28.45 -34.13 -37.36
C ILE D 319 -29.10 -33.91 -36.01
N THR D 320 -30.43 -33.83 -35.96
CA THR D 320 -31.10 -33.47 -34.72
C THR D 320 -31.01 -34.53 -33.64
N ALA D 321 -30.52 -35.73 -33.94
CA ALA D 321 -30.15 -36.69 -32.91
C ALA D 321 -28.74 -36.47 -32.39
N LEU D 322 -27.93 -35.68 -33.09
CA LEU D 322 -26.56 -35.38 -32.69
C LEU D 322 -26.42 -34.00 -32.09
N ALA D 323 -27.15 -33.02 -32.61
CA ALA D 323 -27.09 -31.66 -32.11
C ALA D 323 -27.82 -31.56 -30.77
N PRO D 324 -27.52 -30.53 -29.97
CA PRO D 324 -28.35 -30.28 -28.79
C PRO D 324 -29.77 -29.91 -29.18
N SER D 325 -30.73 -30.42 -28.41
CA SER D 325 -32.14 -30.40 -28.78
C SER D 325 -32.86 -29.11 -28.40
N THR D 326 -32.15 -28.01 -28.18
CA THR D 326 -32.80 -26.79 -27.74
C THR D 326 -32.86 -25.71 -28.82
N MET D 327 -32.38 -25.98 -30.03
CA MET D 327 -32.55 -25.04 -31.12
C MET D 327 -32.60 -25.82 -32.42
N LYS D 328 -33.36 -25.30 -33.39
CA LYS D 328 -33.80 -26.13 -34.50
C LYS D 328 -32.74 -26.25 -35.58
N ILE D 329 -32.85 -27.32 -36.35
CA ILE D 329 -32.03 -27.54 -37.53
C ILE D 329 -32.92 -27.38 -38.76
N LYS D 330 -32.45 -26.62 -39.74
CA LYS D 330 -33.21 -26.35 -40.95
C LYS D 330 -32.33 -26.67 -42.15
N ILE D 331 -32.49 -27.88 -42.70
CA ILE D 331 -31.76 -28.25 -43.91
C ILE D 331 -32.44 -27.58 -45.09
N ILE D 332 -31.95 -26.41 -45.48
CA ILE D 332 -32.57 -25.69 -46.58
C ILE D 332 -32.13 -26.33 -47.89
N ALA D 333 -33.09 -26.89 -48.62
CA ALA D 333 -32.81 -27.61 -49.86
C ALA D 333 -33.52 -26.91 -51.00
N PRO D 334 -32.80 -26.09 -51.78
CA PRO D 334 -33.45 -25.38 -52.87
C PRO D 334 -33.77 -26.33 -54.00
N PRO D 335 -34.84 -26.07 -54.76
CA PRO D 335 -35.28 -27.04 -55.78
C PRO D 335 -34.43 -27.06 -57.05
N GLU D 336 -33.60 -26.07 -57.30
CA GLU D 336 -32.77 -26.02 -58.49
C GLU D 336 -31.33 -26.39 -58.20
N ARG D 337 -31.10 -27.09 -57.07
CA ARG D 337 -29.78 -27.18 -56.45
C ARG D 337 -28.75 -27.91 -57.30
N LYS D 338 -29.17 -28.73 -58.26
CA LYS D 338 -28.22 -29.43 -59.13
C LYS D 338 -27.39 -28.43 -59.93
N TYR D 339 -28.00 -27.34 -60.36
CA TYR D 339 -27.27 -26.30 -61.06
C TYR D 339 -26.78 -25.20 -60.13
N SER D 340 -26.82 -25.42 -58.81
CA SER D 340 -26.62 -24.35 -57.85
C SER D 340 -25.22 -23.77 -57.92
N VAL D 341 -24.22 -24.64 -58.10
CA VAL D 341 -22.83 -24.21 -58.25
C VAL D 341 -22.67 -23.34 -59.49
N TRP D 342 -23.47 -23.59 -60.52
CA TRP D 342 -23.44 -22.71 -61.67
C TRP D 342 -24.06 -21.36 -61.37
N ILE D 343 -25.14 -21.34 -60.58
CA ILE D 343 -25.95 -20.12 -60.43
C ILE D 343 -25.17 -19.04 -59.71
N GLY D 344 -24.50 -19.42 -58.61
CA GLY D 344 -23.59 -18.50 -57.95
C GLY D 344 -22.43 -18.09 -58.83
N GLY D 345 -22.00 -18.97 -59.72
CA GLY D 345 -21.00 -18.59 -60.70
C GLY D 345 -21.52 -17.55 -61.67
N SER D 346 -22.82 -17.58 -61.95
CA SER D 346 -23.41 -16.52 -62.73
C SER D 346 -23.57 -15.25 -61.94
N ILE D 347 -23.57 -15.33 -60.61
CA ILE D 347 -23.66 -14.13 -59.80
C ILE D 347 -22.30 -13.46 -59.69
N LEU D 348 -21.32 -14.19 -59.18
CA LEU D 348 -20.02 -13.63 -58.81
C LEU D 348 -19.28 -13.08 -60.02
N ALA D 349 -19.44 -13.71 -61.18
CA ALA D 349 -18.78 -13.20 -62.37
C ALA D 349 -19.45 -11.94 -62.89
N SER D 350 -20.74 -11.77 -62.65
CA SER D 350 -21.46 -10.61 -63.14
C SER D 350 -21.56 -9.51 -62.10
N LEU D 351 -20.94 -9.68 -60.94
CA LEU D 351 -21.02 -8.68 -59.88
C LEU D 351 -20.10 -7.52 -60.19
N SER D 352 -20.57 -6.30 -59.88
CA SER D 352 -19.87 -5.09 -60.30
C SER D 352 -18.58 -4.87 -59.52
N THR D 353 -18.53 -5.27 -58.26
CA THR D 353 -17.33 -5.07 -57.45
C THR D 353 -16.30 -6.19 -57.62
N PHE D 354 -16.46 -7.05 -58.61
CA PHE D 354 -15.56 -8.17 -58.81
C PHE D 354 -14.47 -7.90 -59.83
N GLN D 355 -14.71 -7.00 -60.78
CA GLN D 355 -13.91 -6.89 -62.00
C GLN D 355 -12.46 -6.46 -61.78
N GLN D 356 -12.08 -6.06 -60.57
CA GLN D 356 -10.67 -5.90 -60.24
C GLN D 356 -10.17 -7.04 -59.38
N MET D 357 -10.68 -8.25 -59.57
CA MET D 357 -10.20 -9.41 -58.85
C MET D 357 -10.16 -10.62 -59.77
N TRP D 358 -10.01 -10.38 -61.06
CA TRP D 358 -9.71 -11.43 -62.02
C TRP D 358 -8.20 -11.72 -62.00
N ILE D 359 -7.74 -12.54 -62.93
CA ILE D 359 -6.31 -12.73 -63.17
C ILE D 359 -6.08 -12.37 -64.63
N THR D 360 -5.61 -11.15 -64.87
CA THR D 360 -5.38 -10.70 -66.23
C THR D 360 -4.16 -11.39 -66.83
N LYS D 361 -4.09 -11.38 -68.16
CA LYS D 361 -2.98 -12.03 -68.85
C LYS D 361 -1.67 -11.28 -68.62
N GLN D 362 -1.73 -9.96 -68.48
CA GLN D 362 -0.54 -9.19 -68.16
C GLN D 362 -0.08 -9.42 -66.73
N GLU D 363 -0.95 -9.93 -65.86
CA GLU D 363 -0.55 -10.29 -64.50
C GLU D 363 0.01 -11.70 -64.42
N TYR D 364 -0.23 -12.52 -65.44
CA TYR D 364 0.17 -13.91 -65.43
C TYR D 364 1.56 -14.12 -66.03
N ASP D 365 1.88 -13.41 -67.11
CA ASP D 365 3.10 -13.67 -67.86
C ASP D 365 4.35 -13.21 -67.11
N GLU D 366 4.22 -12.26 -66.19
CA GLU D 366 5.37 -11.82 -65.43
C GLU D 366 5.59 -12.65 -64.16
N ALA D 367 4.53 -13.25 -63.64
CA ALA D 367 4.60 -14.01 -62.41
C ALA D 367 4.47 -15.52 -62.61
N GLY D 368 4.23 -15.98 -63.83
CA GLY D 368 4.08 -17.38 -64.09
C GLY D 368 2.75 -17.91 -63.62
N PRO D 369 2.59 -19.24 -63.60
CA PRO D 369 1.33 -19.84 -63.15
C PRO D 369 1.17 -19.89 -61.64
N SER D 370 2.15 -19.42 -60.88
CA SER D 370 2.06 -19.39 -59.42
C SER D 370 1.24 -18.21 -58.91
N ILE D 371 0.73 -17.36 -59.80
CA ILE D 371 -0.09 -16.22 -59.40
C ILE D 371 -1.48 -16.67 -58.92
N VAL D 372 -1.90 -17.88 -59.24
CA VAL D 372 -3.26 -18.31 -58.93
C VAL D 372 -3.42 -18.68 -57.47
N HIS D 373 -2.34 -18.89 -56.74
CA HIS D 373 -2.47 -19.23 -55.34
C HIS D 373 -2.66 -18.01 -54.47
N ARG D 374 -1.99 -16.89 -54.79
CA ARG D 374 -2.10 -15.68 -53.99
C ARG D 374 -3.19 -14.76 -54.51
N LYS D 375 -4.14 -15.30 -55.27
CA LYS D 375 -5.28 -14.55 -55.75
C LYS D 375 -6.62 -15.17 -55.36
N CYS D 376 -6.72 -16.49 -55.28
CA CYS D 376 -8.00 -17.17 -55.13
C CYS D 376 -8.22 -17.72 -53.74
N PHE D 377 -7.18 -18.24 -53.11
CA PHE D 377 -7.30 -18.83 -51.78
C PHE D 377 -5.95 -18.77 -51.08
N GLU E 6 12.44 -53.55 -0.02
CA GLU E 6 12.86 -54.59 -0.95
C GLU E 6 11.91 -54.61 -2.15
N THR E 7 10.66 -54.21 -1.91
CA THR E 7 9.71 -54.03 -2.99
C THR E 7 10.07 -52.78 -3.81
N THR E 8 9.64 -52.79 -5.06
CA THR E 8 9.82 -51.65 -5.95
C THR E 8 8.48 -51.04 -6.27
N ALA E 9 8.52 -49.84 -6.83
CA ALA E 9 7.31 -49.12 -7.22
C ALA E 9 7.19 -49.13 -8.73
N LEU E 10 5.94 -49.20 -9.20
CA LEU E 10 5.65 -49.17 -10.61
C LEU E 10 5.38 -47.74 -11.03
N VAL E 11 5.91 -47.33 -12.17
CA VAL E 11 5.56 -46.04 -12.73
C VAL E 11 5.02 -46.25 -14.14
N CYS E 12 3.98 -45.49 -14.48
CA CYS E 12 3.24 -45.67 -15.73
C CYS E 12 2.80 -44.29 -16.20
N ASP E 13 3.58 -43.70 -17.11
CA ASP E 13 3.17 -42.48 -17.77
C ASP E 13 2.18 -42.84 -18.86
N ASN E 14 0.91 -42.56 -18.59
CA ASN E 14 -0.18 -42.84 -19.53
C ASN E 14 -0.36 -41.61 -20.40
N GLY E 15 0.50 -41.48 -21.40
CA GLY E 15 0.43 -40.35 -22.28
C GLY E 15 -0.71 -40.45 -23.26
N SER E 16 -0.80 -39.43 -24.11
CA SER E 16 -1.85 -39.39 -25.11
C SER E 16 -1.48 -40.17 -26.36
N GLY E 17 -0.21 -40.45 -26.59
CA GLY E 17 0.18 -41.16 -27.79
C GLY E 17 1.12 -42.31 -27.55
N LEU E 18 1.69 -42.41 -26.35
CA LEU E 18 2.68 -43.44 -26.05
C LEU E 18 2.60 -43.74 -24.57
N VAL E 19 2.09 -44.91 -24.21
CA VAL E 19 2.14 -45.36 -22.82
C VAL E 19 3.55 -45.87 -22.56
N LYS E 20 4.19 -45.32 -21.53
CA LYS E 20 5.49 -45.77 -21.08
C LYS E 20 5.37 -46.27 -19.65
N ALA E 21 6.10 -47.33 -19.32
CA ALA E 21 5.94 -47.93 -18.01
C ALA E 21 7.19 -48.71 -17.64
N GLY E 22 7.45 -48.75 -16.34
CA GLY E 22 8.58 -49.49 -15.84
C GLY E 22 8.61 -49.48 -14.34
N PHE E 23 9.77 -49.83 -13.79
CA PHE E 23 9.97 -49.89 -12.36
C PHE E 23 10.71 -48.66 -11.86
N ALA E 24 10.42 -48.28 -10.62
CA ALA E 24 11.10 -47.16 -10.02
C ALA E 24 12.56 -47.50 -9.75
N GLY E 25 13.38 -46.45 -9.65
CA GLY E 25 14.81 -46.61 -9.47
C GLY E 25 15.57 -46.95 -10.73
N ASP E 26 14.87 -47.26 -11.82
CA ASP E 26 15.53 -47.61 -13.06
C ASP E 26 15.85 -46.34 -13.84
N ASP E 27 16.50 -46.55 -14.98
CA ASP E 27 16.99 -45.47 -15.82
C ASP E 27 16.36 -45.42 -17.19
N ALA E 28 15.45 -46.34 -17.50
CA ALA E 28 14.82 -46.40 -18.81
C ALA E 28 13.52 -47.16 -18.66
N PRO E 29 12.48 -46.81 -19.41
CA PRO E 29 11.23 -47.56 -19.33
C PRO E 29 11.38 -48.92 -20.00
N ARG E 30 10.80 -49.94 -19.36
CA ARG E 30 10.86 -51.27 -19.95
C ARG E 30 9.84 -51.44 -21.05
N ALA E 31 8.64 -50.93 -20.85
CA ALA E 31 7.59 -51.03 -21.86
C ALA E 31 7.26 -49.66 -22.41
N VAL E 32 7.34 -49.51 -23.73
CA VAL E 32 6.81 -48.32 -24.37
C VAL E 32 6.03 -48.77 -25.61
N PHE E 33 4.79 -48.33 -25.72
CA PHE E 33 3.95 -48.77 -26.83
C PHE E 33 2.88 -47.73 -27.06
N PRO E 34 2.41 -47.57 -28.29
CA PRO E 34 1.37 -46.56 -28.55
C PRO E 34 0.04 -46.98 -27.94
N SER E 35 -0.63 -46.00 -27.33
CA SER E 35 -1.87 -46.24 -26.60
C SER E 35 -3.04 -46.22 -27.57
N ILE E 36 -3.12 -47.26 -28.39
CA ILE E 36 -4.15 -47.38 -29.41
C ILE E 36 -5.00 -48.60 -29.07
N VAL E 37 -6.31 -48.48 -29.27
CA VAL E 37 -7.23 -49.61 -29.20
C VAL E 37 -7.86 -49.77 -30.56
N GLY E 38 -7.73 -50.95 -31.15
CA GLY E 38 -8.22 -51.22 -32.48
C GLY E 38 -9.33 -52.25 -32.47
N ARG E 39 -10.43 -51.91 -33.11
CA ARG E 39 -11.51 -52.84 -33.37
C ARG E 39 -11.43 -53.27 -34.83
N PRO E 40 -11.58 -54.55 -35.15
CA PRO E 40 -11.67 -54.94 -36.55
C PRO E 40 -12.98 -54.49 -37.16
N ARG E 41 -12.94 -54.19 -38.45
CA ARG E 41 -14.07 -53.58 -39.12
C ARG E 41 -14.54 -54.33 -40.36
N HIS E 42 -13.98 -55.50 -40.65
CA HIS E 42 -14.35 -56.28 -41.82
C HIS E 42 -15.04 -57.57 -41.39
N GLN E 43 -15.27 -58.45 -42.37
CA GLN E 43 -16.14 -59.60 -42.15
C GLN E 43 -15.44 -60.72 -41.38
N GLY E 44 -14.22 -61.06 -41.78
CA GLY E 44 -13.58 -62.20 -41.15
C GLY E 44 -14.08 -63.54 -41.64
N VAL E 45 -13.79 -63.86 -42.89
CA VAL E 45 -14.32 -65.07 -43.52
C VAL E 45 -13.70 -66.35 -42.99
N MET E 46 -12.47 -66.30 -42.49
CA MET E 46 -11.87 -67.48 -41.90
C MET E 46 -12.56 -67.81 -40.58
N VAL E 47 -12.68 -69.11 -40.31
CA VAL E 47 -13.51 -69.53 -39.18
C VAL E 47 -12.81 -69.30 -37.87
N GLY E 48 -11.49 -69.47 -37.84
CA GLY E 48 -10.66 -68.93 -36.79
C GLY E 48 -10.31 -67.49 -37.09
N MET E 49 -9.61 -66.87 -36.13
CA MET E 49 -9.15 -65.48 -36.20
C MET E 49 -10.30 -64.50 -36.42
N GLY E 50 -11.43 -64.77 -35.77
CA GLY E 50 -12.57 -63.88 -35.82
C GLY E 50 -13.10 -63.58 -34.43
N GLN E 51 -12.54 -64.25 -33.43
CA GLN E 51 -12.97 -64.07 -32.04
C GLN E 51 -12.19 -62.99 -31.31
N LYS E 52 -11.03 -62.61 -31.81
CA LYS E 52 -10.23 -61.57 -31.15
C LYS E 52 -10.89 -60.22 -31.41
N ASP E 53 -11.55 -59.69 -30.38
CA ASP E 53 -12.46 -58.57 -30.56
C ASP E 53 -11.77 -57.21 -30.49
N SER E 54 -10.64 -57.11 -29.79
CA SER E 54 -9.95 -55.83 -29.66
C SER E 54 -8.45 -56.06 -29.57
N TYR E 55 -7.68 -55.14 -30.13
CA TYR E 55 -6.23 -55.23 -30.13
C TYR E 55 -5.67 -53.97 -29.49
N VAL E 56 -4.60 -54.11 -28.71
CA VAL E 56 -4.01 -52.98 -27.99
C VAL E 56 -2.50 -52.99 -28.18
N GLY E 57 -1.92 -51.80 -28.27
CA GLY E 57 -0.48 -51.69 -28.32
C GLY E 57 0.16 -52.04 -29.66
N ASP E 58 1.29 -52.75 -29.61
CA ASP E 58 2.06 -52.98 -30.83
C ASP E 58 1.42 -54.03 -31.73
N GLU E 59 0.60 -54.92 -31.18
CA GLU E 59 -0.08 -55.87 -32.04
C GLU E 59 -1.24 -55.23 -32.80
N ALA E 60 -1.71 -54.06 -32.35
CA ALA E 60 -2.61 -53.26 -33.16
C ALA E 60 -1.85 -52.38 -34.13
N GLN E 61 -0.65 -51.95 -33.76
CA GLN E 61 0.19 -51.17 -34.66
C GLN E 61 0.72 -52.01 -35.81
N SER E 62 0.87 -53.32 -35.60
CA SER E 62 1.31 -54.19 -36.67
C SER E 62 0.19 -54.52 -37.65
N LYS E 63 -1.05 -54.55 -37.17
CA LYS E 63 -2.18 -55.00 -37.99
C LYS E 63 -3.13 -53.87 -38.34
N ARG E 64 -2.65 -52.64 -38.46
CA ARG E 64 -3.52 -51.46 -38.49
C ARG E 64 -4.34 -51.33 -39.75
N GLY E 65 -4.10 -52.14 -40.78
CA GLY E 65 -4.88 -52.02 -42.00
C GLY E 65 -6.30 -52.49 -41.88
N ILE E 66 -6.59 -53.36 -40.92
CA ILE E 66 -7.90 -53.97 -40.79
C ILE E 66 -8.61 -53.50 -39.53
N LEU E 67 -8.09 -52.48 -38.87
CA LEU E 67 -8.66 -52.03 -37.60
C LEU E 67 -9.02 -50.56 -37.68
N THR E 68 -10.18 -50.23 -37.16
CA THR E 68 -10.43 -48.86 -36.75
C THR E 68 -9.64 -48.62 -35.47
N LEU E 69 -8.86 -47.54 -35.47
CA LEU E 69 -7.96 -47.24 -34.37
C LEU E 69 -8.48 -46.05 -33.58
N LYS E 70 -8.47 -46.18 -32.27
CA LYS E 70 -8.96 -45.10 -31.43
C LYS E 70 -7.98 -44.87 -30.30
N TYR E 71 -7.65 -43.63 -30.10
CA TYR E 71 -6.92 -43.28 -28.89
C TYR E 71 -7.93 -42.98 -27.80
N PRO E 72 -7.84 -43.61 -26.64
CA PRO E 72 -8.78 -43.30 -25.55
C PRO E 72 -8.49 -41.97 -24.89
N ILE E 73 -7.31 -41.40 -25.09
CA ILE E 73 -6.93 -40.15 -24.48
C ILE E 73 -6.81 -39.11 -25.57
N GLU E 74 -7.63 -38.08 -25.50
CA GLU E 74 -7.51 -36.98 -26.44
C GLU E 74 -7.46 -35.67 -25.68
N HIC E 75 -6.40 -34.91 -25.92
CA HIC E 75 -6.09 -33.67 -25.24
C HIC E 75 -6.01 -33.83 -23.73
O HIC E 75 -6.60 -33.10 -22.94
CB HIC E 75 -7.06 -32.50 -25.47
CG HIC E 75 -7.47 -32.35 -26.86
ND1 HIC E 75 -6.64 -32.58 -27.97
CD2 HIC E 75 -8.75 -31.97 -27.30
CE1 HIC E 75 -7.41 -32.33 -29.05
NE2 HIC E 75 -8.71 -31.96 -28.68
CZ HIC E 75 -9.78 -31.62 -29.56
N GLY E 76 -5.29 -34.86 -23.31
CA GLY E 76 -5.05 -35.07 -21.90
C GLY E 76 -6.15 -35.78 -21.13
N ILE E 77 -7.40 -35.43 -21.40
CA ILE E 77 -8.51 -36.07 -20.71
C ILE E 77 -8.74 -37.46 -21.31
N ILE E 78 -9.50 -38.28 -20.59
CA ILE E 78 -9.78 -39.65 -21.00
C ILE E 78 -11.25 -39.73 -21.37
N THR E 79 -11.53 -40.08 -22.62
CA THR E 79 -12.88 -40.09 -23.13
C THR E 79 -13.48 -41.49 -23.24
N ASN E 80 -12.70 -42.53 -22.94
CA ASN E 80 -13.22 -43.89 -23.07
C ASN E 80 -12.55 -44.73 -21.99
N TRP E 81 -13.27 -44.97 -20.90
CA TRP E 81 -12.68 -45.68 -19.78
C TRP E 81 -12.57 -47.18 -20.05
N ASP E 82 -13.49 -47.72 -20.83
CA ASP E 82 -13.47 -49.14 -21.14
C ASP E 82 -12.31 -49.52 -22.04
N ASP E 83 -11.73 -48.56 -22.75
CA ASP E 83 -10.50 -48.80 -23.49
C ASP E 83 -9.28 -48.49 -22.67
N MET E 84 -9.38 -47.55 -21.74
CA MET E 84 -8.22 -47.21 -20.91
C MET E 84 -7.92 -48.32 -19.92
N GLU E 85 -8.94 -49.01 -19.40
CA GLU E 85 -8.65 -50.15 -18.55
C GLU E 85 -8.10 -51.30 -19.35
N LYS E 86 -8.45 -51.41 -20.64
CA LYS E 86 -7.82 -52.39 -21.51
C LYS E 86 -6.35 -52.09 -21.71
N ILE E 87 -6.01 -50.81 -21.87
CA ILE E 87 -4.62 -50.43 -22.09
C ILE E 87 -3.80 -50.64 -20.82
N TRP E 88 -4.38 -50.33 -19.65
CA TRP E 88 -3.66 -50.57 -18.40
C TRP E 88 -3.52 -52.07 -18.12
N HIS E 89 -4.55 -52.85 -18.44
CA HIS E 89 -4.47 -54.29 -18.28
C HIS E 89 -3.44 -54.90 -19.21
N HIS E 90 -3.27 -54.34 -20.41
CA HIS E 90 -2.19 -54.77 -21.28
C HIS E 90 -0.85 -54.30 -20.75
N THR E 91 -0.82 -53.18 -20.03
CA THR E 91 0.44 -52.62 -19.57
C THR E 91 1.02 -53.45 -18.44
N PHE E 92 0.19 -53.77 -17.44
CA PHE E 92 0.71 -54.46 -16.26
C PHE E 92 0.98 -55.93 -16.55
N TYR E 93 -0.03 -56.65 -17.03
CA TYR E 93 0.11 -58.09 -17.20
C TYR E 93 0.85 -58.45 -18.47
N ASN E 94 0.40 -57.92 -19.61
CA ASN E 94 0.86 -58.45 -20.89
C ASN E 94 2.25 -58.00 -21.29
N GLU E 95 2.75 -56.88 -20.75
CA GLU E 95 4.07 -56.41 -21.18
C GLU E 95 5.03 -56.19 -20.04
N LEU E 96 4.57 -55.73 -18.88
CA LEU E 96 5.45 -55.65 -17.72
C LEU E 96 5.54 -56.95 -16.95
N ARG E 97 4.50 -57.79 -17.05
CA ARG E 97 4.45 -59.13 -16.44
C ARG E 97 4.65 -59.08 -14.93
N VAL E 98 3.99 -58.14 -14.29
CA VAL E 98 3.97 -58.05 -12.84
C VAL E 98 2.53 -58.01 -12.37
N ALA E 99 2.34 -58.40 -11.12
CA ALA E 99 1.00 -58.20 -10.60
C ALA E 99 0.88 -56.81 -9.99
N PRO E 100 -0.27 -56.15 -10.13
CA PRO E 100 -0.41 -54.82 -9.53
C PRO E 100 -0.54 -54.84 -8.03
N GLU E 101 -0.96 -55.96 -7.45
CA GLU E 101 -1.16 -56.04 -6.00
C GLU E 101 0.15 -56.09 -5.21
N GLU E 102 1.27 -56.32 -5.89
CA GLU E 102 2.56 -56.39 -5.20
C GLU E 102 3.37 -55.11 -5.32
N HIS E 103 3.00 -54.22 -6.23
CA HIS E 103 3.78 -53.01 -6.41
C HIS E 103 2.90 -51.77 -6.33
N PRO E 104 3.34 -50.72 -5.65
CA PRO E 104 2.61 -49.45 -5.70
C PRO E 104 2.86 -48.76 -7.03
N THR E 105 1.88 -47.97 -7.46
CA THR E 105 1.92 -47.39 -8.78
C THR E 105 1.86 -45.87 -8.77
N LEU E 106 2.47 -45.29 -9.80
CA LEU E 106 2.58 -43.84 -9.95
C LEU E 106 2.15 -43.48 -11.37
N LEU E 107 1.10 -42.70 -11.47
CA LEU E 107 0.55 -42.28 -12.76
C LEU E 107 0.80 -40.81 -12.98
N THR E 108 0.55 -40.39 -14.21
CA THR E 108 0.94 -39.08 -14.68
C THR E 108 -0.28 -38.35 -15.23
N GLU E 109 -0.38 -37.07 -14.90
CA GLU E 109 -1.56 -36.28 -15.24
C GLU E 109 -1.10 -34.90 -15.70
N ALA E 110 -1.65 -34.43 -16.81
CA ALA E 110 -1.39 -33.08 -17.25
C ALA E 110 -2.11 -32.10 -16.32
N PRO E 111 -1.51 -30.94 -16.05
CA PRO E 111 -2.15 -29.98 -15.15
C PRO E 111 -3.36 -29.33 -15.79
N LEU E 112 -4.21 -28.79 -14.92
CA LEU E 112 -5.49 -28.16 -15.28
C LEU E 112 -6.41 -29.12 -16.02
N ASN E 113 -6.38 -30.37 -15.64
CA ASN E 113 -7.29 -31.39 -16.15
C ASN E 113 -8.57 -31.39 -15.35
N PRO E 114 -9.64 -31.98 -15.88
CA PRO E 114 -10.87 -32.15 -15.07
C PRO E 114 -10.62 -33.06 -13.88
N LYS E 115 -11.28 -32.74 -12.77
CA LYS E 115 -11.16 -33.55 -11.56
C LYS E 115 -11.79 -34.92 -11.71
N ALA E 116 -12.81 -35.05 -12.56
CA ALA E 116 -13.45 -36.36 -12.75
C ALA E 116 -12.51 -37.34 -13.43
N ASN E 117 -11.58 -36.83 -14.24
CA ASN E 117 -10.58 -37.67 -14.87
C ASN E 117 -9.67 -38.34 -13.83
N ARG E 118 -9.11 -37.53 -12.92
CA ARG E 118 -8.27 -38.07 -11.85
C ARG E 118 -9.06 -38.94 -10.88
N GLU E 119 -10.32 -38.58 -10.62
CA GLU E 119 -11.16 -39.35 -9.71
C GLU E 119 -11.45 -40.74 -10.26
N LYS E 120 -11.89 -40.83 -11.51
CA LYS E 120 -12.13 -42.13 -12.10
C LYS E 120 -10.84 -42.89 -12.34
N MET E 121 -9.72 -42.18 -12.51
CA MET E 121 -8.43 -42.84 -12.67
C MET E 121 -8.01 -43.55 -11.40
N THR E 122 -8.13 -42.87 -10.24
CA THR E 122 -7.75 -43.57 -9.02
C THR E 122 -8.78 -44.59 -8.58
N GLN E 123 -10.06 -44.39 -8.97
CA GLN E 123 -11.06 -45.42 -8.67
C GLN E 123 -10.82 -46.68 -9.47
N ILE E 124 -10.44 -46.54 -10.74
CA ILE E 124 -10.09 -47.69 -11.56
C ILE E 124 -8.80 -48.33 -11.05
N MET E 125 -7.86 -47.51 -10.59
CA MET E 125 -6.61 -48.08 -10.10
C MET E 125 -6.79 -48.82 -8.77
N PHE E 126 -7.77 -48.43 -7.97
CA PHE E 126 -7.99 -49.14 -6.71
C PHE E 126 -8.95 -50.32 -6.84
N GLU E 127 -10.17 -50.06 -7.32
CA GLU E 127 -11.22 -51.07 -7.27
C GLU E 127 -11.20 -52.00 -8.47
N THR E 128 -10.16 -52.00 -9.29
CA THR E 128 -10.04 -53.00 -10.35
C THR E 128 -8.72 -53.75 -10.30
N PHE E 129 -7.62 -53.06 -10.08
CA PHE E 129 -6.32 -53.71 -10.06
C PHE E 129 -5.80 -53.98 -8.65
N ASN E 130 -6.39 -53.34 -7.64
CA ASN E 130 -6.09 -53.57 -6.22
C ASN E 130 -4.62 -53.30 -5.90
N VAL E 131 -4.17 -52.11 -6.24
CA VAL E 131 -2.78 -51.73 -5.98
C VAL E 131 -2.67 -51.46 -4.48
N PRO E 132 -1.48 -51.59 -3.87
CA PRO E 132 -1.35 -51.24 -2.45
C PRO E 132 -1.48 -49.75 -2.23
N ALA E 133 -0.86 -48.97 -3.11
CA ALA E 133 -0.90 -47.52 -3.01
C ALA E 133 -0.66 -46.93 -4.39
N MET E 134 -1.21 -45.75 -4.62
CA MET E 134 -1.03 -45.08 -5.90
C MET E 134 -0.80 -43.59 -5.66
N TYR E 135 -0.20 -42.95 -6.66
CA TYR E 135 0.00 -41.52 -6.62
C TYR E 135 -0.07 -40.99 -8.04
N VAL E 136 -0.77 -39.88 -8.24
CA VAL E 136 -0.79 -39.22 -9.54
C VAL E 136 0.01 -37.93 -9.40
N ALA E 137 0.90 -37.69 -10.36
CA ALA E 137 1.76 -36.52 -10.31
C ALA E 137 1.58 -35.69 -11.56
N ILE E 138 1.89 -34.41 -11.45
CA ILE E 138 1.78 -33.46 -12.56
C ILE E 138 2.84 -33.81 -13.59
N GLN E 139 2.45 -33.79 -14.86
CA GLN E 139 3.32 -34.20 -15.96
C GLN E 139 4.54 -33.30 -16.13
N ALA E 140 4.50 -32.06 -15.64
CA ALA E 140 5.60 -31.15 -15.84
C ALA E 140 6.55 -31.08 -14.66
N VAL E 141 6.09 -31.40 -13.45
CA VAL E 141 6.97 -31.27 -12.30
C VAL E 141 8.00 -32.40 -12.27
N LEU E 142 7.70 -33.51 -12.96
CA LEU E 142 8.64 -34.62 -13.02
C LEU E 142 9.76 -34.35 -14.02
N SER E 143 9.53 -33.48 -15.00
CA SER E 143 10.57 -33.14 -15.95
C SER E 143 11.72 -32.39 -15.30
N LEU E 144 11.45 -31.64 -14.23
CA LEU E 144 12.55 -31.00 -13.52
C LEU E 144 13.34 -31.98 -12.68
N TYR E 145 12.69 -33.02 -12.17
CA TYR E 145 13.43 -34.11 -11.55
C TYR E 145 14.36 -34.77 -12.54
N ALA E 146 13.85 -35.02 -13.75
CA ALA E 146 14.66 -35.67 -14.78
C ALA E 146 15.79 -34.78 -15.27
N SER E 147 15.59 -33.47 -15.27
CA SER E 147 16.64 -32.57 -15.70
C SER E 147 17.65 -32.28 -14.59
N GLY E 148 17.42 -32.76 -13.38
CA GLY E 148 18.34 -32.53 -12.29
C GLY E 148 18.20 -31.20 -11.59
N ARG E 149 17.22 -30.39 -11.98
CA ARG E 149 17.09 -29.04 -11.47
C ARG E 149 15.88 -28.93 -10.54
N THR E 150 15.76 -27.77 -9.89
CA THR E 150 14.59 -27.45 -9.10
C THR E 150 13.99 -26.09 -9.45
N THR E 151 14.71 -25.25 -10.16
CA THR E 151 14.16 -24.02 -10.68
C THR E 151 13.95 -24.17 -12.18
N GLY E 152 13.18 -23.27 -12.75
CA GLY E 152 12.96 -23.26 -14.17
C GLY E 152 11.51 -23.46 -14.55
N ILE E 153 11.20 -23.18 -15.80
CA ILE E 153 9.88 -23.41 -16.33
C ILE E 153 9.95 -24.60 -17.25
N VAL E 154 8.86 -25.35 -17.31
CA VAL E 154 8.79 -26.59 -18.06
C VAL E 154 7.84 -26.38 -19.22
N LEU E 155 8.34 -26.60 -20.43
CA LEU E 155 7.54 -26.60 -21.65
C LEU E 155 7.34 -28.06 -22.03
N ASP E 156 6.31 -28.67 -21.48
CA ASP E 156 6.03 -30.08 -21.78
C ASP E 156 5.00 -30.09 -22.90
N SER E 157 5.44 -30.43 -24.10
CA SER E 157 4.55 -30.52 -25.25
C SER E 157 4.46 -31.99 -25.62
N GLY E 158 3.44 -32.66 -25.12
CA GLY E 158 3.28 -34.06 -25.44
C GLY E 158 2.53 -34.28 -26.73
N ASP E 159 1.76 -35.35 -26.80
CA ASP E 159 0.90 -35.61 -27.93
C ASP E 159 -0.48 -34.98 -27.75
N GLY E 160 -0.96 -34.91 -26.51
CA GLY E 160 -2.25 -34.32 -26.25
C GLY E 160 -2.21 -32.82 -26.02
N VAL E 161 -1.47 -32.37 -25.01
CA VAL E 161 -1.48 -30.99 -24.60
C VAL E 161 -0.06 -30.46 -24.55
N THR E 162 0.05 -29.13 -24.44
CA THR E 162 1.32 -28.44 -24.30
C THR E 162 1.18 -27.49 -23.12
N HIS E 163 1.88 -27.77 -22.03
CA HIS E 163 1.72 -26.99 -20.81
C HIS E 163 3.05 -26.41 -20.37
N ASN E 164 3.01 -25.16 -19.93
CA ASN E 164 4.16 -24.46 -19.37
C ASN E 164 3.90 -24.26 -17.89
N VAL E 165 4.79 -24.80 -17.06
CA VAL E 165 4.68 -24.70 -15.62
C VAL E 165 5.94 -24.08 -15.06
N PRO E 166 5.87 -22.90 -14.44
CA PRO E 166 7.07 -22.31 -13.84
C PRO E 166 7.20 -22.75 -12.40
N ILE E 167 8.39 -23.24 -12.06
CA ILE E 167 8.65 -23.80 -10.75
C ILE E 167 9.95 -23.20 -10.24
N TYR E 168 9.88 -22.40 -9.20
CA TYR E 168 11.07 -21.96 -8.49
C TYR E 168 11.37 -23.02 -7.43
N GLU E 169 12.42 -22.86 -6.63
CA GLU E 169 13.14 -24.00 -6.05
C GLU E 169 12.28 -24.72 -5.02
N GLY E 170 11.48 -25.65 -5.53
CA GLY E 170 10.52 -26.42 -4.80
C GLY E 170 9.11 -25.97 -5.06
N TYR E 171 8.90 -24.67 -5.15
CA TYR E 171 7.56 -24.09 -5.16
C TYR E 171 7.14 -23.79 -6.59
N ALA E 172 6.02 -24.37 -6.99
CA ALA E 172 5.41 -24.03 -8.26
C ALA E 172 4.59 -22.75 -8.12
N LEU E 173 4.17 -22.21 -9.25
CA LEU E 173 3.31 -21.03 -9.27
C LEU E 173 2.05 -21.42 -10.03
N PRO E 174 1.00 -21.83 -9.33
CA PRO E 174 -0.17 -22.41 -10.02
C PRO E 174 -1.00 -21.38 -10.76
N HIS E 175 -0.82 -20.09 -10.51
CA HIS E 175 -1.54 -19.07 -11.25
C HIS E 175 -0.88 -18.75 -12.59
N ALA E 176 0.24 -19.38 -12.91
CA ALA E 176 0.93 -19.16 -14.17
C ALA E 176 1.05 -20.43 -15.00
N ILE E 177 0.38 -21.50 -14.61
CA ILE E 177 0.35 -22.73 -15.40
C ILE E 177 -0.46 -22.46 -16.65
N MET E 178 0.21 -22.43 -17.80
CA MET E 178 -0.44 -22.08 -19.06
C MET E 178 -0.56 -23.35 -19.89
N ARG E 179 -1.79 -23.83 -20.07
CA ARG E 179 -2.05 -25.06 -20.80
C ARG E 179 -2.70 -24.73 -22.13
N LEU E 180 -2.05 -25.11 -23.21
CA LEU E 180 -2.50 -24.88 -24.58
C LEU E 180 -2.78 -26.22 -25.23
N ASP E 181 -3.90 -26.32 -25.95
CA ASP E 181 -4.36 -27.59 -26.50
C ASP E 181 -3.78 -27.90 -27.88
N LEU E 182 -2.61 -27.37 -28.20
CA LEU E 182 -1.96 -27.59 -29.47
C LEU E 182 -0.73 -28.46 -29.25
N ALA E 183 -0.74 -29.65 -29.83
CA ALA E 183 0.34 -30.60 -29.58
C ALA E 183 0.53 -31.44 -30.82
N GLY E 184 1.18 -32.61 -30.66
CA GLY E 184 1.62 -33.39 -31.79
C GLY E 184 0.51 -33.99 -32.63
N ARG E 185 -0.65 -34.23 -32.02
CA ARG E 185 -1.77 -34.76 -32.81
C ARG E 185 -2.35 -33.71 -33.74
N ASP E 186 -2.36 -32.45 -33.30
CA ASP E 186 -2.82 -31.39 -34.18
C ASP E 186 -1.81 -31.11 -35.28
N LEU E 187 -0.52 -31.29 -35.01
CA LEU E 187 0.47 -31.18 -36.07
C LEU E 187 0.33 -32.31 -37.06
N THR E 188 -0.05 -33.50 -36.57
CA THR E 188 -0.30 -34.63 -37.45
C THR E 188 -1.51 -34.38 -38.35
N ASP E 189 -2.57 -33.81 -37.79
CA ASP E 189 -3.75 -33.50 -38.60
C ASP E 189 -3.47 -32.36 -39.58
N TYR E 190 -2.64 -31.40 -39.18
CA TYR E 190 -2.27 -30.34 -40.12
C TYR E 190 -1.35 -30.86 -41.20
N LEU E 191 -0.55 -31.88 -40.90
CA LEU E 191 0.27 -32.49 -41.94
C LEU E 191 -0.57 -33.32 -42.89
N MET E 192 -1.65 -33.93 -42.38
CA MET E 192 -2.61 -34.57 -43.27
C MET E 192 -3.28 -33.55 -44.18
N LYS E 193 -3.59 -32.37 -43.63
CA LYS E 193 -4.28 -31.36 -44.41
C LYS E 193 -3.35 -30.70 -45.43
N ILE E 194 -2.06 -30.57 -45.10
CA ILE E 194 -1.14 -29.85 -45.97
C ILE E 194 -0.45 -30.76 -46.99
N LEU E 195 -0.54 -32.07 -46.82
CA LEU E 195 -0.03 -32.99 -47.83
C LEU E 195 -1.02 -33.25 -48.94
N THR E 196 -2.23 -32.69 -48.86
CA THR E 196 -3.18 -32.84 -49.96
C THR E 196 -2.77 -32.04 -51.16
N GLU E 197 -2.05 -30.93 -50.95
CA GLU E 197 -1.61 -30.08 -52.04
C GLU E 197 -0.49 -30.70 -52.85
N ARG E 198 0.20 -31.70 -52.32
CA ARG E 198 1.15 -32.47 -53.10
C ARG E 198 0.48 -33.52 -53.96
N GLY E 199 -0.76 -33.88 -53.65
CA GLY E 199 -1.50 -34.91 -54.36
C GLY E 199 -1.79 -36.14 -53.54
N TYR E 200 -1.14 -36.30 -52.40
CA TYR E 200 -1.31 -37.50 -51.59
C TYR E 200 -2.49 -37.34 -50.65
N SER E 201 -3.37 -38.34 -50.63
CA SER E 201 -4.57 -38.31 -49.80
C SER E 201 -4.44 -39.36 -48.72
N PHE E 202 -4.39 -38.92 -47.47
CA PHE E 202 -4.38 -39.80 -46.31
C PHE E 202 -5.65 -39.50 -45.54
N VAL E 203 -6.62 -40.40 -45.60
CA VAL E 203 -7.97 -40.11 -45.14
C VAL E 203 -8.36 -40.95 -43.92
N THR E 204 -7.92 -42.20 -43.84
CA THR E 204 -8.40 -43.08 -42.78
C THR E 204 -7.51 -42.93 -41.54
N THR E 205 -7.92 -43.58 -40.46
CA THR E 205 -7.17 -43.47 -39.21
C THR E 205 -5.94 -44.37 -39.22
N ALA E 206 -5.83 -45.28 -40.18
CA ALA E 206 -4.63 -46.07 -40.31
C ALA E 206 -3.53 -45.34 -41.06
N GLU E 207 -3.87 -44.26 -41.78
CA GLU E 207 -2.88 -43.43 -42.44
C GLU E 207 -2.35 -42.33 -41.54
N ARG E 208 -3.02 -42.08 -40.41
CA ARG E 208 -2.48 -41.16 -39.42
C ARG E 208 -1.18 -41.68 -38.84
N GLU E 209 -1.02 -42.99 -38.74
CA GLU E 209 0.23 -43.58 -38.29
C GLU E 209 1.33 -43.36 -39.32
N ILE E 210 0.99 -43.44 -40.60
CA ILE E 210 1.99 -43.25 -41.66
C ILE E 210 2.44 -41.81 -41.72
N VAL E 211 1.49 -40.88 -41.60
CA VAL E 211 1.88 -39.47 -41.64
C VAL E 211 2.53 -39.05 -40.32
N ARG E 212 2.27 -39.80 -39.24
CA ARG E 212 3.03 -39.58 -38.02
C ARG E 212 4.47 -40.00 -38.21
N ASP E 213 4.72 -41.11 -38.91
CA ASP E 213 6.08 -41.53 -39.23
C ASP E 213 6.76 -40.54 -40.16
N ILE E 214 5.99 -39.93 -41.07
CA ILE E 214 6.51 -38.86 -41.92
C ILE E 214 6.97 -37.69 -41.07
N LYS E 215 6.15 -37.31 -40.10
CA LYS E 215 6.53 -36.27 -39.15
C LYS E 215 7.74 -36.67 -38.32
N GLU E 216 7.88 -37.95 -37.98
CA GLU E 216 9.03 -38.45 -37.24
C GLU E 216 10.33 -38.21 -37.99
N LYS E 217 10.41 -38.73 -39.22
CA LYS E 217 11.71 -38.82 -39.88
C LYS E 217 12.03 -37.66 -40.81
N LEU E 218 11.11 -36.73 -41.06
CA LEU E 218 11.37 -35.67 -42.03
C LEU E 218 11.24 -34.27 -41.49
N CYS E 219 10.23 -34.00 -40.67
CA CYS E 219 9.87 -32.62 -40.34
C CYS E 219 10.86 -32.00 -39.38
N TYR E 220 11.48 -30.91 -39.81
CA TYR E 220 12.31 -30.06 -38.97
C TYR E 220 11.66 -28.70 -38.90
N VAL E 221 12.20 -27.84 -38.04
CA VAL E 221 11.66 -26.50 -37.85
C VAL E 221 12.73 -25.48 -38.22
N ALA E 222 12.36 -24.51 -39.04
CA ALA E 222 13.32 -23.54 -39.53
C ALA E 222 13.62 -22.50 -38.47
N LEU E 223 14.84 -21.97 -38.52
CA LEU E 223 15.23 -20.90 -37.60
C LEU E 223 14.51 -19.61 -37.96
N ASP E 224 14.48 -19.27 -39.23
CA ASP E 224 13.69 -18.14 -39.73
C ASP E 224 12.74 -18.71 -40.76
N PHE E 225 11.47 -18.33 -40.66
CA PHE E 225 10.43 -18.97 -41.46
C PHE E 225 10.26 -18.35 -42.84
N GLU E 226 10.41 -17.03 -42.94
CA GLU E 226 10.09 -16.34 -44.19
C GLU E 226 11.13 -16.63 -45.27
N ASN E 227 12.42 -16.51 -44.96
CA ASN E 227 13.41 -16.79 -45.98
C ASN E 227 13.52 -18.28 -46.28
N GLU E 228 13.22 -19.14 -45.32
CA GLU E 228 13.21 -20.56 -45.61
C GLU E 228 12.02 -20.93 -46.50
N MET E 229 10.88 -20.26 -46.31
CA MET E 229 9.78 -20.38 -47.25
C MET E 229 10.16 -19.86 -48.63
N ALA E 230 10.95 -18.78 -48.68
CA ALA E 230 11.37 -18.21 -49.95
C ALA E 230 12.31 -19.13 -50.72
N THR E 231 13.26 -19.76 -50.03
CA THR E 231 14.17 -20.68 -50.71
C THR E 231 13.52 -21.99 -51.12
N ALA E 232 12.35 -22.30 -50.58
CA ALA E 232 11.60 -23.46 -51.06
C ALA E 232 10.90 -23.20 -52.39
N ALA E 233 10.77 -21.93 -52.79
CA ALA E 233 10.25 -21.63 -54.12
C ALA E 233 11.26 -22.00 -55.20
N SER E 234 12.53 -21.69 -54.96
CA SER E 234 13.62 -22.21 -55.79
C SER E 234 13.93 -23.62 -55.30
N SER E 235 13.07 -24.56 -55.70
CA SER E 235 13.05 -25.91 -55.11
C SER E 235 14.24 -26.74 -55.58
N SER E 236 15.32 -26.68 -54.83
CA SER E 236 16.53 -27.37 -55.25
C SER E 236 17.07 -28.32 -54.19
N SER E 237 16.97 -27.98 -52.90
CA SER E 237 17.65 -28.75 -51.88
C SER E 237 16.78 -29.08 -50.67
N LEU E 238 15.53 -28.65 -50.64
CA LEU E 238 14.68 -28.87 -49.49
C LEU E 238 13.71 -30.04 -49.67
N GLU E 239 13.61 -30.58 -50.86
CA GLU E 239 12.76 -31.74 -51.08
C GLU E 239 13.40 -32.96 -50.44
N LYS E 240 12.56 -33.88 -49.98
CA LYS E 240 13.05 -35.14 -49.45
C LYS E 240 12.05 -36.23 -49.78
N SER E 241 12.57 -37.41 -50.10
CA SER E 241 11.75 -38.55 -50.48
C SER E 241 11.61 -39.52 -49.32
N TYR E 242 10.38 -39.94 -49.08
CA TYR E 242 10.07 -40.91 -48.04
C TYR E 242 9.30 -42.06 -48.68
N GLU E 243 9.66 -43.28 -48.30
CA GLU E 243 9.02 -44.47 -48.86
C GLU E 243 7.85 -44.90 -47.99
N LEU E 244 6.75 -45.21 -48.62
CA LEU E 244 5.54 -45.62 -47.95
C LEU E 244 5.62 -47.10 -47.61
N PRO E 245 4.72 -47.62 -46.77
CA PRO E 245 4.65 -49.08 -46.61
C PRO E 245 4.22 -49.84 -47.85
N ASP E 246 3.55 -49.18 -48.80
CA ASP E 246 3.17 -49.88 -50.02
C ASP E 246 4.32 -49.99 -51.02
N GLY E 247 5.20 -49.00 -51.04
CA GLY E 247 6.29 -48.93 -51.99
C GLY E 247 6.37 -47.63 -52.75
N GLN E 248 5.31 -46.82 -52.75
CA GLN E 248 5.34 -45.55 -53.45
C GLN E 248 6.18 -44.55 -52.67
N VAL E 249 7.04 -43.84 -53.36
CA VAL E 249 7.82 -42.79 -52.72
C VAL E 249 7.05 -41.48 -52.82
N ILE E 250 7.27 -40.61 -51.85
CA ILE E 250 6.67 -39.29 -51.86
C ILE E 250 7.77 -38.25 -51.69
N THR E 251 7.60 -37.11 -52.34
CA THR E 251 8.52 -35.99 -52.25
C THR E 251 7.86 -34.88 -51.46
N ILE E 252 8.61 -34.30 -50.54
CA ILE E 252 8.08 -33.29 -49.63
C ILE E 252 8.97 -32.06 -49.70
N GLY E 253 8.36 -30.90 -49.93
CA GLY E 253 9.08 -29.65 -50.03
C GLY E 253 8.90 -28.76 -48.82
N ASN E 254 8.08 -27.71 -48.95
CA ASN E 254 7.88 -26.80 -47.83
C ASN E 254 7.02 -27.39 -46.72
N GLU E 255 6.26 -28.46 -47.02
CA GLU E 255 5.51 -29.19 -46.00
C GLU E 255 6.40 -29.81 -44.95
N ARG E 256 7.70 -29.95 -45.24
CA ARG E 256 8.66 -30.42 -44.27
C ARG E 256 8.82 -29.44 -43.11
N PHE E 257 8.64 -28.14 -43.34
CA PHE E 257 8.80 -27.21 -42.23
C PHE E 257 7.57 -26.34 -41.96
N ARG E 258 6.50 -26.47 -42.73
CA ARG E 258 5.25 -25.82 -42.35
C ARG E 258 4.52 -26.57 -41.25
N CYS E 259 4.89 -27.83 -40.99
CA CYS E 259 4.21 -28.59 -39.96
C CYS E 259 4.65 -28.21 -38.54
N PRO E 260 5.93 -28.08 -38.21
CA PRO E 260 6.25 -27.60 -36.85
C PRO E 260 6.04 -26.12 -36.64
N GLU E 261 5.89 -25.34 -37.72
CA GLU E 261 5.65 -23.90 -37.58
C GLU E 261 4.31 -23.58 -36.97
N THR E 262 3.39 -24.56 -36.93
CA THR E 262 2.15 -24.41 -36.19
C THR E 262 2.40 -24.25 -34.70
N LEU E 263 3.52 -24.79 -34.19
CA LEU E 263 3.88 -24.60 -32.79
C LEU E 263 4.20 -23.15 -32.47
N PHE E 264 4.65 -22.38 -33.45
CA PHE E 264 4.99 -20.99 -33.23
C PHE E 264 4.03 -20.02 -33.88
N GLN E 265 3.09 -20.51 -34.68
CA GLN E 265 2.02 -19.69 -35.24
C GLN E 265 0.77 -20.55 -35.27
N PRO E 266 0.00 -20.56 -34.18
CA PRO E 266 -1.21 -21.41 -34.14
C PRO E 266 -2.37 -20.86 -34.94
N SER E 267 -2.21 -19.75 -35.65
CA SER E 267 -3.24 -19.26 -36.55
C SER E 267 -3.29 -20.03 -37.86
N PHE E 268 -2.34 -20.94 -38.09
CA PHE E 268 -2.39 -21.76 -39.29
C PHE E 268 -3.52 -22.77 -39.21
N ILE E 269 -3.76 -23.35 -38.03
CA ILE E 269 -4.88 -24.25 -37.84
C ILE E 269 -6.06 -23.53 -37.20
N GLY E 270 -6.06 -22.21 -37.21
CA GLY E 270 -7.21 -21.43 -36.76
C GLY E 270 -7.32 -21.25 -35.26
N MET E 271 -6.32 -21.68 -34.49
CA MET E 271 -6.39 -21.57 -33.04
C MET E 271 -6.10 -20.13 -32.64
N GLU E 272 -7.06 -19.49 -31.98
CA GLU E 272 -6.77 -18.21 -31.37
C GLU E 272 -5.96 -18.42 -30.11
N SER E 273 -4.64 -18.35 -30.25
CA SER E 273 -3.73 -18.49 -29.12
C SER E 273 -2.42 -17.84 -29.52
N ALA E 274 -1.41 -18.05 -28.69
CA ALA E 274 -0.04 -17.67 -29.00
C ALA E 274 0.79 -18.93 -29.17
N GLY E 275 1.86 -18.81 -29.93
CA GLY E 275 2.77 -19.92 -30.13
C GLY E 275 3.54 -20.23 -28.87
N ILE E 276 4.25 -21.35 -28.89
CA ILE E 276 4.92 -21.82 -27.69
C ILE E 276 6.13 -20.96 -27.34
N HIS E 277 6.54 -20.07 -28.22
CA HIS E 277 7.53 -19.07 -27.84
C HIS E 277 6.89 -17.89 -27.13
N GLU E 278 5.65 -17.56 -27.46
CA GLU E 278 5.00 -16.39 -26.91
C GLU E 278 4.23 -16.68 -25.65
N THR E 279 3.68 -17.89 -25.50
CA THR E 279 3.06 -18.21 -24.22
C THR E 279 4.10 -18.48 -23.15
N THR E 280 5.35 -18.79 -23.52
CA THR E 280 6.39 -18.94 -22.52
C THR E 280 6.76 -17.60 -21.91
N TYR E 281 7.02 -16.60 -22.76
CA TYR E 281 7.28 -15.26 -22.25
C TYR E 281 6.03 -14.67 -21.61
N ASN E 282 4.86 -15.07 -22.09
CA ASN E 282 3.62 -14.63 -21.45
C ASN E 282 3.44 -15.26 -20.07
N SER E 283 3.95 -16.47 -19.87
CA SER E 283 3.80 -17.15 -18.60
C SER E 283 4.86 -16.76 -17.60
N ILE E 284 6.07 -16.43 -18.07
CA ILE E 284 7.09 -15.91 -17.17
C ILE E 284 6.69 -14.54 -16.66
N MET E 285 6.07 -13.73 -17.51
CA MET E 285 5.61 -12.41 -17.08
C MET E 285 4.42 -12.46 -16.14
N LYS E 286 3.73 -13.60 -16.02
CA LYS E 286 2.74 -13.76 -14.98
C LYS E 286 3.36 -13.99 -13.61
N CYS E 287 4.64 -14.36 -13.56
CA CYS E 287 5.33 -14.60 -12.30
C CYS E 287 5.79 -13.29 -11.68
N ASP E 288 6.55 -13.41 -10.60
CA ASP E 288 7.03 -12.24 -9.89
C ASP E 288 8.37 -11.81 -10.44
N ILE E 289 8.70 -10.53 -10.20
CA ILE E 289 9.84 -9.92 -10.87
C ILE E 289 11.17 -10.39 -10.30
N ASP E 290 11.17 -11.01 -9.12
CA ASP E 290 12.43 -11.44 -8.55
C ASP E 290 12.92 -12.75 -9.11
N ILE E 291 12.02 -13.72 -9.31
CA ILE E 291 12.41 -15.03 -9.82
C ILE E 291 12.48 -15.08 -11.33
N ARG E 292 12.28 -13.95 -11.99
CA ARG E 292 12.16 -13.94 -13.44
C ARG E 292 13.52 -14.19 -14.11
N LYS E 293 14.60 -13.78 -13.45
CA LYS E 293 15.95 -14.03 -13.95
C LYS E 293 16.28 -15.51 -13.98
N ASP E 294 15.92 -16.23 -12.93
CA ASP E 294 16.23 -17.66 -12.89
C ASP E 294 15.32 -18.45 -13.81
N LEU E 295 14.10 -17.96 -14.04
CA LEU E 295 13.20 -18.66 -14.93
C LEU E 295 13.56 -18.43 -16.38
N TYR E 296 14.16 -17.28 -16.70
CA TYR E 296 14.61 -17.03 -18.08
C TYR E 296 15.78 -17.94 -18.44
N ALA E 297 16.64 -18.24 -17.48
CA ALA E 297 17.88 -18.94 -17.75
C ALA E 297 17.77 -20.45 -17.57
N ASN E 298 16.60 -20.97 -17.24
CA ASN E 298 16.42 -22.40 -17.01
C ASN E 298 15.13 -22.81 -17.72
N ASN E 299 15.24 -23.18 -18.99
CA ASN E 299 14.07 -23.49 -19.79
C ASN E 299 14.18 -24.94 -20.25
N VAL E 300 13.68 -25.87 -19.44
CA VAL E 300 13.71 -27.27 -19.86
C VAL E 300 12.61 -27.51 -20.87
N MET E 301 12.75 -28.60 -21.61
CA MET E 301 11.79 -28.96 -22.66
C MET E 301 11.63 -30.46 -22.64
N SER E 302 10.57 -30.94 -22.01
CA SER E 302 10.26 -32.36 -22.07
C SER E 302 9.31 -32.61 -23.23
N GLY E 303 8.76 -33.81 -23.30
CA GLY E 303 7.77 -34.11 -24.33
C GLY E 303 8.38 -34.40 -25.68
N GLY E 304 7.73 -35.27 -26.45
CA GLY E 304 8.29 -35.66 -27.73
C GLY E 304 8.19 -34.60 -28.80
N THR E 305 7.26 -33.66 -28.67
CA THR E 305 7.09 -32.65 -29.71
C THR E 305 8.17 -31.57 -29.63
N THR E 306 8.98 -31.58 -28.58
CA THR E 306 10.20 -30.80 -28.57
C THR E 306 11.42 -31.60 -29.00
N MET E 307 11.21 -32.61 -29.86
CA MET E 307 12.33 -33.36 -30.42
C MET E 307 12.48 -33.12 -31.92
N TYR E 308 11.94 -32.01 -32.42
CA TYR E 308 12.20 -31.64 -33.79
C TYR E 308 13.64 -31.17 -33.93
N PRO E 309 14.27 -31.40 -35.08
CA PRO E 309 15.63 -30.90 -35.27
C PRO E 309 15.66 -29.39 -35.40
N GLY E 310 16.11 -28.72 -34.35
CA GLY E 310 16.26 -27.29 -34.36
C GLY E 310 15.21 -26.51 -33.60
N ILE E 311 14.48 -27.14 -32.68
CA ILE E 311 13.48 -26.38 -31.95
C ILE E 311 14.10 -25.58 -30.81
N ALA E 312 15.27 -26.00 -30.32
CA ALA E 312 15.94 -25.25 -29.25
C ALA E 312 16.47 -23.92 -29.76
N ASP E 313 17.01 -23.92 -30.99
CA ASP E 313 17.55 -22.71 -31.57
C ASP E 313 16.46 -21.70 -31.87
N ARG E 314 15.32 -22.16 -32.41
CA ARG E 314 14.24 -21.22 -32.69
C ARG E 314 13.56 -20.76 -31.41
N MET E 315 13.52 -21.62 -30.39
CA MET E 315 12.93 -21.23 -29.11
C MET E 315 13.78 -20.14 -28.45
N GLN E 316 15.10 -20.30 -28.50
CA GLN E 316 15.99 -19.28 -27.95
C GLN E 316 15.93 -17.98 -28.75
N LYS E 317 15.91 -18.09 -30.08
CA LYS E 317 15.89 -16.89 -30.93
C LYS E 317 14.55 -16.17 -30.82
N GLU E 318 13.48 -16.90 -30.58
CA GLU E 318 12.16 -16.30 -30.52
C GLU E 318 11.82 -15.78 -29.13
N ILE E 319 12.43 -16.31 -28.08
CA ILE E 319 12.29 -15.68 -26.77
C ILE E 319 13.15 -14.42 -26.69
N THR E 320 14.39 -14.50 -27.19
CA THR E 320 15.31 -13.39 -27.00
C THR E 320 14.95 -12.13 -27.79
N ALA E 321 13.97 -12.21 -28.69
CA ALA E 321 13.39 -11.01 -29.28
C ALA E 321 12.28 -10.42 -28.42
N LEU E 322 11.77 -11.19 -27.45
CA LEU E 322 10.72 -10.73 -26.56
C LEU E 322 11.23 -10.36 -25.18
N ALA E 323 12.21 -11.08 -24.67
CA ALA E 323 12.79 -10.81 -23.37
C ALA E 323 13.66 -9.56 -23.43
N PRO E 324 13.93 -8.92 -22.29
CA PRO E 324 14.94 -7.86 -22.27
C PRO E 324 16.32 -8.42 -22.59
N SER E 325 17.08 -7.65 -23.37
CA SER E 325 18.31 -8.11 -23.99
C SER E 325 19.53 -8.00 -23.10
N THR E 326 19.38 -7.91 -21.78
CA THR E 326 20.52 -7.72 -20.90
C THR E 326 20.87 -8.96 -20.08
N MET E 327 20.16 -10.06 -20.27
CA MET E 327 20.55 -11.32 -19.62
C MET E 327 20.10 -12.47 -20.50
N LYS E 328 20.87 -13.56 -20.46
CA LYS E 328 20.78 -14.55 -21.53
C LYS E 328 19.63 -15.52 -21.30
N ILE E 329 19.18 -16.12 -22.41
CA ILE E 329 18.19 -17.19 -22.40
C ILE E 329 18.89 -18.48 -22.77
N LYS E 330 18.65 -19.53 -21.99
CA LYS E 330 19.29 -20.82 -22.23
C LYS E 330 18.20 -21.89 -22.28
N ILE E 331 17.77 -22.25 -23.49
CA ILE E 331 16.80 -23.31 -23.66
C ILE E 331 17.53 -24.63 -23.49
N ILE E 332 17.51 -25.18 -22.27
CA ILE E 332 18.22 -26.42 -22.01
C ILE E 332 17.38 -27.58 -22.56
N ALA E 333 17.92 -28.27 -23.55
CA ALA E 333 17.21 -29.35 -24.23
C ALA E 333 17.98 -30.64 -24.02
N PRO E 334 17.56 -31.49 -23.08
CA PRO E 334 18.29 -32.72 -22.84
C PRO E 334 18.04 -33.71 -23.97
N PRO E 335 19.00 -34.58 -24.27
CA PRO E 335 18.87 -35.46 -25.44
C PRO E 335 17.93 -36.63 -25.26
N GLU E 336 17.55 -36.98 -24.03
CA GLU E 336 16.66 -38.11 -23.78
C GLU E 336 15.24 -37.64 -23.47
N ARG E 337 14.91 -36.42 -23.87
CA ARG E 337 13.76 -35.69 -23.32
C ARG E 337 12.42 -36.32 -23.63
N LYS E 338 12.33 -37.17 -24.67
CA LYS E 338 11.08 -37.85 -24.99
C LYS E 338 10.62 -38.73 -23.84
N TYR E 339 11.56 -39.38 -23.16
CA TYR E 339 11.23 -40.19 -22.00
C TYR E 339 11.37 -39.41 -20.70
N SER E 340 11.49 -38.08 -20.76
CA SER E 340 11.88 -37.29 -19.59
C SER E 340 10.83 -37.35 -18.49
N VAL E 341 9.56 -37.32 -18.87
CA VAL E 341 8.45 -37.44 -17.91
C VAL E 341 8.50 -38.78 -17.21
N TRP E 342 8.99 -39.81 -17.89
CA TRP E 342 9.16 -41.09 -17.23
C TRP E 342 10.31 -41.04 -16.24
N ILE E 343 11.41 -40.36 -16.59
CA ILE E 343 12.65 -40.47 -15.82
C ILE E 343 12.48 -39.87 -14.44
N GLY E 344 11.87 -38.69 -14.36
CA GLY E 344 11.52 -38.12 -13.07
C GLY E 344 10.52 -38.97 -12.31
N GLY E 345 9.65 -39.67 -13.03
CA GLY E 345 8.78 -40.62 -12.37
C GLY E 345 9.53 -41.77 -11.78
N SER E 346 10.66 -42.14 -12.39
CA SER E 346 11.53 -43.14 -11.78
C SER E 346 12.30 -42.57 -10.60
N ILE E 347 12.43 -41.25 -10.53
CA ILE E 347 13.12 -40.65 -9.39
C ILE E 347 12.18 -40.55 -8.20
N LEU E 348 11.06 -39.86 -8.39
CA LEU E 348 10.18 -39.49 -7.28
C LEU E 348 9.56 -40.71 -6.62
N ALA E 349 9.29 -41.76 -7.38
CA ALA E 349 8.75 -42.98 -6.79
C ALA E 349 9.80 -43.74 -6.00
N SER E 350 11.07 -43.62 -6.37
CA SER E 350 12.11 -44.34 -5.68
C SER E 350 12.80 -43.52 -4.62
N LEU E 351 12.33 -42.30 -4.38
CA LEU E 351 12.95 -41.42 -3.40
C LEU E 351 12.55 -41.84 -1.99
N SER E 352 13.51 -41.77 -1.07
CA SER E 352 13.33 -42.32 0.27
C SER E 352 12.36 -41.51 1.12
N THR E 353 12.32 -40.19 0.92
CA THR E 353 11.43 -39.35 1.70
C THR E 353 10.03 -39.25 1.12
N PHE E 354 9.68 -40.11 0.16
CA PHE E 354 8.39 -40.05 -0.49
C PHE E 354 7.37 -41.01 0.10
N GLN E 355 7.83 -42.12 0.70
CA GLN E 355 6.98 -43.28 0.98
C GLN E 355 5.89 -43.03 2.01
N GLN E 356 5.86 -41.87 2.69
CA GLN E 356 4.71 -41.47 3.46
C GLN E 356 3.90 -40.39 2.74
N MET E 357 3.84 -40.43 1.42
CA MET E 357 3.03 -39.49 0.67
C MET E 357 2.36 -40.20 -0.51
N TRP E 358 2.15 -41.50 -0.38
CA TRP E 358 1.32 -42.25 -1.32
C TRP E 358 -0.14 -42.07 -0.93
N ILE E 359 -1.02 -42.82 -1.58
CA ILE E 359 -2.41 -42.92 -1.17
C ILE E 359 -2.68 -44.40 -0.91
N THR E 360 -2.64 -44.80 0.35
CA THR E 360 -2.84 -46.20 0.70
C THR E 360 -4.31 -46.58 0.52
N LYS E 361 -4.55 -47.89 0.41
CA LYS E 361 -5.91 -48.38 0.22
C LYS E 361 -6.76 -48.17 1.46
N GLN E 362 -6.13 -48.25 2.64
CA GLN E 362 -6.85 -47.98 3.88
C GLN E 362 -7.17 -46.49 4.04
N GLU E 363 -6.48 -45.63 3.31
CA GLU E 363 -6.81 -44.20 3.31
C GLU E 363 -7.87 -43.86 2.29
N TYR E 364 -8.13 -44.74 1.34
CA TYR E 364 -9.07 -44.48 0.26
C TYR E 364 -10.48 -44.93 0.59
N ASP E 365 -10.62 -46.08 1.23
CA ASP E 365 -11.93 -46.69 1.44
C ASP E 365 -12.78 -45.94 2.46
N GLU E 366 -12.15 -45.19 3.36
CA GLU E 366 -12.90 -44.43 4.35
C GLU E 366 -13.26 -43.04 3.84
N ALA E 367 -12.47 -42.50 2.91
CA ALA E 367 -12.69 -41.16 2.40
C ALA E 367 -13.22 -41.13 0.97
N GLY E 368 -13.36 -42.27 0.31
CA GLY E 368 -13.83 -42.31 -1.05
C GLY E 368 -12.78 -41.85 -2.04
N PRO E 369 -13.19 -41.63 -3.29
CA PRO E 369 -12.22 -41.18 -4.31
C PRO E 369 -11.89 -39.70 -4.24
N SER E 370 -12.48 -38.96 -3.32
CA SER E 370 -12.19 -37.54 -3.17
C SER E 370 -10.90 -37.27 -2.39
N ILE E 371 -10.22 -38.33 -1.94
CA ILE E 371 -8.94 -38.18 -1.22
C ILE E 371 -7.82 -37.74 -2.16
N VAL E 372 -7.98 -37.89 -3.47
CA VAL E 372 -6.89 -37.63 -4.39
C VAL E 372 -6.69 -36.14 -4.63
N HIS E 373 -7.67 -35.30 -4.27
CA HIS E 373 -7.50 -33.87 -4.47
C HIS E 373 -6.71 -33.23 -3.34
N ARG E 374 -6.89 -33.68 -2.10
CA ARG E 374 -6.19 -33.10 -0.96
C ARG E 374 -4.90 -33.85 -0.65
N LYS E 375 -4.37 -34.57 -1.63
CA LYS E 375 -3.09 -35.25 -1.50
C LYS E 375 -2.09 -34.86 -2.57
N CYS E 376 -2.53 -34.57 -3.80
CA CYS E 376 -1.63 -34.42 -4.94
C CYS E 376 -1.46 -32.97 -5.36
N PHE E 377 -2.53 -32.19 -5.32
CA PHE E 377 -2.48 -30.79 -5.73
C PHE E 377 -3.58 -30.00 -5.03
N GLU F 6 38.48 -11.05 30.14
CA GLU F 6 38.92 -11.85 28.99
C GLU F 6 37.71 -12.15 28.11
N THR F 7 36.53 -12.21 28.73
CA THR F 7 35.29 -12.33 27.97
C THR F 7 34.97 -11.01 27.26
N THR F 8 34.22 -11.12 26.18
CA THR F 8 33.77 -9.96 25.44
C THR F 8 32.26 -9.83 25.57
N ALA F 9 31.74 -8.66 25.19
CA ALA F 9 30.32 -8.39 25.24
C ALA F 9 29.75 -8.39 23.83
N LEU F 10 28.52 -8.86 23.72
CA LEU F 10 27.83 -8.89 22.44
C LEU F 10 27.00 -7.63 22.30
N VAL F 11 27.01 -7.01 21.13
CA VAL F 11 26.10 -5.90 20.87
C VAL F 11 25.28 -6.24 19.64
N CYS F 12 24.01 -5.88 19.68
CA CYS F 12 23.02 -6.25 18.68
C CYS F 12 22.05 -5.08 18.52
N ASP F 13 22.30 -4.24 17.54
CA ASP F 13 21.34 -3.19 17.18
C ASP F 13 20.24 -3.85 16.36
N ASN F 14 19.07 -4.03 16.98
CA ASN F 14 17.91 -4.64 16.35
C ASN F 14 17.09 -3.51 15.73
N GLY F 15 17.53 -3.07 14.57
CA GLY F 15 16.85 -1.99 13.89
C GLY F 15 15.55 -2.43 13.25
N SER F 16 14.91 -1.48 12.60
CA SER F 16 13.65 -1.77 11.93
C SER F 16 13.84 -2.32 10.53
N GLY F 17 15.02 -2.15 9.95
CA GLY F 17 15.24 -2.64 8.61
C GLY F 17 16.52 -3.41 8.42
N LEU F 18 17.42 -3.35 9.40
CA LEU F 18 18.72 -3.99 9.28
C LEU F 18 19.21 -4.34 10.68
N VAL F 19 19.21 -5.63 11.00
CA VAL F 19 19.82 -6.08 12.25
C VAL F 19 21.32 -6.08 12.05
N LYS F 20 22.03 -5.39 12.94
CA LYS F 20 23.48 -5.38 12.95
C LYS F 20 23.95 -5.93 14.28
N ALA F 21 25.04 -6.70 14.26
CA ALA F 21 25.48 -7.37 15.47
C ALA F 21 26.96 -7.68 15.38
N GLY F 22 27.61 -7.67 16.54
CA GLY F 22 29.01 -8.00 16.62
C GLY F 22 29.48 -8.04 18.05
N PHE F 23 30.79 -7.98 18.21
CA PHE F 23 31.41 -8.02 19.52
C PHE F 23 31.84 -6.63 19.96
N ALA F 24 31.83 -6.42 21.27
CA ALA F 24 32.27 -5.15 21.82
C ALA F 24 33.77 -4.98 21.64
N GLY F 25 34.20 -3.72 21.64
CA GLY F 25 35.58 -3.39 21.41
C GLY F 25 36.00 -3.41 19.97
N ASP F 26 35.16 -3.89 19.06
CA ASP F 26 35.49 -3.95 17.66
C ASP F 26 35.15 -2.63 16.99
N ASP F 27 35.45 -2.56 15.71
CA ASP F 27 35.31 -1.34 14.93
C ASP F 27 34.31 -1.46 13.79
N ALA F 28 33.68 -2.63 13.62
CA ALA F 28 32.75 -2.86 12.54
C ALA F 28 31.87 -4.02 12.92
N PRO F 29 30.60 -4.01 12.54
CA PRO F 29 29.73 -5.16 12.85
C PRO F 29 30.10 -6.36 11.98
N ARG F 30 30.09 -7.53 12.61
CA ARG F 30 30.40 -8.74 11.86
C ARG F 30 29.20 -9.22 11.06
N ALA F 31 28.01 -9.15 11.64
CA ALA F 31 26.81 -9.58 10.95
C ALA F 31 25.91 -8.37 10.69
N VAL F 32 25.55 -8.17 9.43
CA VAL F 32 24.49 -7.21 9.12
C VAL F 32 23.57 -7.85 8.09
N PHE F 33 22.27 -7.86 8.38
CA PHE F 33 21.34 -8.52 7.48
C PHE F 33 19.97 -7.91 7.69
N PRO F 34 19.13 -7.86 6.66
CA PRO F 34 17.80 -7.28 6.83
C PRO F 34 16.91 -8.14 7.72
N SER F 35 16.18 -7.47 8.61
CA SER F 35 15.36 -8.17 9.60
C SER F 35 14.00 -8.50 8.99
N ILE F 36 14.02 -9.48 8.10
CA ILE F 36 12.82 -9.91 7.39
C ILE F 36 12.54 -11.35 7.76
N VAL F 37 11.27 -11.68 7.95
CA VAL F 37 10.84 -13.06 8.11
C VAL F 37 9.90 -13.38 6.96
N GLY F 38 10.22 -14.42 6.21
CA GLY F 38 9.48 -14.80 5.03
C GLY F 38 8.80 -16.15 5.21
N ARG F 39 7.50 -16.17 4.94
CA ARG F 39 6.76 -17.41 4.84
C ARG F 39 6.53 -17.75 3.38
N PRO F 40 6.70 -18.98 2.95
CA PRO F 40 6.34 -19.32 1.57
C PRO F 40 4.82 -19.32 1.41
N ARG F 41 4.39 -18.99 0.20
CA ARG F 41 2.97 -18.78 -0.06
C ARG F 41 2.43 -19.61 -1.21
N HIS F 42 3.21 -20.49 -1.79
CA HIS F 42 2.78 -21.31 -2.91
C HIS F 42 2.70 -22.78 -2.50
N GLN F 43 2.47 -23.65 -3.48
CA GLN F 43 2.12 -25.03 -3.19
C GLN F 43 3.33 -25.87 -2.80
N GLY F 44 4.43 -25.76 -3.54
CA GLY F 44 5.56 -26.63 -3.27
C GLY F 44 5.38 -28.04 -3.78
N VAL F 45 5.37 -28.20 -5.11
CA VAL F 45 5.09 -29.50 -5.72
C VAL F 45 6.21 -30.50 -5.55
N MET F 46 7.45 -30.06 -5.40
CA MET F 46 8.54 -30.98 -5.16
C MET F 46 8.42 -31.57 -3.76
N VAL F 47 8.80 -32.84 -3.64
CA VAL F 47 8.52 -33.57 -2.40
C VAL F 47 9.48 -33.15 -1.29
N GLY F 48 10.73 -32.86 -1.66
CA GLY F 48 11.61 -32.10 -0.80
C GLY F 48 11.38 -30.61 -0.99
N MET F 49 12.10 -29.83 -0.18
CA MET F 49 12.06 -28.36 -0.19
C MET F 49 10.64 -27.84 0.05
N GLY F 50 9.91 -28.49 0.94
CA GLY F 50 8.58 -28.05 1.32
C GLY F 50 8.42 -28.01 2.82
N GLN F 51 9.43 -28.47 3.54
CA GLN F 51 9.41 -28.51 5.00
C GLN F 51 9.98 -27.25 5.63
N LYS F 52 10.76 -26.47 4.90
CA LYS F 52 11.34 -25.26 5.45
C LYS F 52 10.24 -24.20 5.57
N ASP F 53 9.79 -23.95 6.79
CA ASP F 53 8.56 -23.22 7.02
C ASP F 53 8.78 -21.71 7.08
N SER F 54 9.97 -21.25 7.46
CA SER F 54 10.22 -19.82 7.56
C SER F 54 11.67 -19.53 7.21
N TYR F 55 11.90 -18.37 6.61
CA TYR F 55 13.24 -17.96 6.20
C TYR F 55 13.54 -16.61 6.83
N VAL F 56 14.77 -16.40 7.27
CA VAL F 56 15.15 -15.16 7.95
C VAL F 56 16.46 -14.65 7.36
N GLY F 57 16.58 -13.33 7.28
CA GLY F 57 17.83 -12.73 6.85
C GLY F 57 18.12 -12.78 5.37
N ASP F 58 19.37 -13.07 5.01
CA ASP F 58 19.77 -12.99 3.61
C ASP F 58 19.27 -14.16 2.78
N GLU F 59 18.98 -15.30 3.41
CA GLU F 59 18.40 -16.39 2.64
C GLU F 59 16.94 -16.14 2.31
N ALA F 60 16.28 -15.24 3.03
CA ALA F 60 14.96 -14.76 2.60
C ALA F 60 15.08 -13.64 1.59
N GLN F 61 16.14 -12.84 1.68
CA GLN F 61 16.38 -11.78 0.71
C GLN F 61 16.78 -12.36 -0.65
N SER F 62 17.38 -13.54 -0.67
CA SER F 62 17.74 -14.17 -1.92
C SER F 62 16.55 -14.82 -2.60
N LYS F 63 15.58 -15.30 -1.82
CA LYS F 63 14.47 -16.08 -2.35
C LYS F 63 13.14 -15.33 -2.28
N ARG F 64 13.16 -14.00 -2.36
CA ARG F 64 12.00 -13.19 -2.00
C ARG F 64 10.83 -13.32 -2.97
N GLY F 65 11.00 -13.95 -4.12
CA GLY F 65 9.90 -14.06 -5.05
C GLY F 65 8.79 -14.99 -4.62
N ILE F 66 9.10 -15.94 -3.75
CA ILE F 66 8.15 -16.96 -3.35
C ILE F 66 7.75 -16.82 -1.90
N LEU F 67 8.08 -15.70 -1.26
CA LEU F 67 7.80 -15.52 0.15
C LEU F 67 7.00 -14.26 0.37
N THR F 68 5.99 -14.37 1.22
CA THR F 68 5.45 -13.18 1.86
C THR F 68 6.47 -12.73 2.91
N LEU F 69 6.83 -11.45 2.85
CA LEU F 69 7.88 -10.91 3.70
C LEU F 69 7.27 -10.00 4.74
N LYS F 70 7.71 -10.15 5.98
CA LYS F 70 7.17 -9.34 7.06
C LYS F 70 8.31 -8.82 7.91
N TYR F 71 8.28 -7.56 8.16
CA TYR F 71 9.18 -7.03 9.17
C TYR F 71 8.51 -7.12 10.52
N PRO F 72 9.14 -7.73 11.52
CA PRO F 72 8.52 -7.79 12.85
C PRO F 72 8.56 -6.48 13.58
N ILE F 73 9.38 -5.53 13.15
CA ILE F 73 9.50 -4.24 13.81
C ILE F 73 8.96 -3.19 12.86
N GLU F 74 7.91 -2.49 13.30
CA GLU F 74 7.38 -1.40 12.51
C GLU F 74 7.24 -0.18 13.40
N HIC F 75 7.89 0.90 12.99
CA HIC F 75 7.98 2.16 13.72
C HIC F 75 8.54 1.97 15.12
O HIC F 75 8.02 2.43 16.13
CB HIC F 75 6.66 2.93 13.92
CG HIC F 75 5.83 2.97 12.71
ND1 HIC F 75 6.31 3.08 11.41
CD2 HIC F 75 4.42 2.91 12.70
CE1 HIC F 75 5.23 3.09 10.62
NE2 HIC F 75 4.04 2.99 11.37
CZ HIC F 75 2.71 2.96 10.87
N GLY F 76 9.64 1.24 15.18
CA GLY F 76 10.35 1.07 16.44
C GLY F 76 9.81 0.01 17.37
N ILE F 77 8.49 -0.09 17.50
CA ILE F 77 7.90 -1.10 18.37
C ILE F 77 7.96 -2.45 17.67
N ILE F 78 7.75 -3.51 18.45
CA ILE F 78 7.81 -4.88 17.95
C ILE F 78 6.40 -5.44 17.98
N THR F 79 5.89 -5.82 16.81
CA THR F 79 4.52 -6.28 16.69
C THR F 79 4.40 -7.79 16.56
N ASN F 80 5.52 -8.51 16.50
CA ASN F 80 5.45 -9.96 16.33
C ASN F 80 6.64 -10.57 17.07
N TRP F 81 6.39 -11.07 18.27
CA TRP F 81 7.48 -11.57 19.09
C TRP F 81 7.97 -12.93 18.60
N ASP F 82 7.08 -13.73 18.03
CA ASP F 82 7.45 -15.04 17.54
C ASP F 82 8.36 -14.97 16.31
N ASP F 83 8.36 -13.85 15.60
CA ASP F 83 9.33 -13.63 14.53
C ASP F 83 10.58 -12.94 15.04
N MET F 84 10.46 -12.12 16.08
CA MET F 84 11.64 -11.44 16.61
C MET F 84 12.57 -12.41 17.32
N GLU F 85 12.02 -13.42 17.99
CA GLU F 85 12.90 -14.43 18.58
C GLU F 85 13.52 -15.30 17.50
N LYS F 86 12.85 -15.47 16.36
CA LYS F 86 13.47 -16.16 15.23
C LYS F 86 14.64 -15.35 14.68
N ILE F 87 14.49 -14.03 14.61
CA ILE F 87 15.56 -13.19 14.09
C ILE F 87 16.74 -13.15 15.05
N TRP F 88 16.47 -13.10 16.35
CA TRP F 88 17.57 -13.13 17.32
C TRP F 88 18.25 -14.49 17.35
N HIS F 89 17.48 -15.56 17.21
CA HIS F 89 18.05 -16.91 17.15
C HIS F 89 18.90 -17.08 15.90
N HIS F 90 18.51 -16.46 14.80
CA HIS F 90 19.37 -16.46 13.62
C HIS F 90 20.59 -15.57 13.83
N THR F 91 20.46 -14.54 14.65
CA THR F 91 21.56 -13.60 14.83
C THR F 91 22.68 -14.22 15.65
N PHE F 92 22.34 -14.83 16.78
CA PHE F 92 23.38 -15.35 17.68
C PHE F 92 24.00 -16.62 17.13
N TYR F 93 23.17 -17.63 16.84
CA TYR F 93 23.70 -18.92 16.46
C TYR F 93 24.10 -18.96 14.99
N ASN F 94 23.20 -18.58 14.10
CA ASN F 94 23.39 -18.88 12.67
C ASN F 94 24.38 -17.96 11.98
N GLU F 95 24.65 -16.76 12.51
CA GLU F 95 25.54 -15.86 11.81
C GLU F 95 26.68 -15.36 12.68
N LEU F 96 26.47 -15.13 13.96
CA LEU F 96 27.57 -14.79 14.84
C LEU F 96 28.31 -16.01 15.37
N ARG F 97 27.61 -17.15 15.46
CA ARG F 97 28.17 -18.44 15.86
C ARG F 97 28.78 -18.40 17.26
N VAL F 98 28.07 -17.75 18.18
CA VAL F 98 28.47 -17.72 19.58
C VAL F 98 27.29 -18.20 20.42
N ALA F 99 27.62 -18.67 21.61
CA ALA F 99 26.51 -18.96 22.49
C ALA F 99 26.14 -17.72 23.29
N PRO F 100 24.85 -17.49 23.55
CA PRO F 100 24.48 -16.30 24.34
C PRO F 100 24.83 -16.43 25.80
N GLU F 101 24.98 -17.65 26.33
CA GLU F 101 25.25 -17.83 27.74
C GLU F 101 26.67 -17.46 28.14
N GLU F 102 27.56 -17.27 27.17
CA GLU F 102 28.95 -16.92 27.47
C GLU F 102 29.23 -15.44 27.31
N HIS F 103 28.35 -14.69 26.65
CA HIS F 103 28.61 -13.28 26.44
C HIS F 103 27.45 -12.42 26.91
N PRO F 104 27.71 -11.33 27.59
CA PRO F 104 26.64 -10.37 27.90
C PRO F 104 26.25 -9.59 26.66
N THR F 105 24.99 -9.16 26.63
CA THR F 105 24.45 -8.57 25.42
C THR F 105 23.91 -7.16 25.66
N LEU F 106 23.97 -6.36 24.59
CA LEU F 106 23.56 -4.97 24.61
C LEU F 106 22.65 -4.73 23.43
N LEU F 107 21.40 -4.34 23.71
CA LEU F 107 20.41 -4.10 22.69
C LEU F 107 20.10 -2.62 22.60
N THR F 108 19.37 -2.27 21.56
CA THR F 108 19.17 -0.89 21.17
C THR F 108 17.66 -0.60 21.09
N GLU F 109 17.27 0.56 21.60
CA GLU F 109 15.87 0.91 21.69
C GLU F 109 15.70 2.37 21.32
N ALA F 110 14.72 2.66 20.46
CA ALA F 110 14.40 4.04 20.16
C ALA F 110 13.72 4.68 21.37
N PRO F 111 13.97 5.95 21.62
CA PRO F 111 13.35 6.61 22.78
C PRO F 111 11.87 6.82 22.58
N LEU F 112 11.19 7.00 23.72
CA LEU F 112 9.74 7.19 23.80
C LEU F 112 8.99 5.99 23.21
N ASN F 113 9.53 4.80 23.40
CA ASN F 113 8.89 3.57 23.02
C ASN F 113 7.96 3.09 24.13
N PRO F 114 7.02 2.19 23.84
CA PRO F 114 6.23 1.58 24.90
C PRO F 114 7.09 0.77 25.85
N LYS F 115 6.72 0.80 27.14
CA LYS F 115 7.44 0.04 28.15
C LYS F 115 7.28 -1.45 27.99
N ALA F 116 6.15 -1.91 27.44
CA ALA F 116 5.92 -3.34 27.25
C ALA F 116 6.88 -3.91 26.23
N ASN F 117 7.32 -3.09 25.26
CA ASN F 117 8.30 -3.52 24.28
C ASN F 117 9.63 -3.86 24.94
N ARG F 118 10.15 -2.95 25.77
CA ARG F 118 11.40 -3.21 26.48
C ARG F 118 11.24 -4.33 27.50
N GLU F 119 10.08 -4.42 28.14
CA GLU F 119 9.84 -5.47 29.14
C GLU F 119 9.86 -6.85 28.50
N LYS F 120 9.12 -7.05 27.41
CA LYS F 120 9.14 -8.33 26.74
C LYS F 120 10.47 -8.59 26.06
N MET F 121 11.19 -7.53 25.69
CA MET F 121 12.52 -7.70 25.10
C MET F 121 13.50 -8.27 26.12
N THR F 122 13.53 -7.72 27.33
CA THR F 122 14.46 -8.28 28.31
C THR F 122 13.97 -9.61 28.87
N GLN F 123 12.66 -9.85 28.86
CA GLN F 123 12.17 -11.17 29.28
C GLN F 123 12.55 -12.25 28.28
N ILE F 124 12.46 -11.94 26.98
CA ILE F 124 12.90 -12.87 25.96
C ILE F 124 14.41 -13.05 26.01
N MET F 125 15.14 -11.97 26.31
CA MET F 125 16.59 -12.09 26.36
C MET F 125 17.06 -12.89 27.58
N PHE F 126 16.30 -12.90 28.66
CA PHE F 126 16.70 -13.68 29.83
C PHE F 126 16.16 -15.11 29.80
N GLU F 127 14.85 -15.26 29.72
CA GLU F 127 14.23 -16.57 29.90
C GLU F 127 14.19 -17.41 28.62
N THR F 128 14.89 -17.02 27.57
CA THR F 128 14.99 -17.87 26.40
C THR F 128 16.42 -18.13 25.98
N PHE F 129 17.28 -17.11 26.00
CA PHE F 129 18.65 -17.27 25.57
C PHE F 129 19.62 -17.40 26.73
N ASN F 130 19.19 -17.05 27.95
CA ASN F 130 19.96 -17.20 29.19
C ASN F 130 21.29 -16.47 29.13
N VAL F 131 21.23 -15.17 28.85
CA VAL F 131 22.43 -14.35 28.78
C VAL F 131 22.89 -14.10 30.21
N PRO F 132 24.18 -13.85 30.46
CA PRO F 132 24.60 -13.53 31.83
C PRO F 132 24.08 -12.17 32.27
N ALA F 133 24.13 -11.21 31.37
CA ALA F 133 23.67 -9.86 31.67
C ALA F 133 23.29 -9.17 30.37
N MET F 134 22.35 -8.24 30.45
CA MET F 134 21.91 -7.50 29.28
C MET F 134 21.72 -6.04 29.65
N TYR F 135 21.76 -5.21 28.62
CA TYR F 135 21.49 -3.79 28.79
C TYR F 135 20.85 -3.26 27.53
N VAL F 136 19.80 -2.46 27.68
CA VAL F 136 19.19 -1.79 26.53
C VAL F 136 19.55 -0.31 26.62
N ALA F 137 19.98 0.25 25.50
CA ALA F 137 20.39 1.64 25.47
C ALA F 137 19.59 2.41 24.43
N ILE F 138 19.50 3.71 24.63
CA ILE F 138 18.78 4.59 23.73
C ILE F 138 19.53 4.67 22.41
N GLN F 139 18.79 4.60 21.31
CA GLN F 139 19.38 4.56 19.97
C GLN F 139 20.14 5.83 19.61
N ALA F 140 19.85 6.95 20.26
CA ALA F 140 20.49 8.20 19.88
C ALA F 140 21.68 8.54 20.76
N VAL F 141 21.73 8.04 22.00
CA VAL F 141 22.83 8.42 22.87
C VAL F 141 24.11 7.71 22.48
N LEU F 142 24.00 6.59 21.75
CA LEU F 142 25.18 5.88 21.29
C LEU F 142 25.80 6.55 20.08
N SER F 143 25.03 7.33 19.33
CA SER F 143 25.57 8.04 18.19
C SER F 143 26.57 9.10 18.60
N LEU F 144 26.40 9.68 19.78
CA LEU F 144 27.39 10.64 20.25
C LEU F 144 28.67 9.96 20.70
N TYR F 145 28.57 8.74 21.23
CA TYR F 145 29.76 7.94 21.48
C TYR F 145 30.51 7.68 20.19
N ALA F 146 29.78 7.32 19.14
CA ALA F 146 30.41 7.01 17.86
C ALA F 146 31.00 8.26 17.21
N SER F 147 30.39 9.42 17.43
CA SER F 147 30.93 10.64 16.86
C SER F 147 32.08 11.22 17.69
N GLY F 148 32.38 10.65 18.84
CA GLY F 148 33.46 11.14 19.66
C GLY F 148 33.11 12.31 20.55
N ARG F 149 31.87 12.75 20.55
CA ARG F 149 31.47 13.95 21.26
C ARG F 149 30.62 13.61 22.48
N THR F 150 30.35 14.64 23.29
CA THR F 150 29.42 14.51 24.40
C THR F 150 28.36 15.59 24.41
N THR F 151 28.52 16.66 23.65
CA THR F 151 27.47 17.65 23.46
C THR F 151 26.90 17.48 22.07
N GLY F 152 25.74 18.08 21.86
CA GLY F 152 25.12 18.07 20.56
C GLY F 152 23.75 17.40 20.57
N ILE F 153 23.02 17.60 19.49
CA ILE F 153 21.74 16.94 19.32
C ILE F 153 21.91 15.88 18.24
N VAL F 154 21.16 14.81 18.39
CA VAL F 154 21.26 13.65 17.52
C VAL F 154 19.99 13.55 16.70
N LEU F 155 20.15 13.56 15.38
CA LEU F 155 19.07 13.34 14.44
C LEU F 155 19.23 11.92 13.92
N ASP F 156 18.67 10.97 14.64
CA ASP F 156 18.77 9.56 14.24
C ASP F 156 17.52 9.24 13.45
N SER F 157 17.67 9.11 12.15
CA SER F 157 16.55 8.76 11.28
C SER F 157 16.82 7.36 10.74
N GLY F 158 16.27 6.36 11.41
CA GLY F 158 16.47 5.01 10.97
C GLY F 158 15.49 4.60 9.90
N ASP F 159 15.10 3.33 9.91
CA ASP F 159 14.08 2.83 9.02
C ASP F 159 12.70 2.93 9.65
N GLY F 160 12.61 2.79 10.97
CA GLY F 160 11.33 2.90 11.64
C GLY F 160 10.97 4.31 12.05
N VAL F 161 11.79 4.94 12.86
CA VAL F 161 11.46 6.23 13.45
C VAL F 161 12.59 7.22 13.20
N THR F 162 12.29 8.49 13.44
CA THR F 162 13.27 9.57 13.33
C THR F 162 13.18 10.37 14.62
N HIS F 163 14.22 10.31 15.43
CA HIS F 163 14.20 10.95 16.74
C HIS F 163 15.35 11.93 16.88
N ASN F 164 15.05 13.07 17.48
CA ASN F 164 16.03 14.10 17.80
C ASN F 164 16.17 14.15 19.30
N VAL F 165 17.40 13.93 19.79
CA VAL F 165 17.68 13.92 21.21
C VAL F 165 18.79 14.93 21.49
N PRO F 166 18.53 15.98 22.26
CA PRO F 166 19.61 16.92 22.59
C PRO F 166 20.30 16.50 23.86
N ILE F 167 21.63 16.44 23.80
CA ILE F 167 22.42 15.96 24.91
C ILE F 167 23.56 16.95 25.12
N TYR F 168 23.55 17.64 26.25
CA TYR F 168 24.70 18.44 26.66
C TYR F 168 25.60 17.50 27.45
N GLU F 169 26.75 17.99 27.95
CA GLU F 169 27.93 17.14 28.17
C GLU F 169 27.69 16.13 29.28
N GLY F 170 27.12 15.01 28.87
CA GLY F 170 26.71 13.93 29.73
C GLY F 170 25.22 13.88 29.92
N TYR F 171 24.59 15.03 30.07
CA TYR F 171 23.21 15.11 30.49
C TYR F 171 22.30 15.30 29.28
N ALA F 172 21.36 14.38 29.12
CA ALA F 172 20.32 14.54 28.12
C ALA F 172 19.22 15.46 28.65
N LEU F 173 18.34 15.86 27.76
CA LEU F 173 17.19 16.68 28.12
C LEU F 173 15.94 15.90 27.68
N PRO F 174 15.33 15.13 28.58
CA PRO F 174 14.26 14.21 28.16
C PRO F 174 12.96 14.92 27.82
N HIS F 175 12.79 16.18 28.18
CA HIS F 175 11.60 16.92 27.80
C HIS F 175 11.69 17.49 26.39
N ALA F 176 12.81 17.29 25.70
CA ALA F 176 12.98 17.79 24.34
C ALA F 176 13.25 16.66 23.34
N ILE F 177 13.09 15.42 23.76
CA ILE F 177 13.23 14.28 22.85
C ILE F 177 12.04 14.30 21.90
N MET F 178 12.29 14.60 20.64
CA MET F 178 11.22 14.75 19.66
C MET F 178 11.27 13.55 18.72
N ARG F 179 10.27 12.68 18.82
CA ARG F 179 10.20 11.47 18.02
C ARG F 179 9.11 11.60 16.98
N LEU F 180 9.50 11.50 15.72
CA LEU F 180 8.61 11.61 14.57
C LEU F 180 8.59 10.28 13.84
N ASP F 181 7.41 9.83 13.43
CA ASP F 181 7.22 8.50 12.87
C ASP F 181 7.43 8.46 11.37
N LEU F 182 8.22 9.37 10.81
CA LEU F 182 8.50 9.42 9.39
C LEU F 182 9.94 9.01 9.16
N ALA F 183 10.14 7.92 8.45
CA ALA F 183 11.49 7.39 8.27
C ALA F 183 11.57 6.71 6.91
N GLY F 184 12.56 5.84 6.75
CA GLY F 184 12.87 5.30 5.44
C GLY F 184 11.81 4.38 4.86
N ARG F 185 11.02 3.73 5.71
CA ARG F 185 9.96 2.87 5.20
C ARG F 185 8.82 3.70 4.60
N ASP F 186 8.53 4.85 5.19
CA ASP F 186 7.52 5.73 4.62
C ASP F 186 8.02 6.38 3.33
N LEU F 187 9.32 6.64 3.22
CA LEU F 187 9.86 7.13 1.97
C LEU F 187 9.80 6.04 0.90
N THR F 188 9.98 4.79 1.31
CA THR F 188 9.85 3.67 0.38
C THR F 188 8.42 3.52 -0.11
N ASP F 189 7.44 3.68 0.78
CA ASP F 189 6.05 3.59 0.37
C ASP F 189 5.65 4.79 -0.49
N TYR F 190 6.19 5.96 -0.20
CA TYR F 190 5.91 7.11 -1.05
C TYR F 190 6.60 6.99 -2.40
N LEU F 191 7.73 6.30 -2.47
CA LEU F 191 8.35 6.04 -3.76
C LEU F 191 7.57 5.00 -4.55
N MET F 192 6.95 4.04 -3.87
CA MET F 192 6.01 3.14 -4.54
C MET F 192 4.81 3.90 -5.08
N LYS F 193 4.32 4.88 -4.32
CA LYS F 193 3.15 5.62 -4.75
C LYS F 193 3.48 6.59 -5.88
N ILE F 194 4.69 7.15 -5.89
CA ILE F 194 5.03 8.17 -6.87
C ILE F 194 5.63 7.59 -8.15
N LEU F 195 6.02 6.32 -8.15
CA LEU F 195 6.49 5.68 -9.37
C LEU F 195 5.34 5.12 -10.20
N THR F 196 4.10 5.23 -9.72
CA THR F 196 2.97 4.80 -10.53
C THR F 196 2.72 5.75 -11.68
N GLU F 197 3.08 7.02 -11.53
CA GLU F 197 2.88 8.01 -12.57
C GLU F 197 3.84 7.84 -13.73
N ARG F 198 4.93 7.12 -13.54
CA ARG F 198 5.80 6.75 -14.64
C ARG F 198 5.28 5.57 -15.42
N GLY F 199 4.37 4.78 -14.84
CA GLY F 199 3.82 3.60 -15.46
C GLY F 199 4.19 2.31 -14.76
N TYR F 200 5.17 2.34 -13.86
CA TYR F 200 5.65 1.12 -13.21
C TYR F 200 4.81 0.85 -11.98
N SER F 201 4.34 -0.39 -11.85
CA SER F 201 3.49 -0.80 -10.74
C SER F 201 4.27 -1.79 -9.89
N PHE F 202 4.54 -1.41 -8.65
CA PHE F 202 5.18 -2.27 -7.66
C PHE F 202 4.17 -2.44 -6.55
N VAL F 203 3.56 -3.63 -6.45
CA VAL F 203 2.40 -3.83 -5.61
C VAL F 203 2.67 -4.80 -4.46
N THR F 204 3.49 -5.83 -4.68
CA THR F 204 3.65 -6.84 -3.65
C THR F 204 4.76 -6.45 -2.69
N THR F 205 4.94 -7.24 -1.63
CA THR F 205 5.95 -6.93 -0.63
C THR F 205 7.34 -7.34 -1.08
N ALA F 206 7.43 -8.12 -2.16
CA ALA F 206 8.73 -8.45 -2.71
C ALA F 206 9.27 -7.35 -3.62
N GLU F 207 8.41 -6.44 -4.07
CA GLU F 207 8.84 -5.30 -4.86
C GLU F 207 9.22 -4.11 -3.99
N ARG F 208 8.89 -4.14 -2.71
CA ARG F 208 9.38 -3.13 -1.78
C ARG F 208 10.89 -3.19 -1.65
N GLU F 209 11.46 -4.39 -1.77
CA GLU F 209 12.92 -4.52 -1.76
C GLU F 209 13.54 -3.89 -3.01
N ILE F 210 12.87 -4.04 -4.15
CA ILE F 210 13.39 -3.50 -5.39
C ILE F 210 13.32 -1.97 -5.37
N VAL F 211 12.20 -1.43 -4.89
CA VAL F 211 12.10 0.02 -4.84
C VAL F 211 12.95 0.59 -3.70
N ARG F 212 13.28 -0.24 -2.71
CA ARG F 212 14.26 0.19 -1.72
C ARG F 212 15.64 0.29 -2.34
N ASP F 213 15.99 -0.64 -3.22
CA ASP F 213 17.26 -0.56 -3.95
C ASP F 213 17.27 0.64 -4.89
N ILE F 214 16.12 0.98 -5.47
CA ILE F 214 15.99 2.19 -6.28
C ILE F 214 16.28 3.42 -5.44
N LYS F 215 15.72 3.47 -4.23
CA LYS F 215 16.01 4.52 -3.28
C LYS F 215 17.47 4.55 -2.87
N GLU F 216 18.11 3.38 -2.76
CA GLU F 216 19.54 3.27 -2.43
C GLU F 216 20.39 3.97 -3.47
N LYS F 217 20.28 3.56 -4.73
CA LYS F 217 21.27 3.94 -5.72
C LYS F 217 20.91 5.18 -6.53
N LEU F 218 19.71 5.73 -6.40
CA LEU F 218 19.32 6.85 -7.26
C LEU F 218 18.92 8.11 -6.51
N CYS F 219 18.17 7.99 -5.42
CA CYS F 219 17.50 9.14 -4.83
C CYS F 219 18.49 10.03 -4.09
N TYR F 220 18.57 11.28 -4.51
CA TYR F 220 19.30 12.33 -3.83
C TYR F 220 18.30 13.39 -3.41
N VAL F 221 18.77 14.35 -2.62
CA VAL F 221 17.91 15.41 -2.11
C VAL F 221 18.45 16.75 -2.62
N ALA F 222 17.56 17.57 -3.17
CA ALA F 222 17.96 18.83 -3.77
C ALA F 222 18.23 19.87 -2.69
N LEU F 223 19.14 20.79 -3.00
CA LEU F 223 19.43 21.89 -2.08
C LEU F 223 18.26 22.87 -2.06
N ASP F 224 17.75 23.23 -3.21
CA ASP F 224 16.54 24.03 -3.34
C ASP F 224 15.55 23.20 -4.13
N PHE F 225 14.31 23.12 -3.65
CA PHE F 225 13.34 22.19 -4.22
C PHE F 225 12.57 22.77 -5.40
N GLU F 226 12.26 24.06 -5.36
CA GLU F 226 11.39 24.64 -6.38
C GLU F 226 12.09 24.76 -7.73
N ASN F 227 13.31 25.31 -7.75
CA ASN F 227 13.99 25.42 -9.03
C ASN F 227 14.46 24.07 -9.55
N GLU F 228 14.76 23.13 -8.67
CA GLU F 228 15.11 21.79 -9.14
C GLU F 228 13.89 21.08 -9.71
N MET F 229 12.71 21.32 -9.13
CA MET F 229 11.48 20.85 -9.75
C MET F 229 11.25 21.52 -11.11
N ALA F 230 11.60 22.80 -11.21
CA ALA F 230 11.41 23.53 -12.47
C ALA F 230 12.33 23.02 -13.58
N THR F 231 13.58 22.72 -13.26
CA THR F 231 14.49 22.20 -14.27
C THR F 231 14.20 20.76 -14.67
N ALA F 232 13.41 20.04 -13.88
CA ALA F 232 12.96 18.71 -14.29
C ALA F 232 11.86 18.78 -15.33
N ALA F 233 11.21 19.93 -15.51
CA ALA F 233 10.25 20.08 -16.59
C ALA F 233 10.95 20.12 -17.95
N SER F 234 12.08 20.84 -18.03
CA SER F 234 12.97 20.74 -19.18
C SER F 234 13.84 19.51 -18.97
N SER F 235 13.26 18.35 -19.26
CA SER F 235 13.84 17.07 -18.88
C SER F 235 15.02 16.71 -19.74
N SER F 236 16.21 17.11 -19.32
CA SER F 236 17.39 16.88 -20.12
C SER F 236 18.50 16.13 -19.40
N SER F 237 18.69 16.38 -18.10
CA SER F 237 19.85 15.85 -17.41
C SER F 237 19.52 15.20 -16.07
N LEU F 238 18.26 15.19 -15.64
CA LEU F 238 17.91 14.64 -14.34
C LEU F 238 17.36 13.23 -14.41
N GLU F 239 17.08 12.71 -15.60
CA GLU F 239 16.63 11.34 -15.73
C GLU F 239 17.78 10.39 -15.45
N LYS F 240 17.45 9.22 -14.92
CA LYS F 240 18.46 8.19 -14.71
C LYS F 240 17.80 6.83 -14.90
N SER F 241 18.55 5.92 -15.51
CA SER F 241 18.06 4.58 -15.81
C SER F 241 18.58 3.60 -14.78
N TYR F 242 17.69 2.76 -14.29
CA TYR F 242 18.02 1.71 -13.34
C TYR F 242 17.51 0.39 -13.89
N GLU F 243 18.33 -0.65 -13.79
CA GLU F 243 17.97 -1.96 -14.32
C GLU F 243 17.32 -2.80 -13.23
N LEU F 244 16.22 -3.45 -13.59
CA LEU F 244 15.47 -4.27 -12.66
C LEU F 244 16.12 -5.64 -12.57
N PRO F 245 15.72 -6.47 -11.59
CA PRO F 245 16.17 -7.87 -11.61
C PRO F 245 15.65 -8.68 -12.79
N ASP F 246 14.55 -8.26 -13.42
CA ASP F 246 14.07 -9.00 -14.59
C ASP F 246 14.84 -8.68 -15.86
N GLY F 247 15.32 -7.45 -15.98
CA GLY F 247 15.99 -6.98 -17.17
C GLY F 247 15.42 -5.70 -17.74
N GLN F 248 14.22 -5.31 -17.34
CA GLN F 248 13.63 -4.08 -17.85
C GLN F 248 14.29 -2.88 -17.20
N VAL F 249 14.64 -1.89 -17.99
CA VAL F 249 15.20 -0.67 -17.45
C VAL F 249 14.07 0.31 -17.16
N ILE F 250 14.28 1.17 -16.19
CA ILE F 250 13.31 2.20 -15.85
C ILE F 250 14.02 3.54 -15.84
N THR F 251 13.30 4.57 -16.27
CA THR F 251 13.82 5.94 -16.28
C THR F 251 13.11 6.73 -15.20
N ILE F 252 13.87 7.50 -14.43
CA ILE F 252 13.35 8.24 -13.30
C ILE F 252 13.73 9.70 -13.44
N GLY F 253 12.74 10.59 -13.34
CA GLY F 253 12.97 12.01 -13.46
C GLY F 253 12.88 12.74 -12.14
N ASN F 254 11.77 13.45 -11.90
CA ASN F 254 11.63 14.19 -10.66
C ASN F 254 11.37 13.30 -9.45
N GLU F 255 10.95 12.05 -9.68
CA GLU F 255 10.81 11.08 -8.59
C GLU F 255 12.12 10.77 -7.92
N ARG F 256 13.24 11.09 -8.56
CA ARG F 256 14.55 10.94 -7.96
C ARG F 256 14.73 11.87 -6.76
N PHE F 257 14.08 13.04 -6.76
CA PHE F 257 14.25 13.93 -5.62
C PHE F 257 12.97 14.31 -4.91
N ARG F 258 11.81 13.85 -5.39
CA ARG F 258 10.60 14.02 -4.59
C ARG F 258 10.50 13.03 -3.45
N CYS F 259 11.31 11.97 -3.48
CA CYS F 259 11.23 10.98 -2.40
C CYS F 259 11.94 11.43 -1.13
N PRO F 260 13.15 11.99 -1.13
CA PRO F 260 13.69 12.49 0.15
C PRO F 260 13.10 13.81 0.60
N GLU F 261 12.39 14.52 -0.28
CA GLU F 261 11.76 15.79 0.10
C GLU F 261 10.63 15.60 1.10
N THR F 262 10.13 14.37 1.24
CA THR F 262 9.19 14.05 2.30
C THR F 262 9.81 14.24 3.68
N LEU F 263 11.14 14.10 3.79
CA LEU F 263 11.81 14.35 5.06
C LEU F 263 11.74 15.81 5.47
N PHE F 264 11.61 16.73 4.52
CA PHE F 264 11.54 18.14 4.82
C PHE F 264 10.17 18.75 4.59
N GLN F 265 9.25 18.00 4.01
CA GLN F 265 7.85 18.41 3.88
C GLN F 265 6.99 17.18 4.08
N PRO F 266 6.63 16.86 5.32
CA PRO F 266 5.82 15.66 5.56
C PRO F 266 4.35 15.79 5.19
N SER F 267 3.94 16.92 4.62
CA SER F 267 2.60 17.06 4.10
C SER F 267 2.41 16.36 2.77
N PHE F 268 3.47 15.85 2.16
CA PHE F 268 3.33 15.10 0.92
C PHE F 268 2.66 13.76 1.17
N ILE F 269 2.98 13.09 2.27
CA ILE F 269 2.31 11.86 2.64
C ILE F 269 1.21 12.10 3.66
N GLY F 270 0.78 13.34 3.83
CA GLY F 270 -0.35 13.66 4.67
C GLY F 270 -0.07 13.74 6.15
N MET F 271 1.20 13.65 6.56
CA MET F 271 1.52 13.69 7.97
C MET F 271 1.46 15.12 8.48
N GLU F 272 0.60 15.37 9.45
CA GLU F 272 0.63 16.66 10.13
C GLU F 272 1.80 16.69 11.08
N SER F 273 2.92 17.21 10.61
CA SER F 273 4.12 17.35 11.41
C SER F 273 4.98 18.43 10.78
N ALA F 274 6.21 18.54 11.26
CA ALA F 274 7.22 19.37 10.65
C ALA F 274 8.31 18.49 10.10
N GLY F 275 9.02 19.00 9.10
CA GLY F 275 10.12 18.27 8.51
C GLY F 275 11.29 18.20 9.48
N ILE F 276 12.28 17.38 9.12
CA ILE F 276 13.40 17.13 10.01
C ILE F 276 14.31 18.35 10.15
N HIS F 277 14.14 19.36 9.32
CA HIS F 277 14.82 20.62 9.53
C HIS F 277 14.08 21.48 10.55
N GLU F 278 12.77 21.37 10.61
CA GLU F 278 11.97 22.24 11.46
C GLU F 278 11.74 21.65 12.84
N THR F 279 11.68 20.32 12.97
CA THR F 279 11.60 19.76 14.30
C THR F 279 12.94 19.84 15.02
N THR F 280 14.05 19.97 14.29
CA THR F 280 15.35 20.15 14.95
C THR F 280 15.43 21.53 15.60
N TYR F 281 15.10 22.58 14.86
CA TYR F 281 15.05 23.91 15.45
C TYR F 281 13.93 24.02 16.47
N ASN F 282 12.86 23.26 16.28
CA ASN F 282 11.79 23.22 17.28
C ASN F 282 12.24 22.52 18.55
N SER F 283 13.15 21.55 18.45
CA SER F 283 13.61 20.82 19.61
C SER F 283 14.75 21.51 20.34
N ILE F 284 15.58 22.25 19.61
CA ILE F 284 16.61 23.05 20.26
C ILE F 284 15.97 24.20 21.04
N MET F 285 14.88 24.76 20.50
CA MET F 285 14.18 25.83 21.21
C MET F 285 13.41 25.33 22.42
N LYS F 286 13.18 24.03 22.57
CA LYS F 286 12.65 23.51 23.81
C LYS F 286 13.70 23.45 24.91
N CYS F 287 14.99 23.55 24.57
CA CYS F 287 16.05 23.50 25.56
C CYS F 287 16.24 24.87 26.19
N ASP F 288 17.27 24.99 27.01
CA ASP F 288 17.55 26.22 27.72
C ASP F 288 18.46 27.11 26.89
N ILE F 289 18.42 28.41 27.19
CA ILE F 289 19.05 29.39 26.33
C ILE F 289 20.57 29.39 26.46
N ASP F 290 21.12 28.77 27.49
CA ASP F 290 22.56 28.78 27.65
C ASP F 290 23.26 27.73 26.81
N ILE F 291 22.69 26.52 26.73
CA ILE F 291 23.30 25.44 25.96
C ILE F 291 22.92 25.47 24.50
N ARG F 292 22.20 26.50 24.06
CA ARG F 292 21.65 26.51 22.71
C ARG F 292 22.75 26.75 21.69
N LYS F 293 23.80 27.50 22.07
CA LYS F 293 24.95 27.75 21.20
C LYS F 293 25.71 26.47 20.89
N ASP F 294 25.93 25.62 21.89
CA ASP F 294 26.66 24.40 21.66
C ASP F 294 25.82 23.37 20.91
N LEU F 295 24.51 23.43 21.09
CA LEU F 295 23.64 22.49 20.39
C LEU F 295 23.46 22.88 18.93
N TYR F 296 23.53 24.18 18.63
CA TYR F 296 23.46 24.61 17.23
C TYR F 296 24.69 24.18 16.44
N ALA F 297 25.84 24.15 17.08
CA ALA F 297 27.10 23.93 16.40
C ALA F 297 27.55 22.47 16.40
N ASN F 298 26.75 21.57 16.96
CA ASN F 298 27.11 20.16 17.03
C ASN F 298 25.87 19.36 16.65
N ASN F 299 25.70 19.10 15.36
CA ASN F 299 24.51 18.41 14.87
C ASN F 299 24.93 17.12 14.20
N VAL F 300 25.02 16.05 14.98
CA VAL F 300 25.37 14.76 14.40
C VAL F 300 24.15 14.19 13.69
N MET F 301 24.40 13.24 12.81
CA MET F 301 23.34 12.62 12.01
C MET F 301 23.68 11.14 11.88
N SER F 302 23.06 10.31 12.69
CA SER F 302 23.22 8.88 12.53
C SER F 302 22.10 8.35 11.65
N GLY F 303 21.96 7.04 11.56
CA GLY F 303 20.87 6.46 10.81
C GLY F 303 21.10 6.45 9.32
N GLY F 304 20.57 5.43 8.64
CA GLY F 304 20.80 5.30 7.22
C GLY F 304 20.06 6.30 6.36
N THR F 305 18.96 6.86 6.86
CA THR F 305 18.18 7.78 6.05
C THR F 305 18.83 9.17 5.98
N THR F 306 19.88 9.41 6.76
CA THR F 306 20.74 10.56 6.56
C THR F 306 21.96 10.22 5.71
N MET F 307 21.84 9.25 4.82
CA MET F 307 22.91 8.95 3.88
C MET F 307 22.52 9.28 2.44
N TYR F 308 21.54 10.14 2.25
CA TYR F 308 21.25 10.63 0.92
C TYR F 308 22.35 11.57 0.46
N PRO F 309 22.64 11.61 -0.83
CA PRO F 309 23.66 12.56 -1.31
C PRO F 309 23.17 13.99 -1.24
N GLY F 310 23.67 14.73 -0.27
CA GLY F 310 23.35 16.12 -0.13
C GLY F 310 22.38 16.48 0.98
N ILE F 311 22.20 15.61 1.98
CA ILE F 311 21.27 15.95 3.05
C ILE F 311 21.92 16.86 4.07
N ALA F 312 23.25 16.86 4.17
CA ALA F 312 23.93 17.75 5.11
C ALA F 312 23.84 19.20 4.65
N ASP F 313 23.96 19.42 3.34
CA ASP F 313 23.89 20.78 2.79
C ASP F 313 22.49 21.36 2.95
N ARG F 314 21.46 20.56 2.68
CA ARG F 314 20.10 21.07 2.82
C ARG F 314 19.73 21.23 4.29
N MET F 315 20.26 20.36 5.17
CA MET F 315 19.99 20.49 6.59
C MET F 315 20.61 21.78 7.14
N GLN F 316 21.83 22.09 6.71
CA GLN F 316 22.47 23.34 7.14
C GLN F 316 21.76 24.55 6.57
N LYS F 317 21.40 24.51 5.29
CA LYS F 317 20.74 25.64 4.65
C LYS F 317 19.34 25.86 5.20
N GLU F 318 18.67 24.79 5.62
CA GLU F 318 17.31 24.90 6.12
C GLU F 318 17.25 25.23 7.60
N ILE F 319 18.29 24.90 8.37
CA ILE F 319 18.34 25.40 9.74
C ILE F 319 18.75 26.86 9.75
N THR F 320 19.74 27.24 8.93
CA THR F 320 20.28 28.60 9.02
C THR F 320 19.31 29.67 8.52
N ALA F 321 18.18 29.30 7.92
CA ALA F 321 17.10 30.24 7.69
C ALA F 321 16.18 30.38 8.88
N LEU F 322 16.25 29.46 9.83
CA LEU F 322 15.43 29.49 11.03
C LEU F 322 16.18 29.98 12.25
N ALA F 323 17.45 29.60 12.37
CA ALA F 323 18.27 30.02 13.50
C ALA F 323 18.64 31.50 13.37
N PRO F 324 19.01 32.14 14.47
CA PRO F 324 19.60 33.49 14.37
C PRO F 324 20.91 33.45 13.63
N SER F 325 21.12 34.46 12.79
CA SER F 325 22.19 34.47 11.79
C SER F 325 23.52 34.96 12.32
N THR F 326 23.75 34.94 13.64
CA THR F 326 24.98 35.47 14.19
C THR F 326 25.93 34.42 14.71
N MET F 327 25.59 33.13 14.59
CA MET F 327 26.53 32.08 14.93
C MET F 327 26.24 30.87 14.05
N LYS F 328 27.27 30.10 13.74
CA LYS F 328 27.19 29.18 12.61
C LYS F 328 26.53 27.86 13.01
N ILE F 329 26.00 27.19 12.00
CA ILE F 329 25.44 25.86 12.13
C ILE F 329 26.38 24.90 11.41
N LYS F 330 26.72 23.79 12.07
CA LYS F 330 27.63 22.80 11.51
C LYS F 330 26.98 21.43 11.60
N ILE F 331 26.35 20.99 10.51
CA ILE F 331 25.76 19.66 10.48
C ILE F 331 26.89 18.67 10.27
N ILE F 332 27.40 18.12 11.36
CA ILE F 332 28.52 17.18 11.24
C ILE F 332 27.97 15.83 10.80
N ALA F 333 28.38 15.40 9.61
CA ALA F 333 27.87 14.16 9.01
C ALA F 333 29.04 13.21 8.83
N PRO F 334 29.22 12.23 9.73
CA PRO F 334 30.33 11.32 9.59
C PRO F 334 30.08 10.34 8.45
N PRO F 335 31.14 9.87 7.78
CA PRO F 335 30.94 9.04 6.58
C PRO F 335 30.53 7.61 6.86
N GLU F 336 30.66 7.11 8.08
CA GLU F 336 30.29 5.73 8.41
C GLU F 336 28.96 5.68 9.14
N ARG F 337 28.15 6.74 9.02
CA ARG F 337 27.06 7.00 9.95
C ARG F 337 25.96 5.95 9.92
N LYS F 338 25.84 5.16 8.85
CA LYS F 338 24.83 4.11 8.79
C LYS F 338 25.04 3.08 9.89
N TYR F 339 26.29 2.77 10.20
CA TYR F 339 26.60 1.86 11.29
C TYR F 339 26.87 2.59 12.60
N SER F 340 26.53 3.88 12.68
CA SER F 340 26.98 4.71 13.80
C SER F 340 26.39 4.26 15.12
N VAL F 341 25.11 3.87 15.11
CA VAL F 341 24.45 3.35 16.30
C VAL F 341 25.13 2.08 16.78
N TRP F 342 25.69 1.30 15.86
CA TRP F 342 26.44 0.13 16.27
C TRP F 342 27.77 0.54 16.92
N ILE F 343 28.42 1.57 16.38
CA ILE F 343 29.80 1.86 16.76
C ILE F 343 29.87 2.31 18.20
N GLY F 344 28.99 3.22 18.60
CA GLY F 344 28.86 3.58 20.00
C GLY F 344 28.46 2.41 20.88
N GLY F 345 27.69 1.48 20.34
CA GLY F 345 27.39 0.27 21.07
C GLY F 345 28.63 -0.59 21.28
N SER F 346 29.57 -0.51 20.35
CA SER F 346 30.85 -1.17 20.56
C SER F 346 31.71 -0.41 21.55
N ILE F 347 31.44 0.86 21.76
CA ILE F 347 32.21 1.62 22.74
C ILE F 347 31.69 1.36 24.14
N LEU F 348 30.39 1.63 24.37
CA LEU F 348 29.81 1.63 25.70
C LEU F 348 29.85 0.24 26.33
N ALA F 349 29.72 -0.80 25.54
CA ALA F 349 29.78 -2.15 26.09
C ALA F 349 31.21 -2.53 26.47
N SER F 350 32.20 -1.98 25.78
CA SER F 350 33.59 -2.32 26.06
C SER F 350 34.25 -1.33 27.00
N LEU F 351 33.52 -0.37 27.52
CA LEU F 351 34.09 0.62 28.41
C LEU F 351 34.28 0.05 29.80
N SER F 352 35.40 0.42 30.43
CA SER F 352 35.81 -0.22 31.68
C SER F 352 34.92 0.19 32.85
N THR F 353 34.41 1.41 32.85
CA THR F 353 33.57 1.87 33.96
C THR F 353 32.10 1.51 33.78
N PHE F 354 31.78 0.62 32.85
CA PHE F 354 30.40 0.26 32.58
C PHE F 354 29.98 -1.03 33.29
N GLN F 355 30.91 -1.93 33.59
CA GLN F 355 30.61 -3.32 33.94
C GLN F 355 29.85 -3.49 35.25
N GLN F 356 29.67 -2.44 36.04
CA GLN F 356 28.73 -2.48 37.15
C GLN F 356 27.44 -1.72 36.83
N MET F 357 27.01 -1.73 35.58
CA MET F 357 25.75 -1.10 35.20
C MET F 357 25.03 -1.95 34.16
N TRP F 358 25.29 -3.26 34.17
CA TRP F 358 24.51 -4.21 33.40
C TRP F 358 23.24 -4.56 34.19
N ILE F 359 22.49 -5.53 33.70
CA ILE F 359 21.39 -6.13 34.45
C ILE F 359 21.70 -7.61 34.57
N THR F 360 22.25 -8.02 35.71
CA THR F 360 22.59 -9.42 35.90
C THR F 360 21.35 -10.27 36.09
N LYS F 361 21.52 -11.57 35.87
CA LYS F 361 20.39 -12.49 35.98
C LYS F 361 19.94 -12.63 37.42
N GLN F 362 20.87 -12.54 38.37
CA GLN F 362 20.51 -12.57 39.78
C GLN F 362 19.80 -11.30 40.21
N GLU F 363 19.93 -10.21 39.46
CA GLU F 363 19.19 -8.99 39.74
C GLU F 363 17.80 -9.00 39.09
N TYR F 364 17.57 -9.88 38.14
CA TYR F 364 16.33 -9.92 37.39
C TYR F 364 15.30 -10.84 38.02
N ASP F 365 15.74 -12.00 38.52
CA ASP F 365 14.80 -13.02 38.99
C ASP F 365 14.10 -12.64 40.29
N GLU F 366 14.70 -11.76 41.09
CA GLU F 366 14.08 -11.33 42.33
C GLU F 366 13.16 -10.13 42.13
N ALA F 367 13.41 -9.33 41.10
CA ALA F 367 12.64 -8.12 40.85
C ALA F 367 11.74 -8.22 39.64
N GLY F 368 11.78 -9.31 38.89
CA GLY F 368 10.96 -9.47 37.72
C GLY F 368 11.47 -8.64 36.55
N PRO F 369 10.66 -8.53 35.50
CA PRO F 369 11.08 -7.75 34.33
C PRO F 369 10.92 -6.25 34.50
N SER F 370 10.43 -5.77 35.63
CA SER F 370 10.29 -4.36 35.89
C SER F 370 11.60 -3.69 36.32
N ILE F 371 12.68 -4.46 36.43
CA ILE F 371 13.99 -3.92 36.78
C ILE F 371 14.59 -3.09 35.66
N VAL F 372 14.10 -3.23 34.43
CA VAL F 372 14.73 -2.57 33.30
C VAL F 372 14.36 -1.10 33.22
N HIS F 373 13.32 -0.66 33.92
CA HIS F 373 12.96 0.75 33.89
C HIS F 373 13.80 1.59 34.84
N ARG F 374 14.14 1.05 36.01
CA ARG F 374 14.93 1.79 36.98
C ARG F 374 16.42 1.52 36.83
N LYS F 375 16.84 1.07 35.66
CA LYS F 375 18.25 0.86 35.35
C LYS F 375 18.71 1.60 34.11
N CYS F 376 17.86 1.76 33.10
CA CYS F 376 18.27 2.26 31.80
C CYS F 376 17.84 3.69 31.53
N PHE F 377 16.64 4.06 31.96
CA PHE F 377 16.11 5.40 31.74
C PHE F 377 15.09 5.73 32.81
N LEU G 28 -30.85 18.24 13.02
CA LEU G 28 -30.97 18.71 14.38
C LEU G 28 -31.00 20.23 14.43
N ASP G 29 -31.81 20.83 13.56
CA ASP G 29 -31.90 22.28 13.49
C ASP G 29 -33.22 22.83 14.05
N ALA G 30 -34.03 22.02 14.71
CA ALA G 30 -35.24 22.54 15.35
C ALA G 30 -34.89 23.45 16.52
N GLU G 31 -33.79 23.15 17.21
CA GLU G 31 -33.25 24.07 18.21
C GLU G 31 -32.61 25.29 17.57
N VAL G 32 -32.19 25.18 16.32
CA VAL G 32 -31.68 26.35 15.61
C VAL G 32 -32.83 27.14 14.99
N SER G 33 -33.92 26.46 14.61
CA SER G 33 -35.07 27.11 13.98
C SER G 33 -36.04 27.65 15.03
N LYS G 34 -35.55 28.56 15.86
CA LYS G 34 -36.40 29.35 16.74
C LYS G 34 -36.58 30.74 16.15
N TRP G 35 -37.63 30.87 15.34
CA TRP G 35 -37.95 32.11 14.66
C TRP G 35 -39.44 32.40 14.73
N ASP G 36 -39.88 33.43 14.02
CA ASP G 36 -41.29 33.72 13.85
C ASP G 36 -41.52 33.76 12.35
N ASP G 37 -42.68 34.21 11.88
CA ASP G 37 -42.95 34.32 10.46
C ASP G 37 -42.42 35.63 9.86
N SER G 38 -41.52 36.33 10.53
CA SER G 38 -40.94 37.57 10.04
C SER G 38 -39.75 37.25 9.14
N GLY G 39 -39.04 38.29 8.72
CA GLY G 39 -37.98 38.14 7.72
C GLY G 39 -38.51 38.23 6.31
N ASN G 40 -39.58 37.47 6.03
CA ASN G 40 -40.53 37.64 4.93
C ASN G 40 -39.98 37.26 3.56
N ASP G 41 -38.70 37.00 3.46
CA ASP G 41 -38.16 36.44 2.23
C ASP G 41 -37.25 35.25 2.49
N ILE G 42 -36.43 35.30 3.53
CA ILE G 42 -35.41 34.29 3.78
C ILE G 42 -35.85 33.32 4.87
N ILE G 43 -36.40 33.85 5.96
CA ILE G 43 -36.70 33.03 7.12
C ILE G 43 -37.91 32.14 6.86
N VAL G 44 -38.85 32.59 6.02
CA VAL G 44 -40.10 31.85 5.84
C VAL G 44 -39.89 30.59 5.02
N LEU G 45 -39.07 30.68 3.95
CA LEU G 45 -38.76 29.45 3.21
C LEU G 45 -37.80 28.57 3.98
N ALA G 46 -36.99 29.16 4.87
CA ALA G 46 -36.17 28.35 5.76
C ALA G 46 -37.03 27.55 6.73
N LYS G 47 -38.11 28.15 7.23
CA LYS G 47 -39.03 27.42 8.09
C LYS G 47 -39.82 26.36 7.30
N GLN G 48 -40.14 26.65 6.04
CA GLN G 48 -40.78 25.66 5.19
C GLN G 48 -39.87 24.47 4.94
N MET G 49 -38.58 24.74 4.69
CA MET G 49 -37.62 23.67 4.47
C MET G 49 -37.35 22.91 5.76
N CYS G 50 -37.42 23.59 6.91
CA CYS G 50 -37.24 22.92 8.18
C CYS G 50 -38.40 21.99 8.50
N MET G 51 -39.64 22.44 8.27
CA MET G 51 -40.77 21.57 8.55
C MET G 51 -40.87 20.44 7.52
N ILE G 52 -40.43 20.66 6.28
CA ILE G 52 -40.46 19.55 5.35
C ILE G 52 -39.30 18.58 5.61
N MET G 53 -38.19 19.02 6.22
CA MET G 53 -37.21 18.04 6.68
C MET G 53 -37.75 17.27 7.87
N MET G 54 -38.44 17.95 8.78
CA MET G 54 -38.92 17.31 9.99
C MET G 54 -40.02 16.30 9.66
N GLU G 55 -40.76 16.53 8.59
CA GLU G 55 -41.67 15.52 8.09
C GLU G 55 -41.01 14.51 7.15
N MET G 56 -39.84 14.83 6.59
CA MET G 56 -39.16 13.90 5.70
C MET G 56 -38.40 12.83 6.49
N THR G 57 -37.62 13.25 7.48
CA THR G 57 -36.84 12.32 8.29
C THR G 57 -37.69 11.58 9.32
N ASP G 58 -38.97 11.91 9.43
CA ASP G 58 -39.88 11.10 10.21
C ASP G 58 -40.23 9.79 9.49
N PHE G 59 -39.99 9.73 8.19
CA PHE G 59 -40.24 8.51 7.43
C PHE G 59 -39.27 7.40 7.81
N THR G 60 -38.07 7.77 8.27
CA THR G 60 -37.16 6.77 8.83
C THR G 60 -37.70 6.16 10.11
N ARG G 61 -38.45 6.95 10.88
CA ARG G 61 -39.20 6.38 11.99
C ARG G 61 -40.55 5.85 11.53
N GLY G 62 -41.07 6.36 10.42
CA GLY G 62 -42.25 5.81 9.80
C GLY G 62 -43.56 6.07 10.51
N LYS G 63 -43.80 7.30 10.95
CA LYS G 63 -45.05 7.64 11.61
C LYS G 63 -45.58 8.98 11.12
N GLY G 64 -45.14 9.42 9.95
CA GLY G 64 -45.60 10.67 9.38
C GLY G 64 -46.51 10.47 8.19
N PRO G 65 -46.72 11.53 7.41
CA PRO G 65 -47.58 11.43 6.23
C PRO G 65 -46.92 10.87 4.99
N LEU G 66 -45.76 10.22 5.10
CA LEU G 66 -45.06 9.65 3.96
C LEU G 66 -45.17 8.14 4.02
N LYS G 67 -45.70 7.53 2.96
CA LYS G 67 -45.98 6.10 2.94
C LYS G 67 -45.10 5.33 1.96
N ASN G 68 -45.13 5.70 0.68
CA ASN G 68 -44.30 5.04 -0.32
C ASN G 68 -42.98 5.81 -0.46
N THR G 69 -42.25 5.59 -1.55
CA THR G 69 -41.03 6.33 -1.79
C THR G 69 -41.21 7.52 -2.73
N SER G 70 -42.30 7.56 -3.50
CA SER G 70 -42.46 8.61 -4.50
C SER G 70 -42.81 9.95 -3.88
N ASP G 71 -43.48 9.94 -2.73
CA ASP G 71 -43.73 11.20 -2.04
C ASP G 71 -42.45 11.76 -1.45
N VAL G 72 -41.49 10.90 -1.13
CA VAL G 72 -40.17 11.37 -0.74
C VAL G 72 -39.46 12.02 -1.91
N ILE G 73 -39.72 11.53 -3.13
CA ILE G 73 -39.15 12.14 -4.33
C ILE G 73 -39.78 13.52 -4.56
N SER G 74 -41.09 13.63 -4.36
CA SER G 74 -41.75 14.93 -4.49
C SER G 74 -41.30 15.90 -3.40
N ALA G 75 -41.05 15.39 -2.19
CA ALA G 75 -40.53 16.21 -1.11
C ALA G 75 -39.12 16.71 -1.44
N ALA G 76 -38.27 15.82 -1.96
CA ALA G 76 -36.92 16.21 -2.32
C ALA G 76 -36.91 17.22 -3.46
N LYS G 77 -37.85 17.09 -4.39
CA LYS G 77 -37.98 18.08 -5.45
C LYS G 77 -38.44 19.43 -4.89
N LYS G 78 -39.30 19.40 -3.87
CA LYS G 78 -39.72 20.63 -3.20
C LYS G 78 -38.54 21.32 -2.52
N ILE G 79 -37.73 20.57 -1.78
CA ILE G 79 -36.56 21.17 -1.14
C ILE G 79 -35.52 21.60 -2.16
N ALA G 80 -35.43 20.93 -3.31
CA ALA G 80 -34.50 21.37 -4.34
C ALA G 80 -34.92 22.70 -4.94
N GLU G 81 -36.22 22.87 -5.21
CA GLU G 81 -36.72 24.14 -5.73
C GLU G 81 -36.58 25.25 -4.69
N ALA G 82 -36.83 24.93 -3.42
CA ALA G 82 -36.69 25.94 -2.38
C ALA G 82 -35.23 26.31 -2.15
N GLY G 83 -34.32 25.34 -2.31
CA GLY G 83 -32.90 25.64 -2.19
C GLY G 83 -32.40 26.48 -3.35
N SER G 84 -32.94 26.26 -4.54
CA SER G 84 -32.62 27.13 -5.67
C SER G 84 -33.13 28.55 -5.45
N ARG G 85 -34.33 28.70 -4.87
CA ARG G 85 -34.83 30.03 -4.55
C ARG G 85 -34.00 30.71 -3.48
N MET G 86 -33.58 29.95 -2.46
CA MET G 86 -32.70 30.48 -1.43
C MET G 86 -31.35 30.87 -1.99
N ASP G 87 -30.84 30.10 -2.96
CA ASP G 87 -29.60 30.45 -3.64
C ASP G 87 -29.77 31.76 -4.41
N LYS G 88 -30.94 31.97 -5.01
CA LYS G 88 -31.21 33.24 -5.69
C LYS G 88 -31.20 34.42 -4.72
N LEU G 89 -31.90 34.29 -3.60
CA LEU G 89 -31.95 35.38 -2.62
C LEU G 89 -30.59 35.64 -1.98
N GLY G 90 -29.84 34.57 -1.72
CA GLY G 90 -28.50 34.71 -1.21
C GLY G 90 -27.56 35.36 -2.21
N ARG G 91 -27.79 35.14 -3.49
CA ARG G 91 -27.02 35.87 -4.49
C ARG G 91 -27.42 37.33 -4.55
N THR G 92 -28.70 37.64 -4.29
CA THR G 92 -29.13 39.04 -4.29
C THR G 92 -28.53 39.82 -3.13
N ILE G 93 -28.45 39.21 -1.94
CA ILE G 93 -27.87 39.95 -0.82
C ILE G 93 -26.35 40.06 -0.95
N ALA G 94 -25.70 39.10 -1.61
CA ALA G 94 -24.25 39.08 -1.65
C ALA G 94 -23.63 40.07 -2.65
N ASP G 95 -24.43 40.78 -3.46
CA ASP G 95 -23.82 41.71 -4.40
C ASP G 95 -23.32 42.97 -3.70
N HIS G 96 -24.01 43.40 -2.64
CA HIS G 96 -23.74 44.69 -2.03
C HIS G 96 -22.83 44.61 -0.81
N CYS G 97 -22.45 43.41 -0.40
CA CYS G 97 -21.46 43.27 0.68
C CYS G 97 -20.10 43.67 0.16
N PRO G 98 -19.42 44.64 0.82
CA PRO G 98 -18.19 45.21 0.25
C PRO G 98 -16.99 44.27 0.10
N ASP G 99 -16.57 43.64 1.18
CA ASP G 99 -15.30 42.91 1.10
C ASP G 99 -15.43 41.59 1.85
N SER G 100 -14.29 40.93 2.06
CA SER G 100 -14.15 39.50 2.32
C SER G 100 -14.85 38.96 3.55
N ALA G 101 -14.82 39.72 4.65
CA ALA G 101 -14.96 39.25 6.03
C ALA G 101 -16.15 38.34 6.29
N CYS G 102 -17.29 38.63 5.65
CA CYS G 102 -18.43 37.73 5.70
C CYS G 102 -18.90 37.34 4.29
N LYS G 103 -18.51 38.10 3.26
CA LYS G 103 -18.97 37.82 1.90
C LYS G 103 -18.36 36.54 1.36
N GLN G 104 -17.11 36.24 1.73
CA GLN G 104 -16.51 34.97 1.30
C GLN G 104 -17.17 33.77 1.95
N ASP G 105 -17.53 33.90 3.23
CA ASP G 105 -18.28 32.86 3.94
C ASP G 105 -19.65 32.65 3.30
N LEU G 106 -20.31 33.75 2.93
CA LEU G 106 -21.63 33.67 2.32
C LEU G 106 -21.56 33.01 0.94
N LEU G 107 -20.53 33.35 0.16
CA LEU G 107 -20.35 32.72 -1.14
C LEU G 107 -20.01 31.24 -1.03
N ALA G 108 -19.23 30.86 0.00
CA ALA G 108 -18.92 29.46 0.22
C ALA G 108 -20.17 28.66 0.57
N TYR G 109 -21.01 29.20 1.45
CA TYR G 109 -22.23 28.49 1.80
C TYR G 109 -23.23 28.50 0.65
N LEU G 110 -23.17 29.51 -0.23
CA LEU G 110 -24.01 29.51 -1.41
C LEU G 110 -23.58 28.43 -2.41
N GLN G 111 -22.28 28.22 -2.56
CA GLN G 111 -21.83 27.13 -3.42
C GLN G 111 -22.16 25.78 -2.83
N ARG G 112 -22.14 25.66 -1.50
CA ARG G 112 -22.55 24.41 -0.85
C ARG G 112 -24.03 24.13 -1.08
N ILE G 113 -24.89 25.14 -0.93
CA ILE G 113 -26.32 24.90 -1.09
C ILE G 113 -26.66 24.68 -2.56
N ALA G 114 -25.89 25.27 -3.48
CA ALA G 114 -26.09 25.01 -4.90
C ALA G 114 -25.72 23.56 -5.25
N LEU G 115 -24.60 23.08 -4.73
CA LEU G 115 -24.20 21.70 -4.95
C LEU G 115 -25.21 20.72 -4.38
N TYR G 116 -25.70 20.99 -3.17
CA TYR G 116 -26.64 20.07 -2.53
C TYR G 116 -27.98 20.03 -3.25
N CYS G 117 -28.50 21.20 -3.65
CA CYS G 117 -29.79 21.23 -4.33
C CYS G 117 -29.69 20.61 -5.72
N HIS G 118 -28.62 20.89 -6.45
CA HIS G 118 -28.50 20.32 -7.79
C HIS G 118 -28.20 18.83 -7.74
N GLN G 119 -27.56 18.35 -6.68
CA GLN G 119 -27.36 16.91 -6.53
C GLN G 119 -28.67 16.23 -6.18
N LEU G 120 -29.46 16.84 -5.29
CA LEU G 120 -30.77 16.32 -4.92
C LEU G 120 -31.73 16.27 -6.10
N ASN G 121 -31.64 17.27 -6.99
CA ASN G 121 -32.57 17.40 -8.11
C ASN G 121 -32.50 16.21 -9.05
N ILE G 122 -31.30 15.86 -9.51
CA ILE G 122 -31.14 14.76 -10.44
C ILE G 122 -30.61 13.50 -9.76
N CYS G 123 -30.61 13.47 -8.43
CA CYS G 123 -30.56 12.21 -7.71
C CYS G 123 -31.96 11.68 -7.43
N SER G 124 -32.95 12.56 -7.34
CA SER G 124 -34.34 12.13 -7.26
C SER G 124 -34.81 11.45 -8.54
N LYS G 125 -34.31 11.88 -9.69
CA LYS G 125 -34.76 11.34 -10.97
C LYS G 125 -34.35 9.89 -11.14
N VAL G 126 -33.12 9.55 -10.75
CA VAL G 126 -32.66 8.18 -10.92
C VAL G 126 -33.36 7.26 -9.93
N LYS G 127 -33.79 7.79 -8.79
CA LYS G 127 -34.51 6.96 -7.83
C LYS G 127 -35.94 6.76 -8.29
N ALA G 128 -36.53 7.77 -8.94
CA ALA G 128 -37.86 7.63 -9.51
C ALA G 128 -37.86 6.65 -10.68
N GLU G 129 -36.81 6.67 -11.50
CA GLU G 129 -36.75 5.77 -12.64
C GLU G 129 -36.44 4.35 -12.20
N VAL G 130 -35.70 4.19 -11.09
CA VAL G 130 -35.53 2.87 -10.49
C VAL G 130 -36.84 2.39 -9.92
N GLN G 131 -37.65 3.31 -9.37
CA GLN G 131 -38.94 2.95 -8.78
C GLN G 131 -39.93 2.46 -9.84
N ASN G 132 -40.03 3.17 -10.96
CA ASN G 132 -40.99 2.79 -11.99
C ASN G 132 -40.45 1.76 -12.98
N LEU G 133 -39.39 1.04 -12.63
CA LEU G 133 -38.81 0.01 -13.48
C LEU G 133 -38.43 -1.21 -12.63
N GLY G 134 -39.16 -1.42 -11.55
CA GLY G 134 -38.89 -2.54 -10.66
C GLY G 134 -39.57 -2.42 -9.32
N GLY G 141 -35.54 -1.25 -0.71
CA GLY G 141 -36.50 -0.19 -1.02
C GLY G 141 -36.60 0.89 0.03
N VAL G 142 -35.77 0.77 1.07
CA VAL G 142 -35.75 1.71 2.18
C VAL G 142 -34.52 2.61 2.12
N ASP G 143 -33.35 2.04 1.80
CA ASP G 143 -32.12 2.83 1.63
C ASP G 143 -32.21 3.83 0.49
N SER G 144 -33.03 3.52 -0.52
CA SER G 144 -33.39 4.46 -1.58
C SER G 144 -33.94 5.77 -1.01
N ALA G 145 -34.71 5.70 0.07
CA ALA G 145 -35.13 6.92 0.75
C ALA G 145 -33.99 7.53 1.55
N MET G 146 -33.14 6.67 2.13
CA MET G 146 -32.13 7.11 3.10
C MET G 146 -31.05 7.96 2.46
N SER G 147 -30.72 7.71 1.19
CA SER G 147 -29.74 8.54 0.50
C SER G 147 -30.28 9.96 0.29
N LEU G 148 -31.54 10.08 -0.13
CA LEU G 148 -32.16 11.39 -0.26
C LEU G 148 -32.34 12.06 1.10
N ILE G 149 -32.56 11.27 2.15
CA ILE G 149 -32.65 11.81 3.50
C ILE G 149 -31.34 12.44 3.92
N GLN G 150 -30.22 11.76 3.64
CA GLN G 150 -28.91 12.30 3.99
C GLN G 150 -28.58 13.54 3.16
N ALA G 151 -28.99 13.54 1.88
CA ALA G 151 -28.78 14.71 1.04
C ALA G 151 -29.60 15.90 1.53
N ALA G 152 -30.83 15.65 1.99
CA ALA G 152 -31.66 16.72 2.52
C ALA G 152 -31.11 17.22 3.85
N LYS G 153 -30.50 16.33 4.65
CA LYS G 153 -29.92 16.75 5.92
C LYS G 153 -28.72 17.66 5.70
N ASN G 154 -27.85 17.30 4.76
CA ASN G 154 -26.75 18.19 4.39
C ASN G 154 -27.24 19.50 3.79
N LEU G 155 -28.32 19.45 3.01
CA LEU G 155 -28.90 20.67 2.45
C LEU G 155 -29.45 21.59 3.53
N MET G 156 -30.04 21.00 4.57
CA MET G 156 -30.60 21.80 5.65
C MET G 156 -29.52 22.41 6.53
N ASN G 157 -28.44 21.67 6.76
CA ASN G 157 -27.30 22.25 7.47
C ASN G 157 -26.70 23.41 6.69
N ALA G 158 -26.59 23.25 5.36
CA ALA G 158 -26.08 24.34 4.54
C ALA G 158 -27.01 25.54 4.53
N VAL G 159 -28.33 25.30 4.56
CA VAL G 159 -29.24 26.44 4.48
C VAL G 159 -29.32 27.17 5.82
N VAL G 160 -29.19 26.48 6.96
CA VAL G 160 -29.19 27.25 8.21
C VAL G 160 -27.85 27.96 8.39
N GLN G 161 -26.78 27.41 7.81
CA GLN G 161 -25.50 28.11 7.85
C GLN G 161 -25.54 29.37 7.00
N THR G 162 -26.18 29.32 5.82
CA THR G 162 -26.23 30.54 5.04
C THR G 162 -27.29 31.52 5.52
N VAL G 163 -28.30 31.06 6.27
CA VAL G 163 -29.19 31.98 6.96
C VAL G 163 -28.43 32.79 8.01
N LYS G 164 -27.59 32.09 8.81
CA LYS G 164 -26.77 32.78 9.80
C LYS G 164 -25.77 33.73 9.15
N ALA G 165 -25.14 33.30 8.06
CA ALA G 165 -24.17 34.14 7.36
C ALA G 165 -24.83 35.34 6.70
N SER G 166 -26.05 35.17 6.17
CA SER G 166 -26.75 36.30 5.57
C SER G 166 -27.22 37.29 6.63
N TYR G 167 -27.58 36.80 7.82
CA TYR G 167 -27.89 37.69 8.93
C TYR G 167 -26.69 38.53 9.32
N VAL G 168 -25.52 37.89 9.42
CA VAL G 168 -24.30 38.62 9.76
C VAL G 168 -23.96 39.64 8.67
N ALA G 169 -24.10 39.25 7.40
CA ALA G 169 -23.76 40.15 6.31
C ALA G 169 -24.76 41.30 6.19
N SER G 170 -26.02 41.09 6.58
CA SER G 170 -27.00 42.16 6.48
C SER G 170 -26.86 43.14 7.64
N THR G 171 -26.80 42.65 8.87
CA THR G 171 -26.71 43.54 10.02
C THR G 171 -25.31 44.04 10.31
N LYS G 172 -24.30 43.55 9.59
CA LYS G 172 -22.97 44.12 9.70
C LYS G 172 -22.89 45.44 8.97
N TYR G 173 -23.48 45.51 7.78
CA TYR G 173 -23.27 46.63 6.86
C TYR G 173 -24.55 47.40 6.61
N GLN G 174 -25.35 47.64 7.64
CA GLN G 174 -26.65 48.27 7.45
C GLN G 174 -26.51 49.74 7.06
N LYS G 175 -25.48 50.43 7.54
CA LYS G 175 -25.20 51.78 7.08
C LYS G 175 -24.58 51.83 5.70
N SER G 176 -24.06 50.72 5.20
CA SER G 176 -23.41 50.72 3.90
C SER G 176 -24.46 50.81 2.80
N GLN G 177 -24.08 51.46 1.71
CA GLN G 177 -25.01 51.64 0.60
C GLN G 177 -25.18 50.34 -0.16
N GLY G 178 -26.42 50.10 -0.59
CA GLY G 178 -26.80 48.83 -1.20
C GLY G 178 -27.54 47.89 -0.27
N MET G 179 -27.12 47.83 1.01
CA MET G 179 -27.86 47.05 2.00
C MET G 179 -29.18 47.72 2.34
N ALA G 180 -29.22 49.05 2.36
CA ALA G 180 -30.41 49.76 2.80
C ALA G 180 -31.54 49.69 1.79
N SER G 181 -31.24 49.39 0.53
CA SER G 181 -32.28 49.26 -0.48
C SER G 181 -33.02 47.94 -0.40
N LEU G 182 -32.40 46.91 0.17
CA LEU G 182 -33.05 45.60 0.29
C LEU G 182 -34.08 45.59 1.41
N ASN G 183 -33.96 46.52 2.37
CA ASN G 183 -34.91 46.76 3.46
C ASN G 183 -35.07 45.53 4.36
N LEU G 184 -33.95 45.13 4.96
CA LEU G 184 -33.91 44.02 5.90
C LEU G 184 -33.20 44.50 7.17
N PRO G 185 -33.93 45.09 8.11
CA PRO G 185 -33.32 45.55 9.35
C PRO G 185 -33.11 44.40 10.32
N ALA G 186 -32.32 44.68 11.36
CA ALA G 186 -31.98 43.66 12.35
C ALA G 186 -33.19 43.27 13.21
N VAL G 187 -34.18 44.15 13.29
CA VAL G 187 -35.42 43.84 14.02
C VAL G 187 -36.20 42.76 13.27
N SER G 188 -36.13 42.76 11.94
CA SER G 188 -36.90 41.82 11.12
C SER G 188 -36.42 40.38 11.30
N TRP G 189 -35.15 40.18 11.60
CA TRP G 189 -34.67 38.85 11.96
C TRP G 189 -35.11 38.53 13.37
N LYS G 190 -35.56 37.30 13.58
CA LYS G 190 -36.07 36.85 14.88
C LYS G 190 -35.05 36.02 15.65
N MET G 191 -33.77 36.37 15.54
CA MET G 191 -32.73 35.66 16.27
C MET G 191 -32.56 36.26 17.66
N LYS G 192 -32.93 35.49 18.67
CA LYS G 192 -32.76 35.92 20.05
C LYS G 192 -31.34 35.60 20.51
N ALA G 193 -30.99 36.03 21.69
CA ALA G 193 -29.74 35.59 22.27
C ALA G 193 -29.84 34.13 22.69
N PRO G 194 -28.75 33.37 22.61
CA PRO G 194 -28.82 31.94 22.95
C PRO G 194 -29.01 31.71 24.43
N GLU G 195 -29.11 30.42 24.78
CA GLU G 195 -29.40 30.01 26.14
C GLU G 195 -28.22 30.30 27.07
N LYS G 196 -28.53 30.39 28.36
CA LYS G 196 -27.50 30.41 29.37
C LYS G 196 -26.78 29.07 29.36
N LYS G 197 -25.46 29.10 29.19
CA LYS G 197 -24.70 27.87 29.29
C LYS G 197 -24.68 27.37 30.73
N PRO G 198 -24.76 26.06 30.93
CA PRO G 198 -24.73 25.51 32.29
C PRO G 198 -23.36 25.70 32.93
N LEU G 199 -23.35 26.25 34.14
CA LEU G 199 -22.09 26.50 34.84
C LEU G 199 -21.51 25.20 35.38
N VAL G 200 -22.37 24.28 35.80
CA VAL G 200 -21.96 23.01 36.39
C VAL G 200 -22.62 21.90 35.59
N LYS G 201 -21.83 20.89 35.20
CA LYS G 201 -22.30 19.65 34.57
C LYS G 201 -23.01 19.89 33.24
N LEU H 28 -18.74 41.56 63.63
CA LEU H 28 -18.55 41.95 65.02
C LEU H 28 -19.05 43.36 65.27
N ASP H 29 -20.24 43.67 64.77
CA ASP H 29 -20.80 45.00 64.92
C ASP H 29 -21.96 45.07 65.89
N ALA H 30 -22.22 44.01 66.67
CA ALA H 30 -23.26 44.07 67.70
C ALA H 30 -22.85 45.03 68.81
N GLU H 31 -21.56 45.11 69.10
CA GLU H 31 -21.04 46.12 70.01
C GLU H 31 -21.05 47.50 69.37
N VAL H 32 -21.05 47.58 68.04
CA VAL H 32 -21.19 48.86 67.37
C VAL H 32 -22.67 49.22 67.23
N SER H 33 -23.55 48.22 67.11
CA SER H 33 -24.98 48.46 66.94
C SER H 33 -25.70 48.62 68.29
N LYS H 34 -25.26 49.62 69.05
CA LYS H 34 -25.99 50.05 70.23
C LYS H 34 -26.78 51.32 69.90
N TRP H 35 -28.02 51.09 69.47
CA TRP H 35 -28.91 52.17 69.09
C TRP H 35 -30.31 51.93 69.63
N ASP H 36 -31.25 52.77 69.22
CA ASP H 36 -32.66 52.57 69.53
C ASP H 36 -33.37 52.55 68.17
N ASP H 37 -34.70 52.60 68.14
CA ASP H 37 -35.43 52.64 66.88
C ASP H 37 -35.57 54.06 66.32
N SER H 38 -34.76 55.01 66.79
CA SER H 38 -34.80 56.38 66.31
C SER H 38 -33.93 56.51 65.06
N GLY H 39 -33.76 57.73 64.58
CA GLY H 39 -33.09 57.98 63.30
C GLY H 39 -34.05 57.91 62.13
N ASN H 40 -34.86 56.84 62.09
CA ASN H 40 -36.11 56.69 61.37
C ASN H 40 -35.94 56.54 59.85
N ASP H 41 -34.75 56.74 59.34
CA ASP H 41 -34.49 56.42 57.95
C ASP H 41 -33.22 55.61 57.76
N ILE H 42 -32.17 55.91 58.51
CA ILE H 42 -30.86 55.30 58.31
C ILE H 42 -30.58 54.22 59.35
N ILE H 43 -30.89 54.51 60.61
CA ILE H 43 -30.53 53.61 61.70
C ILE H 43 -31.42 52.37 61.70
N VAL H 44 -32.67 52.50 61.24
CA VAL H 44 -33.61 51.38 61.36
C VAL H 44 -33.28 50.29 60.34
N LEU H 45 -32.93 50.65 59.10
CA LEU H 45 -32.51 49.64 58.15
C LEU H 45 -31.12 49.11 58.49
N ALA H 46 -30.31 49.92 59.16
CA ALA H 46 -29.02 49.42 59.65
C ALA H 46 -29.22 48.36 60.72
N LYS H 47 -30.22 48.54 61.59
CA LYS H 47 -30.53 47.52 62.59
C LYS H 47 -31.15 46.29 61.94
N GLN H 48 -31.93 46.48 60.89
CA GLN H 48 -32.48 45.34 60.14
C GLN H 48 -31.36 44.53 59.47
N MET H 49 -30.39 45.23 58.89
CA MET H 49 -29.26 44.55 58.27
C MET H 49 -28.37 43.90 59.31
N CYS H 50 -28.27 44.50 60.50
CA CYS H 50 -27.48 43.90 61.57
C CYS H 50 -28.12 42.62 62.09
N MET H 51 -29.45 42.63 62.30
CA MET H 51 -30.09 41.43 62.79
C MET H 51 -30.16 40.35 61.70
N ILE H 52 -30.22 40.74 60.43
CA ILE H 52 -30.21 39.70 59.41
C ILE H 52 -28.79 39.17 59.19
N MET H 53 -27.74 39.96 59.48
CA MET H 53 -26.40 39.36 59.51
C MET H 53 -26.25 38.42 60.70
N MET H 54 -26.80 38.81 61.85
CA MET H 54 -26.63 38.01 63.06
C MET H 54 -27.40 36.70 62.95
N GLU H 55 -28.48 36.69 62.17
CA GLU H 55 -29.15 35.45 61.85
C GLU H 55 -28.54 34.74 60.64
N MET H 56 -27.77 35.45 59.80
CA MET H 56 -27.16 34.83 58.64
C MET H 56 -25.89 34.05 59.01
N THR H 57 -25.00 34.70 59.77
CA THR H 57 -23.76 34.06 60.19
C THR H 57 -23.95 33.06 61.32
N ASP H 58 -25.16 32.94 61.85
CA ASP H 58 -25.46 31.85 62.76
C ASP H 58 -25.59 30.52 62.02
N PHE H 59 -25.78 30.57 60.69
CA PHE H 59 -25.87 29.35 59.90
C PHE H 59 -24.53 28.62 59.82
N THR H 60 -23.43 29.37 59.95
CA THR H 60 -22.11 28.73 60.08
C THR H 60 -22.01 27.94 61.37
N ARG H 61 -22.65 28.42 62.43
CA ARG H 61 -22.79 27.61 63.63
C ARG H 61 -23.98 26.65 63.52
N GLY H 62 -24.96 26.99 62.70
CA GLY H 62 -26.04 26.08 62.39
C GLY H 62 -27.05 25.86 63.49
N LYS H 63 -27.52 26.93 64.14
CA LYS H 63 -28.53 26.82 65.17
C LYS H 63 -29.59 27.90 65.04
N GLY H 64 -29.71 28.49 63.86
CA GLY H 64 -30.70 29.52 63.62
C GLY H 64 -31.83 29.05 62.74
N PRO H 65 -32.61 29.98 62.20
CA PRO H 65 -33.73 29.62 61.32
C PRO H 65 -33.36 29.35 59.88
N LEU H 66 -32.09 29.13 59.57
CA LEU H 66 -31.65 28.86 58.21
C LEU H 66 -31.25 27.40 58.10
N LYS H 67 -31.88 26.66 57.17
CA LYS H 67 -31.68 25.22 57.06
C LYS H 67 -30.97 24.83 55.77
N ASN H 68 -31.52 25.18 54.62
CA ASN H 68 -30.90 24.87 53.33
C ASN H 68 -30.01 26.04 52.91
N THR H 69 -29.65 26.10 51.63
CA THR H 69 -28.88 27.22 51.14
C THR H 69 -29.72 28.29 50.46
N SER H 70 -30.95 27.98 50.05
CA SER H 70 -31.75 28.92 49.28
C SER H 70 -32.27 30.06 50.15
N ASP H 71 -32.51 29.80 51.44
CA ASP H 71 -32.90 30.88 52.33
C ASP H 71 -31.74 31.84 52.58
N VAL H 72 -30.51 31.35 52.48
CA VAL H 72 -29.35 32.23 52.53
C VAL H 72 -29.31 33.10 51.27
N ILE H 73 -29.77 32.58 50.13
CA ILE H 73 -29.86 33.38 48.91
C ILE H 73 -30.92 34.46 49.07
N SER H 74 -32.07 34.12 49.66
CA SER H 74 -33.10 35.11 49.90
C SER H 74 -32.64 36.16 50.92
N ALA H 75 -31.88 35.73 51.92
CA ALA H 75 -31.31 36.67 52.89
C ALA H 75 -30.32 37.61 52.23
N ALA H 76 -29.46 37.09 51.37
CA ALA H 76 -28.48 37.92 50.68
C ALA H 76 -29.16 38.89 49.72
N LYS H 77 -30.26 38.47 49.11
CA LYS H 77 -31.04 39.38 48.27
C LYS H 77 -31.69 40.48 49.11
N LYS H 78 -32.12 40.14 50.33
CA LYS H 78 -32.67 41.14 51.24
C LYS H 78 -31.61 42.18 51.62
N ILE H 79 -30.41 41.73 51.99
CA ILE H 79 -29.35 42.67 52.32
C ILE H 79 -28.88 43.46 51.10
N ALA H 80 -28.96 42.89 49.90
CA ALA H 80 -28.61 43.63 48.70
C ALA H 80 -29.60 44.76 48.43
N GLU H 81 -30.90 44.47 48.58
CA GLU H 81 -31.91 45.52 48.40
C GLU H 81 -31.80 46.58 49.49
N ALA H 82 -31.51 46.17 50.73
CA ALA H 82 -31.36 47.14 51.80
C ALA H 82 -30.10 47.98 51.63
N GLY H 83 -29.04 47.39 51.08
CA GLY H 83 -27.84 48.15 50.81
C GLY H 83 -28.02 49.13 49.67
N SER H 84 -28.83 48.76 48.67
CA SER H 84 -29.18 49.71 47.63
C SER H 84 -30.01 50.88 48.17
N ARG H 85 -30.93 50.59 49.09
CA ARG H 85 -31.70 51.67 49.71
C ARG H 85 -30.82 52.57 50.57
N MET H 86 -29.88 51.97 51.31
CA MET H 86 -28.93 52.75 52.10
C MET H 86 -28.02 53.58 51.21
N ASP H 87 -27.65 53.06 50.04
CA ASP H 87 -26.88 53.82 49.07
C ASP H 87 -27.68 55.02 48.56
N LYS H 88 -28.99 54.83 48.37
CA LYS H 88 -29.85 55.94 47.97
C LYS H 88 -29.89 57.03 49.03
N LEU H 89 -30.12 56.66 50.29
CA LEU H 89 -30.19 57.64 51.37
C LEU H 89 -28.85 58.33 51.60
N GLY H 90 -27.76 57.57 51.49
CA GLY H 90 -26.44 58.15 51.58
C GLY H 90 -26.14 59.11 50.45
N ARG H 91 -26.69 58.85 49.27
CA ARG H 91 -26.55 59.81 48.19
C ARG H 91 -27.39 61.05 48.44
N THR H 92 -28.54 60.90 49.11
CA THR H 92 -29.37 62.06 49.42
C THR H 92 -28.70 62.98 50.44
N ILE H 93 -28.04 62.41 51.46
CA ILE H 93 -27.40 63.28 52.44
C ILE H 93 -26.12 63.90 51.88
N ALA H 94 -25.46 63.24 50.94
CA ALA H 94 -24.17 63.71 50.46
C ALA H 94 -24.25 64.86 49.46
N ASP H 95 -25.45 65.28 49.03
CA ASP H 95 -25.50 66.39 48.08
C ASP H 95 -25.23 67.73 48.75
N HIS H 96 -25.64 67.87 50.01
CA HIS H 96 -25.61 69.17 50.67
C HIS H 96 -24.38 69.37 51.54
N CYS H 97 -23.52 68.37 51.67
CA CYS H 97 -22.25 68.55 52.38
C CYS H 97 -21.32 69.41 51.53
N PRO H 98 -20.81 70.52 52.07
CA PRO H 98 -20.08 71.49 51.24
C PRO H 98 -18.76 71.02 50.63
N ASP H 99 -17.83 70.55 51.43
CA ASP H 99 -16.51 70.29 50.89
C ASP H 99 -15.95 68.98 51.46
N SER H 100 -14.67 68.75 51.24
CA SER H 100 -14.00 67.45 51.25
C SER H 100 -14.06 66.67 52.57
N ALA H 101 -13.92 67.39 53.70
CA ALA H 101 -13.45 66.87 54.98
C ALA H 101 -14.15 65.59 55.46
N CYS H 102 -15.45 65.49 55.25
CA CYS H 102 -16.17 64.26 55.50
C CYS H 102 -16.91 63.77 54.27
N LYS H 103 -17.14 64.63 53.27
CA LYS H 103 -17.91 64.24 52.09
C LYS H 103 -17.14 63.25 51.24
N GLN H 104 -15.81 63.39 51.16
CA GLN H 104 -15.02 62.41 50.42
C GLN H 104 -15.01 61.05 51.08
N ASP H 105 -14.96 61.02 52.41
CA ASP H 105 -15.08 59.77 53.18
C ASP H 105 -16.43 59.12 52.95
N LEU H 106 -17.49 59.94 52.94
CA LEU H 106 -18.84 59.43 52.74
C LEU H 106 -19.01 58.86 51.34
N LEU H 107 -18.46 59.55 50.33
CA LEU H 107 -18.53 59.04 48.96
C LEU H 107 -17.71 57.77 48.78
N ALA H 108 -16.57 57.66 49.48
CA ALA H 108 -15.78 56.43 49.41
C ALA H 108 -16.53 55.25 50.01
N TYR H 109 -17.16 55.46 51.16
CA TYR H 109 -17.92 54.37 51.76
C TYR H 109 -19.19 54.05 50.98
N LEU H 110 -19.73 55.04 50.26
CA LEU H 110 -20.86 54.78 49.39
C LEU H 110 -20.47 53.94 48.18
N GLN H 111 -19.28 54.19 47.63
CA GLN H 111 -18.82 53.33 46.53
C GLN H 111 -18.50 51.92 47.02
N ARG H 112 -18.01 51.80 48.25
CA ARG H 112 -17.79 50.48 48.83
C ARG H 112 -19.09 49.71 49.02
N ILE H 113 -20.12 50.38 49.55
CA ILE H 113 -21.38 49.66 49.79
C ILE H 113 -22.08 49.37 48.48
N ALA H 114 -21.88 50.20 47.45
CA ALA H 114 -22.44 49.91 46.14
C ALA H 114 -21.77 48.69 45.51
N LEU H 115 -20.44 48.61 45.61
CA LEU H 115 -19.72 47.45 45.10
C LEU H 115 -20.13 46.18 45.82
N TYR H 116 -20.26 46.24 47.14
CA TYR H 116 -20.60 45.04 47.91
C TYR H 116 -22.01 44.57 47.62
N CYS H 117 -22.97 45.49 47.54
CA CYS H 117 -24.35 45.09 47.29
C CYS H 117 -24.53 44.57 45.88
N HIS H 118 -23.90 45.22 44.90
CA HIS H 118 -24.04 44.76 43.52
C HIS H 118 -23.29 43.45 43.29
N GLN H 119 -22.22 43.19 44.05
CA GLN H 119 -21.56 41.91 43.94
C GLN H 119 -22.39 40.81 44.57
N LEU H 120 -22.99 41.11 45.72
CA LEU H 120 -23.88 40.16 46.39
C LEU H 120 -25.10 39.81 45.56
N ASN H 121 -25.63 40.80 44.83
CA ASN H 121 -26.86 40.64 44.05
C ASN H 121 -26.73 39.56 42.99
N ILE H 122 -25.70 39.64 42.14
CA ILE H 122 -25.51 38.67 41.08
C ILE H 122 -24.41 37.67 41.41
N CYS H 123 -23.98 37.61 42.67
CA CYS H 123 -23.31 36.42 43.16
C CYS H 123 -24.30 35.44 43.78
N SER H 124 -25.43 35.94 44.28
CA SER H 124 -26.50 35.05 44.71
C SER H 124 -27.12 34.28 43.55
N LYS H 125 -27.19 34.89 42.37
CA LYS H 125 -27.84 34.25 41.22
C LYS H 125 -27.06 33.03 40.75
N VAL H 126 -25.73 33.12 40.71
CA VAL H 126 -24.95 31.99 40.24
C VAL H 126 -24.96 30.86 41.26
N LYS H 127 -25.14 31.20 42.54
CA LYS H 127 -25.21 30.15 43.56
C LYS H 127 -26.58 29.48 43.52
N ALA H 128 -27.63 30.26 43.22
CA ALA H 128 -28.96 29.67 43.05
C ALA H 128 -29.03 28.77 41.82
N GLU H 129 -28.37 29.17 40.74
CA GLU H 129 -28.40 28.36 39.53
C GLU H 129 -27.52 27.13 39.67
N VAL H 130 -26.46 27.21 40.48
CA VAL H 130 -25.70 26.02 40.82
C VAL H 130 -26.53 25.10 41.70
N GLN H 131 -27.36 25.68 42.57
CA GLN H 131 -28.21 24.90 43.46
C GLN H 131 -29.28 24.12 42.70
N ASN H 132 -29.95 24.78 41.75
CA ASN H 132 -31.04 24.12 41.02
C ASN H 132 -30.55 23.35 39.79
N LEU H 133 -29.26 23.03 39.71
CA LEU H 133 -28.69 22.27 38.61
C LEU H 133 -27.70 21.24 39.14
N GLY H 134 -27.93 20.76 40.35
CA GLY H 134 -27.05 19.79 40.97
C GLY H 134 -27.25 19.65 42.46
N GLY H 141 -21.24 21.93 49.56
CA GLY H 141 -22.53 22.60 49.68
C GLY H 141 -22.62 23.56 50.84
N VAL H 142 -21.51 23.71 51.56
CA VAL H 142 -21.43 24.59 52.72
C VAL H 142 -20.63 25.85 52.42
N ASP H 143 -19.52 25.72 51.68
CA ASP H 143 -18.72 26.88 51.27
C ASP H 143 -19.48 27.81 50.34
N SER H 144 -20.44 27.27 49.59
CA SER H 144 -21.40 28.05 48.82
C SER H 144 -22.12 29.08 49.68
N ALA H 145 -22.44 28.73 50.93
CA ALA H 145 -22.97 29.72 51.85
C ALA H 145 -21.88 30.66 52.35
N MET H 146 -20.67 30.13 52.54
CA MET H 146 -19.60 30.87 53.21
C MET H 146 -19.11 32.06 52.38
N SER H 147 -19.15 31.95 51.05
CA SER H 147 -18.76 33.08 50.22
C SER H 147 -19.74 34.24 50.36
N LEU H 148 -21.05 33.93 50.36
CA LEU H 148 -22.06 34.95 50.58
C LEU H 148 -22.00 35.49 52.01
N ILE H 149 -21.59 34.66 52.97
CA ILE H 149 -21.41 35.11 54.35
C ILE H 149 -20.30 36.14 54.43
N GLN H 150 -19.18 35.89 53.75
CA GLN H 150 -18.07 36.83 53.75
C GLN H 150 -18.44 38.12 53.03
N ALA H 151 -19.21 38.01 51.93
CA ALA H 151 -19.68 39.20 51.22
C ALA H 151 -20.62 40.03 52.09
N ALA H 152 -21.49 39.37 52.86
CA ALA H 152 -22.38 40.08 53.75
C ALA H 152 -21.62 40.71 54.91
N LYS H 153 -20.55 40.07 55.37
CA LYS H 153 -19.74 40.62 56.44
C LYS H 153 -19.04 41.90 56.00
N ASN H 154 -18.45 41.88 54.81
CA ASN H 154 -17.87 43.09 54.25
C ASN H 154 -18.91 44.17 53.99
N LEU H 155 -20.12 43.77 53.56
CA LEU H 155 -21.19 44.73 53.36
C LEU H 155 -21.63 45.38 54.67
N MET H 156 -21.62 44.61 55.75
CA MET H 156 -22.04 45.15 57.04
C MET H 156 -20.98 46.07 57.63
N ASN H 157 -19.69 45.74 57.43
CA ASN H 157 -18.64 46.67 57.85
C ASN H 157 -18.72 47.97 57.08
N ALA H 158 -19.00 47.89 55.77
CA ALA H 158 -19.15 49.10 54.97
C ALA H 158 -20.37 49.91 55.40
N VAL H 159 -21.45 49.23 55.79
CA VAL H 159 -22.66 50.00 56.13
C VAL H 159 -22.52 50.64 57.51
N VAL H 160 -21.82 50.01 58.46
CA VAL H 160 -21.65 50.70 59.74
C VAL H 160 -20.63 51.82 59.60
N GLN H 161 -19.68 51.68 58.67
CA GLN H 161 -18.75 52.78 58.41
C GLN H 161 -19.46 53.96 57.78
N THR H 162 -20.40 53.72 56.86
CA THR H 162 -21.08 54.87 56.28
C THR H 162 -22.18 55.42 57.18
N VAL H 163 -22.69 54.63 58.13
CA VAL H 163 -23.55 55.19 59.17
C VAL H 163 -22.78 56.17 60.03
N LYS H 164 -21.57 55.79 60.45
CA LYS H 164 -20.72 56.69 61.24
C LYS H 164 -20.34 57.94 60.45
N ALA H 165 -19.99 57.76 59.17
CA ALA H 165 -19.62 58.91 58.34
C ALA H 165 -20.81 59.82 58.06
N SER H 166 -22.01 59.27 57.90
CA SER H 166 -23.18 60.10 57.69
C SER H 166 -23.58 60.84 58.95
N TYR H 167 -23.35 60.23 60.12
CA TYR H 167 -23.56 60.95 61.38
C TYR H 167 -22.62 62.15 61.49
N VAL H 168 -21.35 61.93 61.16
CA VAL H 168 -20.37 63.03 61.21
C VAL H 168 -20.74 64.12 60.21
N ALA H 169 -21.16 63.74 59.01
CA ALA H 169 -21.50 64.72 57.99
C ALA H 169 -22.79 65.47 58.31
N SER H 170 -23.71 64.83 59.03
CA SER H 170 -24.96 65.51 59.37
C SER H 170 -24.77 66.46 60.55
N THR H 171 -24.15 65.98 61.63
CA THR H 171 -24.00 66.82 62.81
C THR H 171 -22.81 67.77 62.73
N LYS H 172 -21.97 67.66 61.69
CA LYS H 172 -20.93 68.66 61.47
C LYS H 172 -21.52 69.94 60.92
N TYR H 173 -22.46 69.83 59.98
CA TYR H 173 -22.91 70.96 59.20
C TYR H 173 -24.38 71.27 59.43
N GLN H 174 -24.83 71.20 60.68
CA GLN H 174 -26.25 71.36 60.97
C GLN H 174 -26.72 72.79 60.75
N LYS H 175 -25.86 73.78 60.98
CA LYS H 175 -26.18 75.16 60.64
C LYS H 175 -26.10 75.45 59.15
N SER H 176 -25.45 74.58 58.38
CA SER H 176 -25.29 74.83 56.96
C SER H 176 -26.61 74.58 56.24
N GLN H 177 -26.83 75.34 55.18
CA GLN H 177 -28.07 75.22 54.43
C GLN H 177 -28.07 73.95 53.59
N GLY H 178 -29.22 73.32 53.53
CA GLY H 178 -29.36 72.00 52.92
C GLY H 178 -29.43 70.85 53.89
N MET H 179 -28.63 70.91 54.96
CA MET H 179 -28.72 69.91 56.02
C MET H 179 -29.99 70.07 56.84
N ALA H 180 -30.44 71.32 57.02
CA ALA H 180 -31.59 71.58 57.88
C ALA H 180 -32.90 71.14 57.25
N SER H 181 -32.95 70.99 55.93
CA SER H 181 -34.16 70.54 55.27
C SER H 181 -34.38 69.04 55.40
N LEU H 182 -33.31 68.27 55.63
CA LEU H 182 -33.45 66.82 55.77
C LEU H 182 -34.00 66.43 57.13
N ASN H 183 -33.87 67.33 58.12
CA ASN H 183 -34.44 67.21 59.46
C ASN H 183 -33.90 65.98 60.20
N LEU H 184 -32.58 65.98 60.38
CA LEU H 184 -31.89 64.92 61.13
C LEU H 184 -31.00 65.59 62.17
N PRO H 185 -31.54 65.87 63.35
CA PRO H 185 -30.73 66.49 64.41
C PRO H 185 -29.86 65.46 65.10
N ALA H 186 -28.91 65.96 65.89
CA ALA H 186 -27.97 65.10 66.60
C ALA H 186 -28.65 64.31 67.72
N VAL H 187 -29.78 64.80 68.21
CA VAL H 187 -30.55 64.07 69.22
C VAL H 187 -31.16 62.81 68.62
N SER H 188 -31.52 62.86 67.33
CA SER H 188 -32.17 61.73 66.66
C SER H 188 -31.24 60.54 66.51
N TRP H 189 -29.94 60.77 66.38
CA TRP H 189 -28.98 59.68 66.41
C TRP H 189 -28.82 59.20 67.84
N LYS H 190 -28.76 57.88 68.02
CA LYS H 190 -28.66 57.27 69.33
C LYS H 190 -27.23 56.82 69.66
N MET H 191 -26.24 57.58 69.22
CA MET H 191 -24.86 57.25 69.50
C MET H 191 -24.44 57.84 70.84
N LYS H 192 -24.20 56.97 71.82
CA LYS H 192 -23.74 57.42 73.12
C LYS H 192 -22.22 57.57 73.09
N ALA H 193 -21.66 58.07 74.16
CA ALA H 193 -20.21 58.08 74.29
C ALA H 193 -19.71 56.66 74.51
N PRO H 194 -18.52 56.32 74.02
CA PRO H 194 -18.04 54.94 74.17
C PRO H 194 -17.64 54.62 75.61
N GLU H 195 -17.21 53.37 75.80
CA GLU H 195 -16.90 52.85 77.13
C GLU H 195 -15.65 53.51 77.68
N LYS H 196 -15.50 53.46 79.01
CA LYS H 196 -14.25 53.81 79.65
C LYS H 196 -13.20 52.79 79.27
N LYS H 197 -12.12 53.27 78.72
CA LYS H 197 -11.02 52.38 78.42
C LYS H 197 -10.38 51.89 79.71
N PRO H 198 -9.96 50.62 79.76
CA PRO H 198 -9.33 50.09 80.97
C PRO H 198 -7.96 50.72 81.19
N LEU H 199 -7.73 51.22 82.41
CA LEU H 199 -6.46 51.85 82.72
C LEU H 199 -5.36 50.82 82.89
N VAL H 200 -5.69 49.66 83.43
CA VAL H 200 -4.74 48.59 83.70
C VAL H 200 -5.23 47.33 83.00
N LYS H 201 -4.34 46.67 82.26
CA LYS H 201 -4.57 45.36 81.65
C LYS H 201 -5.71 45.37 80.64
N LEU I 28 42.42 25.40 25.03
CA LEU I 28 42.89 26.67 25.58
C LEU I 28 43.56 26.47 26.93
N ASP I 29 44.42 25.46 27.01
CA ASP I 29 45.11 25.16 28.27
C ASP I 29 46.58 25.53 28.28
N ALA I 30 47.06 26.26 27.27
CA ALA I 30 48.44 26.73 27.30
C ALA I 30 48.65 27.75 28.41
N GLU I 31 47.63 28.56 28.68
CA GLU I 31 47.64 29.43 29.85
C GLU I 31 47.49 28.66 31.15
N VAL I 32 46.90 27.46 31.08
CA VAL I 32 46.83 26.62 32.27
C VAL I 32 48.12 25.80 32.41
N SER I 33 48.77 25.47 31.29
CA SER I 33 50.00 24.67 31.32
C SER I 33 51.24 25.55 31.51
N LYS I 34 51.26 26.26 32.63
CA LYS I 34 52.47 26.94 33.08
C LYS I 34 53.13 26.13 34.19
N TRP I 35 54.03 25.25 33.76
CA TRP I 35 54.74 24.36 34.66
C TRP I 35 56.22 24.28 34.29
N ASP I 36 56.95 23.39 34.95
CA ASP I 36 58.33 23.09 34.59
C ASP I 36 58.36 21.58 34.35
N ASP I 37 59.54 20.99 34.21
CA ASP I 37 59.64 19.55 34.03
C ASP I 37 59.63 18.77 35.35
N SER I 38 59.18 19.40 36.44
CA SER I 38 59.11 18.75 37.75
C SER I 38 57.80 17.98 37.87
N GLY I 39 57.54 17.45 39.05
CA GLY I 39 56.39 16.56 39.25
C GLY I 39 56.72 15.12 38.94
N ASN I 40 57.35 14.89 37.77
CA ASN I 40 58.13 13.72 37.38
C ASN I 40 57.31 12.47 37.11
N ASP I 41 56.02 12.50 37.43
CA ASP I 41 55.15 11.41 37.00
C ASP I 41 53.87 11.91 36.35
N ILE I 42 53.29 12.99 36.86
CA ILE I 42 51.99 13.46 36.42
C ILE I 42 52.12 14.65 35.49
N ILE I 43 52.97 15.61 35.86
CA ILE I 43 53.05 16.87 35.13
C ILE I 43 53.75 16.67 33.79
N VAL I 44 54.67 15.72 33.70
CA VAL I 44 55.48 15.58 32.48
C VAL I 44 54.65 14.97 31.35
N LEU I 45 53.83 13.96 31.63
CA LEU I 45 52.95 13.44 30.60
C LEU I 45 51.81 14.41 30.30
N ALA I 46 51.44 15.24 31.27
CA ALA I 46 50.47 16.30 31.00
C ALA I 46 51.04 17.33 30.03
N LYS I 47 52.33 17.64 30.16
CA LYS I 47 52.97 18.56 29.21
C LYS I 47 53.14 17.90 27.84
N GLN I 48 53.39 16.59 27.82
CA GLN I 48 53.46 15.87 26.56
C GLN I 48 52.11 15.86 25.85
N MET I 49 51.04 15.66 26.61
CA MET I 49 49.69 15.68 26.04
C MET I 49 49.31 17.09 25.61
N CYS I 50 49.79 18.10 26.33
CA CYS I 50 49.51 19.48 25.96
C CYS I 50 50.21 19.87 24.66
N MET I 51 51.48 19.48 24.51
CA MET I 51 52.19 19.82 23.28
C MET I 51 51.69 18.99 22.11
N ILE I 52 51.22 17.76 22.36
CA ILE I 52 50.66 17.01 21.23
C ILE I 52 49.25 17.50 20.88
N MET I 53 48.51 18.09 21.83
CA MET I 53 47.29 18.78 21.42
C MET I 53 47.60 20.04 20.63
N MET I 54 48.63 20.78 21.06
CA MET I 54 48.94 22.05 20.41
C MET I 54 49.48 21.81 19.00
N GLU I 55 50.10 20.66 18.77
CA GLU I 55 50.46 20.27 17.42
C GLU I 55 49.32 19.56 16.70
N MET I 56 48.33 19.03 17.40
CA MET I 56 47.21 18.35 16.77
C MET I 56 46.19 19.33 16.22
N THR I 57 45.77 20.29 17.04
CA THR I 57 44.80 21.29 16.63
C THR I 57 45.39 22.36 15.73
N ASP I 58 46.70 22.34 15.49
CA ASP I 58 47.28 23.19 14.45
C ASP I 58 46.97 22.66 13.06
N PHE I 59 46.56 21.40 12.95
CA PHE I 59 46.20 20.83 11.66
C PHE I 59 44.91 21.45 11.12
N THR I 60 44.03 21.92 12.02
CA THR I 60 42.86 22.68 11.57
C THR I 60 43.27 24.00 10.94
N ARG I 61 44.37 24.60 11.43
CA ARG I 61 44.95 25.73 10.73
C ARG I 61 45.89 25.27 9.62
N GLY I 62 46.43 24.07 9.74
CA GLY I 62 47.19 23.46 8.66
C GLY I 62 48.57 24.04 8.42
N LYS I 63 49.34 24.26 9.47
CA LYS I 63 50.70 24.77 9.33
C LYS I 63 51.67 24.04 10.24
N GLY I 64 51.30 22.85 10.69
CA GLY I 64 52.15 22.06 11.54
C GLY I 64 52.74 20.86 10.84
N PRO I 65 53.28 19.91 11.61
CA PRO I 65 53.87 18.71 11.02
C PRO I 65 52.88 17.62 10.65
N LEU I 66 51.59 17.91 10.58
CA LEU I 66 50.57 16.93 10.23
C LEU I 66 50.06 17.22 8.82
N LYS I 67 50.15 16.23 7.93
CA LYS I 67 49.81 16.42 6.53
C LYS I 67 48.58 15.63 6.11
N ASN I 68 48.60 14.31 6.28
CA ASN I 68 47.45 13.48 5.92
C ASN I 68 46.55 13.31 7.15
N THR I 69 45.67 12.32 7.14
CA THR I 69 44.85 12.05 8.30
C THR I 69 45.38 10.91 9.18
N SER I 70 46.28 10.08 8.65
CA SER I 70 46.73 8.91 9.41
C SER I 70 47.68 9.30 10.54
N ASP I 71 48.43 10.38 10.38
CA ASP I 71 49.25 10.84 11.48
C ASP I 71 48.41 11.43 12.61
N VAL I 72 47.23 11.94 12.28
CA VAL I 72 46.28 12.34 13.31
C VAL I 72 45.76 11.11 14.05
N ILE I 73 45.63 9.98 13.36
CA ILE I 73 45.23 8.74 14.01
C ILE I 73 46.33 8.26 14.95
N SER I 74 47.59 8.35 14.52
CA SER I 74 48.69 7.97 15.40
C SER I 74 48.83 8.92 16.58
N ALA I 75 48.55 10.21 16.35
CA ALA I 75 48.55 11.18 17.46
C ALA I 75 47.44 10.87 18.46
N ALA I 76 46.24 10.54 17.97
CA ALA I 76 45.13 10.22 18.86
C ALA I 76 45.39 8.94 19.62
N LYS I 77 46.08 7.98 19.00
CA LYS I 77 46.47 6.78 19.71
C LYS I 77 47.50 7.07 20.78
N LYS I 78 48.41 8.03 20.52
CA LYS I 78 49.37 8.46 21.52
C LYS I 78 48.68 9.10 22.72
N ILE I 79 47.72 10.00 22.47
CA ILE I 79 47.01 10.62 23.59
C ILE I 79 46.10 9.62 24.30
N ALA I 80 45.60 8.59 23.61
CA ALA I 80 44.81 7.56 24.28
C ALA I 80 45.67 6.73 25.22
N GLU I 81 46.87 6.35 24.78
CA GLU I 81 47.79 5.61 25.66
C GLU I 81 48.26 6.47 26.83
N ALA I 82 48.50 7.76 26.58
CA ALA I 82 48.92 8.64 27.66
C ALA I 82 47.79 8.90 28.64
N GLY I 83 46.55 8.94 28.15
CA GLY I 83 45.42 9.10 29.04
C GLY I 83 45.15 7.86 29.86
N SER I 84 45.41 6.68 29.30
CA SER I 84 45.33 5.47 30.09
C SER I 84 46.40 5.42 31.16
N ARG I 85 47.61 5.89 30.86
CA ARG I 85 48.66 5.95 31.88
C ARG I 85 48.32 6.97 32.97
N MET I 86 47.76 8.12 32.58
CA MET I 86 47.32 9.11 33.55
C MET I 86 46.18 8.58 34.41
N ASP I 87 45.29 7.78 33.83
CA ASP I 87 44.23 7.12 34.58
C ASP I 87 44.82 6.16 35.61
N LYS I 88 45.89 5.46 35.22
CA LYS I 88 46.57 4.56 36.16
C LYS I 88 47.16 5.33 37.34
N LEU I 89 47.89 6.41 37.05
CA LEU I 89 48.51 7.20 38.13
C LEU I 89 47.47 7.88 39.02
N GLY I 90 46.38 8.35 38.40
CA GLY I 90 45.29 8.92 39.17
C GLY I 90 44.59 7.90 40.04
N ARG I 91 44.54 6.64 39.59
CA ARG I 91 44.02 5.60 40.45
C ARG I 91 44.98 5.29 41.59
N THR I 92 46.29 5.40 41.34
CA THR I 92 47.26 5.16 42.41
C THR I 92 47.19 6.22 43.51
N ILE I 93 47.00 7.49 43.13
CA ILE I 93 46.93 8.52 44.17
C ILE I 93 45.58 8.47 44.90
N ALA I 94 44.53 8.01 44.25
CA ALA I 94 43.20 8.05 44.84
C ALA I 94 42.92 6.97 45.87
N ASP I 95 43.83 6.00 46.08
CA ASP I 95 43.55 4.97 47.07
C ASP I 95 43.71 5.50 48.49
N HIS I 96 44.64 6.42 48.70
CA HIS I 96 45.01 6.83 50.05
C HIS I 96 44.31 8.10 50.50
N CYS I 97 43.51 8.73 49.63
CA CYS I 97 42.71 9.87 50.05
C CYS I 97 41.57 9.39 50.94
N PRO I 98 41.43 9.93 52.17
CA PRO I 98 40.50 9.35 53.14
C PRO I 98 39.01 9.44 52.79
N ASP I 99 38.49 10.63 52.52
CA ASP I 99 37.05 10.75 52.41
C ASP I 99 36.71 11.69 51.25
N SER I 100 35.44 12.08 51.17
CA SER I 100 34.76 12.56 49.98
C SER I 100 35.32 13.82 49.33
N ALA I 101 35.75 14.78 50.17
CA ALA I 101 35.86 16.21 49.84
C ALA I 101 36.59 16.53 48.54
N CYS I 102 37.65 15.79 48.25
CA CYS I 102 38.31 15.90 46.96
C CYS I 102 38.40 14.55 46.25
N LYS I 103 38.23 13.44 46.98
CA LYS I 103 38.36 12.12 46.38
C LYS I 103 37.22 11.83 45.41
N GLN I 104 36.01 12.31 45.71
CA GLN I 104 34.89 12.13 44.79
C GLN I 104 35.08 12.92 43.51
N ASP I 105 35.62 14.14 43.61
CA ASP I 105 35.96 14.95 42.46
C ASP I 105 37.02 14.26 41.60
N LEU I 106 38.03 13.68 42.27
CA LEU I 106 39.10 13.01 41.56
C LEU I 106 38.59 11.77 40.84
N LEU I 107 37.71 11.00 41.49
CA LEU I 107 37.12 9.82 40.85
C LEU I 107 36.22 10.21 39.68
N ALA I 108 35.49 11.32 39.79
CA ALA I 108 34.67 11.78 38.69
C ALA I 108 35.51 12.17 37.48
N TYR I 109 36.60 12.90 37.72
CA TYR I 109 37.45 13.27 36.59
C TYR I 109 38.21 12.08 36.05
N LEU I 110 38.46 11.06 36.88
CA LEU I 110 39.07 9.84 36.38
C LEU I 110 38.12 9.06 35.48
N GLN I 111 36.83 9.03 35.83
CA GLN I 111 35.88 8.37 34.95
C GLN I 111 35.69 9.15 33.65
N ARG I 112 35.79 10.48 33.71
CA ARG I 112 35.73 11.28 32.49
C ARG I 112 36.93 11.01 31.58
N ILE I 113 38.13 10.95 32.15
CA ILE I 113 39.31 10.74 31.30
C ILE I 113 39.34 9.30 30.78
N ALA I 114 38.78 8.35 31.54
CA ALA I 114 38.66 6.98 31.04
C ALA I 114 37.69 6.89 29.87
N LEU I 115 36.54 7.56 29.97
CA LEU I 115 35.58 7.58 28.87
C LEU I 115 36.17 8.23 27.64
N TYR I 116 36.87 9.35 27.81
CA TYR I 116 37.41 10.07 26.66
C TYR I 116 38.52 9.28 25.97
N CYS I 117 39.42 8.67 26.75
CA CYS I 117 40.51 7.91 26.16
C CYS I 117 40.00 6.65 25.47
N HIS I 118 39.05 5.94 26.09
CA HIS I 118 38.53 4.73 25.48
C HIS I 118 37.66 5.03 24.28
N GLN I 119 37.03 6.19 24.24
CA GLN I 119 36.28 6.58 23.06
C GLN I 119 37.21 6.96 21.92
N LEU I 120 38.29 7.68 22.24
CA LEU I 120 39.31 8.03 21.25
C LEU I 120 40.00 6.82 20.67
N ASN I 121 40.23 5.79 21.50
CA ASN I 121 40.97 4.60 21.10
C ASN I 121 40.30 3.88 19.94
N ILE I 122 39.01 3.55 20.09
CA ILE I 122 38.31 2.82 19.05
C ILE I 122 37.39 3.73 18.23
N CYS I 123 37.55 5.04 18.36
CA CYS I 123 37.08 5.95 17.33
C CYS I 123 38.15 6.22 16.29
N SER I 124 39.43 6.11 16.68
CA SER I 124 40.50 6.17 15.71
C SER I 124 40.49 4.99 14.75
N LYS I 125 40.07 3.80 15.21
CA LYS I 125 40.10 2.60 14.39
C LYS I 125 39.10 2.70 13.24
N VAL I 126 37.91 3.21 13.50
CA VAL I 126 36.90 3.30 12.45
C VAL I 126 37.28 4.37 11.44
N LYS I 127 38.03 5.39 11.86
CA LYS I 127 38.46 6.41 10.93
C LYS I 127 39.61 5.90 10.08
N ALA I 128 40.48 5.06 10.67
CA ALA I 128 41.55 4.43 9.90
C ALA I 128 41.00 3.44 8.89
N GLU I 129 39.96 2.69 9.26
CA GLU I 129 39.39 1.71 8.34
C GLU I 129 38.58 2.40 7.25
N VAL I 130 37.98 3.56 7.56
CA VAL I 130 37.36 4.37 6.52
C VAL I 130 38.43 4.93 5.59
N GLN I 131 39.60 5.27 6.13
CA GLN I 131 40.69 5.82 5.33
C GLN I 131 41.25 4.79 4.35
N ASN I 132 41.50 3.57 4.82
CA ASN I 132 42.08 2.56 3.95
C ASN I 132 41.04 1.78 3.13
N LEU I 133 39.83 2.31 2.98
CA LEU I 133 38.77 1.67 2.20
C LEU I 133 38.03 2.73 1.38
N GLY I 134 38.74 3.77 0.98
CA GLY I 134 38.14 4.85 0.22
C GLY I 134 38.99 6.11 0.19
N GLY I 141 36.91 14.67 3.96
CA GLY I 141 38.17 14.13 4.45
C GLY I 141 38.84 14.99 5.51
N VAL I 142 38.17 16.09 5.87
CA VAL I 142 38.68 17.03 6.86
C VAL I 142 37.94 16.91 8.18
N ASP I 143 36.60 16.75 8.13
CA ASP I 143 35.80 16.55 9.34
C ASP I 143 36.14 15.26 10.07
N SER I 144 36.63 14.25 9.32
CA SER I 144 37.21 13.05 9.90
C SER I 144 38.32 13.36 10.90
N ALA I 145 39.12 14.39 10.64
CA ALA I 145 40.08 14.83 11.63
C ALA I 145 39.41 15.60 12.75
N MET I 146 38.36 16.37 12.41
CA MET I 146 37.75 17.31 13.34
C MET I 146 37.05 16.61 14.50
N SER I 147 36.48 15.42 14.26
CA SER I 147 35.86 14.68 15.35
C SER I 147 36.90 14.21 16.37
N LEU I 148 38.03 13.70 15.89
CA LEU I 148 39.12 13.33 16.78
C LEU I 148 39.73 14.54 17.47
N ILE I 149 39.73 15.69 16.80
CA ILE I 149 40.21 16.93 17.39
C ILE I 149 39.33 17.33 18.57
N GLN I 150 38.01 17.23 18.40
CA GLN I 150 37.10 17.57 19.49
C GLN I 150 37.20 16.58 20.64
N ALA I 151 37.40 15.29 20.31
CA ALA I 151 37.60 14.29 21.36
C ALA I 151 38.89 14.54 22.13
N ALA I 152 39.95 14.94 21.43
CA ALA I 152 41.20 15.25 22.10
C ALA I 152 41.09 16.52 22.95
N LYS I 153 40.27 17.48 22.50
CA LYS I 153 40.07 18.70 23.27
C LYS I 153 39.35 18.42 24.57
N ASN I 154 38.29 17.60 24.51
CA ASN I 154 37.62 17.18 25.73
C ASN I 154 38.52 16.34 26.63
N LEU I 155 39.38 15.51 26.04
CA LEU I 155 40.34 14.72 26.82
C LEU I 155 41.34 15.61 27.53
N MET I 156 41.76 16.69 26.88
CA MET I 156 42.74 17.58 27.47
C MET I 156 42.12 18.42 28.59
N ASN I 157 40.87 18.85 28.42
CA ASN I 157 40.17 19.53 29.51
C ASN I 157 40.01 18.61 30.71
N ALA I 158 39.68 17.34 30.46
CA ALA I 158 39.56 16.39 31.56
C ALA I 158 40.90 16.13 32.23
N VAL I 159 42.00 16.11 31.46
CA VAL I 159 43.27 15.79 32.09
C VAL I 159 43.82 16.99 32.87
N VAL I 160 43.55 18.23 32.44
CA VAL I 160 44.02 19.33 33.27
C VAL I 160 43.14 19.49 34.50
N GLN I 161 41.87 19.08 34.39
CA GLN I 161 41.00 19.08 35.57
C GLN I 161 41.45 18.05 36.59
N THR I 162 41.87 16.86 36.14
CA THR I 162 42.31 15.88 37.11
C THR I 162 43.73 16.13 37.60
N VAL I 163 44.55 16.88 36.84
CA VAL I 163 45.82 17.36 37.38
C VAL I 163 45.59 18.31 38.54
N LYS I 164 44.65 19.26 38.36
CA LYS I 164 44.32 20.19 39.45
C LYS I 164 43.72 19.46 40.65
N ALA I 165 42.84 18.49 40.40
CA ALA I 165 42.24 17.74 41.49
C ALA I 165 43.23 16.85 42.21
N SER I 166 44.19 16.28 41.48
CA SER I 166 45.22 15.46 42.12
C SER I 166 46.19 16.31 42.93
N TYR I 167 46.46 17.54 42.47
CA TYR I 167 47.25 18.47 43.27
C TYR I 167 46.56 18.80 44.59
N VAL I 168 45.25 19.08 44.53
CA VAL I 168 44.49 19.37 45.73
C VAL I 168 44.46 18.17 46.67
N ALA I 169 44.28 16.97 46.11
CA ALA I 169 44.21 15.77 46.94
C ALA I 169 45.57 15.40 47.53
N SER I 170 46.66 15.74 46.85
CA SER I 170 47.97 15.41 47.39
C SER I 170 48.40 16.40 48.47
N THR I 171 48.29 17.70 48.19
CA THR I 171 48.72 18.70 49.16
C THR I 171 47.70 18.99 50.23
N LYS I 172 46.50 18.44 50.13
CA LYS I 172 45.55 18.54 51.23
C LYS I 172 45.92 17.61 52.37
N TYR I 173 46.34 16.38 52.04
CA TYR I 173 46.49 15.33 53.02
C TYR I 173 47.93 14.86 53.14
N GLN I 174 48.89 15.80 53.14
CA GLN I 174 50.29 15.42 53.14
C GLN I 174 50.73 14.81 54.46
N LYS I 175 50.13 15.23 55.57
CA LYS I 175 50.38 14.59 56.86
C LYS I 175 49.67 13.26 57.00
N SER I 176 48.69 12.97 56.17
CA SER I 176 47.93 11.75 56.29
C SER I 176 48.78 10.58 55.79
N GLN I 177 48.56 9.42 56.41
CA GLN I 177 49.34 8.25 56.06
C GLN I 177 48.86 7.68 54.72
N GLY I 178 49.82 7.23 53.93
CA GLY I 178 49.57 6.81 52.55
C GLY I 178 49.97 7.82 51.51
N MET I 179 49.72 9.11 51.78
CA MET I 179 50.20 10.17 50.89
C MET I 179 51.71 10.32 50.96
N ALA I 180 52.29 10.11 52.13
CA ALA I 180 53.72 10.35 52.33
C ALA I 180 54.58 9.30 51.65
N SER I 181 54.02 8.12 51.37
CA SER I 181 54.79 7.08 50.70
C SER I 181 54.92 7.33 49.20
N LEU I 182 54.01 8.09 48.61
CA LEU I 182 54.07 8.38 47.18
C LEU I 182 55.14 9.42 46.86
N ASN I 183 55.53 10.22 47.86
CA ASN I 183 56.63 11.19 47.79
C ASN I 183 56.37 12.25 46.72
N LEU I 184 55.27 12.99 46.92
CA LEU I 184 54.89 14.11 46.05
C LEU I 184 54.62 15.32 46.92
N PRO I 185 55.64 16.10 47.24
CA PRO I 185 55.43 17.29 48.07
C PRO I 185 54.88 18.44 47.24
N ALA I 186 54.42 19.48 47.95
CA ALA I 186 53.82 20.63 47.29
C ALA I 186 54.86 21.46 46.53
N VAL I 187 56.14 21.35 46.91
CA VAL I 187 57.20 22.02 46.19
C VAL I 187 57.38 21.42 44.80
N SER I 188 57.15 20.10 44.67
CA SER I 188 57.35 19.39 43.40
C SER I 188 56.36 19.83 42.34
N TRP I 189 55.15 20.24 42.73
CA TRP I 189 54.22 20.84 41.79
C TRP I 189 54.67 22.25 41.48
N LYS I 190 54.59 22.63 40.20
CA LYS I 190 55.03 23.93 39.74
C LYS I 190 53.87 24.89 39.52
N MET I 191 52.84 24.82 40.36
CA MET I 191 51.70 25.72 40.25
C MET I 191 51.97 27.00 41.02
N LYS I 192 52.11 28.09 40.30
CA LYS I 192 52.31 29.39 40.92
C LYS I 192 50.95 29.99 41.28
N ALA I 193 50.96 31.11 41.95
CA ALA I 193 49.73 31.83 42.17
C ALA I 193 49.26 32.47 40.86
N PRO I 194 47.95 32.59 40.63
CA PRO I 194 47.48 33.13 39.36
C PRO I 194 47.74 34.63 39.23
N GLU I 195 47.34 35.17 38.08
CA GLU I 195 47.61 36.56 37.75
C GLU I 195 46.78 37.50 38.61
N LYS I 196 47.26 38.74 38.71
CA LYS I 196 46.45 39.80 39.29
C LYS I 196 45.25 40.05 38.40
N LYS I 197 44.07 39.96 38.96
CA LYS I 197 42.88 40.30 38.20
C LYS I 197 42.84 41.79 37.93
N PRO I 198 42.39 42.20 36.74
CA PRO I 198 42.32 43.63 36.42
C PRO I 198 41.23 44.31 37.25
N LEU I 199 41.61 45.43 37.88
CA LEU I 199 40.66 46.15 38.71
C LEU I 199 39.67 46.93 37.87
N VAL I 200 40.11 47.44 36.73
CA VAL I 200 39.30 48.25 35.83
C VAL I 200 39.34 47.60 34.46
N LYS I 201 38.16 47.42 33.85
CA LYS I 201 38.00 46.96 32.46
C LYS I 201 38.57 45.57 32.22
N LEU J 28 -35.38 -6.49 -38.13
CA LEU J 28 -35.70 -5.83 -36.87
C LEU J 28 -35.22 -4.38 -36.90
N ASP J 29 -35.51 -3.68 -37.98
CA ASP J 29 -35.09 -2.29 -38.12
C ASP J 29 -36.22 -1.28 -38.00
N ALA J 30 -37.42 -1.72 -37.58
CA ALA J 30 -38.51 -0.76 -37.35
C ALA J 30 -38.19 0.14 -36.17
N GLU J 31 -37.50 -0.40 -35.16
CA GLU J 31 -36.97 0.42 -34.08
C GLU J 31 -35.81 1.28 -34.52
N VAL J 32 -35.12 0.89 -35.60
CA VAL J 32 -34.07 1.73 -36.16
C VAL J 32 -34.68 2.75 -37.12
N SER J 33 -35.78 2.41 -37.78
CA SER J 33 -36.42 3.31 -38.75
C SER J 33 -37.40 4.26 -38.07
N LYS J 34 -36.87 5.06 -37.14
CA LYS J 34 -37.61 6.19 -36.59
C LYS J 34 -37.14 7.48 -37.25
N TRP J 35 -37.82 7.82 -38.33
CA TRP J 35 -37.50 9.01 -39.12
C TRP J 35 -38.77 9.76 -39.51
N ASP J 36 -38.61 10.77 -40.34
CA ASP J 36 -39.74 11.48 -40.93
C ASP J 36 -39.52 11.39 -42.45
N ASP J 37 -40.29 12.12 -43.25
CA ASP J 37 -40.10 12.13 -44.69
C ASP J 37 -39.02 13.11 -45.15
N SER J 38 -38.15 13.55 -44.24
CA SER J 38 -37.08 14.48 -44.58
C SER J 38 -35.87 13.70 -45.08
N GLY J 39 -34.76 14.39 -45.30
CA GLY J 39 -33.58 13.79 -45.93
C GLY J 39 -33.65 13.86 -47.44
N ASN J 40 -34.79 13.44 -48.00
CA ASN J 40 -35.30 13.76 -49.34
C ASN J 40 -34.56 13.05 -50.47
N ASP J 41 -33.45 12.39 -50.17
CA ASP J 41 -32.82 11.53 -51.16
C ASP J 41 -32.49 10.16 -50.60
N ILE J 42 -32.01 10.08 -49.37
CA ILE J 42 -31.51 8.84 -48.80
C ILE J 42 -32.52 8.21 -47.86
N ILE J 43 -33.14 9.02 -47.00
CA ILE J 43 -34.02 8.50 -45.96
C ILE J 43 -35.33 8.01 -46.54
N VAL J 44 -35.80 8.63 -47.64
CA VAL J 44 -37.12 8.31 -48.16
C VAL J 44 -37.13 6.94 -48.84
N LEU J 45 -36.08 6.62 -49.62
CA LEU J 45 -36.01 5.28 -50.20
C LEU J 45 -35.66 4.25 -49.14
N ALA J 46 -34.98 4.66 -48.07
CA ALA J 46 -34.75 3.76 -46.95
C ALA J 46 -36.06 3.40 -46.26
N LYS J 47 -36.97 4.37 -46.14
CA LYS J 47 -38.28 4.09 -45.57
C LYS J 47 -39.13 3.24 -46.51
N GLN J 48 -38.97 3.45 -47.83
CA GLN J 48 -39.66 2.61 -48.81
C GLN J 48 -39.17 1.17 -48.74
N MET J 49 -37.86 1.00 -48.60
CA MET J 49 -37.29 -0.35 -48.48
C MET J 49 -37.67 -0.98 -47.14
N CYS J 50 -37.81 -0.17 -46.09
CA CYS J 50 -38.22 -0.70 -44.80
C CYS J 50 -39.67 -1.16 -44.82
N MET J 51 -40.56 -0.37 -45.43
CA MET J 51 -41.96 -0.80 -45.48
C MET J 51 -42.16 -1.96 -46.45
N ILE J 52 -41.34 -2.05 -47.49
CA ILE J 52 -41.49 -3.21 -48.36
C ILE J 52 -40.85 -4.46 -47.74
N MET J 53 -39.86 -4.31 -46.85
CA MET J 53 -39.45 -5.48 -46.08
C MET J 53 -40.51 -5.89 -45.08
N MET J 54 -41.15 -4.90 -44.44
CA MET J 54 -42.15 -5.20 -43.41
C MET J 54 -43.38 -5.85 -44.02
N GLU J 55 -43.67 -5.54 -45.28
CA GLU J 55 -44.70 -6.25 -46.00
C GLU J 55 -44.20 -7.53 -46.66
N MET J 56 -42.88 -7.68 -46.85
CA MET J 56 -42.34 -8.89 -47.46
C MET J 56 -42.23 -10.03 -46.46
N THR J 57 -41.65 -9.76 -45.29
CA THR J 57 -41.50 -10.77 -44.26
C THR J 57 -42.79 -11.06 -43.52
N ASP J 58 -43.86 -10.32 -43.80
CA ASP J 58 -45.18 -10.71 -43.30
C ASP J 58 -45.73 -11.91 -44.05
N PHE J 59 -45.18 -12.22 -45.22
CA PHE J 59 -45.62 -13.39 -45.99
C PHE J 59 -45.23 -14.69 -45.30
N THR J 60 -44.14 -14.66 -44.50
CA THR J 60 -43.81 -15.82 -43.67
C THR J 60 -44.86 -16.05 -42.60
N ARG J 61 -45.47 -14.97 -42.10
CA ARG J 61 -46.65 -15.13 -41.25
C ARG J 61 -47.92 -15.26 -42.08
N GLY J 62 -47.91 -14.75 -43.32
CA GLY J 62 -48.98 -14.98 -44.24
C GLY J 62 -50.26 -14.23 -43.96
N LYS J 63 -50.18 -12.94 -43.66
CA LYS J 63 -51.38 -12.15 -43.41
C LYS J 63 -51.27 -10.78 -44.08
N GLY J 64 -50.40 -10.66 -45.08
CA GLY J 64 -50.24 -9.42 -45.79
C GLY J 64 -50.80 -9.47 -47.20
N PRO J 65 -50.42 -8.50 -48.04
CA PRO J 65 -50.91 -8.48 -49.42
C PRO J 65 -50.16 -9.37 -50.39
N LEU J 66 -49.37 -10.34 -49.91
CA LEU J 66 -48.63 -11.24 -50.77
C LEU J 66 -49.26 -12.62 -50.69
N LYS J 67 -49.65 -13.16 -51.85
CA LYS J 67 -50.38 -14.42 -51.91
C LYS J 67 -49.57 -15.54 -52.56
N ASN J 68 -49.14 -15.36 -53.79
CA ASN J 68 -48.34 -16.36 -54.49
C ASN J 68 -46.86 -16.08 -54.24
N THR J 69 -45.98 -16.66 -55.06
CA THR J 69 -44.56 -16.37 -54.93
C THR J 69 -44.07 -15.32 -55.93
N SER J 70 -44.82 -15.05 -56.99
CA SER J 70 -44.34 -14.14 -58.03
C SER J 70 -44.36 -12.68 -57.58
N ASP J 71 -45.29 -12.33 -56.69
CA ASP J 71 -45.27 -10.98 -56.14
C ASP J 71 -44.09 -10.78 -55.21
N VAL J 72 -43.59 -11.85 -54.59
CA VAL J 72 -42.36 -11.78 -53.82
C VAL J 72 -41.18 -11.55 -54.76
N ILE J 73 -41.24 -12.09 -55.99
CA ILE J 73 -40.20 -11.83 -56.98
C ILE J 73 -40.23 -10.38 -57.43
N SER J 74 -41.43 -9.83 -57.63
CA SER J 74 -41.55 -8.42 -57.99
C SER J 74 -41.11 -7.51 -56.85
N ALA J 75 -41.39 -7.92 -55.61
CA ALA J 75 -40.93 -7.16 -54.44
C ALA J 75 -39.41 -7.18 -54.35
N ALA J 76 -38.80 -8.35 -54.56
CA ALA J 76 -37.34 -8.46 -54.51
C ALA J 76 -36.69 -7.67 -55.63
N LYS J 77 -37.33 -7.61 -56.79
CA LYS J 77 -36.81 -6.77 -57.88
C LYS J 77 -36.93 -5.29 -57.53
N LYS J 78 -37.99 -4.91 -56.81
CA LYS J 78 -38.13 -3.54 -56.33
C LYS J 78 -37.02 -3.17 -55.35
N ILE J 79 -36.75 -4.04 -54.38
CA ILE J 79 -35.67 -3.76 -53.44
C ILE J 79 -34.30 -3.82 -54.11
N ALA J 80 -34.13 -4.62 -55.15
CA ALA J 80 -32.87 -4.64 -55.87
C ALA J 80 -32.63 -3.33 -56.61
N GLU J 81 -33.67 -2.81 -57.27
CA GLU J 81 -33.54 -1.51 -57.95
C GLU J 81 -33.33 -0.38 -56.96
N ALA J 82 -34.01 -0.43 -55.80
CA ALA J 82 -33.82 0.60 -54.79
C ALA J 82 -32.45 0.51 -54.15
N GLY J 83 -31.91 -0.69 -54.01
CA GLY J 83 -30.57 -0.84 -53.48
C GLY J 83 -29.51 -0.37 -54.46
N SER J 84 -29.75 -0.56 -55.76
CA SER J 84 -28.86 0.01 -56.76
C SER J 84 -28.89 1.53 -56.74
N ARG J 85 -30.08 2.12 -56.55
CA ARG J 85 -30.16 3.58 -56.44
C ARG J 85 -29.48 4.09 -55.18
N MET J 86 -29.64 3.38 -54.06
CA MET J 86 -28.95 3.73 -52.83
C MET J 86 -27.44 3.59 -52.97
N ASP J 87 -26.99 2.59 -53.72
CA ASP J 87 -25.56 2.44 -54.01
C ASP J 87 -25.05 3.62 -54.83
N LYS J 88 -25.87 4.11 -55.77
CA LYS J 88 -25.51 5.30 -56.54
C LYS J 88 -25.36 6.53 -55.64
N LEU J 89 -26.34 6.79 -54.78
CA LEU J 89 -26.28 7.95 -53.89
C LEU J 89 -25.15 7.84 -52.89
N GLY J 90 -24.90 6.63 -52.38
CA GLY J 90 -23.78 6.41 -51.49
C GLY J 90 -22.45 6.60 -52.18
N ARG J 91 -22.38 6.30 -53.48
CA ARG J 91 -21.16 6.61 -54.21
C ARG J 91 -21.01 8.11 -54.43
N THR J 92 -22.13 8.83 -54.58
CA THR J 92 -22.05 10.28 -54.75
C THR J 92 -21.55 10.97 -53.49
N ILE J 93 -22.01 10.52 -52.31
CA ILE J 93 -21.54 11.18 -51.09
C ILE J 93 -20.11 10.79 -50.76
N ALA J 94 -19.66 9.60 -51.17
CA ALA J 94 -18.35 9.11 -50.78
C ALA J 94 -17.20 9.72 -51.57
N ASP J 95 -17.45 10.53 -52.61
CA ASP J 95 -16.32 11.11 -53.34
C ASP J 95 -15.64 12.21 -52.55
N HIS J 96 -16.39 12.97 -51.78
CA HIS J 96 -15.89 14.19 -51.16
C HIS J 96 -15.43 13.97 -49.71
N CYS J 97 -15.60 12.78 -49.17
CA CYS J 97 -15.07 12.48 -47.85
C CYS J 97 -13.55 12.36 -47.94
N PRO J 98 -12.78 13.13 -47.14
CA PRO J 98 -11.33 13.21 -47.33
C PRO J 98 -10.54 11.93 -47.09
N ASP J 99 -10.66 11.33 -45.91
CA ASP J 99 -9.76 10.25 -45.58
C ASP J 99 -10.52 9.13 -44.87
N SER J 100 -9.77 8.18 -44.30
CA SER J 100 -10.20 6.83 -43.97
C SER J 100 -11.35 6.71 -42.99
N ALA J 101 -11.37 7.56 -41.95
CA ALA J 101 -12.03 7.34 -40.67
C ALA J 101 -13.49 6.88 -40.75
N CYS J 102 -14.23 7.44 -41.70
CA CYS J 102 -15.58 6.96 -41.98
C CYS J 102 -15.75 6.55 -43.45
N LYS J 103 -14.86 7.02 -44.34
CA LYS J 103 -15.00 6.72 -45.75
C LYS J 103 -14.74 5.26 -46.05
N GLN J 104 -13.82 4.62 -45.33
CA GLN J 104 -13.59 3.20 -45.52
C GLN J 104 -14.77 2.36 -45.05
N ASP J 105 -15.40 2.74 -43.94
CA ASP J 105 -16.62 2.12 -43.46
C ASP J 105 -17.75 2.27 -44.47
N LEU J 106 -17.87 3.46 -45.05
CA LEU J 106 -18.92 3.71 -46.04
C LEU J 106 -18.69 2.89 -47.30
N LEU J 107 -17.44 2.79 -47.75
CA LEU J 107 -17.14 1.97 -48.92
C LEU J 107 -17.37 0.49 -48.67
N ALA J 108 -17.08 0.03 -47.44
CA ALA J 108 -17.34 -1.37 -47.10
C ALA J 108 -18.83 -1.68 -47.11
N TYR J 109 -19.64 -0.79 -46.54
CA TYR J 109 -21.08 -1.03 -46.56
C TYR J 109 -21.66 -0.85 -47.96
N LEU J 110 -21.03 -0.04 -48.80
CA LEU J 110 -21.47 0.07 -50.18
C LEU J 110 -21.17 -1.20 -50.97
N GLN J 111 -20.03 -1.84 -50.71
CA GLN J 111 -19.75 -3.10 -51.37
C GLN J 111 -20.68 -4.20 -50.87
N ARG J 112 -21.06 -4.14 -49.58
CA ARG J 112 -22.04 -5.11 -49.06
C ARG J 112 -23.40 -4.93 -49.71
N ILE J 113 -23.87 -3.68 -49.85
CA ILE J 113 -25.19 -3.48 -50.43
C ILE J 113 -25.18 -3.77 -51.92
N ALA J 114 -24.03 -3.58 -52.59
CA ALA J 114 -23.92 -3.95 -53.99
C ALA J 114 -23.99 -5.46 -54.18
N LEU J 115 -23.27 -6.21 -53.32
CA LEU J 115 -23.31 -7.67 -53.37
C LEU J 115 -24.72 -8.19 -53.10
N TYR J 116 -25.40 -7.62 -52.10
CA TYR J 116 -26.74 -8.11 -51.75
C TYR J 116 -27.75 -7.82 -52.84
N CYS J 117 -27.71 -6.61 -53.41
CA CYS J 117 -28.69 -6.26 -54.44
C CYS J 117 -28.44 -7.05 -55.72
N HIS J 118 -27.17 -7.22 -56.10
CA HIS J 118 -26.89 -7.97 -57.32
C HIS J 118 -27.14 -9.46 -57.14
N GLN J 119 -27.02 -9.97 -55.92
CA GLN J 119 -27.37 -11.36 -55.68
C GLN J 119 -28.88 -11.55 -55.72
N LEU J 120 -29.61 -10.60 -55.13
CA LEU J 120 -31.07 -10.64 -55.15
C LEU J 120 -31.63 -10.54 -56.57
N ASN J 121 -30.98 -9.73 -57.41
CA ASN J 121 -31.45 -9.46 -58.78
C ASN J 121 -31.54 -10.73 -59.61
N ILE J 122 -30.46 -11.50 -59.68
CA ILE J 122 -30.44 -12.71 -60.48
C ILE J 122 -30.56 -13.97 -59.63
N CYS J 123 -30.94 -13.82 -58.36
CA CYS J 123 -31.52 -14.93 -57.63
C CYS J 123 -33.04 -14.95 -57.77
N SER J 124 -33.66 -13.79 -58.00
CA SER J 124 -35.08 -13.75 -58.33
C SER J 124 -35.39 -14.41 -59.66
N LYS J 125 -34.46 -14.30 -60.63
CA LYS J 125 -34.71 -14.83 -61.97
C LYS J 125 -34.79 -16.36 -61.96
N VAL J 126 -33.90 -17.02 -61.21
CA VAL J 126 -33.91 -18.47 -61.19
C VAL J 126 -35.12 -18.99 -60.43
N LYS J 127 -35.64 -18.20 -59.48
CA LYS J 127 -36.83 -18.63 -58.77
C LYS J 127 -38.07 -18.43 -59.64
N ALA J 128 -38.07 -17.37 -60.45
CA ALA J 128 -39.16 -17.16 -61.40
C ALA J 128 -39.18 -18.23 -62.48
N GLU J 129 -38.00 -18.64 -62.94
CA GLU J 129 -37.95 -19.66 -63.99
C GLU J 129 -38.27 -21.05 -63.43
N VAL J 130 -37.95 -21.28 -62.15
CA VAL J 130 -38.41 -22.49 -61.49
C VAL J 130 -39.93 -22.46 -61.32
N GLN J 131 -40.48 -21.27 -61.06
CA GLN J 131 -41.93 -21.13 -60.88
C GLN J 131 -42.69 -21.39 -62.17
N ASN J 132 -42.23 -20.85 -63.29
CA ASN J 132 -42.95 -21.03 -64.56
C ASN J 132 -42.55 -22.30 -65.31
N LEU J 133 -41.93 -23.27 -64.63
CA LEU J 133 -41.53 -24.54 -65.23
C LEU J 133 -41.83 -25.68 -64.27
N GLY J 134 -42.87 -25.52 -63.46
CA GLY J 134 -43.22 -26.54 -62.49
C GLY J 134 -44.17 -26.03 -61.41
N GLY J 141 -42.49 -25.09 -52.03
CA GLY J 141 -42.91 -23.85 -52.65
C GLY J 141 -42.92 -22.65 -51.72
N VAL J 142 -42.50 -22.90 -50.47
CA VAL J 142 -42.46 -21.87 -49.44
C VAL J 142 -41.03 -21.43 -49.15
N ASP J 143 -40.08 -22.37 -49.10
CA ASP J 143 -38.66 -22.05 -48.90
C ASP J 143 -38.09 -21.22 -50.05
N SER J 144 -38.66 -21.39 -51.25
CA SER J 144 -38.38 -20.52 -52.39
C SER J 144 -38.58 -19.04 -52.06
N ALA J 145 -39.60 -18.73 -51.25
CA ALA J 145 -39.74 -17.36 -50.77
C ALA J 145 -38.73 -17.05 -49.68
N MET J 146 -38.40 -18.05 -48.84
CA MET J 146 -37.61 -17.83 -47.64
C MET J 146 -36.17 -17.44 -47.95
N SER J 147 -35.63 -17.96 -49.06
CA SER J 147 -34.27 -17.57 -49.44
C SER J 147 -34.21 -16.10 -49.84
N LEU J 148 -35.20 -15.64 -50.62
CA LEU J 148 -35.28 -14.23 -50.98
C LEU J 148 -35.57 -13.37 -49.76
N ILE J 149 -36.33 -13.90 -48.80
CA ILE J 149 -36.60 -13.19 -47.55
C ILE J 149 -35.31 -12.96 -46.77
N GLN J 150 -34.46 -13.99 -46.69
CA GLN J 150 -33.19 -13.85 -45.98
C GLN J 150 -32.26 -12.90 -46.72
N ALA J 151 -32.26 -12.94 -48.05
CA ALA J 151 -31.46 -12.00 -48.84
C ALA J 151 -31.92 -10.56 -48.64
N ALA J 152 -33.24 -10.36 -48.56
CA ALA J 152 -33.77 -9.02 -48.34
C ALA J 152 -33.46 -8.54 -46.92
N LYS J 153 -33.43 -9.47 -45.96
CA LYS J 153 -33.11 -9.11 -44.58
C LYS J 153 -31.67 -8.65 -44.46
N ASN J 154 -30.75 -9.39 -45.09
CA ASN J 154 -29.36 -8.95 -45.13
C ASN J 154 -29.19 -7.64 -45.88
N LEU J 155 -29.96 -7.44 -46.95
CA LEU J 155 -29.92 -6.19 -47.71
C LEU J 155 -30.40 -5.02 -46.86
N MET J 156 -31.41 -5.25 -46.03
CA MET J 156 -31.94 -4.17 -45.20
C MET J 156 -31.00 -3.83 -44.05
N ASN J 157 -30.33 -4.84 -43.48
CA ASN J 157 -29.31 -4.56 -42.48
C ASN J 157 -28.16 -3.76 -43.08
N ALA J 158 -27.75 -4.11 -44.30
CA ALA J 158 -26.70 -3.36 -44.97
C ALA J 158 -27.13 -1.93 -45.29
N VAL J 159 -28.41 -1.74 -45.65
CA VAL J 159 -28.81 -0.39 -46.04
C VAL J 159 -29.00 0.50 -44.81
N VAL J 160 -29.43 -0.05 -43.66
CA VAL J 160 -29.51 0.83 -42.49
C VAL J 160 -28.12 1.10 -41.95
N GLN J 161 -27.18 0.17 -42.15
CA GLN J 161 -25.80 0.42 -41.76
C GLN J 161 -25.17 1.51 -42.62
N THR J 162 -25.45 1.52 -43.93
CA THR J 162 -24.87 2.58 -44.73
C THR J 162 -25.62 3.89 -44.61
N VAL J 163 -26.89 3.88 -44.19
CA VAL J 163 -27.56 5.12 -43.83
C VAL J 163 -26.88 5.76 -42.63
N LYS J 164 -26.59 4.95 -41.60
CA LYS J 164 -25.88 5.47 -40.42
C LYS J 164 -24.48 5.96 -40.77
N ALA J 165 -23.77 5.21 -41.61
CA ALA J 165 -22.42 5.62 -42.00
C ALA J 165 -22.43 6.86 -42.87
N SER J 166 -23.44 7.02 -43.74
CA SER J 166 -23.52 8.22 -44.55
C SER J 166 -23.90 9.44 -43.72
N TYR J 167 -24.71 9.25 -42.67
CA TYR J 167 -24.99 10.34 -41.74
C TYR J 167 -23.73 10.79 -41.03
N VAL J 168 -22.92 9.84 -40.57
CA VAL J 168 -21.66 10.17 -39.90
C VAL J 168 -20.72 10.88 -40.86
N ALA J 169 -20.63 10.40 -42.09
CA ALA J 169 -19.72 11.00 -43.07
C ALA J 169 -20.19 12.38 -43.52
N SER J 170 -21.50 12.63 -43.51
CA SER J 170 -22.00 13.93 -43.94
C SER J 170 -21.85 14.96 -42.81
N THR J 171 -22.30 14.63 -41.61
CA THR J 171 -22.24 15.60 -40.52
C THR J 171 -20.88 15.66 -39.84
N LYS J 172 -19.94 14.78 -40.21
CA LYS J 172 -18.59 14.92 -39.72
C LYS J 172 -17.85 16.05 -40.43
N TYR J 173 -18.05 16.14 -41.75
CA TYR J 173 -17.23 17.00 -42.58
C TYR J 173 -18.03 18.10 -43.25
N GLN J 174 -18.97 18.71 -42.49
CA GLN J 174 -19.87 19.70 -43.09
C GLN J 174 -19.14 20.98 -43.46
N LYS J 175 -18.10 21.37 -42.73
CA LYS J 175 -17.27 22.49 -43.12
C LYS J 175 -16.32 22.16 -44.25
N SER J 176 -16.09 20.89 -44.54
CA SER J 176 -15.16 20.51 -45.58
C SER J 176 -15.77 20.78 -46.94
N GLN J 177 -14.91 21.13 -47.89
CA GLN J 177 -15.38 21.46 -49.23
C GLN J 177 -15.76 20.19 -49.98
N GLY J 178 -16.84 20.29 -50.74
CA GLY J 178 -17.46 19.14 -51.39
C GLY J 178 -18.69 18.61 -50.70
N MET J 179 -18.68 18.59 -49.37
CA MET J 179 -19.89 18.23 -48.62
C MET J 179 -20.94 19.31 -48.71
N ALA J 180 -20.53 20.57 -48.74
CA ALA J 180 -21.48 21.68 -48.71
C ALA J 180 -22.25 21.84 -50.01
N SER J 181 -21.73 21.30 -51.11
CA SER J 181 -22.44 21.38 -52.37
C SER J 181 -23.57 20.37 -52.48
N LEU J 182 -23.52 19.28 -51.72
CA LEU J 182 -24.58 18.28 -51.75
C LEU J 182 -25.82 18.74 -51.00
N ASN J 183 -25.66 19.70 -50.07
CA ASN J 183 -26.73 20.37 -49.33
C ASN J 183 -27.53 19.37 -48.48
N LEU J 184 -26.83 18.73 -47.57
CA LEU J 184 -27.42 17.79 -46.61
C LEU J 184 -26.97 18.18 -45.21
N PRO J 185 -27.69 19.09 -44.55
CA PRO J 185 -27.31 19.49 -43.20
C PRO J 185 -27.78 18.46 -42.18
N ALA J 186 -27.26 18.61 -40.95
CA ALA J 186 -27.57 17.68 -39.88
C ALA J 186 -29.02 17.80 -39.42
N VAL J 187 -29.64 18.96 -39.66
CA VAL J 187 -31.05 19.14 -39.32
C VAL J 187 -31.93 18.28 -40.24
N SER J 188 -31.50 18.09 -41.49
CA SER J 188 -32.28 17.34 -42.47
C SER J 188 -32.40 15.86 -42.12
N TRP J 189 -31.39 15.30 -41.44
CA TRP J 189 -31.51 13.95 -40.91
C TRP J 189 -32.42 13.98 -39.69
N LYS J 190 -33.29 12.98 -39.58
CA LYS J 190 -34.25 12.90 -38.49
C LYS J 190 -33.82 11.90 -37.43
N MET J 191 -32.53 11.80 -37.16
CA MET J 191 -32.04 10.90 -36.13
C MET J 191 -32.06 11.59 -34.77
N LYS J 192 -32.92 11.11 -33.88
CA LYS J 192 -33.00 11.65 -32.54
C LYS J 192 -31.96 10.95 -31.67
N ALA J 193 -31.82 11.39 -30.45
CA ALA J 193 -31.00 10.67 -29.51
C ALA J 193 -31.69 9.38 -29.09
N PRO J 194 -30.95 8.32 -28.82
CA PRO J 194 -31.60 7.04 -28.48
C PRO J 194 -32.26 7.06 -27.10
N GLU J 195 -32.87 5.93 -26.77
CA GLU J 195 -33.64 5.81 -25.54
C GLU J 195 -32.75 5.84 -24.31
N LYS J 196 -33.34 6.18 -23.18
CA LYS J 196 -32.68 6.00 -21.91
C LYS J 196 -32.49 4.52 -21.66
N LYS J 197 -31.25 4.11 -21.42
CA LYS J 197 -31.00 2.73 -21.07
C LYS J 197 -31.54 2.43 -19.68
N PRO J 198 -32.11 1.25 -19.47
CA PRO J 198 -32.64 0.92 -18.14
C PRO J 198 -31.52 0.74 -17.13
N LEU J 199 -31.66 1.41 -15.99
CA LEU J 199 -30.63 1.33 -14.96
C LEU J 199 -30.70 0.00 -14.22
N VAL J 200 -31.90 -0.55 -14.05
CA VAL J 200 -32.12 -1.79 -13.33
C VAL J 200 -32.88 -2.73 -14.25
N LYS J 201 -32.40 -3.98 -14.35
CA LYS J 201 -33.06 -5.07 -15.06
C LYS J 201 -33.27 -4.80 -16.55
N LEU K 28 10.49 -65.23 -35.61
CA LEU K 28 11.35 -64.31 -34.86
C LEU K 28 11.01 -64.36 -33.38
N ASP K 29 10.87 -65.58 -32.83
CA ASP K 29 10.53 -65.74 -31.43
C ASP K 29 11.67 -66.25 -30.58
N ALA K 30 12.91 -66.28 -31.10
CA ALA K 30 14.05 -66.66 -30.27
C ALA K 30 14.31 -65.59 -29.21
N GLU K 31 14.06 -64.33 -29.54
CA GLU K 31 14.10 -63.27 -28.54
C GLU K 31 12.91 -63.34 -27.60
N VAL K 32 11.81 -63.97 -28.02
CA VAL K 32 10.69 -64.18 -27.12
C VAL K 32 10.91 -65.45 -26.29
N SER K 33 11.62 -66.44 -26.84
CA SER K 33 11.86 -67.70 -26.15
C SER K 33 13.10 -67.63 -25.26
N LYS K 34 13.06 -66.71 -24.30
CA LYS K 34 14.04 -66.68 -23.22
C LYS K 34 13.42 -67.28 -21.96
N TRP K 35 13.62 -68.59 -21.84
CA TRP K 35 13.09 -69.35 -20.72
C TRP K 35 14.12 -70.32 -20.18
N ASP K 36 13.71 -71.18 -19.25
CA ASP K 36 14.54 -72.28 -18.77
C ASP K 36 13.72 -73.54 -19.00
N ASP K 37 14.13 -74.68 -18.46
CA ASP K 37 13.37 -75.91 -18.60
C ASP K 37 12.26 -76.05 -17.55
N SER K 38 11.88 -74.95 -16.88
CA SER K 38 10.83 -74.97 -15.88
C SER K 38 9.47 -74.82 -16.55
N GLY K 39 8.42 -74.68 -15.76
CA GLY K 39 7.05 -74.68 -16.27
C GLY K 39 6.49 -76.09 -16.39
N ASN K 40 7.27 -76.99 -17.00
CA ASN K 40 7.19 -78.45 -16.90
C ASN K 40 6.01 -79.07 -17.64
N ASP K 41 5.09 -78.25 -18.11
CA ASP K 41 4.05 -78.76 -19.00
C ASP K 41 3.87 -77.91 -20.24
N ILE K 42 3.95 -76.59 -20.12
CA ILE K 42 3.64 -75.69 -21.22
C ILE K 42 4.90 -75.14 -21.86
N ILE K 43 5.87 -74.74 -21.04
CA ILE K 43 7.06 -74.06 -21.54
C ILE K 43 7.99 -75.04 -22.25
N VAL K 44 7.99 -76.32 -21.84
CA VAL K 44 8.96 -77.27 -22.38
C VAL K 44 8.59 -77.68 -23.80
N LEU K 45 7.30 -77.91 -24.07
CA LEU K 45 6.90 -78.20 -25.44
C LEU K 45 6.95 -76.95 -26.30
N ALA K 46 6.80 -75.77 -25.70
CA ALA K 46 6.99 -74.53 -26.42
C ALA K 46 8.44 -74.37 -26.86
N LYS K 47 9.39 -74.77 -26.01
CA LYS K 47 10.79 -74.74 -26.39
C LYS K 47 11.11 -75.80 -27.43
N GLN K 48 10.44 -76.95 -27.36
CA GLN K 48 10.60 -77.99 -28.38
C GLN K 48 10.09 -77.50 -29.74
N MET K 49 8.94 -76.82 -29.73
CA MET K 49 8.39 -76.29 -30.96
C MET K 49 9.24 -75.13 -31.49
N CYS K 50 9.85 -74.36 -30.58
CA CYS K 50 10.72 -73.27 -31.00
C CYS K 50 12.00 -73.81 -31.65
N MET K 51 12.62 -74.83 -31.06
CA MET K 51 13.82 -75.37 -31.66
C MET K 51 13.53 -76.14 -32.94
N ILE K 52 12.35 -76.74 -33.05
CA ILE K 52 12.04 -77.41 -34.30
C ILE K 52 11.64 -76.41 -35.38
N MET K 53 11.11 -75.23 -35.01
CA MET K 53 10.97 -74.18 -36.02
C MET K 53 12.33 -73.64 -36.45
N MET K 54 13.24 -73.47 -35.49
CA MET K 54 14.54 -72.90 -35.79
C MET K 54 15.37 -73.84 -36.66
N GLU K 55 15.13 -75.14 -36.52
CA GLU K 55 15.72 -76.10 -37.44
C GLU K 55 14.90 -76.28 -38.72
N MET K 56 13.62 -75.91 -38.72
CA MET K 56 12.79 -76.06 -39.91
C MET K 56 13.03 -74.94 -40.90
N THR K 57 13.00 -73.69 -40.43
CA THR K 57 13.22 -72.54 -41.30
C THR K 57 14.68 -72.34 -41.65
N ASP K 58 15.59 -73.13 -41.10
CA ASP K 58 16.96 -73.15 -41.59
C ASP K 58 17.07 -73.86 -42.93
N PHE K 59 16.07 -74.66 -43.29
CA PHE K 59 16.07 -75.34 -44.59
C PHE K 59 15.91 -74.36 -45.74
N THR K 60 15.25 -73.22 -45.50
CA THR K 60 15.21 -72.15 -46.49
C THR K 60 16.60 -71.57 -46.73
N ARG K 61 17.43 -71.53 -45.70
CA ARG K 61 18.84 -71.21 -45.89
C ARG K 61 19.63 -72.44 -46.28
N GLY K 62 19.15 -73.63 -45.92
CA GLY K 62 19.74 -74.87 -46.40
C GLY K 62 21.06 -75.23 -45.78
N LYS K 63 21.20 -75.13 -44.47
CA LYS K 63 22.44 -75.50 -43.80
C LYS K 63 22.17 -76.28 -42.52
N GLY K 64 20.98 -76.85 -42.40
CA GLY K 64 20.62 -77.63 -41.23
C GLY K 64 20.54 -79.11 -41.52
N PRO K 65 19.91 -79.87 -40.62
CA PRO K 65 19.80 -81.32 -40.80
C PRO K 65 18.65 -81.75 -41.71
N LEU K 66 18.07 -80.86 -42.50
CA LEU K 66 16.97 -81.19 -43.39
C LEU K 66 17.48 -81.17 -44.82
N LYS K 67 17.31 -82.29 -45.53
CA LYS K 67 17.87 -82.44 -46.88
C LYS K 67 16.79 -82.53 -47.95
N ASN K 68 15.89 -83.50 -47.86
CA ASN K 68 14.81 -83.65 -48.83
C ASN K 68 13.59 -82.88 -48.33
N THR K 69 12.42 -83.18 -48.88
CA THR K 69 11.19 -82.55 -48.41
C THR K 69 10.41 -83.40 -47.42
N SER K 70 10.68 -84.71 -47.36
CA SER K 70 9.87 -85.59 -46.53
C SER K 70 10.18 -85.42 -45.05
N ASP K 71 11.41 -85.04 -44.71
CA ASP K 71 11.72 -84.75 -43.31
C ASP K 71 11.05 -83.47 -42.85
N VAL K 72 10.79 -82.54 -43.79
CA VAL K 72 9.98 -81.38 -43.47
C VAL K 72 8.54 -81.79 -43.20
N ILE K 73 8.05 -82.83 -43.88
CA ILE K 73 6.71 -83.36 -43.60
C ILE K 73 6.66 -83.99 -42.23
N SER K 74 7.70 -84.74 -41.86
CA SER K 74 7.75 -85.33 -40.53
C SER K 74 7.89 -84.27 -39.44
N ALA K 75 8.64 -83.19 -39.74
CA ALA K 75 8.75 -82.07 -38.81
C ALA K 75 7.41 -81.38 -38.63
N ALA K 76 6.68 -81.15 -39.73
CA ALA K 76 5.37 -80.50 -39.64
C ALA K 76 4.37 -81.37 -38.90
N LYS K 77 4.47 -82.69 -39.06
CA LYS K 77 3.62 -83.59 -38.30
C LYS K 77 3.97 -83.55 -36.81
N LYS K 78 5.26 -83.38 -36.49
CA LYS K 78 5.67 -83.22 -35.10
C LYS K 78 5.10 -81.95 -34.48
N ILE K 79 5.19 -80.83 -35.20
CA ILE K 79 4.62 -79.59 -34.68
C ILE K 79 3.10 -79.63 -34.64
N ALA K 80 2.46 -80.39 -35.52
CA ALA K 80 1.01 -80.54 -35.46
C ALA K 80 0.58 -81.31 -34.23
N GLU K 81 1.29 -82.40 -33.91
CA GLU K 81 0.98 -83.16 -32.71
C GLU K 81 1.28 -82.35 -31.45
N ALA K 82 2.37 -81.57 -31.46
CA ALA K 82 2.69 -80.75 -30.30
C ALA K 82 1.70 -79.60 -30.14
N GLY K 83 1.19 -79.08 -31.26
CA GLY K 83 0.18 -78.04 -31.17
C GLY K 83 -1.16 -78.58 -30.68
N SER K 84 -1.49 -79.81 -31.03
CA SER K 84 -2.67 -80.45 -30.48
C SER K 84 -2.53 -80.69 -28.97
N ARG K 85 -1.33 -81.08 -28.52
CA ARG K 85 -1.11 -81.24 -27.08
C ARG K 85 -1.18 -79.91 -26.35
N MET K 86 -0.61 -78.85 -26.96
CA MET K 86 -0.71 -77.52 -26.38
C MET K 86 -2.14 -77.02 -26.33
N ASP K 87 -2.94 -77.36 -27.35
CA ASP K 87 -4.37 -77.03 -27.35
C ASP K 87 -5.08 -77.75 -26.22
N LYS K 88 -4.68 -79.00 -25.94
CA LYS K 88 -5.25 -79.74 -24.81
C LYS K 88 -4.94 -79.06 -23.48
N LEU K 89 -3.67 -78.71 -23.26
CA LEU K 89 -3.27 -78.07 -22.00
C LEU K 89 -3.91 -76.68 -21.85
N GLY K 90 -4.00 -75.94 -22.95
CA GLY K 90 -4.66 -74.66 -22.93
C GLY K 90 -6.14 -74.77 -22.66
N ARG K 91 -6.76 -75.87 -23.09
CA ARG K 91 -8.14 -76.11 -22.72
C ARG K 91 -8.27 -76.46 -21.25
N THR K 92 -7.28 -77.16 -20.69
CA THR K 92 -7.32 -77.51 -19.27
C THR K 92 -7.19 -76.27 -18.38
N ILE K 93 -6.32 -75.32 -18.75
CA ILE K 93 -6.20 -74.14 -17.90
C ILE K 93 -7.40 -73.20 -18.07
N ALA K 94 -8.04 -73.22 -19.23
CA ALA K 94 -9.11 -72.26 -19.50
C ALA K 94 -10.44 -72.61 -18.85
N ASP K 95 -10.58 -73.77 -18.19
CA ASP K 95 -11.88 -74.08 -17.57
C ASP K 95 -12.10 -73.27 -16.30
N HIS K 96 -11.03 -72.97 -15.56
CA HIS K 96 -11.15 -72.40 -14.23
C HIS K 96 -10.98 -70.89 -14.21
N CYS K 97 -10.69 -70.27 -15.35
CA CYS K 97 -10.65 -68.82 -15.44
C CYS K 97 -12.07 -68.27 -15.37
N PRO K 98 -12.38 -67.37 -14.43
CA PRO K 98 -13.78 -66.97 -14.18
C PRO K 98 -14.48 -66.24 -15.31
N ASP K 99 -13.93 -65.13 -15.79
CA ASP K 99 -14.69 -64.31 -16.71
C ASP K 99 -13.77 -63.79 -17.82
N SER K 100 -14.29 -62.83 -18.60
CA SER K 100 -13.86 -62.50 -19.95
C SER K 100 -12.41 -62.06 -20.11
N ALA K 101 -11.92 -61.26 -19.14
CA ALA K 101 -10.79 -60.32 -19.31
C ALA K 101 -9.54 -60.91 -19.95
N CYS K 102 -9.21 -62.16 -19.60
CA CYS K 102 -8.14 -62.87 -20.28
C CYS K 102 -8.62 -64.20 -20.86
N LYS K 103 -9.76 -64.72 -20.40
CA LYS K 103 -10.25 -66.02 -20.86
C LYS K 103 -10.70 -65.95 -22.31
N GLN K 104 -11.29 -64.84 -22.74
CA GLN K 104 -11.68 -64.69 -24.14
C GLN K 104 -10.47 -64.61 -25.06
N ASP K 105 -9.41 -63.91 -24.63
CA ASP K 105 -8.15 -63.87 -25.36
C ASP K 105 -7.53 -65.26 -25.47
N LEU K 106 -7.57 -66.03 -24.37
CA LEU K 106 -7.01 -67.37 -24.36
C LEU K 106 -7.79 -68.30 -25.27
N LEU K 107 -9.12 -68.18 -25.28
CA LEU K 107 -9.94 -69.00 -26.17
C LEU K 107 -9.72 -68.62 -27.64
N ALA K 108 -9.52 -67.33 -27.92
CA ALA K 108 -9.24 -66.92 -29.29
C ALA K 108 -7.90 -67.47 -29.78
N TYR K 109 -6.88 -67.41 -28.94
CA TYR K 109 -5.59 -67.97 -29.36
C TYR K 109 -5.62 -69.49 -29.43
N LEU K 110 -6.50 -70.12 -28.64
CA LEU K 110 -6.66 -71.57 -28.73
C LEU K 110 -7.34 -71.96 -30.04
N GLN K 111 -8.32 -71.18 -30.49
CA GLN K 111 -8.93 -71.47 -31.78
C GLN K 111 -7.95 -71.21 -32.92
N ARG K 112 -7.08 -70.21 -32.77
CA ARG K 112 -6.05 -69.98 -33.78
C ARG K 112 -5.06 -71.13 -33.86
N ILE K 113 -4.60 -71.65 -32.70
CA ILE K 113 -3.62 -72.73 -32.74
C ILE K 113 -4.27 -74.03 -33.20
N ALA K 114 -5.58 -74.20 -32.93
CA ALA K 114 -6.29 -75.37 -33.44
C ALA K 114 -6.42 -75.32 -34.95
N LEU K 115 -6.76 -74.15 -35.51
CA LEU K 115 -6.83 -74.00 -36.96
C LEU K 115 -5.49 -74.23 -37.63
N TYR K 116 -4.42 -73.68 -37.04
CA TYR K 116 -3.10 -73.82 -37.65
C TYR K 116 -2.60 -75.26 -37.60
N CYS K 117 -2.79 -75.95 -36.48
CA CYS K 117 -2.31 -77.31 -36.37
C CYS K 117 -3.12 -78.25 -37.25
N HIS K 118 -4.44 -78.07 -37.31
CA HIS K 118 -5.25 -78.94 -38.15
C HIS K 118 -5.05 -78.65 -39.64
N GLN K 119 -4.69 -77.42 -39.98
CA GLN K 119 -4.37 -77.13 -41.38
C GLN K 119 -3.03 -77.72 -41.76
N LEU K 120 -2.04 -77.64 -40.85
CA LEU K 120 -0.74 -78.24 -41.07
C LEU K 120 -0.80 -79.76 -41.19
N ASN K 121 -1.69 -80.39 -40.42
CA ASN K 121 -1.81 -81.84 -40.36
C ASN K 121 -2.15 -82.44 -41.72
N ILE K 122 -3.23 -81.95 -42.34
CA ILE K 122 -3.65 -82.49 -43.63
C ILE K 122 -3.27 -81.57 -44.79
N CYS K 123 -2.40 -80.60 -44.54
CA CYS K 123 -1.65 -80.00 -45.63
C CYS K 123 -0.33 -80.72 -45.86
N SER K 124 0.21 -81.36 -44.82
CA SER K 124 1.37 -82.22 -45.01
C SER K 124 1.05 -83.46 -45.84
N LYS K 125 -0.18 -83.98 -45.73
CA LYS K 125 -0.54 -85.20 -46.44
C LYS K 125 -0.58 -85.00 -47.94
N VAL K 126 -1.12 -83.85 -48.39
CA VAL K 126 -1.21 -83.61 -49.83
C VAL K 126 0.17 -83.34 -50.40
N LYS K 127 1.10 -82.81 -49.60
CA LYS K 127 2.44 -82.57 -50.08
C LYS K 127 3.22 -83.87 -50.14
N ALA K 128 2.96 -84.78 -49.19
CA ALA K 128 3.57 -86.10 -49.22
C ALA K 128 3.07 -86.92 -50.40
N GLU K 129 1.78 -86.81 -50.71
CA GLU K 129 1.22 -87.57 -51.83
C GLU K 129 1.65 -86.98 -53.16
N VAL K 130 1.87 -85.66 -53.21
CA VAL K 130 2.49 -85.06 -54.39
C VAL K 130 3.94 -85.51 -54.53
N GLN K 131 4.63 -85.70 -53.40
CA GLN K 131 6.02 -86.13 -53.42
C GLN K 131 6.17 -87.56 -53.93
N ASN K 132 5.32 -88.48 -53.47
CA ASN K 132 5.44 -89.87 -53.88
C ASN K 132 4.68 -90.19 -55.16
N LEU K 133 4.33 -89.19 -55.96
CA LEU K 133 3.63 -89.37 -57.23
C LEU K 133 4.21 -88.45 -58.28
N GLY K 134 5.50 -88.15 -58.17
CA GLY K 134 6.16 -87.26 -59.11
C GLY K 134 7.50 -86.75 -58.60
N GLY K 141 9.91 -77.75 -56.41
CA GLY K 141 10.13 -78.67 -55.31
C GLY K 141 10.61 -78.00 -54.03
N VAL K 142 10.72 -76.68 -54.07
CA VAL K 142 11.18 -75.89 -52.94
C VAL K 142 10.04 -75.12 -52.28
N ASP K 143 9.13 -74.55 -53.08
CA ASP K 143 7.95 -73.86 -52.56
C ASP K 143 7.00 -74.79 -51.81
N SER K 144 7.02 -76.08 -52.18
CA SER K 144 6.35 -77.13 -51.41
C SER K 144 6.78 -77.14 -49.95
N ALA K 145 8.06 -76.87 -49.68
CA ALA K 145 8.47 -76.70 -48.30
C ALA K 145 8.02 -75.36 -47.74
N MET K 146 8.02 -74.32 -48.59
CA MET K 146 7.81 -72.95 -48.14
C MET K 146 6.40 -72.72 -47.61
N SER K 147 5.41 -73.42 -48.17
CA SER K 147 4.05 -73.28 -47.66
C SER K 147 3.92 -73.85 -46.25
N LEU K 148 4.53 -75.02 -46.01
CA LEU K 148 4.56 -75.59 -44.67
C LEU K 148 5.39 -74.75 -43.72
N ILE K 149 6.44 -74.08 -44.24
CA ILE K 149 7.25 -73.19 -43.43
C ILE K 149 6.41 -72.00 -42.95
N GLN K 150 5.61 -71.42 -43.85
CA GLN K 150 4.75 -70.30 -43.46
C GLN K 150 3.67 -70.74 -42.50
N ALA K 151 3.12 -71.94 -42.69
CA ALA K 151 2.13 -72.47 -41.75
C ALA K 151 2.73 -72.70 -40.38
N ALA K 152 3.97 -73.20 -40.33
CA ALA K 152 4.64 -73.40 -39.04
C ALA K 152 4.98 -72.08 -38.39
N LYS K 153 5.29 -71.05 -39.18
CA LYS K 153 5.59 -69.74 -38.63
C LYS K 153 4.36 -69.12 -37.98
N ASN K 154 3.22 -69.21 -38.66
CA ASN K 154 1.96 -68.76 -38.06
C ASN K 154 1.59 -69.58 -36.83
N LEU K 155 1.86 -70.89 -36.85
CA LEU K 155 1.60 -71.74 -35.69
C LEU K 155 2.47 -71.35 -34.51
N MET K 156 3.71 -70.97 -34.76
CA MET K 156 4.61 -70.59 -33.69
C MET K 156 4.25 -69.23 -33.10
N ASN K 157 3.82 -68.29 -33.94
CA ASN K 157 3.32 -67.02 -33.42
C ASN K 157 2.09 -67.23 -32.55
N ALA K 158 1.18 -68.12 -32.99
CA ALA K 158 0.01 -68.41 -32.19
C ALA K 158 0.37 -69.11 -30.88
N VAL K 159 1.39 -69.97 -30.90
CA VAL K 159 1.69 -70.68 -29.66
C VAL K 159 2.43 -69.79 -28.67
N VAL K 160 3.25 -68.84 -29.13
CA VAL K 160 3.87 -67.94 -28.14
C VAL K 160 2.85 -66.93 -27.63
N GLN K 161 1.85 -66.60 -28.46
CA GLN K 161 0.77 -65.74 -27.99
C GLN K 161 -0.06 -66.43 -26.93
N THR K 162 -0.36 -67.72 -27.11
CA THR K 162 -1.16 -68.38 -26.08
C THR K 162 -0.33 -68.78 -24.87
N VAL K 163 1.00 -68.91 -25.00
CA VAL K 163 1.85 -69.04 -23.81
C VAL K 163 1.78 -67.77 -22.96
N LYS K 164 1.87 -66.60 -23.61
CA LYS K 164 1.76 -65.35 -22.87
C LYS K 164 0.38 -65.18 -22.25
N ALA K 165 -0.68 -65.54 -23.00
CA ALA K 165 -2.03 -65.41 -22.46
C ALA K 165 -2.30 -66.39 -21.33
N SER K 166 -1.74 -67.60 -21.40
CA SER K 166 -1.91 -68.56 -20.32
C SER K 166 -1.14 -68.14 -19.08
N TYR K 167 0.02 -67.49 -19.26
CA TYR K 167 0.75 -66.93 -18.12
C TYR K 167 -0.08 -65.86 -17.43
N VAL K 168 -0.70 -64.97 -18.21
CA VAL K 168 -1.54 -63.91 -17.64
C VAL K 168 -2.75 -64.51 -16.93
N ALA K 169 -3.36 -65.53 -17.54
CA ALA K 169 -4.54 -66.14 -16.94
C ALA K 169 -4.21 -66.95 -15.69
N SER K 170 -3.00 -67.50 -15.62
CA SER K 170 -2.65 -68.27 -14.43
C SER K 170 -2.23 -67.38 -13.28
N THR K 171 -1.35 -66.40 -13.53
CA THR K 171 -0.89 -65.54 -12.45
C THR K 171 -1.84 -64.40 -12.13
N LYS K 172 -2.89 -64.22 -12.92
CA LYS K 172 -3.93 -63.25 -12.56
C LYS K 172 -4.81 -63.79 -11.44
N TYR K 173 -5.17 -65.06 -11.51
CA TYR K 173 -6.20 -65.63 -10.66
C TYR K 173 -5.66 -66.72 -9.76
N GLN K 174 -4.46 -66.51 -9.18
CA GLN K 174 -3.83 -67.55 -8.39
C GLN K 174 -4.55 -67.81 -7.08
N LYS K 175 -5.16 -66.78 -6.49
CA LYS K 175 -6.00 -66.96 -5.32
C LYS K 175 -7.36 -67.57 -5.64
N SER K 176 -7.76 -67.54 -6.91
CA SER K 176 -9.07 -68.04 -7.28
C SER K 176 -9.06 -69.57 -7.24
N GLN K 177 -10.21 -70.14 -6.89
CA GLN K 177 -10.31 -71.59 -6.78
C GLN K 177 -10.36 -72.22 -8.16
N GLY K 178 -9.68 -73.35 -8.28
CA GLY K 178 -9.47 -74.01 -9.57
C GLY K 178 -8.10 -73.80 -10.17
N MET K 179 -7.57 -72.58 -10.04
CA MET K 179 -6.19 -72.33 -10.47
C MET K 179 -5.18 -72.99 -9.55
N ALA K 180 -5.50 -73.07 -8.24
CA ALA K 180 -4.54 -73.58 -7.27
C ALA K 180 -4.37 -75.08 -7.36
N SER K 181 -5.33 -75.79 -7.96
CA SER K 181 -5.21 -77.23 -8.11
C SER K 181 -4.29 -77.63 -9.25
N LEU K 182 -4.09 -76.75 -10.24
CA LEU K 182 -3.22 -77.06 -11.36
C LEU K 182 -1.75 -76.93 -10.98
N ASN K 183 -1.45 -76.18 -9.91
CA ASN K 183 -0.12 -76.04 -9.31
C ASN K 183 0.89 -75.44 -10.29
N LEU K 184 0.58 -74.23 -10.74
CA LEU K 184 1.45 -73.46 -11.63
C LEU K 184 1.64 -72.07 -11.03
N PRO K 185 2.63 -71.91 -10.15
CA PRO K 185 2.88 -70.59 -9.56
C PRO K 185 3.65 -69.70 -10.51
N ALA K 186 3.69 -68.41 -10.16
CA ALA K 186 4.36 -67.41 -11.00
C ALA K 186 5.87 -67.60 -11.01
N VAL K 187 6.42 -68.23 -9.98
CA VAL K 187 7.84 -68.53 -9.93
C VAL K 187 8.21 -69.58 -10.99
N SER K 188 7.29 -70.51 -11.27
CA SER K 188 7.54 -71.59 -12.22
C SER K 188 7.69 -71.09 -13.65
N TRP K 189 7.02 -69.99 -14.00
CA TRP K 189 7.26 -69.35 -15.28
C TRP K 189 8.58 -68.60 -15.24
N LYS K 190 9.35 -68.72 -16.31
CA LYS K 190 10.66 -68.10 -16.40
C LYS K 190 10.65 -66.81 -17.22
N MET K 191 9.58 -66.03 -17.10
CA MET K 191 9.49 -64.76 -17.82
C MET K 191 10.13 -63.65 -16.98
N LYS K 192 11.24 -63.13 -17.46
CA LYS K 192 11.91 -62.02 -16.80
C LYS K 192 11.27 -60.71 -17.26
N ALA K 193 11.68 -59.63 -16.66
CA ALA K 193 11.27 -58.33 -17.16
C ALA K 193 11.98 -58.04 -18.48
N PRO K 194 11.36 -57.32 -19.41
CA PRO K 194 12.00 -57.08 -20.71
C PRO K 194 13.15 -56.10 -20.62
N GLU K 195 13.77 -55.87 -21.77
CA GLU K 195 14.98 -55.05 -21.85
C GLU K 195 14.66 -53.59 -21.57
N LYS K 196 15.71 -52.85 -21.18
CA LYS K 196 15.61 -51.41 -21.12
C LYS K 196 15.44 -50.88 -22.53
N LYS K 197 14.38 -50.11 -22.75
CA LYS K 197 14.21 -49.48 -24.05
C LYS K 197 15.26 -48.40 -24.24
N PRO K 198 15.78 -48.25 -25.46
CA PRO K 198 16.78 -47.21 -25.71
C PRO K 198 16.17 -45.82 -25.63
N LEU K 199 16.81 -44.94 -24.86
CA LEU K 199 16.31 -43.59 -24.69
C LEU K 199 16.57 -42.74 -25.93
N VAL K 200 17.69 -42.98 -26.60
CA VAL K 200 18.11 -42.23 -27.77
C VAL K 200 18.35 -43.22 -28.90
N LYS K 201 17.79 -42.92 -30.08
CA LYS K 201 18.03 -43.67 -31.32
C LYS K 201 17.62 -45.14 -31.23
N LEU L 28 29.69 -21.32 -4.99
CA LEU L 28 30.40 -20.21 -4.38
C LEU L 28 30.57 -20.43 -2.89
N ASP L 29 30.98 -21.63 -2.51
CA ASP L 29 31.15 -21.96 -1.11
C ASP L 29 32.61 -22.08 -0.68
N ALA L 30 33.57 -21.67 -1.51
CA ALA L 30 34.97 -21.67 -1.09
C ALA L 30 35.20 -20.62 -0.01
N GLU L 31 34.47 -19.51 -0.07
CA GLU L 31 34.48 -18.53 1.01
C GLU L 31 33.72 -19.04 2.23
N VAL L 32 32.80 -20.00 2.04
CA VAL L 32 32.14 -20.61 3.18
C VAL L 32 32.98 -21.76 3.72
N SER L 33 33.75 -22.43 2.86
CA SER L 33 34.58 -23.57 3.28
C SER L 33 35.95 -23.10 3.80
N LYS L 34 35.91 -22.30 4.85
CA LYS L 34 37.11 -21.97 5.62
C LYS L 34 37.13 -22.80 6.90
N TRP L 35 37.76 -23.97 6.78
CA TRP L 35 37.86 -24.91 7.88
C TRP L 35 39.26 -25.49 7.97
N ASP L 36 39.45 -26.47 8.85
CA ASP L 36 40.68 -27.24 8.92
C ASP L 36 40.27 -28.69 8.76
N ASP L 37 41.16 -29.65 9.00
CA ASP L 37 40.81 -31.06 8.90
C ASP L 37 40.18 -31.60 10.19
N SER L 38 39.70 -30.73 11.07
CA SER L 38 39.07 -31.15 12.32
C SER L 38 37.60 -31.44 12.07
N GLY L 39 36.85 -31.70 13.14
CA GLY L 39 35.47 -32.16 13.02
C GLY L 39 35.36 -33.66 12.87
N ASN L 40 36.16 -34.22 11.95
CA ASN L 40 36.58 -35.62 11.85
C ASN L 40 35.48 -36.57 11.39
N ASP L 41 34.25 -36.10 11.31
CA ASP L 41 33.21 -36.90 10.68
C ASP L 41 32.40 -36.11 9.66
N ILE L 42 32.11 -34.85 9.94
CA ILE L 42 31.20 -34.06 9.12
C ILE L 42 31.97 -33.10 8.23
N ILE L 43 32.97 -32.42 8.80
CA ILE L 43 33.67 -31.36 8.09
C ILE L 43 34.59 -31.94 7.03
N VAL L 44 35.12 -33.14 7.24
CA VAL L 44 36.13 -33.69 6.33
C VAL L 44 35.49 -34.13 5.01
N LEU L 45 34.32 -34.80 5.08
CA LEU L 45 33.63 -35.14 3.85
C LEU L 45 33.02 -33.91 3.19
N ALA L 46 32.70 -32.89 3.98
CA ALA L 46 32.26 -31.62 3.40
C ALA L 46 33.39 -30.96 2.61
N LYS L 47 34.62 -31.05 3.11
CA LYS L 47 35.76 -30.52 2.36
C LYS L 47 36.06 -31.37 1.13
N GLN L 48 35.85 -32.69 1.22
CA GLN L 48 36.00 -33.56 0.06
C GLN L 48 34.97 -33.22 -1.01
N MET L 49 33.73 -32.98 -0.60
CA MET L 49 32.69 -32.61 -1.55
C MET L 49 32.92 -31.22 -2.12
N CYS L 50 33.51 -30.32 -1.32
CA CYS L 50 33.83 -28.98 -1.82
C CYS L 50 34.95 -29.02 -2.85
N MET L 51 36.00 -29.80 -2.60
CA MET L 51 37.08 -29.86 -3.57
C MET L 51 36.66 -30.64 -4.81
N ILE L 52 35.75 -31.62 -4.68
CA ILE L 52 35.31 -32.29 -5.88
C ILE L 52 34.29 -31.44 -6.66
N MET L 53 33.57 -30.52 -6.00
CA MET L 53 32.81 -29.55 -6.78
C MET L 53 33.72 -28.56 -7.47
N MET L 54 34.79 -28.13 -6.79
CA MET L 54 35.68 -27.13 -7.36
C MET L 54 36.45 -27.70 -8.53
N GLU L 55 36.69 -29.01 -8.53
CA GLU L 55 37.25 -29.67 -9.70
C GLU L 55 36.17 -30.08 -10.70
N MET L 56 34.91 -30.16 -10.30
CA MET L 56 33.85 -30.55 -11.23
C MET L 56 33.40 -29.37 -12.09
N THR L 57 33.14 -28.22 -11.46
CA THR L 57 32.70 -27.03 -12.18
C THR L 57 33.84 -26.33 -12.89
N ASP L 58 35.08 -26.79 -12.73
CA ASP L 58 36.16 -26.31 -13.56
C ASP L 58 36.08 -26.89 -14.98
N PHE L 59 35.32 -27.97 -15.16
CA PHE L 59 35.14 -28.56 -16.49
C PHE L 59 34.34 -27.65 -17.40
N THR L 60 33.46 -26.81 -16.82
CA THR L 60 32.79 -25.78 -17.62
C THR L 60 33.78 -24.75 -18.14
N ARG L 61 34.83 -24.46 -17.38
CA ARG L 61 35.93 -23.68 -17.92
C ARG L 61 36.93 -24.56 -18.67
N GLY L 62 36.96 -25.84 -18.35
CA GLY L 62 37.73 -26.79 -19.14
C GLY L 62 39.24 -26.71 -18.97
N LYS L 63 39.73 -26.61 -17.75
CA LYS L 63 41.17 -26.57 -17.50
C LYS L 63 41.55 -27.44 -16.32
N GLY L 64 40.69 -28.39 -15.95
CA GLY L 64 40.97 -29.28 -14.86
C GLY L 64 41.28 -30.70 -15.32
N PRO L 65 41.23 -31.66 -14.39
CA PRO L 65 41.52 -33.05 -14.74
C PRO L 65 40.35 -33.81 -15.34
N LEU L 66 39.31 -33.14 -15.80
CA LEU L 66 38.15 -33.79 -16.42
C LEU L 66 38.16 -33.54 -17.91
N LYS L 67 38.15 -34.62 -18.70
CA LYS L 67 38.29 -34.51 -20.15
C LYS L 67 37.02 -34.93 -20.89
N ASN L 68 36.55 -36.15 -20.69
CA ASN L 68 35.33 -36.62 -21.34
C ASN L 68 34.14 -36.34 -20.43
N THR L 69 33.00 -36.99 -20.66
CA THR L 69 31.85 -36.84 -19.78
C THR L 69 31.72 -37.95 -18.76
N SER L 70 32.39 -39.08 -18.96
CA SER L 70 32.19 -40.23 -18.07
C SER L 70 32.87 -40.02 -16.72
N ASP L 71 33.96 -39.26 -16.68
CA ASP L 71 34.57 -38.93 -15.39
C ASP L 71 33.70 -37.97 -14.60
N VAL L 72 32.90 -37.16 -15.29
CA VAL L 72 31.90 -36.35 -14.59
C VAL L 72 30.81 -37.24 -14.01
N ILE L 73 30.49 -38.36 -14.67
CA ILE L 73 29.54 -39.31 -14.12
C ILE L 73 30.12 -39.99 -12.87
N SER L 74 31.40 -40.36 -12.92
CA SER L 74 32.04 -40.94 -11.74
C SER L 74 32.16 -39.94 -10.60
N ALA L 75 32.40 -38.66 -10.93
CA ALA L 75 32.43 -37.61 -9.93
C ALA L 75 31.06 -37.42 -9.29
N ALA L 76 30.00 -37.42 -10.10
CA ALA L 76 28.66 -37.26 -9.57
C ALA L 76 28.24 -38.44 -8.72
N LYS L 77 28.71 -39.64 -9.07
CA LYS L 77 28.46 -40.81 -8.25
C LYS L 77 29.21 -40.71 -6.92
N LYS L 78 30.41 -40.12 -6.94
CA LYS L 78 31.16 -39.89 -5.71
C LYS L 78 30.43 -38.92 -4.80
N ILE L 79 29.95 -37.80 -5.35
CA ILE L 79 29.20 -36.85 -4.52
C ILE L 79 27.86 -37.42 -4.07
N ALA L 80 27.25 -38.31 -4.84
CA ALA L 80 26.01 -38.95 -4.41
C ALA L 80 26.25 -39.87 -3.22
N GLU L 81 27.32 -40.66 -3.27
CA GLU L 81 27.66 -41.52 -2.14
C GLU L 81 28.05 -40.72 -0.92
N ALA L 82 28.78 -39.62 -1.11
CA ALA L 82 29.16 -38.78 0.02
C ALA L 82 27.97 -38.05 0.60
N GLY L 83 27.00 -37.68 -0.24
CA GLY L 83 25.80 -37.05 0.27
C GLY L 83 24.91 -38.03 1.02
N SER L 84 24.90 -39.29 0.59
CA SER L 84 24.20 -40.32 1.36
C SER L 84 24.86 -40.55 2.71
N ARG L 85 26.20 -40.53 2.77
CA ARG L 85 26.89 -40.66 4.05
C ARG L 85 26.63 -39.47 4.95
N MET L 86 26.62 -38.25 4.38
CA MET L 86 26.30 -37.06 5.14
C MET L 86 24.86 -37.08 5.64
N ASP L 87 23.94 -37.63 4.84
CA ASP L 87 22.56 -37.82 5.27
C ASP L 87 22.49 -38.77 6.45
N LYS L 88 23.33 -39.83 6.43
CA LYS L 88 23.38 -40.76 7.56
C LYS L 88 23.86 -40.07 8.83
N LEU L 89 24.96 -39.31 8.75
CA LEU L 89 25.49 -38.62 9.93
C LEU L 89 24.55 -37.54 10.44
N GLY L 90 23.88 -36.83 9.52
CA GLY L 90 22.89 -35.86 9.90
C GLY L 90 21.68 -36.48 10.55
N ARG L 91 21.33 -37.71 10.15
CA ARG L 91 20.28 -38.41 10.85
C ARG L 91 20.72 -38.86 12.24
N THR L 92 22.01 -39.19 12.39
CA THR L 92 22.52 -39.59 13.71
C THR L 92 22.52 -38.43 14.70
N ILE L 93 22.89 -37.23 14.24
CA ILE L 93 22.88 -36.10 15.18
C ILE L 93 21.47 -35.63 15.48
N ALA L 94 20.53 -35.80 14.55
CA ALA L 94 19.19 -35.26 14.72
C ALA L 94 18.30 -36.07 15.65
N ASP L 95 18.73 -37.24 16.15
CA ASP L 95 17.86 -37.99 17.06
C ASP L 95 17.79 -37.36 18.44
N HIS L 96 18.88 -36.75 18.89
CA HIS L 96 19.01 -36.30 20.27
C HIS L 96 18.68 -34.83 20.45
N CYS L 97 18.41 -34.10 19.37
CA CYS L 97 17.96 -32.72 19.49
C CYS L 97 16.53 -32.69 20.01
N PRO L 98 16.26 -31.99 21.12
CA PRO L 98 14.96 -32.11 21.79
C PRO L 98 13.74 -31.61 21.01
N ASP L 99 13.75 -30.36 20.56
CA ASP L 99 12.52 -29.81 20.02
C ASP L 99 12.85 -28.98 18.79
N SER L 100 11.85 -28.22 18.32
CA SER L 100 11.72 -27.70 16.96
C SER L 100 12.83 -26.78 16.47
N ALA L 101 13.32 -25.91 17.36
CA ALA L 101 13.98 -24.64 17.03
C ALA L 101 15.10 -24.74 16.00
N CYS L 102 15.89 -25.81 16.06
CA CYS L 102 16.87 -26.09 15.02
C CYS L 102 16.68 -27.47 14.42
N LYS L 103 15.96 -28.37 15.10
CA LYS L 103 15.79 -29.73 14.60
C LYS L 103 14.92 -29.78 13.36
N GLN L 104 13.91 -28.90 13.28
CA GLN L 104 13.09 -28.84 12.07
C GLN L 104 13.88 -28.32 10.87
N ASP L 105 14.74 -27.33 11.09
CA ASP L 105 15.63 -26.82 10.06
C ASP L 105 16.59 -27.91 9.59
N LEU L 106 17.13 -28.69 10.54
CA LEU L 106 18.06 -29.76 10.20
C LEU L 106 17.37 -30.86 9.41
N LEU L 107 16.14 -31.21 9.79
CA LEU L 107 15.39 -32.22 9.05
C LEU L 107 15.01 -31.74 7.66
N ALA L 108 14.71 -30.43 7.51
CA ALA L 108 14.41 -29.90 6.19
C ALA L 108 15.63 -29.94 5.28
N TYR L 109 16.79 -29.58 5.80
CA TYR L 109 17.99 -29.64 4.97
C TYR L 109 18.42 -31.08 4.71
N LEU L 110 18.08 -32.00 5.61
CA LEU L 110 18.35 -33.41 5.35
C LEU L 110 17.47 -33.96 4.24
N GLN L 111 16.21 -33.53 4.20
CA GLN L 111 15.35 -33.97 3.09
C GLN L 111 15.80 -33.35 1.77
N ARG L 112 16.33 -32.12 1.82
CA ARG L 112 16.87 -31.51 0.61
C ARG L 112 18.10 -32.26 0.10
N ILE L 113 19.01 -32.63 1.00
CA ILE L 113 20.23 -33.31 0.55
C ILE L 113 19.91 -34.73 0.11
N ALA L 114 18.87 -35.35 0.70
CA ALA L 114 18.44 -36.67 0.25
C ALA L 114 17.86 -36.60 -1.16
N LEU L 115 17.02 -35.59 -1.43
CA LEU L 115 16.45 -35.42 -2.76
C LEU L 115 17.54 -35.15 -3.79
N TYR L 116 18.50 -34.30 -3.45
CA TYR L 116 19.55 -33.95 -4.41
C TYR L 116 20.46 -35.13 -4.71
N CYS L 117 20.86 -35.89 -3.69
CA CYS L 117 21.74 -37.02 -3.90
C CYS L 117 21.04 -38.14 -4.66
N HIS L 118 19.78 -38.41 -4.33
CA HIS L 118 19.06 -39.48 -5.02
C HIS L 118 18.70 -39.08 -6.44
N GLN L 119 18.53 -37.79 -6.71
CA GLN L 119 18.30 -37.35 -8.08
C GLN L 119 19.58 -37.43 -8.89
N LEU L 120 20.71 -37.05 -8.29
CA LEU L 120 22.02 -37.16 -8.94
C LEU L 120 22.38 -38.60 -9.25
N ASN L 121 22.02 -39.53 -8.36
CA ASN L 121 22.40 -40.94 -8.49
C ASN L 121 21.86 -41.56 -9.76
N ILE L 122 20.55 -41.45 -9.99
CA ILE L 122 19.94 -42.04 -11.17
C ILE L 122 19.64 -41.01 -12.25
N CYS L 123 20.19 -39.80 -12.13
CA CYS L 123 20.36 -38.94 -13.29
C CYS L 123 21.70 -39.16 -13.96
N SER L 124 22.70 -39.61 -13.21
CA SER L 124 23.96 -40.02 -13.82
C SER L 124 23.80 -41.26 -14.70
N LYS L 125 22.89 -42.17 -14.33
CA LYS L 125 22.74 -43.42 -15.07
C LYS L 125 22.18 -43.17 -16.47
N VAL L 126 21.20 -42.28 -16.59
CA VAL L 126 20.61 -42.01 -17.90
C VAL L 126 21.58 -41.26 -18.79
N LYS L 127 22.49 -40.48 -18.19
CA LYS L 127 23.48 -39.78 -18.99
C LYS L 127 24.57 -40.74 -19.44
N ALA L 128 24.90 -41.71 -18.59
CA ALA L 128 25.87 -42.75 -18.98
C ALA L 128 25.32 -43.64 -20.09
N GLU L 129 24.02 -43.96 -20.00
CA GLU L 129 23.42 -44.82 -21.02
C GLU L 129 23.22 -44.06 -22.33
N VAL L 130 22.99 -42.75 -22.25
CA VAL L 130 22.98 -41.94 -23.46
C VAL L 130 24.39 -41.86 -24.05
N GLN L 131 25.42 -41.84 -23.19
CA GLN L 131 26.79 -41.76 -23.65
C GLN L 131 27.21 -43.04 -24.38
N ASN L 132 26.89 -44.21 -23.83
CA ASN L 132 27.31 -45.45 -24.45
C ASN L 132 26.33 -45.96 -25.51
N LEU L 133 25.47 -45.12 -26.03
CA LEU L 133 24.50 -45.48 -27.06
C LEU L 133 24.41 -44.37 -28.11
N GLY L 134 25.51 -43.65 -28.31
CA GLY L 134 25.55 -42.56 -29.26
C GLY L 134 26.74 -41.64 -29.07
N GLY L 141 26.75 -32.44 -26.38
CA GLY L 141 27.57 -33.28 -25.52
C GLY L 141 28.18 -32.54 -24.34
N VAL L 142 27.86 -31.26 -24.22
CA VAL L 142 28.37 -30.40 -23.17
C VAL L 142 27.30 -30.10 -22.12
N ASP L 143 26.06 -29.84 -22.56
CA ASP L 143 24.94 -29.62 -21.64
C ASP L 143 24.62 -30.85 -20.80
N SER L 144 24.92 -32.04 -21.33
CA SER L 144 24.88 -33.29 -20.58
C SER L 144 25.70 -33.20 -19.30
N ALA L 145 26.85 -32.53 -19.35
CA ALA L 145 27.61 -32.29 -18.12
C ALA L 145 26.95 -31.19 -17.28
N MET L 146 26.36 -30.19 -17.95
CA MET L 146 25.88 -28.99 -17.26
C MET L 146 24.70 -29.28 -16.35
N SER L 147 23.86 -30.25 -16.71
CA SER L 147 22.74 -30.61 -15.83
C SER L 147 23.25 -31.23 -14.53
N LEU L 148 24.23 -32.14 -14.64
CA LEU L 148 24.84 -32.72 -13.44
C LEU L 148 25.61 -31.68 -12.65
N ILE L 149 26.19 -30.69 -13.33
CA ILE L 149 26.88 -29.59 -12.66
C ILE L 149 25.91 -28.79 -11.81
N GLN L 150 24.73 -28.48 -12.37
CA GLN L 150 23.73 -27.73 -11.60
C GLN L 150 23.18 -28.55 -10.44
N ALA L 151 23.01 -29.86 -10.66
CA ALA L 151 22.57 -30.73 -9.57
C ALA L 151 23.60 -30.80 -8.45
N ALA L 152 24.89 -30.85 -8.81
CA ALA L 152 25.94 -30.86 -7.81
C ALA L 152 26.04 -29.53 -7.08
N LYS L 153 25.76 -28.43 -7.79
CA LYS L 153 25.78 -27.11 -7.16
C LYS L 153 24.68 -26.98 -6.12
N ASN L 154 23.47 -27.42 -6.47
CA ASN L 154 22.39 -27.45 -5.48
C ASN L 154 22.68 -28.40 -4.33
N LEU L 155 23.33 -29.53 -4.61
CA LEU L 155 23.71 -30.47 -3.56
C LEU L 155 24.73 -29.86 -2.61
N MET L 156 25.65 -29.06 -3.14
CA MET L 156 26.68 -28.44 -2.30
C MET L 156 26.10 -27.32 -1.47
N ASN L 157 25.15 -26.55 -2.01
CA ASN L 157 24.48 -25.54 -1.20
C ASN L 157 23.70 -26.20 -0.07
N ALA L 158 23.03 -27.32 -0.36
CA ALA L 158 22.30 -28.04 0.68
C ALA L 158 23.24 -28.61 1.74
N VAL L 159 24.43 -29.07 1.32
CA VAL L 159 25.30 -29.69 2.31
C VAL L 159 25.99 -28.64 3.17
N VAL L 160 26.28 -27.44 2.65
CA VAL L 160 26.87 -26.44 3.54
C VAL L 160 25.79 -25.86 4.45
N GLN L 161 24.53 -25.86 3.98
CA GLN L 161 23.44 -25.43 4.84
C GLN L 161 23.22 -26.41 5.98
N THR L 162 23.31 -27.71 5.72
CA THR L 162 23.12 -28.65 6.82
C THR L 162 24.36 -28.79 7.69
N VAL L 163 25.55 -28.45 7.19
CA VAL L 163 26.72 -28.33 8.06
C VAL L 163 26.51 -27.20 9.07
N LYS L 164 26.04 -26.05 8.59
CA LYS L 164 25.76 -24.93 9.50
C LYS L 164 24.65 -25.26 10.50
N ALA L 165 23.60 -25.93 10.02
CA ALA L 165 22.50 -26.30 10.91
C ALA L 165 22.91 -27.35 11.92
N SER L 166 23.78 -28.29 11.53
CA SER L 166 24.25 -29.30 12.48
C SER L 166 25.19 -28.70 13.51
N TYR L 167 25.97 -27.68 13.12
CA TYR L 167 26.80 -26.95 14.08
C TYR L 167 25.93 -26.26 15.11
N VAL L 168 24.86 -25.59 14.66
CA VAL L 168 23.94 -24.91 15.58
C VAL L 168 23.27 -25.92 16.50
N ALA L 169 22.84 -27.06 15.95
CA ALA L 169 22.15 -28.06 16.76
C ALA L 169 23.09 -28.75 17.74
N SER L 170 24.37 -28.87 17.41
CA SER L 170 25.30 -29.52 18.32
C SER L 170 25.73 -28.58 19.44
N THR L 171 26.15 -27.35 19.09
CA THR L 171 26.62 -26.44 20.12
C THR L 171 25.50 -25.69 20.83
N LYS L 172 24.26 -25.85 20.40
CA LYS L 172 23.14 -25.32 21.16
C LYS L 172 22.86 -26.16 22.40
N TYR L 173 22.91 -27.48 22.24
CA TYR L 173 22.42 -28.39 23.26
C TYR L 173 23.53 -29.27 23.82
N GLN L 174 24.71 -28.69 24.07
CA GLN L 174 25.85 -29.49 24.50
C GLN L 174 25.67 -30.03 25.91
N LYS L 175 24.99 -29.29 26.78
CA LYS L 175 24.65 -29.81 28.10
C LYS L 175 23.52 -30.82 28.08
N SER L 176 22.76 -30.88 26.99
CA SER L 176 21.63 -31.78 26.92
C SER L 176 22.13 -33.21 26.74
N GLN L 177 21.38 -34.15 27.31
CA GLN L 177 21.77 -35.54 27.24
C GLN L 177 21.51 -36.10 25.84
N GLY L 178 22.44 -36.94 25.39
CA GLY L 178 22.44 -37.43 24.01
C GLY L 178 23.42 -36.74 23.10
N MET L 179 23.56 -35.42 23.24
CA MET L 179 24.59 -34.69 22.50
C MET L 179 25.98 -35.02 23.01
N ALA L 180 26.12 -35.24 24.32
CA ALA L 180 27.43 -35.43 24.91
C ALA L 180 28.03 -36.78 24.57
N SER L 181 27.22 -37.75 24.17
CA SER L 181 27.73 -39.06 23.79
C SER L 181 28.33 -39.07 22.39
N LEU L 182 27.94 -38.14 21.52
CA LEU L 182 28.47 -38.09 20.17
C LEU L 182 29.87 -37.48 20.15
N ASN L 183 30.22 -36.72 21.19
CA ASN L 183 31.57 -36.15 21.42
C ASN L 183 31.98 -35.21 20.29
N LEU L 184 31.19 -34.16 20.13
CA LEU L 184 31.46 -33.10 19.15
C LEU L 184 31.38 -31.76 19.86
N PRO L 185 32.49 -31.30 20.45
CA PRO L 185 32.48 -30.00 21.13
C PRO L 185 32.59 -28.86 20.13
N ALA L 186 32.33 -27.65 20.63
CA ALA L 186 32.37 -26.46 19.79
C ALA L 186 33.78 -26.11 19.35
N VAL L 187 34.79 -26.57 20.09
CA VAL L 187 36.19 -26.36 19.69
C VAL L 187 36.51 -27.17 18.45
N SER L 188 35.89 -28.35 18.30
CA SER L 188 36.17 -29.24 17.17
C SER L 188 35.71 -28.66 15.84
N TRP L 189 34.66 -27.85 15.85
CA TRP L 189 34.27 -27.11 14.66
C TRP L 189 35.25 -25.97 14.44
N LYS L 190 35.64 -25.76 13.18
CA LYS L 190 36.60 -24.73 12.83
C LYS L 190 35.94 -23.49 12.25
N MET L 191 34.77 -23.13 12.75
CA MET L 191 34.08 -21.94 12.27
C MET L 191 34.54 -20.72 13.05
N LYS L 192 35.23 -19.82 12.35
CA LYS L 192 35.69 -18.58 12.96
C LYS L 192 34.57 -17.55 12.89
N ALA L 193 34.77 -16.41 13.49
CA ALA L 193 33.85 -15.32 13.31
C ALA L 193 34.00 -14.75 11.90
N PRO L 194 32.93 -14.25 11.29
CA PRO L 194 33.03 -13.76 9.91
C PRO L 194 33.79 -12.44 9.82
N GLU L 195 33.93 -11.97 8.58
CA GLU L 195 34.73 -10.79 8.29
C GLU L 195 34.07 -9.53 8.85
N LYS L 196 34.89 -8.50 9.04
CA LYS L 196 34.38 -7.18 9.32
C LYS L 196 33.63 -6.68 8.10
N LYS L 197 32.37 -6.31 8.29
CA LYS L 197 31.61 -5.73 7.20
C LYS L 197 32.16 -4.34 6.87
N PRO L 198 32.21 -3.99 5.59
CA PRO L 198 32.71 -2.65 5.23
C PRO L 198 31.75 -1.56 5.66
N LEU L 199 32.29 -0.55 6.34
CA LEU L 199 31.46 0.54 6.84
C LEU L 199 31.06 1.48 5.70
N VAL L 200 31.93 1.66 4.73
CA VAL L 200 31.71 2.56 3.60
C VAL L 200 31.90 1.76 2.33
N LYS L 201 30.94 1.89 1.40
CA LYS L 201 31.01 1.32 0.04
C LYS L 201 31.12 -0.20 0.03
MG MG M . 29.44 42.54 48.62
PB ADP N . 30.48 42.20 46.41
O1B ADP N . 29.26 41.42 46.84
O2B ADP N . 31.80 41.67 46.87
O3B ADP N . 30.37 43.69 46.53
PA ADP N . 29.68 42.89 43.90
O1A ADP N . 28.37 43.13 44.56
O2A ADP N . 30.58 44.04 43.53
O3A ADP N . 30.51 41.91 44.84
O5' ADP N . 29.39 41.99 42.62
C5' ADP N . 29.03 42.65 41.42
C4' ADP N . 27.53 42.76 41.36
O4' ADP N . 27.23 44.10 40.99
C3' ADP N . 26.94 41.85 40.32
O3' ADP N . 26.01 40.97 40.94
C2' ADP N . 26.18 42.75 39.37
O2' ADP N . 24.79 42.56 39.60
C1' ADP N . 26.50 44.17 39.78
N9 ADP N . 27.34 44.85 38.76
C8 ADP N . 28.67 44.78 38.66
N7 ADP N . 29.13 45.54 37.64
C5 ADP N . 28.06 46.11 37.07
C6 ADP N . 27.82 47.01 35.93
N6 ADP N . 28.83 47.49 35.17
N1 ADP N . 26.55 47.35 35.67
C2 ADP N . 25.53 46.88 36.41
N3 ADP N . 25.67 46.06 37.45
C4 ADP N . 26.88 45.64 37.82
MG MG O . -6.98 31.83 30.38
PB ADP P . -9.10 30.56 30.37
O1B ADP P . -8.08 30.42 29.27
O2B ADP P . -10.04 31.72 30.27
O3B ADP P . -8.56 30.38 31.77
PA ADP P . -9.65 27.94 30.82
O1A ADP P . -8.17 27.76 30.65
O2A ADP P . -10.28 27.90 32.17
O3A ADP P . -10.05 29.31 30.12
O5' ADP P . -10.34 26.86 29.87
C5' ADP P . -10.54 25.56 30.39
C4' ADP P . -9.33 24.70 30.06
O4' ADP P . -8.96 24.02 31.25
C3' ADP P . -9.65 23.66 29.02
O3' ADP P . -8.79 23.84 27.89
C2' ADP P . -9.34 22.33 29.66
O2' ADP P . -8.16 21.83 29.05
C1' ADP P . -9.01 22.62 31.09
N9 ADP P . -10.07 22.09 32.00
C8 ADP P . -11.21 22.71 32.34
N7 ADP P . -11.94 21.97 33.20
C5 ADP P . -11.24 20.84 33.42
C6 ADP P . -11.46 19.62 34.22
N6 ADP P . -12.56 19.43 34.98
N1 ADP P . -10.49 18.69 34.17
C2 ADP P . -9.39 18.86 33.42
N3 ADP P . -9.13 19.94 32.66
C4 ADP P . -10.03 20.94 32.62
MG MG Q . -14.30 1.34 -15.02
PB ADP R . -16.49 0.59 -15.89
O1B ADP R . -15.20 -0.07 -16.30
O2B ADP R . -16.86 1.84 -16.64
O3B ADP R . -16.70 0.71 -14.42
PA ADP R . -17.98 -1.62 -15.39
O1A ADP R . -16.73 -2.13 -14.76
O2A ADP R . -19.12 -1.12 -14.54
O3A ADP R . -17.58 -0.46 -16.38
O5' ADP R . -18.50 -2.77 -16.37
C5' ADP R . -19.31 -3.79 -15.82
C4' ADP R . -18.42 -4.93 -15.36
O4' ADP R . -18.85 -5.28 -14.06
C3' ADP R . -18.57 -6.14 -16.24
O3' ADP R . -17.30 -6.47 -16.80
C2' ADP R . -19.01 -7.25 -15.34
O2' ADP R . -17.92 -8.14 -15.17
C1' ADP R . -19.28 -6.64 -13.99
N9 ADP R . -20.73 -6.65 -13.67
C8 ADP R . -21.63 -5.74 -14.05
N7 ADP R . -22.86 -6.04 -13.57
C5 ADP R . -22.74 -7.16 -12.85
C6 ADP R . -23.66 -8.03 -12.08
N6 ADP R . -24.97 -7.75 -11.96
N1 ADP R . -23.12 -9.11 -11.50
C2 ADP R . -21.81 -9.39 -11.62
N3 ADP R . -20.93 -8.66 -12.29
C4 ADP R . -21.33 -7.56 -12.93
MG MG S . -19.16 -31.65 -58.62
PB ADP T . -20.97 -31.77 -60.29
O1B ADP T . -19.99 -32.89 -60.12
O2B ADP T . -20.54 -30.62 -61.16
O3B ADP T . -21.66 -31.31 -59.04
PA ADP T . -23.28 -33.20 -60.39
O1A ADP T . -22.64 -33.99 -59.29
O2A ADP T . -24.35 -32.21 -60.10
O3A ADP T . -22.12 -32.46 -61.17
O5' ADP T . -23.79 -34.26 -61.47
C5' ADP T . -25.07 -34.83 -61.27
C4' ADP T . -24.92 -36.11 -60.46
O4' ADP T . -25.90 -36.05 -59.45
C3' ADP T . -25.19 -37.33 -61.30
O3' ADP T . -24.04 -38.17 -61.27
C2' ADP T . -26.33 -38.04 -60.63
O2' ADP T . -25.80 -39.21 -60.01
C1' ADP T . -26.81 -37.15 -59.53
N9 ADP T . -28.15 -36.60 -59.83
C8 ADP T . -28.44 -35.52 -60.58
N7 ADP T . -29.76 -35.30 -60.63
C5 ADP T . -30.36 -36.25 -59.90
C6 ADP T . -31.75 -36.60 -59.56
N6 ADP T . -32.81 -35.87 -59.99
N1 ADP T . -31.93 -37.67 -58.77
C2 ADP T . -30.89 -38.40 -58.34
N3 ADP T . -29.60 -38.15 -58.61
C4 ADP T . -29.29 -37.10 -59.39
MG MG U . 2.20 -37.01 -22.82
PB ADP V . 3.46 -38.65 -24.16
O1B ADP V . 2.13 -38.13 -24.60
O2B ADP V . 3.45 -39.79 -23.19
O3B ADP V . 4.49 -37.60 -23.82
PA ADP V . 4.83 -38.43 -26.50
O1A ADP V . 6.28 -38.48 -26.10
O2A ADP V . 4.11 -37.13 -26.61
O3A ADP V . 4.03 -39.34 -25.48
O5' ADP V . 4.63 -39.18 -27.89
C5' ADP V . 5.55 -38.89 -28.93
C4' ADP V . 4.98 -37.75 -29.76
O4' ADP V . 6.04 -36.82 -29.95
C3' ADP V . 4.52 -38.22 -31.12
O3' ADP V . 3.15 -37.91 -31.28
C2' ADP V . 5.32 -37.41 -32.11
O2' ADP V . 4.45 -36.47 -32.71
C1' ADP V . 6.34 -36.63 -31.33
N9 ADP V . 7.71 -37.13 -31.58
C8 ADP V . 8.31 -38.16 -30.96
N7 ADP V . 9.58 -38.33 -31.40
C5 ADP V . 9.80 -37.38 -32.33
C6 ADP V . 10.93 -37.01 -33.21
N6 ADP V . 12.10 -37.68 -33.19
N1 ADP V . 10.73 -35.97 -34.03
C2 ADP V . 9.57 -35.30 -34.04
N3 ADP V . 8.51 -35.58 -33.29
C4 ADP V . 8.56 -36.61 -32.43
MG MG W . 17.33 2.58 13.14
PB ADP X . 18.33 1.25 11.32
O1B ADP X . 18.75 0.06 12.12
O2B ADP X . 16.87 1.59 11.34
O3B ADP X . 19.26 2.42 11.47
PA ADP X . 18.88 1.84 8.72
O1A ADP X . 20.37 2.00 8.68
O2A ADP X . 18.00 3.03 8.97
O3A ADP X . 18.54 0.75 9.81
O5' ADP X . 18.37 1.17 7.37
C5' ADP X . 18.86 1.67 6.15
C4' ADP X . 17.93 2.77 5.65
O4' ADP X . 18.76 3.86 5.27
C3' ADP X . 17.15 2.33 4.44
O3' ADP X . 15.77 2.42 4.73
C2' ADP X . 17.50 3.31 3.36
O2' ADP X . 16.36 4.15 3.15
C1' ADP X . 18.59 4.19 3.90
N9 ADP X . 19.87 3.93 3.21
C8 ADP X . 20.77 2.97 3.50
N7 ADP X . 21.85 3.03 2.68
C5 ADP X . 21.66 4.06 1.85
C6 ADP X . 22.39 4.66 0.73
N6 ADP X . 23.60 4.19 0.33
N1 ADP X . 21.83 5.72 0.13
C2 ADP X . 20.64 6.20 0.52
N3 ADP X . 19.90 5.70 1.51
C4 ADP X . 20.35 4.64 2.20
#